data_6QGA
#
_entry.id   6QGA
#
_cell.length_a   112.153
_cell.length_b   183.646
_cell.length_c   246.752
_cell.angle_alpha   90.00
_cell.angle_beta   90.00
_cell.angle_gamma   90.00
#
_symmetry.space_group_name_H-M   'P 21 21 21'
#
loop_
_entity.id
_entity.type
_entity.pdbx_description
1 polymer 'Mono(2-hydroxyethyl) terephthalate hydrolase'
2 non-polymer '4-(2-hydroxyethylcarbamoyl)benzoic acid'
3 non-polymer 'SULFATE ION'
4 non-polymer (4S)-2-METHYL-2,4-PENTANEDIOL
5 non-polymer 'CALCIUM ION'
6 non-polymer 'CHLORIDE ION'
7 water water
#
_entity_poly.entity_id   1
_entity_poly.type   'polypeptide(L)'
_entity_poly.pdbx_seq_one_letter_code
;MNHKVHHHHHHMGGGSTPLPLPQQQPPQQEPPPPPVPLASRAACEALKDGNGDMVWPNAATVVEVAAWRDAAPATASAAA
LPEHCEVSGAIAKRTGIDGYPYEIKFRLRMPAEWNGRFFMEGGSGTNGSLSAATGSIGGGQIASALSRNFATIATDGGHD
NAVNDNPDALGTVAFGLDPQARLDMGYNSYDQVTQAGKAAVARFYGRAADKSYFIGCSEGGREGMMLSQRFPSHYDGIVA
GAPGYQLPKAGISGAWTTQSLAPAAVGLDAQGVPLINKSFSDADLHLLSQAILGTCDALDGLADGIVDNYRACQAAFDPA
TAANPANGQALQCVGAKTADCLSPVQVTAIKRAMAGPVNSAGTPLYNRWAWDAGMSGLSGTTYNQGWRSWWLGSFNSSAN
NAQRVSGFSARSWLVDFATPPEPMPMTQVAARMMKFDFDIDPLKIWATSGQFTQSSMDWHGATSTDLAAFRDRGGKMILY
HGMSDAAFSALDTADYYERLGAAMPGAAGFARLFLVPGMNHCSGGPGTDRFDMLTPLVAWVERGEAPDQISAWSGTPGYF
GVAARTRPLCPYPQIARYKGSGDINTEANFACAAPP
;
_entity_poly.pdbx_strand_id   A,B,C,D,E,F
#
loop_
_chem_comp.id
_chem_comp.type
_chem_comp.name
_chem_comp.formula
CA non-polymer 'CALCIUM ION' 'Ca 2'
CL non-polymer 'CHLORIDE ION' 'Cl -1'
J1K non-polymer '4-(2-hydroxyethylcarbamoyl)benzoic acid' 'C10 H11 N O4'
MPD non-polymer (4S)-2-METHYL-2,4-PENTANEDIOL 'C6 H14 O2'
SO4 non-polymer 'SULFATE ION' 'O4 S -2'
#
# COMPACT_ATOMS: atom_id res chain seq x y z
N VAL A 36 -15.26 -63.54 -0.91
CA VAL A 36 -16.43 -63.62 -0.04
C VAL A 36 -16.25 -63.18 1.42
N PRO A 37 -15.08 -63.36 2.04
CA PRO A 37 -14.98 -63.07 3.49
C PRO A 37 -15.08 -61.57 3.75
N LEU A 38 -15.89 -61.21 4.74
CA LEU A 38 -16.11 -59.82 5.06
C LEU A 38 -14.84 -59.17 5.59
N ALA A 39 -14.67 -57.88 5.26
CA ALA A 39 -13.63 -57.03 5.83
C ALA A 39 -12.22 -57.55 5.54
N SER A 40 -12.03 -58.15 4.37
CA SER A 40 -10.79 -58.81 3.96
C SER A 40 -10.20 -58.13 2.74
N ARG A 41 -8.94 -58.49 2.41
CA ARG A 41 -8.35 -58.05 1.14
C ARG A 41 -9.24 -58.42 -0.02
N ALA A 42 -9.81 -59.62 0.03
CA ALA A 42 -10.65 -60.09 -1.06
C ALA A 42 -11.91 -59.23 -1.17
N ALA A 43 -12.53 -58.93 -0.02
CA ALA A 43 -13.70 -58.07 -0.02
C ALA A 43 -13.34 -56.70 -0.55
N CYS A 44 -12.14 -56.22 -0.26
CA CYS A 44 -11.70 -54.91 -0.71
C CYS A 44 -11.57 -54.87 -2.23
N GLU A 45 -10.83 -55.83 -2.79
CA GLU A 45 -10.58 -55.77 -4.23
C GLU A 45 -11.85 -56.03 -5.02
N ALA A 46 -12.78 -56.81 -4.48
CA ALA A 46 -14.03 -57.04 -5.16
C ALA A 46 -14.84 -55.77 -5.33
N LEU A 47 -14.53 -54.70 -4.59
CA LEU A 47 -15.28 -53.47 -4.79
C LEU A 47 -14.97 -52.79 -6.11
N LYS A 48 -13.92 -53.20 -6.81
CA LYS A 48 -13.45 -52.48 -7.97
C LYS A 48 -14.26 -52.82 -9.22
N ASP A 49 -14.58 -51.76 -9.98
CA ASP A 49 -15.31 -51.78 -11.25
C ASP A 49 -15.74 -50.34 -11.62
N GLY A 52 -18.59 -57.49 -10.70
CA GLY A 52 -19.41 -56.31 -10.50
C GLY A 52 -20.62 -56.54 -9.60
N ASP A 53 -20.40 -57.13 -8.43
CA ASP A 53 -21.47 -57.46 -7.50
C ASP A 53 -21.75 -56.36 -6.46
N MET A 54 -21.00 -55.25 -6.48
CA MET A 54 -21.30 -54.13 -5.61
C MET A 54 -22.32 -53.23 -6.30
N VAL A 55 -23.39 -52.88 -5.61
CA VAL A 55 -24.43 -52.02 -6.16
C VAL A 55 -24.31 -50.65 -5.53
N TRP A 56 -23.96 -49.70 -6.29
CA TRP A 56 -23.83 -48.35 -5.77
C TRP A 56 -25.16 -47.61 -5.83
N PRO A 57 -25.46 -46.77 -4.83
CA PRO A 57 -26.71 -46.00 -4.87
C PRO A 57 -26.84 -45.15 -6.13
N ASN A 58 -25.76 -44.56 -6.60
CA ASN A 58 -25.73 -43.87 -7.87
C ASN A 58 -25.11 -44.77 -8.94
N ALA A 59 -25.85 -45.02 -10.01
CA ALA A 59 -25.39 -45.92 -11.06
C ALA A 59 -24.13 -45.41 -11.76
N ALA A 60 -23.90 -44.11 -11.77
CA ALA A 60 -22.73 -43.51 -12.36
C ALA A 60 -21.53 -43.44 -11.42
N THR A 61 -21.33 -44.44 -10.55
CA THR A 61 -20.16 -44.50 -9.69
C THR A 61 -19.09 -45.38 -10.32
N VAL A 62 -17.89 -44.83 -10.49
CA VAL A 62 -16.76 -45.58 -11.09
C VAL A 62 -15.67 -45.72 -10.03
N VAL A 63 -15.40 -46.94 -9.60
CA VAL A 63 -14.28 -47.19 -8.69
C VAL A 63 -12.99 -47.24 -9.50
N GLU A 64 -12.02 -46.42 -9.12
CA GLU A 64 -10.73 -46.42 -9.77
C GLU A 64 -9.65 -47.13 -8.98
N VAL A 65 -9.75 -47.17 -7.66
CA VAL A 65 -8.75 -47.80 -6.80
C VAL A 65 -9.47 -48.58 -5.72
N ALA A 66 -9.09 -49.83 -5.52
CA ALA A 66 -9.56 -50.62 -4.39
C ALA A 66 -8.34 -51.43 -3.91
N ALA A 67 -7.59 -50.85 -2.97
CA ALA A 67 -6.27 -51.33 -2.58
C ALA A 67 -6.20 -51.56 -1.08
N TRP A 68 -5.52 -52.64 -0.71
CA TRP A 68 -5.33 -52.99 0.69
C TRP A 68 -4.09 -52.30 1.22
N ARG A 69 -4.19 -51.67 2.39
CA ARG A 69 -3.10 -50.90 2.96
C ARG A 69 -2.67 -51.52 4.26
N ASP A 70 -1.36 -51.69 4.44
CA ASP A 70 -0.79 -52.09 5.71
C ASP A 70 -0.90 -50.96 6.73
N ALA A 71 -1.01 -51.35 8.00
CA ALA A 71 -0.89 -50.42 9.11
C ALA A 71 0.33 -49.54 8.96
N ALA A 72 0.18 -48.28 9.31
CA ALA A 72 1.24 -47.32 9.29
C ALA A 72 1.53 -46.87 10.71
N PRO A 73 2.81 -46.80 11.09
CA PRO A 73 3.15 -46.36 12.44
C PRO A 73 2.85 -44.89 12.65
N ALA A 74 2.80 -44.51 13.92
CA ALA A 74 2.71 -43.10 14.29
C ALA A 74 3.97 -42.35 13.85
N THR A 75 3.76 -41.10 13.45
CA THR A 75 4.79 -40.12 13.20
C THR A 75 4.64 -38.99 14.21
N ALA A 76 5.58 -38.05 14.15
CA ALA A 76 5.53 -36.89 15.04
C ALA A 76 4.26 -36.08 14.85
N SER A 77 3.61 -36.16 13.70
CA SER A 77 2.49 -35.31 13.41
C SER A 77 1.20 -36.06 13.08
N ALA A 78 1.19 -37.39 13.16
CA ALA A 78 -0.02 -38.14 12.82
C ALA A 78 -0.04 -39.44 13.61
N ALA A 79 -1.23 -39.82 14.09
CA ALA A 79 -1.34 -41.08 14.78
C ALA A 79 -1.25 -42.26 13.82
N ALA A 80 -0.94 -43.43 14.38
CA ALA A 80 -0.84 -44.66 13.60
C ALA A 80 -2.17 -44.99 12.91
N LEU A 81 -2.07 -45.41 11.71
CA LEU A 81 -3.22 -45.82 10.94
C LEU A 81 -3.31 -47.33 10.86
N PRO A 82 -4.44 -47.92 11.20
CA PRO A 82 -4.57 -49.37 11.09
C PRO A 82 -4.71 -49.85 9.65
N GLU A 83 -4.51 -51.17 9.51
CA GLU A 83 -4.72 -51.85 8.25
C GLU A 83 -6.14 -51.62 7.74
N HIS A 84 -6.27 -51.37 6.44
CA HIS A 84 -7.55 -50.91 5.92
C HIS A 84 -7.61 -51.03 4.41
N CYS A 85 -8.85 -51.09 3.90
CA CYS A 85 -9.17 -50.97 2.49
C CYS A 85 -9.31 -49.50 2.11
N GLU A 86 -8.58 -49.09 1.07
CA GLU A 86 -8.78 -47.78 0.47
C GLU A 86 -9.48 -47.91 -0.88
N VAL A 87 -10.62 -47.23 -1.01
CA VAL A 87 -11.40 -47.19 -2.25
C VAL A 87 -11.45 -45.74 -2.70
N SER A 88 -11.13 -45.47 -3.96
CA SER A 88 -11.35 -44.14 -4.49
C SER A 88 -11.93 -44.23 -5.90
N GLY A 89 -12.60 -43.16 -6.31
CA GLY A 89 -13.32 -43.17 -7.57
C GLY A 89 -14.14 -41.90 -7.74
N ALA A 90 -15.07 -41.94 -8.69
CA ALA A 90 -15.84 -40.74 -8.97
C ALA A 90 -17.29 -41.08 -9.29
N ILE A 91 -18.15 -40.09 -9.06
CA ILE A 91 -19.58 -40.19 -9.29
C ILE A 91 -19.96 -39.14 -10.32
N ALA A 92 -20.78 -39.53 -11.29
CA ALA A 92 -21.42 -38.60 -12.24
C ALA A 92 -20.41 -37.80 -13.07
N LYS A 93 -19.45 -38.51 -13.68
CA LYS A 93 -18.59 -37.90 -14.67
C LYS A 93 -19.42 -37.29 -15.80
N ARG A 94 -19.07 -36.09 -16.22
CA ARG A 94 -19.90 -35.37 -17.18
C ARG A 94 -19.10 -34.20 -17.75
N THR A 95 -19.71 -33.51 -18.71
CA THR A 95 -19.18 -32.29 -19.30
C THR A 95 -20.10 -31.12 -18.94
N GLY A 96 -19.52 -30.06 -18.42
CA GLY A 96 -20.31 -28.91 -18.05
C GLY A 96 -20.63 -28.02 -19.23
N ILE A 97 -21.55 -27.08 -19.00
CA ILE A 97 -21.93 -26.16 -20.06
C ILE A 97 -20.80 -25.22 -20.43
N ASP A 98 -19.75 -25.17 -19.61
CA ASP A 98 -18.52 -24.47 -19.94
C ASP A 98 -17.57 -25.33 -20.75
N GLY A 99 -17.96 -26.54 -21.13
CA GLY A 99 -17.12 -27.43 -21.88
C GLY A 99 -16.09 -28.19 -21.07
N TYR A 100 -16.03 -27.97 -19.77
CA TYR A 100 -15.05 -28.58 -18.88
C TYR A 100 -15.57 -29.92 -18.35
N PRO A 101 -14.68 -30.84 -17.98
CA PRO A 101 -15.12 -32.06 -17.32
C PRO A 101 -15.43 -31.82 -15.85
N TYR A 102 -16.43 -32.55 -15.36
CA TYR A 102 -16.79 -32.51 -13.95
C TYR A 102 -17.08 -33.91 -13.48
N GLU A 103 -16.77 -34.14 -12.20
CA GLU A 103 -17.13 -35.37 -11.51
C GLU A 103 -16.99 -35.13 -10.01
N ILE A 104 -17.67 -35.97 -9.23
CA ILE A 104 -17.57 -35.94 -7.79
C ILE A 104 -16.60 -37.05 -7.35
N LYS A 105 -15.41 -36.65 -6.95
CA LYS A 105 -14.41 -37.60 -6.47
C LYS A 105 -14.65 -37.94 -5.00
N PHE A 106 -14.35 -39.20 -4.65
CA PHE A 106 -14.37 -39.61 -3.26
C PHE A 106 -13.16 -40.51 -2.98
N ARG A 107 -12.71 -40.50 -1.74
CA ARG A 107 -11.76 -41.50 -1.24
C ARG A 107 -12.29 -42.00 0.09
N LEU A 108 -12.41 -43.31 0.23
CA LEU A 108 -12.93 -43.99 1.40
C LEU A 108 -11.87 -44.92 1.98
N ARG A 109 -11.75 -44.96 3.31
CA ARG A 109 -10.84 -45.90 3.97
C ARG A 109 -11.58 -46.70 5.02
N MET A 110 -11.58 -48.03 4.89
CA MET A 110 -12.32 -48.90 5.78
C MET A 110 -11.41 -49.86 6.55
N PRO A 111 -11.20 -49.65 7.85
CA PRO A 111 -10.24 -50.49 8.58
C PRO A 111 -10.72 -51.92 8.72
N ALA A 112 -9.77 -52.86 8.68
CA ALA A 112 -10.11 -54.26 8.89
C ALA A 112 -10.69 -54.48 10.29
N GLU A 113 -10.17 -53.78 11.27
CA GLU A 113 -10.71 -53.78 12.62
C GLU A 113 -11.47 -52.46 12.80
N TRP A 114 -12.79 -52.56 12.86
CA TRP A 114 -13.69 -51.43 12.70
C TRP A 114 -14.56 -51.29 13.93
N ASN A 115 -14.68 -50.06 14.43
CA ASN A 115 -15.49 -49.76 15.60
C ASN A 115 -16.98 -49.60 15.28
N GLY A 116 -17.40 -49.87 14.05
CA GLY A 116 -18.79 -49.75 13.67
C GLY A 116 -19.26 -48.35 13.34
N ARG A 117 -18.38 -47.36 13.34
CA ARG A 117 -18.75 -45.97 13.11
C ARG A 117 -18.24 -45.47 11.76
N PHE A 118 -19.03 -44.59 11.14
CA PHE A 118 -18.75 -43.94 9.87
C PHE A 118 -18.43 -42.47 10.13
N PHE A 119 -17.47 -41.94 9.38
CA PHE A 119 -16.97 -40.59 9.62
C PHE A 119 -16.68 -39.93 8.28
N MET A 120 -17.16 -38.70 8.10
CA MET A 120 -16.82 -37.90 6.94
C MET A 120 -16.21 -36.58 7.39
N GLU A 121 -15.13 -36.18 6.75
CA GLU A 121 -14.52 -34.89 7.04
C GLU A 121 -15.04 -33.85 6.07
N GLY A 122 -15.06 -32.61 6.51
CA GLY A 122 -15.55 -31.53 5.66
C GLY A 122 -14.47 -30.92 4.79
N GLY A 123 -14.91 -30.05 3.90
CA GLY A 123 -14.03 -29.41 2.94
C GLY A 123 -13.41 -28.13 3.46
N SER A 124 -12.82 -27.39 2.55
CA SER A 124 -12.23 -26.11 2.91
C SER A 124 -11.95 -25.27 1.67
N GLY A 125 -12.00 -23.96 1.86
CA GLY A 125 -11.89 -23.05 0.73
C GLY A 125 -13.05 -23.22 -0.22
N THR A 126 -12.73 -23.25 -1.51
CA THR A 126 -13.72 -23.59 -2.53
C THR A 126 -13.69 -25.07 -2.90
N ASN A 127 -13.12 -25.91 -2.05
CA ASN A 127 -12.94 -27.35 -2.28
C ASN A 127 -12.16 -27.55 -3.58
N GLY A 128 -12.45 -28.62 -4.32
CA GLY A 128 -11.69 -28.94 -5.50
C GLY A 128 -10.48 -29.83 -5.27
N SER A 129 -10.19 -30.24 -4.05
CA SER A 129 -9.11 -31.17 -3.83
C SER A 129 -9.60 -32.36 -3.03
N LEU A 130 -8.94 -33.51 -3.25
CA LEU A 130 -9.20 -34.77 -2.58
C LEU A 130 -8.08 -35.03 -1.58
N SER A 131 -8.43 -35.01 -0.30
CA SER A 131 -7.48 -35.23 0.77
C SER A 131 -7.16 -36.72 0.89
N ALA A 132 -6.21 -37.02 1.77
CA ALA A 132 -5.85 -38.40 2.09
C ALA A 132 -7.01 -39.17 2.68
N ALA A 133 -8.04 -38.47 3.18
CA ALA A 133 -9.26 -39.09 3.66
C ALA A 133 -9.03 -40.05 4.83
N THR A 134 -8.14 -39.68 5.75
CA THR A 134 -8.02 -40.40 7.02
C THR A 134 -8.96 -39.85 8.10
N GLY A 135 -9.78 -38.88 7.77
CA GLY A 135 -10.79 -38.40 8.71
C GLY A 135 -10.24 -37.38 9.67
N SER A 136 -9.88 -36.20 9.17
CA SER A 136 -9.38 -35.16 10.04
C SER A 136 -10.47 -34.72 11.01
N ILE A 137 -10.09 -34.45 12.26
CA ILE A 137 -11.05 -34.03 13.26
C ILE A 137 -10.84 -32.58 13.65
N GLY A 138 -9.99 -31.85 12.94
CA GLY A 138 -9.74 -30.45 13.22
C GLY A 138 -9.12 -30.23 14.59
N GLY A 139 -9.15 -28.98 15.04
CA GLY A 139 -8.63 -28.68 16.36
C GLY A 139 -7.14 -28.94 16.55
N GLY A 140 -6.36 -28.97 15.48
CA GLY A 140 -4.93 -29.23 15.57
C GLY A 140 -4.58 -30.59 16.17
N GLN A 141 -5.39 -31.60 15.94
CA GLN A 141 -5.24 -32.87 16.62
C GLN A 141 -4.31 -33.83 15.87
N ILE A 142 -3.56 -34.63 16.65
CA ILE A 142 -2.71 -35.69 16.12
C ILE A 142 -3.55 -36.84 15.58
N ALA A 143 -4.58 -37.23 16.32
CA ALA A 143 -5.39 -38.37 15.92
C ALA A 143 -6.30 -38.01 14.76
N SER A 144 -6.43 -38.96 13.84
CA SER A 144 -7.44 -38.97 12.80
C SER A 144 -8.51 -39.98 13.17
N ALA A 145 -9.68 -39.85 12.53
CA ALA A 145 -10.74 -40.81 12.79
C ALA A 145 -10.35 -42.23 12.35
N LEU A 146 -9.60 -42.35 11.26
CA LEU A 146 -9.13 -43.68 10.88
C LEU A 146 -8.20 -44.26 11.96
N SER A 147 -7.34 -43.42 12.54
CA SER A 147 -6.52 -43.87 13.66
C SER A 147 -7.34 -44.36 14.84
N ARG A 148 -8.61 -43.94 14.95
CA ARG A 148 -9.53 -44.41 15.96
C ARG A 148 -10.48 -45.49 15.45
N ASN A 149 -10.16 -46.10 14.31
CA ASN A 149 -10.88 -47.25 13.75
C ASN A 149 -12.27 -46.92 13.24
N PHE A 150 -12.52 -45.64 12.92
CA PHE A 150 -13.64 -45.27 12.06
C PHE A 150 -13.33 -45.62 10.61
N ALA A 151 -14.38 -45.95 9.86
CA ALA A 151 -14.36 -45.81 8.42
C ALA A 151 -14.54 -44.34 8.04
N THR A 152 -13.70 -43.86 7.13
CA THR A 152 -13.56 -42.43 6.86
C THR A 152 -13.71 -42.15 5.37
N ILE A 153 -14.36 -41.03 5.04
CA ILE A 153 -14.57 -40.64 3.64
C ILE A 153 -14.32 -39.14 3.48
N ALA A 154 -13.89 -38.76 2.27
CA ALA A 154 -13.74 -37.37 1.88
C ALA A 154 -14.13 -37.23 0.41
N THR A 155 -14.41 -35.99 0.00
CA THR A 155 -14.77 -35.66 -1.37
C THR A 155 -14.05 -34.38 -1.78
N ASP A 156 -14.07 -34.09 -3.07
CA ASP A 156 -13.56 -32.82 -3.57
C ASP A 156 -14.66 -31.80 -3.86
N GLY A 157 -15.91 -32.18 -3.68
CA GLY A 157 -17.03 -31.28 -3.84
C GLY A 157 -17.61 -31.18 -5.23
N GLY A 158 -17.14 -31.98 -6.18
CA GLY A 158 -17.67 -31.96 -7.52
C GLY A 158 -16.83 -31.26 -8.57
N HIS A 159 -15.71 -30.65 -8.19
CA HIS A 159 -14.78 -30.12 -9.18
C HIS A 159 -13.35 -30.41 -8.74
N ASP A 160 -12.40 -30.09 -9.60
CA ASP A 160 -11.01 -30.50 -9.47
C ASP A 160 -10.12 -29.32 -9.78
N ASN A 161 -9.40 -28.82 -8.76
CA ASN A 161 -8.55 -27.66 -8.99
C ASN A 161 -7.47 -27.90 -10.05
N ALA A 162 -7.07 -29.14 -10.29
CA ALA A 162 -6.09 -29.43 -11.32
C ALA A 162 -6.65 -29.36 -12.72
N VAL A 163 -7.95 -29.57 -12.90
CA VAL A 163 -8.60 -29.61 -14.20
C VAL A 163 -9.51 -28.40 -14.40
N ASN A 164 -10.32 -28.09 -13.39
CA ASN A 164 -11.31 -27.02 -13.46
C ASN A 164 -10.67 -25.70 -13.05
N ASP A 165 -9.63 -25.34 -13.79
CA ASP A 165 -8.82 -24.17 -13.54
C ASP A 165 -8.85 -23.36 -14.84
N ASN A 166 -9.68 -22.33 -14.87
CA ASN A 166 -9.92 -21.60 -16.10
C ASN A 166 -9.28 -20.23 -16.01
N PRO A 167 -8.29 -19.94 -16.86
CA PRO A 167 -7.58 -18.67 -16.75
C PRO A 167 -8.44 -17.47 -16.99
N ASP A 168 -9.53 -17.62 -17.75
CA ASP A 168 -10.44 -16.53 -18.03
C ASP A 168 -11.56 -16.41 -17.01
N ALA A 169 -11.66 -17.34 -16.06
CA ALA A 169 -12.71 -17.34 -15.06
C ALA A 169 -12.11 -17.40 -13.66
N LEU A 170 -11.00 -16.69 -13.46
CA LEU A 170 -10.39 -16.45 -12.16
C LEU A 170 -9.86 -17.75 -11.52
N GLY A 171 -9.43 -18.68 -12.33
CA GLY A 171 -8.62 -19.78 -11.82
C GLY A 171 -9.47 -20.90 -11.27
N THR A 172 -9.13 -21.35 -10.07
CA THR A 172 -9.75 -22.54 -9.52
C THR A 172 -11.15 -22.28 -8.95
N VAL A 173 -11.66 -21.04 -9.04
CA VAL A 173 -13.06 -20.79 -8.75
C VAL A 173 -13.94 -21.03 -9.98
N ALA A 174 -13.35 -21.43 -11.09
CA ALA A 174 -14.05 -21.45 -12.37
C ALA A 174 -15.20 -22.44 -12.44
N PHE A 175 -15.28 -23.42 -11.56
CA PHE A 175 -16.42 -24.32 -11.52
C PHE A 175 -17.75 -23.57 -11.42
N GLY A 176 -17.74 -22.32 -10.96
CA GLY A 176 -18.96 -21.57 -10.83
C GLY A 176 -19.62 -21.24 -12.15
N LEU A 177 -18.91 -21.43 -13.25
CA LEU A 177 -19.51 -21.27 -14.57
C LEU A 177 -20.47 -22.39 -14.92
N ASP A 178 -20.47 -23.50 -14.18
CA ASP A 178 -21.36 -24.61 -14.47
C ASP A 178 -22.46 -24.72 -13.43
N PRO A 179 -23.73 -24.58 -13.81
CA PRO A 179 -24.82 -24.64 -12.82
C PRO A 179 -24.80 -25.90 -11.97
N GLN A 180 -24.63 -27.07 -12.57
CA GLN A 180 -24.65 -28.30 -11.80
C GLN A 180 -23.46 -28.39 -10.85
N ALA A 181 -22.29 -27.89 -11.27
CA ALA A 181 -21.14 -27.89 -10.38
C ALA A 181 -21.40 -27.03 -9.14
N ARG A 182 -22.10 -25.91 -9.32
CA ARG A 182 -22.51 -25.11 -8.18
C ARG A 182 -23.36 -25.93 -7.21
N LEU A 183 -24.36 -26.63 -7.75
CA LEU A 183 -25.21 -27.48 -6.91
C LEU A 183 -24.40 -28.56 -6.21
N ASP A 184 -23.41 -29.13 -6.90
CA ASP A 184 -22.58 -30.15 -6.27
C ASP A 184 -21.75 -29.56 -5.14
N MET A 185 -21.21 -28.36 -5.36
CA MET A 185 -20.47 -27.66 -4.32
C MET A 185 -21.35 -27.32 -3.12
N GLY A 186 -22.61 -26.98 -3.38
CA GLY A 186 -23.47 -26.54 -2.30
C GLY A 186 -23.93 -27.67 -1.41
N TYR A 187 -24.44 -28.74 -2.00
CA TYR A 187 -25.02 -29.82 -1.22
C TYR A 187 -24.96 -31.18 -1.90
N ASN A 188 -24.94 -31.26 -3.24
CA ASN A 188 -25.17 -32.55 -3.85
C ASN A 188 -23.97 -33.49 -3.72
N SER A 189 -22.75 -32.98 -3.80
CA SER A 189 -21.57 -33.85 -3.68
C SER A 189 -21.53 -34.55 -2.34
N TYR A 190 -21.70 -33.81 -1.24
CA TYR A 190 -21.68 -34.42 0.08
C TYR A 190 -22.77 -35.45 0.22
N ASP A 191 -23.94 -35.22 -0.38
CA ASP A 191 -25.01 -36.21 -0.36
C ASP A 191 -24.62 -37.49 -1.09
N GLN A 192 -24.18 -37.36 -2.34
CA GLN A 192 -23.75 -38.51 -3.13
C GLN A 192 -22.69 -39.34 -2.39
N VAL A 193 -21.68 -38.67 -1.87
CA VAL A 193 -20.53 -39.36 -1.29
C VAL A 193 -20.89 -40.02 0.06
N THR A 194 -21.78 -39.40 0.84
CA THR A 194 -22.28 -40.04 2.05
C THR A 194 -22.97 -41.35 1.70
N GLN A 195 -23.85 -41.32 0.72
CA GLN A 195 -24.58 -42.52 0.36
C GLN A 195 -23.62 -43.59 -0.19
N ALA A 196 -22.66 -43.18 -1.00
CA ALA A 196 -21.74 -44.17 -1.57
C ALA A 196 -20.91 -44.80 -0.47
N GLY A 197 -20.41 -43.98 0.46
CA GLY A 197 -19.62 -44.50 1.55
C GLY A 197 -20.38 -45.49 2.41
N LYS A 198 -21.63 -45.18 2.73
CA LYS A 198 -22.40 -46.04 3.61
C LYS A 198 -22.74 -47.36 2.94
N ALA A 199 -23.01 -47.32 1.63
CA ALA A 199 -23.25 -48.55 0.89
C ALA A 199 -22.00 -49.42 0.86
N ALA A 200 -20.83 -48.82 0.66
CA ALA A 200 -19.58 -49.58 0.64
C ALA A 200 -19.29 -50.18 2.00
N VAL A 201 -19.55 -49.43 3.07
CA VAL A 201 -19.42 -49.92 4.43
C VAL A 201 -20.31 -51.13 4.66
N ALA A 202 -21.55 -51.08 4.18
CA ALA A 202 -22.48 -52.19 4.36
C ALA A 202 -22.00 -53.43 3.61
N ARG A 203 -21.47 -53.25 2.41
CA ARG A 203 -20.98 -54.37 1.64
C ARG A 203 -19.72 -54.94 2.26
N PHE A 204 -18.78 -54.08 2.63
CA PHE A 204 -17.48 -54.53 3.10
C PHE A 204 -17.58 -55.23 4.44
N TYR A 205 -18.40 -54.70 5.36
CA TYR A 205 -18.51 -55.24 6.71
C TYR A 205 -19.70 -56.15 6.90
N GLY A 206 -20.63 -56.19 5.94
CA GLY A 206 -21.85 -56.95 6.12
C GLY A 206 -22.78 -56.37 7.15
N ARG A 207 -22.67 -55.09 7.44
CA ARG A 207 -23.47 -54.46 8.47
C ARG A 207 -23.45 -52.97 8.23
N ALA A 208 -24.57 -52.30 8.46
CA ALA A 208 -24.59 -50.85 8.32
C ALA A 208 -23.88 -50.20 9.50
N ALA A 209 -23.37 -49.00 9.24
CA ALA A 209 -22.77 -48.20 10.30
C ALA A 209 -23.75 -48.03 11.47
N ASP A 210 -23.24 -48.21 12.69
CA ASP A 210 -24.07 -48.00 13.88
C ASP A 210 -24.42 -46.53 14.06
N LYS A 211 -23.41 -45.65 14.00
CA LYS A 211 -23.58 -44.20 13.96
C LYS A 211 -22.64 -43.60 12.93
N SER A 212 -22.99 -42.41 12.47
CA SER A 212 -22.21 -41.61 11.54
C SER A 212 -21.90 -40.23 12.10
N TYR A 213 -20.71 -39.73 11.79
CA TYR A 213 -20.21 -38.49 12.36
C TYR A 213 -19.58 -37.66 11.24
N PHE A 214 -19.77 -36.35 11.32
CA PHE A 214 -19.21 -35.43 10.36
C PHE A 214 -18.51 -34.29 11.10
N ILE A 215 -17.32 -33.92 10.66
CA ILE A 215 -16.58 -32.84 11.29
C ILE A 215 -16.00 -31.94 10.20
N GLY A 216 -16.26 -30.64 10.31
CA GLY A 216 -15.72 -29.69 9.36
C GLY A 216 -15.54 -28.31 9.95
N CYS A 217 -14.62 -27.57 9.38
CA CYS A 217 -14.42 -26.19 9.80
C CYS A 217 -14.52 -25.29 8.60
N SER A 218 -15.10 -24.12 8.81
CA SER A 218 -15.24 -23.09 7.78
C SER A 218 -16.17 -23.51 6.65
N GLU A 219 -15.65 -23.74 5.45
CA GLU A 219 -16.48 -24.35 4.40
C GLU A 219 -17.01 -25.71 4.86
N GLY A 220 -16.18 -26.49 5.57
CA GLY A 220 -16.64 -27.71 6.17
C GLY A 220 -17.60 -27.50 7.32
N GLY A 221 -17.50 -26.37 8.01
CA GLY A 221 -18.53 -26.03 8.98
C GLY A 221 -19.87 -25.75 8.31
N ARG A 222 -19.84 -25.04 7.18
CA ARG A 222 -21.05 -24.82 6.39
C ARG A 222 -21.65 -26.16 5.97
N GLU A 223 -20.80 -27.06 5.49
CA GLU A 223 -21.28 -28.37 5.08
C GLU A 223 -22.02 -29.07 6.21
N GLY A 224 -21.46 -29.04 7.42
CA GLY A 224 -22.11 -29.68 8.54
C GLY A 224 -23.47 -29.07 8.87
N MET A 225 -23.56 -27.75 8.90
CA MET A 225 -24.88 -27.16 9.14
C MET A 225 -25.84 -27.51 8.01
N MET A 226 -25.37 -27.46 6.75
CA MET A 226 -26.19 -27.88 5.63
C MET A 226 -26.72 -29.29 5.82
N LEU A 227 -25.85 -30.21 6.26
CA LEU A 227 -26.30 -31.58 6.50
C LEU A 227 -27.40 -31.65 7.57
N SER A 228 -27.24 -30.92 8.67
CA SER A 228 -28.25 -30.99 9.72
C SER A 228 -29.61 -30.45 9.26
N GLN A 229 -29.62 -29.52 8.32
CA GLN A 229 -30.86 -28.90 7.85
C GLN A 229 -31.48 -29.65 6.69
N ARG A 230 -30.67 -29.99 5.70
CA ARG A 230 -31.14 -30.55 4.45
C ARG A 230 -31.15 -32.08 4.45
N PHE A 231 -30.21 -32.73 5.17
CA PHE A 231 -30.10 -34.19 5.19
C PHE A 231 -29.96 -34.69 6.62
N PRO A 232 -31.00 -34.49 7.45
CA PRO A 232 -30.82 -34.70 8.90
C PRO A 232 -30.50 -36.12 9.30
N SER A 233 -30.84 -37.12 8.50
CA SER A 233 -30.48 -38.48 8.89
C SER A 233 -29.15 -38.95 8.34
N HIS A 234 -28.42 -38.11 7.60
CA HIS A 234 -27.11 -38.52 7.08
C HIS A 234 -26.11 -38.73 8.21
N TYR A 235 -26.10 -37.84 9.21
CA TYR A 235 -25.15 -37.91 10.30
C TYR A 235 -25.84 -37.81 11.65
N ASP A 236 -25.35 -38.59 12.61
CA ASP A 236 -25.85 -38.57 13.97
C ASP A 236 -25.19 -37.48 14.81
N GLY A 237 -23.90 -37.29 14.66
CA GLY A 237 -23.19 -36.21 15.30
C GLY A 237 -22.49 -35.34 14.27
N ILE A 238 -22.50 -34.04 14.50
CA ILE A 238 -21.90 -33.06 13.62
C ILE A 238 -21.10 -32.08 14.44
N VAL A 239 -19.86 -31.84 14.04
CA VAL A 239 -19.08 -30.71 14.52
C VAL A 239 -19.00 -29.73 13.38
N ALA A 240 -19.41 -28.49 13.64
CA ALA A 240 -19.30 -27.42 12.65
C ALA A 240 -18.49 -26.30 13.29
N GLY A 241 -17.24 -26.21 12.88
CA GLY A 241 -16.38 -25.12 13.30
C GLY A 241 -16.43 -23.97 12.32
N ALA A 242 -16.27 -22.73 12.87
CA ALA A 242 -16.29 -21.41 12.24
C ALA A 242 -17.07 -21.47 10.93
N PRO A 243 -18.35 -21.78 11.02
CA PRO A 243 -19.08 -22.25 9.85
C PRO A 243 -19.53 -21.11 8.93
N GLY A 244 -19.17 -21.22 7.65
CA GLY A 244 -19.59 -20.27 6.66
C GLY A 244 -21.02 -20.46 6.22
N TYR A 245 -21.98 -20.45 7.16
CA TYR A 245 -23.36 -20.78 6.80
C TYR A 245 -24.04 -19.69 5.98
N GLN A 246 -23.43 -18.53 5.83
CA GLN A 246 -23.89 -17.52 4.87
C GLN A 246 -22.77 -17.15 3.92
N LEU A 247 -22.01 -18.13 3.46
CA LEU A 247 -20.81 -17.85 2.67
C LEU A 247 -21.02 -16.89 1.50
N PRO A 248 -22.16 -16.91 0.78
CA PRO A 248 -22.33 -15.95 -0.31
C PRO A 248 -22.29 -14.48 0.12
N LYS A 249 -22.52 -14.18 1.40
CA LYS A 249 -22.34 -12.82 1.90
C LYS A 249 -20.89 -12.47 2.24
N ALA A 250 -19.95 -13.41 2.19
CA ALA A 250 -18.59 -13.06 2.61
C ALA A 250 -17.98 -12.02 1.69
N GLY A 251 -18.27 -12.12 0.39
CA GLY A 251 -17.79 -11.12 -0.54
C GLY A 251 -18.36 -9.75 -0.28
N ILE A 252 -19.60 -9.68 0.17
CA ILE A 252 -20.19 -8.40 0.55
C ILE A 252 -19.38 -7.78 1.68
N SER A 253 -19.09 -8.57 2.72
CA SER A 253 -18.25 -8.07 3.79
C SER A 253 -16.86 -7.70 3.27
N GLY A 254 -16.35 -8.46 2.31
CA GLY A 254 -15.04 -8.16 1.77
C GLY A 254 -15.00 -6.82 1.04
N ALA A 255 -16.00 -6.57 0.20
CA ALA A 255 -16.09 -5.26 -0.44
C ALA A 255 -16.15 -4.15 0.60
N TRP A 256 -16.94 -4.36 1.64
CA TRP A 256 -17.10 -3.37 2.68
C TRP A 256 -15.79 -3.11 3.42
N THR A 257 -15.11 -4.17 3.85
CA THR A 257 -13.86 -3.95 4.56
C THR A 257 -12.82 -3.34 3.65
N THR A 258 -12.81 -3.72 2.38
CA THR A 258 -11.89 -3.10 1.44
C THR A 258 -12.17 -1.59 1.34
N GLN A 259 -13.43 -1.22 1.11
CA GLN A 259 -13.74 0.19 0.95
C GLN A 259 -13.59 0.95 2.26
N SER A 260 -13.91 0.30 3.38
CA SER A 260 -13.76 0.95 4.67
C SER A 260 -12.29 1.25 4.99
N LEU A 261 -11.40 0.36 4.59
CA LEU A 261 -10.00 0.55 4.93
C LEU A 261 -9.25 1.38 3.91
N ALA A 262 -9.81 1.59 2.73
CA ALA A 262 -9.11 2.34 1.69
C ALA A 262 -8.67 3.73 2.13
N PRO A 263 -9.47 4.51 2.87
CA PRO A 263 -8.99 5.85 3.26
C PRO A 263 -7.70 5.83 4.04
N ALA A 264 -7.40 4.76 4.75
CA ALA A 264 -6.18 4.68 5.55
C ALA A 264 -5.06 3.97 4.82
N ALA A 265 -5.24 3.64 3.55
CA ALA A 265 -4.18 2.99 2.82
C ALA A 265 -3.09 4.00 2.45
N VAL A 266 -1.91 3.48 2.15
CA VAL A 266 -0.76 4.29 1.79
C VAL A 266 -0.19 3.72 0.50
N GLY A 267 -0.23 4.51 -0.57
CA GLY A 267 0.22 4.05 -1.86
C GLY A 267 -0.87 3.36 -2.64
N LEU A 268 -0.50 2.97 -3.88
CA LEU A 268 -1.37 2.27 -4.81
C LEU A 268 -0.64 1.06 -5.36
N ASP A 269 -1.41 0.08 -5.85
CA ASP A 269 -0.80 -1.09 -6.46
C ASP A 269 -0.64 -0.86 -7.97
N ALA A 270 -0.34 -1.93 -8.70
CA ALA A 270 0.04 -1.78 -10.10
C ALA A 270 -1.13 -1.34 -10.98
N GLN A 271 -2.37 -1.44 -10.52
CA GLN A 271 -3.49 -0.99 -11.32
C GLN A 271 -4.24 0.16 -10.64
N GLY A 272 -3.59 0.86 -9.71
CA GLY A 272 -4.15 2.05 -9.12
C GLY A 272 -5.07 1.82 -7.96
N VAL A 273 -5.10 0.62 -7.39
CA VAL A 273 -5.95 0.34 -6.23
C VAL A 273 -5.14 0.67 -4.99
N PRO A 274 -5.74 1.32 -3.99
CA PRO A 274 -5.03 1.57 -2.72
C PRO A 274 -4.45 0.29 -2.14
N LEU A 275 -3.28 0.41 -1.55
CA LEU A 275 -2.63 -0.71 -0.87
C LEU A 275 -3.29 -0.86 0.50
N ILE A 276 -4.33 -1.69 0.54
CA ILE A 276 -5.07 -1.91 1.77
C ILE A 276 -4.17 -2.49 2.85
N ASN A 277 -3.20 -3.32 2.46
CA ASN A 277 -2.29 -3.92 3.42
C ASN A 277 -1.42 -2.87 4.12
N LYS A 278 -1.25 -1.70 3.52
CA LYS A 278 -0.44 -0.67 4.14
C LYS A 278 -1.21 0.15 5.16
N SER A 279 -2.50 -0.12 5.33
CA SER A 279 -3.32 0.70 6.23
C SER A 279 -2.94 0.52 7.69
N PHE A 280 -2.44 -0.65 8.06
CA PHE A 280 -2.01 -0.94 9.43
C PHE A 280 -0.71 -1.72 9.38
N SER A 281 0.33 -1.20 10.02
CA SER A 281 1.50 -2.05 10.21
C SER A 281 1.16 -3.11 11.26
N ASP A 282 2.04 -4.11 11.38
CA ASP A 282 1.86 -5.12 12.41
C ASP A 282 1.94 -4.51 13.80
N ALA A 283 2.84 -3.55 13.98
CA ALA A 283 2.92 -2.85 15.27
C ALA A 283 1.64 -2.08 15.53
N ASP A 284 1.05 -1.51 14.49
CA ASP A 284 -0.22 -0.81 14.66
C ASP A 284 -1.30 -1.75 15.16
N LEU A 285 -1.41 -2.93 14.56
CA LEU A 285 -2.44 -3.87 14.99
C LEU A 285 -2.16 -4.37 16.39
N HIS A 286 -0.89 -4.60 16.72
CA HIS A 286 -0.59 -5.04 18.07
C HIS A 286 -0.97 -3.98 19.08
N LEU A 287 -0.75 -2.71 18.72
CA LEU A 287 -1.25 -1.60 19.50
C LEU A 287 -2.74 -1.75 19.77
N LEU A 288 -3.50 -2.03 18.72
CA LEU A 288 -4.95 -2.14 18.86
C LEU A 288 -5.33 -3.30 19.77
N SER A 289 -4.67 -4.44 19.63
CA SER A 289 -5.04 -5.55 20.49
C SER A 289 -4.66 -5.26 21.94
N GLN A 290 -3.53 -4.59 22.16
CA GLN A 290 -3.15 -4.21 23.52
C GLN A 290 -4.15 -3.24 24.13
N ALA A 291 -4.71 -2.35 23.33
CA ALA A 291 -5.77 -1.48 23.84
C ALA A 291 -7.01 -2.29 24.17
N ILE A 292 -7.35 -3.27 23.34
CA ILE A 292 -8.49 -4.13 23.61
C ILE A 292 -8.29 -4.87 24.91
N LEU A 293 -7.09 -5.40 25.14
CA LEU A 293 -6.78 -6.05 26.41
C LEU A 293 -6.89 -5.07 27.57
N GLY A 294 -6.32 -3.87 27.40
CA GLY A 294 -6.45 -2.84 28.42
C GLY A 294 -7.89 -2.64 28.86
N THR A 295 -8.81 -2.58 27.90
CA THR A 295 -10.21 -2.39 28.22
C THR A 295 -10.86 -3.68 28.68
N CYS A 296 -10.55 -4.81 28.06
CA CYS A 296 -11.43 -5.96 28.15
C CYS A 296 -10.88 -7.14 28.92
N ASP A 297 -9.56 -7.27 29.07
CA ASP A 297 -8.97 -8.48 29.64
C ASP A 297 -9.56 -8.82 30.99
N ALA A 298 -9.54 -7.87 31.92
CA ALA A 298 -10.02 -8.14 33.27
C ALA A 298 -11.54 -8.18 33.39
N LEU A 299 -12.30 -8.08 32.31
CA LEU A 299 -13.75 -8.12 32.46
C LEU A 299 -14.27 -9.51 32.80
N ASP A 300 -13.45 -10.55 32.67
CA ASP A 300 -13.77 -11.88 33.14
C ASP A 300 -13.21 -12.15 34.52
N GLY A 301 -12.47 -11.21 35.08
CA GLY A 301 -11.94 -11.30 36.43
C GLY A 301 -10.47 -11.62 36.53
N LEU A 302 -9.78 -11.80 35.40
CA LEU A 302 -8.37 -12.18 35.43
C LEU A 302 -7.65 -11.52 34.28
N ALA A 303 -6.58 -10.80 34.58
CA ALA A 303 -5.70 -10.26 33.56
C ALA A 303 -4.74 -11.36 33.11
N ASP A 304 -5.00 -11.95 31.93
CA ASP A 304 -4.20 -13.06 31.43
C ASP A 304 -3.99 -13.04 29.93
N GLY A 305 -4.31 -11.94 29.24
CA GLY A 305 -4.19 -11.86 27.81
C GLY A 305 -5.33 -12.45 27.03
N ILE A 306 -6.40 -12.85 27.67
CA ILE A 306 -7.53 -13.47 27.01
C ILE A 306 -8.80 -12.74 27.42
N VAL A 307 -9.67 -12.45 26.46
CA VAL A 307 -10.93 -11.77 26.70
C VAL A 307 -12.02 -12.85 26.76
N ASP A 308 -12.24 -13.42 27.94
CA ASP A 308 -13.31 -14.41 28.03
C ASP A 308 -14.69 -13.77 27.99
N ASN A 309 -14.84 -12.58 28.54
CA ASN A 309 -16.14 -11.89 28.56
C ASN A 309 -16.29 -11.04 27.30
N TYR A 310 -16.58 -11.74 26.19
CA TYR A 310 -16.63 -11.05 24.90
C TYR A 310 -17.81 -10.07 24.83
N ARG A 311 -18.96 -10.40 25.45
CA ARG A 311 -20.13 -9.52 25.39
C ARG A 311 -19.84 -8.19 26.07
N ALA A 312 -19.28 -8.24 27.29
CA ALA A 312 -18.88 -7.03 27.99
C ALA A 312 -17.81 -6.28 27.23
N CYS A 313 -16.94 -6.98 26.50
CA CYS A 313 -15.92 -6.27 25.73
C CYS A 313 -16.56 -5.41 24.65
N GLN A 314 -17.58 -5.94 23.96
CA GLN A 314 -18.17 -5.19 22.87
C GLN A 314 -18.88 -3.95 23.38
N ALA A 315 -19.45 -4.02 24.57
CA ALA A 315 -20.13 -2.89 25.16
C ALA A 315 -19.18 -1.84 25.71
N ALA A 316 -17.92 -2.21 25.98
CA ALA A 316 -16.99 -1.28 26.60
C ALA A 316 -15.97 -0.70 25.64
N PHE A 317 -15.58 -1.41 24.60
CA PHE A 317 -14.41 -0.98 23.84
C PHE A 317 -14.82 -0.14 22.65
N ASP A 318 -14.14 0.98 22.48
CA ASP A 318 -14.27 1.88 21.34
C ASP A 318 -12.87 2.42 21.07
N PRO A 319 -12.28 2.09 19.92
CA PRO A 319 -10.92 2.58 19.63
C PRO A 319 -10.77 4.08 19.73
N ALA A 320 -11.86 4.82 19.54
CA ALA A 320 -11.80 6.27 19.59
C ALA A 320 -11.83 6.80 21.01
N THR A 321 -12.29 6.02 21.99
CA THR A 321 -12.29 6.47 23.38
C THR A 321 -11.39 5.66 24.30
N ALA A 322 -10.75 4.61 23.81
CA ALA A 322 -9.93 3.74 24.65
C ALA A 322 -8.52 4.29 24.81
N ALA A 323 -7.86 3.84 25.88
CA ALA A 323 -6.49 4.22 26.19
C ALA A 323 -5.52 3.17 25.71
N ASN A 324 -4.35 3.64 25.32
CA ASN A 324 -3.19 2.76 25.19
C ASN A 324 -2.73 2.41 26.59
N PRO A 325 -2.74 1.14 26.99
CA PRO A 325 -2.34 0.82 28.38
C PRO A 325 -0.89 1.14 28.69
N ALA A 326 0.01 1.09 27.71
CA ALA A 326 1.43 1.26 28.00
C ALA A 326 1.73 2.67 28.50
N ASN A 327 1.24 3.68 27.80
CA ASN A 327 1.25 5.06 28.28
C ASN A 327 -0.20 5.49 28.42
N GLY A 328 -0.60 5.92 29.60
CA GLY A 328 -2.00 6.13 29.88
C GLY A 328 -2.70 7.15 29.01
N GLN A 329 -2.32 7.28 27.75
CA GLN A 329 -2.92 8.22 26.84
C GLN A 329 -3.93 7.55 25.92
N ALA A 330 -4.63 8.36 25.15
CA ALA A 330 -5.58 7.86 24.18
C ALA A 330 -4.88 6.98 23.16
N LEU A 331 -5.61 5.97 22.69
CA LEU A 331 -5.11 5.17 21.57
C LEU A 331 -5.08 5.99 20.29
N GLN A 332 -6.08 6.84 20.09
CA GLN A 332 -6.14 7.67 18.90
C GLN A 332 -5.27 8.91 19.05
N CYS A 333 -4.43 9.17 18.05
CA CYS A 333 -3.52 10.32 18.09
C CYS A 333 -4.26 11.63 18.32
N VAL A 334 -3.60 12.51 19.06
CA VAL A 334 -3.99 13.93 19.06
C VAL A 334 -3.17 14.70 18.05
N GLY A 335 -1.90 14.36 17.88
CA GLY A 335 -1.07 15.02 16.90
C GLY A 335 -0.76 14.14 15.72
N ALA A 336 0.50 14.15 15.27
CA ALA A 336 0.89 13.29 14.17
C ALA A 336 0.97 11.84 14.63
N LYS A 337 1.18 10.95 13.66
CA LYS A 337 1.23 9.52 13.93
C LYS A 337 2.54 9.16 14.62
N THR A 338 2.44 8.50 15.77
CA THR A 338 3.58 7.95 16.48
C THR A 338 3.43 6.44 16.55
N ALA A 339 4.46 5.79 17.11
CA ALA A 339 4.41 4.33 17.24
C ALA A 339 3.43 3.89 18.32
N ASP A 340 3.14 4.76 19.27
CA ASP A 340 2.22 4.45 20.37
C ASP A 340 0.80 4.91 20.07
N CYS A 341 0.45 5.03 18.80
CA CYS A 341 -0.66 5.89 18.44
C CYS A 341 -1.33 5.40 17.16
N LEU A 342 -2.66 5.44 17.12
CA LEU A 342 -3.40 5.17 15.89
C LEU A 342 -3.97 6.46 15.34
N SER A 343 -3.82 6.67 14.04
CA SER A 343 -4.28 7.91 13.42
C SER A 343 -5.81 7.95 13.39
N PRO A 344 -6.39 9.15 13.38
CA PRO A 344 -7.86 9.25 13.36
C PRO A 344 -8.50 8.54 12.18
N VAL A 345 -7.86 8.54 11.02
CA VAL A 345 -8.44 7.85 9.87
C VAL A 345 -8.37 6.34 10.05
N GLN A 346 -7.27 5.84 10.62
CA GLN A 346 -7.16 4.41 10.93
C GLN A 346 -8.30 3.97 11.85
N VAL A 347 -8.50 4.70 12.95
CA VAL A 347 -9.55 4.35 13.89
C VAL A 347 -10.90 4.37 13.21
N THR A 348 -11.13 5.36 12.35
CA THR A 348 -12.39 5.41 11.64
C THR A 348 -12.53 4.22 10.70
N ALA A 349 -11.47 3.90 9.96
CA ALA A 349 -11.54 2.81 9.01
C ALA A 349 -11.86 1.49 9.69
N ILE A 350 -11.17 1.18 10.80
CA ILE A 350 -11.34 -0.11 11.41
C ILE A 350 -12.70 -0.21 12.09
N LYS A 351 -13.17 0.88 12.71
CA LYS A 351 -14.50 0.87 13.30
C LYS A 351 -15.56 0.60 12.24
N ARG A 352 -15.38 1.16 11.05
CA ARG A 352 -16.38 0.99 10.00
C ARG A 352 -16.32 -0.41 9.43
N ALA A 353 -15.12 -0.92 9.17
CA ALA A 353 -14.95 -2.30 8.76
C ALA A 353 -15.62 -3.25 9.73
N MET A 354 -15.36 -3.07 11.03
CA MET A 354 -15.88 -3.98 12.05
C MET A 354 -17.39 -3.88 12.22
N ALA A 355 -18.02 -2.77 11.82
CA ALA A 355 -19.46 -2.64 11.97
C ALA A 355 -20.24 -3.49 10.97
N GLY A 356 -19.64 -3.83 9.84
CA GLY A 356 -20.33 -4.61 8.85
C GLY A 356 -21.04 -3.76 7.81
N PRO A 357 -21.31 -4.36 6.66
CA PRO A 357 -21.92 -3.63 5.54
C PRO A 357 -23.40 -3.32 5.74
N VAL A 358 -23.80 -2.17 5.21
CA VAL A 358 -25.20 -1.77 5.08
C VAL A 358 -25.40 -1.29 3.66
N ASN A 359 -26.66 -1.31 3.20
CA ASN A 359 -27.04 -0.67 1.95
C ASN A 359 -27.53 0.76 2.23
N SER A 360 -28.01 1.44 1.19
CA SER A 360 -28.40 2.85 1.34
C SER A 360 -29.54 3.03 2.32
N ALA A 361 -30.45 2.06 2.39
CA ALA A 361 -31.52 2.13 3.37
C ALA A 361 -31.05 1.91 4.79
N GLY A 362 -29.75 1.66 5.01
CA GLY A 362 -29.25 1.35 6.33
C GLY A 362 -29.40 -0.09 6.76
N THR A 363 -29.73 -0.98 5.86
CA THR A 363 -30.06 -2.35 6.24
C THR A 363 -28.79 -3.19 6.35
N PRO A 364 -28.56 -3.87 7.48
CA PRO A 364 -27.36 -4.70 7.62
C PRO A 364 -27.36 -5.82 6.61
N LEU A 365 -26.26 -5.95 5.89
CA LEU A 365 -26.12 -6.99 4.89
C LEU A 365 -25.46 -8.26 5.40
N TYR A 366 -24.68 -8.19 6.47
CA TYR A 366 -24.09 -9.40 7.03
C TYR A 366 -24.20 -9.36 8.55
N ASN A 367 -23.21 -8.80 9.22
CA ASN A 367 -23.22 -8.70 10.68
C ASN A 367 -22.02 -7.87 11.09
N ARG A 368 -21.94 -7.58 12.38
CA ARG A 368 -20.76 -6.92 12.91
C ARG A 368 -19.77 -7.96 13.43
N TRP A 369 -18.58 -7.48 13.77
CA TRP A 369 -17.44 -8.31 14.19
C TRP A 369 -16.99 -7.88 15.58
N ALA A 370 -16.61 -8.86 16.40
CA ALA A 370 -16.18 -8.59 17.76
C ALA A 370 -14.75 -8.06 17.80
N TRP A 371 -14.54 -7.02 18.60
CA TRP A 371 -13.18 -6.67 18.98
C TRP A 371 -12.62 -7.76 19.88
N ASP A 372 -11.38 -8.18 19.61
CA ASP A 372 -10.77 -9.27 20.37
C ASP A 372 -9.26 -9.18 20.24
N ALA A 373 -8.56 -9.73 21.23
CA ALA A 373 -7.12 -9.58 21.27
C ALA A 373 -6.41 -10.36 20.16
N GLY A 374 -7.04 -11.39 19.61
CA GLY A 374 -6.38 -12.14 18.56
C GLY A 374 -6.31 -11.46 17.22
N MET A 375 -6.80 -10.22 17.08
CA MET A 375 -6.53 -9.46 15.87
C MET A 375 -5.04 -9.27 15.67
N SER A 376 -4.25 -9.39 16.73
CA SER A 376 -2.80 -9.43 16.65
C SER A 376 -2.26 -10.46 17.64
N GLY A 377 -1.18 -10.14 18.31
CA GLY A 377 -0.54 -11.12 19.14
C GLY A 377 0.92 -11.21 18.77
N LEU A 378 1.77 -11.39 19.77
CA LEU A 378 3.20 -11.45 19.57
C LEU A 378 3.71 -12.69 20.29
N SER A 379 4.40 -13.55 19.56
CA SER A 379 5.05 -14.72 20.15
C SER A 379 6.49 -14.71 19.69
N GLY A 380 7.42 -14.59 20.63
CA GLY A 380 8.79 -14.39 20.25
C GLY A 380 8.93 -13.04 19.58
N THR A 381 9.50 -13.03 18.38
CA THR A 381 9.57 -11.82 17.57
C THR A 381 8.59 -11.84 16.40
N THR A 382 7.63 -12.75 16.41
CA THR A 382 6.75 -12.97 15.27
C THR A 382 5.35 -12.46 15.58
N TYR A 383 4.88 -11.50 14.79
CA TYR A 383 3.52 -11.01 14.89
C TYR A 383 2.53 -11.98 14.28
N ASN A 384 1.41 -12.17 14.95
CA ASN A 384 0.33 -13.00 14.43
C ASN A 384 -0.18 -12.45 13.10
N GLN A 385 -0.15 -13.27 12.07
CA GLN A 385 -0.71 -12.90 10.77
C GLN A 385 -2.12 -13.45 10.55
N GLY A 386 -2.67 -14.19 11.51
CA GLY A 386 -3.86 -14.97 11.27
C GLY A 386 -5.14 -14.16 11.18
N TRP A 387 -5.13 -12.92 11.64
CA TRP A 387 -6.31 -12.06 11.47
C TRP A 387 -6.17 -11.15 10.26
N ARG A 388 -5.05 -10.46 10.12
CA ARG A 388 -4.90 -9.42 9.11
C ARG A 388 -4.85 -9.95 7.68
N SER A 389 -4.59 -11.24 7.47
CA SER A 389 -4.50 -11.74 6.11
C SER A 389 -5.85 -11.70 5.40
N TRP A 390 -6.94 -11.63 6.14
CA TRP A 390 -8.24 -11.69 5.48
C TRP A 390 -8.64 -10.37 4.86
N TRP A 391 -8.63 -9.28 5.64
CA TRP A 391 -9.07 -7.98 5.15
C TRP A 391 -7.92 -7.09 4.69
N LEU A 392 -6.71 -7.28 5.19
CA LEU A 392 -5.60 -6.38 4.88
C LEU A 392 -4.55 -7.00 3.96
N GLY A 393 -4.12 -8.22 4.23
CA GLY A 393 -2.98 -8.79 3.54
C GLY A 393 -1.68 -8.41 4.23
N SER A 394 -0.59 -8.94 3.68
CA SER A 394 0.72 -8.75 4.27
C SER A 394 1.20 -7.32 4.09
N PHE A 395 1.72 -6.74 5.18
CA PHE A 395 2.22 -5.37 5.13
C PHE A 395 3.42 -5.23 4.21
N ASN A 396 4.33 -6.20 4.25
CA ASN A 396 5.58 -6.06 3.51
C ASN A 396 5.42 -6.49 2.06
N SER A 397 4.43 -5.94 1.37
CA SER A 397 4.17 -6.29 -0.01
C SER A 397 3.88 -5.02 -0.79
N SER A 398 4.20 -5.05 -2.08
CA SER A 398 3.89 -3.93 -2.95
C SER A 398 2.53 -4.08 -3.61
N ALA A 399 1.96 -5.28 -3.58
CA ALA A 399 0.67 -5.55 -4.16
C ALA A 399 -0.35 -5.79 -3.04
N ASN A 400 -1.62 -5.74 -3.42
CA ASN A 400 -2.67 -6.21 -2.53
C ASN A 400 -2.68 -7.73 -2.52
N ASN A 401 -2.85 -8.31 -1.34
CA ASN A 401 -2.97 -9.76 -1.27
C ASN A 401 -3.98 -10.24 -0.24
N ALA A 402 -4.80 -9.36 0.34
CA ALA A 402 -5.83 -9.82 1.26
C ALA A 402 -6.77 -10.81 0.59
N GLN A 403 -7.20 -11.80 1.34
CA GLN A 403 -8.18 -12.76 0.82
C GLN A 403 -9.41 -12.06 0.28
N ARG A 404 -9.81 -10.95 0.89
CA ARG A 404 -11.04 -10.26 0.57
C ARG A 404 -10.85 -9.08 -0.37
N VAL A 405 -9.61 -8.75 -0.73
CA VAL A 405 -9.36 -7.66 -1.65
C VAL A 405 -9.15 -8.22 -3.05
N SER A 406 -8.19 -9.12 -3.20
CA SER A 406 -7.89 -9.71 -4.49
C SER A 406 -7.69 -11.21 -4.43
N GLY A 407 -7.71 -11.81 -3.25
CA GLY A 407 -7.52 -13.23 -3.09
C GLY A 407 -8.75 -14.05 -3.43
N PHE A 408 -8.74 -15.30 -2.97
CA PHE A 408 -9.70 -16.28 -3.43
C PHE A 408 -11.11 -15.96 -2.96
N SER A 409 -11.26 -15.30 -1.82
CA SER A 409 -12.60 -14.97 -1.34
C SER A 409 -13.29 -13.99 -2.28
N ALA A 410 -12.59 -12.95 -2.71
CA ALA A 410 -13.14 -12.00 -3.66
C ALA A 410 -13.41 -12.65 -5.01
N ARG A 411 -12.50 -13.52 -5.45
CA ARG A 411 -12.71 -14.21 -6.71
C ARG A 411 -13.89 -15.16 -6.65
N SER A 412 -14.06 -15.84 -5.50
CA SER A 412 -15.13 -16.81 -5.37
C SER A 412 -16.49 -16.13 -5.37
N TRP A 413 -16.61 -14.97 -4.75
CA TRP A 413 -17.89 -14.28 -4.83
C TRP A 413 -18.24 -13.97 -6.28
N LEU A 414 -17.28 -13.46 -7.04
CA LEU A 414 -17.55 -12.99 -8.38
C LEU A 414 -18.05 -14.11 -9.30
N VAL A 415 -17.44 -15.28 -9.21
CA VAL A 415 -17.69 -16.36 -10.16
C VAL A 415 -18.63 -17.42 -9.61
N ASP A 416 -18.54 -17.67 -8.30
CA ASP A 416 -19.29 -18.76 -7.68
C ASP A 416 -20.62 -18.31 -7.10
N PHE A 417 -20.69 -17.11 -6.52
CA PHE A 417 -21.87 -16.70 -5.77
C PHE A 417 -22.70 -15.63 -6.48
N ALA A 418 -22.10 -14.76 -7.26
CA ALA A 418 -22.89 -13.83 -8.06
C ALA A 418 -23.56 -14.59 -9.21
N THR A 419 -24.87 -14.40 -9.36
CA THR A 419 -25.56 -15.05 -10.45
C THR A 419 -25.91 -13.96 -11.43
N PRO A 420 -25.88 -14.32 -12.71
CA PRO A 420 -24.83 -14.28 -13.73
C PRO A 420 -23.47 -14.19 -13.04
N PRO A 421 -22.66 -15.24 -13.19
CA PRO A 421 -21.26 -15.16 -12.76
C PRO A 421 -20.58 -14.00 -13.46
N GLU A 422 -19.54 -13.47 -12.80
CA GLU A 422 -18.83 -12.30 -13.28
C GLU A 422 -17.34 -12.61 -13.45
N PRO A 423 -16.99 -13.45 -14.42
CA PRO A 423 -15.57 -13.68 -14.70
C PRO A 423 -14.90 -12.45 -15.27
N MET A 424 -13.61 -12.33 -14.99
CA MET A 424 -12.80 -11.17 -15.36
C MET A 424 -11.33 -11.52 -15.19
N PRO A 425 -10.41 -10.69 -15.66
CA PRO A 425 -8.99 -10.95 -15.39
C PRO A 425 -8.68 -10.78 -13.92
N MET A 426 -7.67 -11.53 -13.46
CA MET A 426 -7.34 -11.52 -12.03
C MET A 426 -6.87 -10.15 -11.58
N THR A 427 -6.31 -9.35 -12.49
CA THR A 427 -5.83 -8.03 -12.14
C THR A 427 -6.93 -7.01 -11.93
N GLN A 428 -8.19 -7.35 -12.24
CA GLN A 428 -9.31 -6.45 -12.06
C GLN A 428 -10.10 -6.70 -10.79
N VAL A 429 -9.80 -7.76 -10.04
CA VAL A 429 -10.64 -8.16 -8.91
C VAL A 429 -10.63 -7.11 -7.82
N ALA A 430 -9.44 -6.63 -7.44
CA ALA A 430 -9.36 -5.62 -6.40
C ALA A 430 -10.14 -4.36 -6.78
N ALA A 431 -10.02 -3.93 -8.03
CA ALA A 431 -10.81 -2.78 -8.49
C ALA A 431 -12.30 -3.07 -8.36
N ARG A 432 -12.72 -4.30 -8.67
CA ARG A 432 -14.13 -4.63 -8.60
C ARG A 432 -14.66 -4.53 -7.18
N MET A 433 -13.86 -4.92 -6.18
CA MET A 433 -14.26 -4.76 -4.79
C MET A 433 -14.30 -3.28 -4.39
N MET A 434 -13.37 -2.48 -4.91
CA MET A 434 -13.38 -1.05 -4.62
C MET A 434 -14.61 -0.36 -5.22
N LYS A 435 -15.17 -0.91 -6.30
CA LYS A 435 -16.32 -0.33 -6.97
C LYS A 435 -17.63 -1.02 -6.65
N PHE A 436 -17.61 -2.02 -5.80
CA PHE A 436 -18.80 -2.76 -5.38
C PHE A 436 -19.92 -1.84 -4.92
N ASP A 437 -21.12 -2.05 -5.44
CA ASP A 437 -22.27 -1.24 -5.12
C ASP A 437 -23.14 -1.98 -4.12
N PHE A 438 -23.34 -1.40 -2.95
CA PHE A 438 -23.98 -2.16 -1.88
C PHE A 438 -25.50 -2.18 -1.99
N ASP A 439 -26.07 -1.49 -2.98
CA ASP A 439 -27.49 -1.62 -3.27
C ASP A 439 -27.76 -2.58 -4.42
N ILE A 440 -26.82 -2.70 -5.35
CA ILE A 440 -27.04 -3.51 -6.54
C ILE A 440 -26.45 -4.90 -6.36
N ASP A 441 -25.16 -4.96 -6.05
CA ASP A 441 -24.43 -6.22 -6.05
C ASP A 441 -24.92 -7.23 -5.02
N PRO A 442 -25.25 -6.86 -3.80
CA PRO A 442 -25.76 -7.87 -2.86
C PRO A 442 -26.97 -8.63 -3.36
N LEU A 443 -27.77 -8.07 -4.27
CA LEU A 443 -28.91 -8.79 -4.80
C LEU A 443 -28.50 -10.02 -5.60
N LYS A 444 -27.27 -10.05 -6.09
CA LYS A 444 -26.86 -11.11 -7.00
C LYS A 444 -26.70 -12.46 -6.31
N ILE A 445 -26.59 -12.49 -4.98
CA ILE A 445 -26.54 -13.78 -4.29
C ILE A 445 -27.93 -14.37 -4.10
N TRP A 446 -28.99 -13.62 -4.39
CA TRP A 446 -30.36 -14.10 -4.31
C TRP A 446 -30.99 -14.34 -5.68
N ALA A 447 -30.28 -14.02 -6.74
CA ALA A 447 -30.82 -13.98 -8.07
C ALA A 447 -30.63 -15.31 -8.78
N THR A 448 -31.53 -15.61 -9.70
CA THR A 448 -31.34 -16.67 -10.67
C THR A 448 -31.23 -16.04 -12.04
N SER A 449 -30.71 -16.82 -13.00
CA SER A 449 -30.53 -16.32 -14.35
C SER A 449 -30.17 -17.43 -15.31
N GLY A 450 -30.92 -17.54 -16.40
CA GLY A 450 -30.67 -18.54 -17.42
C GLY A 450 -30.61 -19.92 -16.83
N GLN A 451 -29.53 -20.62 -17.10
CA GLN A 451 -29.39 -21.98 -16.60
C GLN A 451 -28.98 -22.03 -15.13
N PHE A 452 -28.66 -20.91 -14.51
CA PHE A 452 -28.42 -20.86 -13.07
C PHE A 452 -29.80 -20.75 -12.41
N THR A 453 -30.38 -21.90 -12.16
CA THR A 453 -31.76 -22.02 -11.72
C THR A 453 -31.94 -21.91 -10.21
N GLN A 454 -30.86 -21.89 -9.44
CA GLN A 454 -30.92 -21.65 -8.01
C GLN A 454 -29.97 -20.51 -7.69
N SER A 455 -30.31 -19.74 -6.65
CA SER A 455 -29.39 -18.70 -6.20
C SER A 455 -28.30 -19.32 -5.35
N SER A 456 -27.18 -18.62 -5.20
CA SER A 456 -26.12 -19.15 -4.34
C SER A 456 -26.56 -19.23 -2.88
N MET A 457 -27.49 -18.37 -2.45
CA MET A 457 -28.05 -18.58 -1.12
C MET A 457 -28.90 -19.84 -1.08
N ASP A 458 -29.57 -20.19 -2.19
CA ASP A 458 -30.32 -21.45 -2.27
C ASP A 458 -29.41 -22.66 -2.12
N TRP A 459 -28.32 -22.73 -2.88
CA TRP A 459 -27.53 -23.95 -2.87
C TRP A 459 -26.40 -23.96 -1.85
N HIS A 460 -25.81 -22.81 -1.56
CA HIS A 460 -24.72 -22.75 -0.61
C HIS A 460 -25.13 -22.35 0.80
N GLY A 461 -26.21 -21.59 0.95
CA GLY A 461 -26.59 -21.12 2.27
C GLY A 461 -27.15 -22.22 3.14
N ALA A 462 -26.93 -22.09 4.46
CA ALA A 462 -27.44 -23.04 5.43
C ALA A 462 -27.94 -22.24 6.64
N THR A 463 -29.01 -21.49 6.44
CA THR A 463 -29.50 -20.56 7.44
C THR A 463 -30.72 -21.08 8.19
N SER A 464 -31.18 -22.29 7.90
CA SER A 464 -32.41 -22.77 8.50
C SER A 464 -32.21 -23.11 9.97
N THR A 465 -33.16 -22.69 10.80
CA THR A 465 -33.21 -23.10 12.18
C THR A 465 -34.15 -24.27 12.41
N ASP A 466 -34.70 -24.84 11.35
CA ASP A 466 -35.52 -26.04 11.50
C ASP A 466 -34.61 -27.27 11.58
N LEU A 467 -34.19 -27.59 12.80
CA LEU A 467 -33.39 -28.77 13.07
C LEU A 467 -34.18 -29.85 13.78
N ALA A 468 -35.52 -29.80 13.72
CA ALA A 468 -36.31 -30.72 14.53
C ALA A 468 -36.11 -32.17 14.12
N ALA A 469 -36.12 -32.44 12.82
CA ALA A 469 -35.92 -33.82 12.37
C ALA A 469 -34.59 -34.37 12.87
N PHE A 470 -33.54 -33.54 12.83
CA PHE A 470 -32.21 -33.95 13.27
C PHE A 470 -32.20 -34.23 14.76
N ARG A 471 -32.67 -33.27 15.56
CA ARG A 471 -32.77 -33.46 17.02
C ARG A 471 -33.58 -34.70 17.37
N ASP A 472 -34.72 -34.90 16.72
CA ASP A 472 -35.64 -35.92 17.19
C ASP A 472 -35.26 -37.34 16.79
N ARG A 473 -34.32 -37.52 15.89
CA ARG A 473 -33.73 -38.83 15.67
C ARG A 473 -32.46 -39.03 16.48
N GLY A 474 -32.15 -38.13 17.39
CA GLY A 474 -30.98 -38.27 18.23
C GLY A 474 -29.76 -37.48 17.82
N GLY A 475 -29.87 -36.61 16.83
CA GLY A 475 -28.72 -35.89 16.36
C GLY A 475 -28.20 -34.89 17.37
N LYS A 476 -26.90 -34.70 17.37
CA LYS A 476 -26.25 -33.75 18.25
C LYS A 476 -25.30 -32.91 17.41
N MET A 477 -25.20 -31.63 17.73
CA MET A 477 -24.31 -30.75 16.99
C MET A 477 -23.49 -29.93 17.95
N ILE A 478 -22.17 -29.94 17.74
CA ILE A 478 -21.26 -29.05 18.45
C ILE A 478 -20.76 -28.01 17.46
N LEU A 479 -21.04 -26.75 17.75
CA LEU A 479 -20.49 -25.63 17.01
C LEU A 479 -19.35 -25.01 17.80
N TYR A 480 -18.36 -24.51 17.07
CA TYR A 480 -17.34 -23.69 17.69
C TYR A 480 -16.92 -22.60 16.72
N HIS A 481 -16.33 -21.54 17.29
CA HIS A 481 -15.92 -20.41 16.49
C HIS A 481 -14.90 -19.63 17.29
N GLY A 482 -13.78 -19.29 16.65
CA GLY A 482 -12.82 -18.42 17.29
C GLY A 482 -13.24 -16.97 17.17
N MET A 483 -12.99 -16.20 18.23
CA MET A 483 -13.48 -14.83 18.32
C MET A 483 -12.75 -13.89 17.36
N SER A 484 -11.50 -14.15 17.05
CA SER A 484 -10.72 -13.33 16.12
C SER A 484 -10.69 -13.93 14.72
N ASP A 485 -11.75 -14.64 14.35
CA ASP A 485 -11.93 -15.11 12.99
C ASP A 485 -12.34 -13.94 12.10
N ALA A 486 -11.54 -13.63 11.08
CA ALA A 486 -11.82 -12.57 10.13
C ALA A 486 -12.44 -13.10 8.83
N ALA A 487 -12.59 -14.42 8.70
CA ALA A 487 -13.30 -14.96 7.55
C ALA A 487 -14.80 -14.95 7.76
N PHE A 488 -15.26 -15.42 8.92
CA PHE A 488 -16.67 -15.43 9.30
C PHE A 488 -16.80 -14.92 10.72
N SER A 489 -17.83 -14.13 10.97
CA SER A 489 -17.95 -13.46 12.25
C SER A 489 -18.50 -14.43 13.30
N ALA A 490 -17.73 -14.62 14.37
CA ALA A 490 -18.22 -15.42 15.50
C ALA A 490 -19.54 -14.88 16.03
N LEU A 491 -19.70 -13.56 16.04
CA LEU A 491 -20.97 -13.00 16.48
C LEU A 491 -22.11 -13.45 15.59
N ASP A 492 -21.86 -13.65 14.30
CA ASP A 492 -22.91 -14.12 13.40
C ASP A 492 -23.28 -15.57 13.68
N THR A 493 -22.30 -16.42 14.04
CA THR A 493 -22.64 -17.74 14.55
C THR A 493 -23.44 -17.64 15.84
N ALA A 494 -23.04 -16.76 16.75
CA ALA A 494 -23.82 -16.57 17.97
C ALA A 494 -25.25 -16.14 17.65
N ASP A 495 -25.45 -15.33 16.62
CA ASP A 495 -26.81 -14.91 16.30
C ASP A 495 -27.62 -16.06 15.72
N TYR A 496 -27.01 -16.88 14.86
CA TYR A 496 -27.66 -18.11 14.44
C TYR A 496 -28.09 -18.96 15.62
N TYR A 497 -27.21 -19.12 16.61
CA TYR A 497 -27.54 -19.97 17.74
C TYR A 497 -28.67 -19.37 18.60
N GLU A 498 -28.75 -18.04 18.72
CA GLU A 498 -29.87 -17.42 19.43
C GLU A 498 -31.18 -17.68 18.69
N ARG A 499 -31.14 -17.58 17.36
CA ARG A 499 -32.33 -17.87 16.57
C ARG A 499 -32.73 -19.32 16.70
N LEU A 500 -31.75 -20.22 16.72
CA LEU A 500 -32.04 -21.63 16.96
C LEU A 500 -32.70 -21.84 18.32
N GLY A 501 -32.13 -21.22 19.36
CA GLY A 501 -32.71 -21.34 20.68
C GLY A 501 -34.13 -20.83 20.75
N ALA A 502 -34.43 -19.75 20.04
CA ALA A 502 -35.78 -19.21 20.00
C ALA A 502 -36.74 -20.12 19.23
N ALA A 503 -36.30 -20.62 18.07
CA ALA A 503 -37.15 -21.49 17.24
C ALA A 503 -37.38 -22.86 17.89
N MET A 504 -36.45 -23.32 18.71
CA MET A 504 -36.47 -24.69 19.21
C MET A 504 -36.14 -24.65 20.68
N PRO A 505 -37.11 -24.34 21.53
CA PRO A 505 -36.84 -24.24 22.97
C PRO A 505 -36.19 -25.50 23.51
N GLY A 506 -35.24 -25.33 24.42
CA GLY A 506 -34.48 -26.44 24.93
C GLY A 506 -33.36 -26.91 24.02
N ALA A 507 -32.92 -26.07 23.08
CA ALA A 507 -32.00 -26.49 22.04
C ALA A 507 -30.67 -26.97 22.60
N ALA A 508 -30.28 -26.51 23.78
CA ALA A 508 -29.03 -26.90 24.41
C ALA A 508 -28.98 -28.40 24.70
N GLY A 509 -30.13 -29.09 24.68
CA GLY A 509 -30.19 -30.54 24.75
C GLY A 509 -29.62 -31.26 23.53
N PHE A 510 -29.52 -30.59 22.39
CA PHE A 510 -28.93 -31.26 21.23
C PHE A 510 -27.91 -30.44 20.48
N ALA A 511 -27.76 -29.15 20.77
CA ALA A 511 -26.85 -28.29 20.03
C ALA A 511 -26.25 -27.29 20.99
N ARG A 512 -24.92 -27.22 21.03
CA ARG A 512 -24.23 -26.24 21.86
C ARG A 512 -23.11 -25.59 21.06
N LEU A 513 -22.86 -24.33 21.40
CA LEU A 513 -21.88 -23.49 20.74
C LEU A 513 -20.78 -23.16 21.72
N PHE A 514 -19.55 -23.23 21.23
CA PHE A 514 -18.33 -23.04 22.02
C PHE A 514 -17.49 -21.99 21.33
N LEU A 515 -17.57 -20.75 21.81
CA LEU A 515 -16.75 -19.69 21.26
C LEU A 515 -15.36 -19.77 21.87
N VAL A 516 -14.35 -19.49 21.07
CA VAL A 516 -12.97 -19.55 21.56
C VAL A 516 -12.31 -18.17 21.53
N PRO A 517 -12.11 -17.54 22.68
CA PRO A 517 -11.44 -16.23 22.72
C PRO A 517 -10.03 -16.28 22.17
N GLY A 518 -9.66 -15.25 21.42
CA GLY A 518 -8.33 -15.12 20.87
C GLY A 518 -8.05 -15.99 19.66
N MET A 519 -8.87 -16.99 19.36
CA MET A 519 -8.61 -17.88 18.25
C MET A 519 -8.93 -17.22 16.91
N ASN A 520 -8.10 -17.52 15.91
CA ASN A 520 -8.33 -17.01 14.56
C ASN A 520 -9.19 -17.98 13.75
N HIS A 521 -8.97 -18.05 12.44
CA HIS A 521 -9.84 -18.84 11.58
C HIS A 521 -9.48 -20.32 11.67
N CYS A 522 -10.34 -21.11 12.30
CA CYS A 522 -10.17 -22.54 12.53
C CYS A 522 -8.97 -22.93 13.42
N SER A 523 -7.96 -22.08 13.55
CA SER A 523 -6.79 -22.39 14.36
C SER A 523 -5.94 -21.14 14.52
N GLY A 524 -4.93 -21.23 15.37
CA GLY A 524 -3.96 -20.17 15.55
C GLY A 524 -4.46 -19.04 16.43
N GLY A 525 -3.54 -18.15 16.78
CA GLY A 525 -3.82 -16.99 17.59
C GLY A 525 -3.66 -17.19 19.09
N PRO A 526 -3.70 -16.07 19.86
CA PRO A 526 -3.54 -16.08 21.32
C PRO A 526 -4.77 -16.62 22.06
N GLY A 527 -5.00 -17.91 21.96
CA GLY A 527 -6.12 -18.57 22.59
C GLY A 527 -5.89 -20.07 22.65
N THR A 528 -6.82 -20.76 23.31
CA THR A 528 -6.73 -22.21 23.41
C THR A 528 -7.42 -22.81 22.18
N ASP A 529 -6.65 -22.90 21.10
CA ASP A 529 -7.19 -23.28 19.80
C ASP A 529 -7.11 -24.78 19.49
N ARG A 530 -6.64 -25.63 20.38
CA ARG A 530 -6.55 -27.06 20.10
C ARG A 530 -7.49 -27.84 21.01
N PHE A 531 -8.16 -28.83 20.44
CA PHE A 531 -9.15 -29.59 21.17
C PHE A 531 -9.56 -30.83 20.40
N ASP A 532 -10.00 -31.83 21.14
CA ASP A 532 -10.55 -33.06 20.60
C ASP A 532 -12.06 -32.94 20.65
N MET A 533 -12.67 -32.55 19.53
CA MET A 533 -14.12 -32.45 19.47
C MET A 533 -14.81 -33.80 19.29
N LEU A 534 -14.11 -34.79 18.74
CA LEU A 534 -14.76 -36.05 18.40
C LEU A 534 -15.17 -36.83 19.64
N THR A 535 -14.28 -36.94 20.63
CA THR A 535 -14.63 -37.67 21.84
C THR A 535 -15.88 -37.12 22.54
N PRO A 536 -16.03 -35.82 22.81
CA PRO A 536 -17.31 -35.35 23.38
C PRO A 536 -18.48 -35.52 22.44
N LEU A 537 -18.27 -35.43 21.13
CA LEU A 537 -19.37 -35.64 20.19
C LEU A 537 -19.91 -37.06 20.28
N VAL A 538 -19.02 -38.07 20.28
CA VAL A 538 -19.45 -39.45 20.42
C VAL A 538 -20.18 -39.65 21.74
N ALA A 539 -19.65 -39.08 22.82
CA ALA A 539 -20.31 -39.22 24.12
C ALA A 539 -21.73 -38.64 24.10
N TRP A 540 -21.91 -37.50 23.45
CA TRP A 540 -23.24 -36.91 23.39
C TRP A 540 -24.21 -37.78 22.63
N VAL A 541 -23.83 -38.18 21.41
CA VAL A 541 -24.69 -38.97 20.54
C VAL A 541 -25.03 -40.31 21.18
N GLU A 542 -24.05 -40.98 21.76
CA GLU A 542 -24.25 -42.37 22.11
C GLU A 542 -24.60 -42.59 23.57
N ARG A 543 -24.27 -41.66 24.46
CA ARG A 543 -24.59 -41.77 25.87
C ARG A 543 -25.50 -40.66 26.36
N GLY A 544 -25.90 -39.74 25.50
CA GLY A 544 -26.68 -38.60 25.93
C GLY A 544 -25.94 -37.67 26.85
N GLU A 545 -24.62 -37.73 26.85
CA GLU A 545 -23.83 -36.89 27.76
C GLU A 545 -23.47 -35.61 27.03
N ALA A 546 -24.18 -34.54 27.36
CA ALA A 546 -23.94 -33.24 26.76
C ALA A 546 -22.62 -32.65 27.27
N PRO A 547 -21.87 -32.00 26.41
CA PRO A 547 -20.64 -31.32 26.87
C PRO A 547 -20.93 -30.06 27.67
N ASP A 548 -20.72 -30.14 28.98
CA ASP A 548 -20.82 -28.96 29.82
C ASP A 548 -19.57 -28.10 29.75
N GLN A 549 -18.48 -28.66 29.28
CA GLN A 549 -17.25 -27.96 28.93
C GLN A 549 -16.46 -28.87 27.98
N ILE A 550 -15.50 -28.27 27.29
CA ILE A 550 -14.65 -28.98 26.34
C ILE A 550 -13.22 -28.50 26.58
N SER A 551 -12.35 -29.42 26.98
CA SER A 551 -10.97 -29.07 27.28
C SER A 551 -10.25 -28.60 26.03
N ALA A 552 -9.44 -27.56 26.19
CA ALA A 552 -8.68 -27.04 25.08
C ALA A 552 -7.32 -26.57 25.57
N TRP A 553 -6.40 -26.41 24.63
CA TRP A 553 -5.09 -25.90 24.97
C TRP A 553 -4.56 -25.06 23.83
N SER A 554 -3.55 -24.27 24.13
CA SER A 554 -3.00 -23.34 23.16
C SER A 554 -1.91 -23.98 22.33
N GLY A 555 -2.01 -23.81 21.01
CA GLY A 555 -0.99 -24.27 20.10
C GLY A 555 0.23 -23.39 20.06
N THR A 556 0.09 -22.14 20.50
CA THR A 556 1.19 -21.17 20.59
C THR A 556 1.12 -20.51 21.95
N PRO A 557 1.39 -21.25 23.03
CA PRO A 557 1.36 -20.62 24.36
C PRO A 557 2.38 -19.51 24.52
N GLY A 558 3.30 -19.36 23.56
CA GLY A 558 4.20 -18.22 23.53
C GLY A 558 3.52 -16.87 23.43
N TYR A 559 2.28 -16.82 22.94
CA TYR A 559 1.56 -15.55 22.92
C TYR A 559 1.37 -15.02 24.33
N PHE A 560 1.40 -15.90 25.32
CA PHE A 560 1.28 -15.51 26.72
C PHE A 560 2.60 -15.62 27.48
N GLY A 561 3.70 -15.88 26.79
CA GLY A 561 4.97 -16.06 27.46
C GLY A 561 5.05 -17.24 28.41
N VAL A 562 4.23 -18.26 28.20
CA VAL A 562 4.25 -19.45 29.04
C VAL A 562 4.52 -20.66 28.14
N ALA A 563 4.80 -21.79 28.78
CA ALA A 563 5.12 -23.01 28.04
C ALA A 563 3.89 -23.79 27.61
N ALA A 564 2.75 -23.55 28.25
CA ALA A 564 1.51 -24.30 28.01
C ALA A 564 0.37 -23.56 28.66
N ARG A 565 -0.81 -23.65 28.08
CA ARG A 565 -2.02 -23.10 28.68
C ARG A 565 -3.20 -23.96 28.29
N THR A 566 -3.89 -24.49 29.28
CA THR A 566 -5.12 -25.24 29.08
C THR A 566 -6.26 -24.51 29.78
N ARG A 567 -7.43 -24.53 29.14
CA ARG A 567 -8.62 -23.83 29.57
C ARG A 567 -9.83 -24.64 29.15
N PRO A 568 -10.94 -24.52 29.87
CA PRO A 568 -12.19 -25.06 29.34
C PRO A 568 -12.79 -24.10 28.32
N LEU A 569 -13.32 -24.69 27.26
CA LEU A 569 -14.30 -24.04 26.40
C LEU A 569 -15.68 -24.25 27.02
N CYS A 570 -16.51 -23.22 26.94
CA CYS A 570 -17.75 -23.18 27.69
C CYS A 570 -18.95 -23.03 26.75
N PRO A 571 -20.03 -23.75 27.01
CA PRO A 571 -21.19 -23.68 26.12
C PRO A 571 -21.87 -22.32 26.24
N TYR A 572 -22.12 -21.71 25.08
CA TYR A 572 -22.86 -20.43 24.99
C TYR A 572 -24.11 -20.46 25.87
N PRO A 573 -24.32 -19.38 26.65
CA PRO A 573 -23.54 -18.15 26.70
C PRO A 573 -22.51 -18.09 27.83
N GLN A 574 -22.15 -19.24 28.40
CA GLN A 574 -21.18 -19.24 29.49
C GLN A 574 -19.78 -18.88 28.99
N ILE A 575 -18.93 -18.51 29.94
CA ILE A 575 -17.54 -18.18 29.68
C ILE A 575 -16.68 -18.81 30.77
N ALA A 576 -15.39 -18.92 30.49
CA ALA A 576 -14.46 -19.52 31.42
C ALA A 576 -14.16 -18.55 32.55
N ARG A 577 -14.24 -19.03 33.78
CA ARG A 577 -14.09 -18.18 34.95
C ARG A 577 -13.01 -18.78 35.86
N TYR A 578 -11.98 -17.99 36.15
CA TYR A 578 -10.95 -18.39 37.08
C TYR A 578 -11.53 -18.52 38.48
N LYS A 579 -11.19 -19.62 39.15
CA LYS A 579 -11.72 -19.88 40.48
C LYS A 579 -11.03 -19.08 41.57
N GLY A 580 -9.96 -18.37 41.29
CA GLY A 580 -9.37 -17.48 42.25
C GLY A 580 -8.04 -17.91 42.80
N SER A 581 -7.60 -19.15 42.55
CA SER A 581 -6.32 -19.62 43.06
C SER A 581 -5.78 -20.72 42.15
N GLY A 582 -4.47 -20.91 42.21
CA GLY A 582 -3.80 -21.91 41.42
C GLY A 582 -3.29 -21.36 40.10
N ASP A 583 -2.53 -22.21 39.40
CA ASP A 583 -1.91 -21.82 38.14
C ASP A 583 -2.94 -21.31 37.15
N ILE A 584 -2.67 -20.12 36.62
CA ILE A 584 -3.53 -19.46 35.64
C ILE A 584 -3.50 -20.17 34.29
N ASN A 585 -2.51 -21.05 34.09
CA ASN A 585 -2.37 -21.74 32.83
C ASN A 585 -2.96 -23.14 32.84
N THR A 586 -3.74 -23.47 33.86
CA THR A 586 -4.17 -24.84 34.10
C THR A 586 -5.68 -24.91 34.15
N GLU A 587 -6.25 -25.80 33.34
CA GLU A 587 -7.69 -25.74 33.12
C GLU A 587 -8.47 -26.11 34.38
N ALA A 588 -7.87 -26.88 35.29
CA ALA A 588 -8.58 -27.32 36.48
C ALA A 588 -8.96 -26.16 37.39
N ASN A 589 -8.27 -25.03 37.27
CA ASN A 589 -8.55 -23.86 38.08
C ASN A 589 -9.60 -22.94 37.47
N PHE A 590 -10.35 -23.44 36.48
CA PHE A 590 -11.36 -22.66 35.76
C PHE A 590 -12.67 -23.44 35.75
N ALA A 591 -13.78 -22.70 35.74
CA ALA A 591 -15.10 -23.28 35.59
C ALA A 591 -15.88 -22.47 34.57
N CYS A 592 -16.90 -23.09 34.01
CA CYS A 592 -17.77 -22.42 33.07
C CYS A 592 -18.92 -21.80 33.84
N ALA A 593 -19.17 -20.52 33.62
CA ALA A 593 -20.20 -19.79 34.35
C ALA A 593 -20.59 -18.55 33.57
N ALA A 594 -21.56 -17.81 34.10
CA ALA A 594 -21.90 -16.52 33.55
C ALA A 594 -20.71 -15.55 33.69
N PRO A 595 -20.69 -14.49 32.89
CA PRO A 595 -19.61 -13.48 33.01
C PRO A 595 -19.60 -12.68 34.31
N VAL B 36 41.30 53.62 -20.90
CA VAL B 36 41.82 52.32 -20.50
C VAL B 36 41.41 51.80 -19.10
N PRO B 37 41.19 52.66 -18.09
CA PRO B 37 40.82 52.12 -16.77
C PRO B 37 39.52 51.34 -16.83
N LEU B 38 39.50 50.21 -16.13
CA LEU B 38 38.34 49.34 -16.11
C LEU B 38 37.17 50.00 -15.37
N ALA B 39 35.95 49.61 -15.75
CA ALA B 39 34.72 50.04 -15.07
C ALA B 39 34.62 51.56 -15.00
N SER B 40 35.05 52.24 -16.03
CA SER B 40 35.17 53.68 -16.02
C SER B 40 34.39 54.31 -17.17
N ARG B 41 34.19 55.62 -17.07
CA ARG B 41 33.51 56.35 -18.13
C ARG B 41 34.24 56.19 -19.47
N ALA B 42 35.57 56.27 -19.45
CA ALA B 42 36.34 56.00 -20.67
C ALA B 42 36.08 54.60 -21.20
N ALA B 43 36.07 53.60 -20.33
CA ALA B 43 35.82 52.23 -20.77
C ALA B 43 34.40 52.06 -21.30
N CYS B 44 33.45 52.72 -20.66
CA CYS B 44 32.08 52.72 -21.17
C CYS B 44 32.03 53.26 -22.59
N GLU B 45 32.61 54.44 -22.81
CA GLU B 45 32.45 55.07 -24.10
C GLU B 45 33.20 54.33 -25.19
N ALA B 46 34.30 53.65 -24.84
CA ALA B 46 35.03 52.85 -25.81
C ALA B 46 34.22 51.69 -26.36
N LEU B 47 33.08 51.35 -25.76
CA LEU B 47 32.32 50.21 -26.25
C LEU B 47 31.59 50.51 -27.54
N LYS B 48 31.53 51.78 -27.94
CA LYS B 48 30.83 52.13 -29.16
C LYS B 48 31.69 51.98 -30.41
N ASP B 49 33.01 51.94 -30.27
CA ASP B 49 33.95 51.79 -31.40
C ASP B 49 33.62 52.69 -32.59
N ASP B 53 37.31 47.51 -31.64
CA ASP B 53 38.13 47.47 -30.44
C ASP B 53 37.55 46.52 -29.37
N MET B 54 36.27 46.68 -29.08
CA MET B 54 35.49 45.65 -28.41
C MET B 54 35.11 44.59 -29.44
N VAL B 55 35.14 43.33 -29.05
CA VAL B 55 34.81 42.25 -29.98
C VAL B 55 33.57 41.54 -29.49
N TRP B 56 32.51 41.65 -30.23
CA TRP B 56 31.23 41.04 -29.92
C TRP B 56 31.19 39.60 -30.42
N PRO B 57 30.52 38.72 -29.69
CA PRO B 57 30.40 37.34 -30.18
C PRO B 57 29.64 37.22 -31.48
N ASN B 58 28.68 38.10 -31.75
CA ASN B 58 28.03 38.15 -33.04
C ASN B 58 28.59 39.34 -33.81
N ALA B 59 29.21 39.07 -34.96
CA ALA B 59 29.86 40.14 -35.71
C ALA B 59 28.87 41.19 -36.21
N ALA B 60 27.58 40.87 -36.24
CA ALA B 60 26.55 41.80 -36.67
C ALA B 60 25.93 42.58 -35.49
N THR B 61 26.73 42.89 -34.47
CA THR B 61 26.32 43.73 -33.35
C THR B 61 26.67 45.18 -33.66
N VAL B 62 25.70 46.08 -33.51
CA VAL B 62 25.90 47.52 -33.66
C VAL B 62 25.48 48.17 -32.36
N VAL B 63 26.38 48.87 -31.69
CA VAL B 63 25.98 49.60 -30.51
C VAL B 63 25.68 51.04 -30.92
N GLU B 64 24.48 51.48 -30.59
CA GLU B 64 24.02 52.82 -30.89
C GLU B 64 24.26 53.78 -29.73
N VAL B 65 24.21 53.30 -28.50
CA VAL B 65 24.40 54.13 -27.31
C VAL B 65 25.39 53.45 -26.38
N ALA B 66 26.40 54.21 -25.95
CA ALA B 66 27.26 53.81 -24.83
C ALA B 66 27.51 55.07 -24.02
N ALA B 67 26.74 55.26 -22.94
CA ALA B 67 26.72 56.52 -22.22
C ALA B 67 26.86 56.29 -20.71
N TRP B 68 27.68 57.11 -20.08
CA TRP B 68 27.83 57.12 -18.63
C TRP B 68 26.62 57.79 -17.97
N ARG B 69 26.03 57.12 -16.98
CA ARG B 69 24.84 57.60 -16.29
C ARG B 69 25.14 57.86 -14.83
N ASP B 70 24.91 59.09 -14.38
CA ASP B 70 25.03 59.42 -12.97
C ASP B 70 24.07 58.58 -12.14
N ALA B 71 24.42 58.37 -10.87
CA ALA B 71 23.50 57.75 -9.93
C ALA B 71 22.17 58.49 -9.87
N ALA B 72 21.09 57.73 -9.82
CA ALA B 72 19.75 58.27 -9.68
C ALA B 72 19.24 58.07 -8.26
N PRO B 73 18.76 59.12 -7.60
CA PRO B 73 18.20 58.94 -6.26
C PRO B 73 16.94 58.09 -6.27
N ALA B 74 16.65 57.50 -5.11
CA ALA B 74 15.39 56.81 -4.92
C ALA B 74 14.20 57.74 -5.19
N THR B 75 13.10 57.16 -5.65
CA THR B 75 11.84 57.86 -5.83
C THR B 75 10.78 57.19 -4.99
N ALA B 76 9.54 57.66 -5.12
CA ALA B 76 8.48 57.02 -4.36
C ALA B 76 8.21 55.62 -4.85
N SER B 77 8.61 55.30 -6.08
CA SER B 77 8.29 54.02 -6.68
C SER B 77 9.50 53.23 -7.18
N ALA B 78 10.73 53.68 -6.92
CA ALA B 78 11.90 52.95 -7.38
C ALA B 78 13.09 53.18 -6.47
N ALA B 79 13.83 52.10 -6.20
CA ALA B 79 15.09 52.18 -5.48
C ALA B 79 16.13 52.99 -6.25
N ALA B 80 17.06 53.59 -5.52
CA ALA B 80 18.14 54.36 -6.12
C ALA B 80 18.97 53.49 -7.06
N LEU B 81 19.45 54.10 -8.14
CA LEU B 81 20.23 53.41 -9.16
C LEU B 81 21.68 53.88 -9.10
N PRO B 82 22.66 53.00 -8.94
CA PRO B 82 24.06 53.43 -8.97
C PRO B 82 24.48 54.00 -10.31
N GLU B 83 25.52 54.81 -10.26
CA GLU B 83 26.27 55.24 -11.43
C GLU B 83 26.66 54.02 -12.27
N HIS B 84 26.49 54.13 -13.59
CA HIS B 84 26.63 52.94 -14.42
C HIS B 84 26.85 53.34 -15.87
N CYS B 85 27.33 52.36 -16.63
CA CYS B 85 27.44 52.45 -18.08
C CYS B 85 26.19 51.87 -18.72
N GLU B 86 25.56 52.63 -19.61
CA GLU B 86 24.42 52.14 -20.37
C GLU B 86 24.87 51.87 -21.80
N VAL B 87 24.66 50.65 -22.28
CA VAL B 87 24.95 50.29 -23.67
C VAL B 87 23.67 49.76 -24.31
N SER B 88 23.29 50.32 -25.45
CA SER B 88 22.14 49.78 -26.16
C SER B 88 22.47 49.69 -27.64
N GLY B 89 21.81 48.76 -28.30
CA GLY B 89 22.06 48.56 -29.71
C GLY B 89 21.30 47.37 -30.25
N ALA B 90 21.78 46.82 -31.34
CA ALA B 90 21.00 45.81 -32.04
C ALA B 90 21.91 44.75 -32.65
N ILE B 91 21.35 43.57 -32.81
CA ILE B 91 22.09 42.43 -33.33
C ILE B 91 21.35 41.91 -34.55
N ALA B 92 22.10 41.70 -35.63
CA ALA B 92 21.62 40.96 -36.81
C ALA B 92 20.48 41.68 -37.52
N LYS B 93 20.67 42.97 -37.77
CA LYS B 93 19.76 43.73 -38.62
C LYS B 93 19.63 43.06 -39.97
N ARG B 94 18.40 42.91 -40.44
CA ARG B 94 18.11 42.17 -41.67
C ARG B 94 16.73 42.56 -42.16
N THR B 95 16.35 42.02 -43.31
CA THR B 95 14.99 42.13 -43.82
C THR B 95 14.35 40.74 -43.83
N GLY B 96 13.16 40.65 -43.24
CA GLY B 96 12.42 39.41 -43.24
C GLY B 96 11.81 39.11 -44.59
N ILE B 97 11.28 37.89 -44.73
CA ILE B 97 10.68 37.48 -46.00
C ILE B 97 9.33 38.14 -46.25
N ASP B 98 8.81 38.85 -45.25
CA ASP B 98 7.64 39.70 -45.38
C ASP B 98 8.00 41.12 -45.83
N GLY B 99 9.28 41.40 -46.08
CA GLY B 99 9.73 42.73 -46.43
C GLY B 99 9.96 43.68 -45.28
N TYR B 100 9.69 43.28 -44.08
CA TYR B 100 9.87 44.14 -42.93
C TYR B 100 11.29 44.07 -42.38
N PRO B 101 11.77 45.12 -41.74
CA PRO B 101 13.06 45.03 -41.04
C PRO B 101 12.91 44.31 -39.71
N TYR B 102 13.97 43.59 -39.34
CA TYR B 102 14.05 42.91 -38.06
C TYR B 102 15.44 43.10 -37.47
N GLU B 103 15.50 43.12 -36.14
CA GLU B 103 16.76 43.13 -35.43
C GLU B 103 16.48 42.75 -33.99
N ILE B 104 17.52 42.26 -33.33
CA ILE B 104 17.44 41.90 -31.92
C ILE B 104 18.05 43.05 -31.14
N LYS B 105 17.20 43.83 -30.49
CA LYS B 105 17.66 44.97 -29.69
C LYS B 105 18.05 44.52 -28.28
N PHE B 106 19.00 45.22 -27.70
CA PHE B 106 19.34 44.97 -26.32
C PHE B 106 19.65 46.28 -25.61
N ARG B 107 19.47 46.29 -24.31
CA ARG B 107 19.93 47.36 -23.46
C ARG B 107 20.59 46.77 -22.23
N LEU B 108 21.78 47.25 -21.92
CA LEU B 108 22.66 46.73 -20.88
C LEU B 108 23.07 47.86 -19.94
N ARG B 109 23.06 47.59 -18.64
CA ARG B 109 23.53 48.56 -17.66
C ARG B 109 24.57 47.91 -16.75
N MET B 110 25.75 48.49 -16.69
CA MET B 110 26.85 47.94 -15.91
C MET B 110 27.26 48.95 -14.83
N PRO B 111 26.97 48.68 -13.57
CA PRO B 111 27.29 49.66 -12.51
C PRO B 111 28.78 49.81 -12.31
N ALA B 112 29.19 51.03 -11.98
CA ALA B 112 30.60 51.30 -11.69
C ALA B 112 31.08 50.50 -10.49
N GLU B 113 30.21 50.26 -9.54
CA GLU B 113 30.49 49.41 -8.39
C GLU B 113 29.65 48.16 -8.58
N TRP B 114 30.30 47.06 -8.91
CA TRP B 114 29.62 45.86 -9.37
C TRP B 114 29.82 44.73 -8.35
N ASN B 115 28.76 43.98 -8.10
CA ASN B 115 28.84 42.84 -7.18
C ASN B 115 29.28 41.55 -7.87
N GLY B 116 29.69 41.63 -9.13
CA GLY B 116 30.14 40.47 -9.85
C GLY B 116 29.07 39.60 -10.45
N ARG B 117 27.81 39.99 -10.37
CA ARG B 117 26.71 39.17 -10.85
C ARG B 117 26.08 39.79 -12.08
N PHE B 118 25.62 38.93 -12.98
CA PHE B 118 24.95 39.31 -14.21
C PHE B 118 23.47 38.93 -14.09
N PHE B 119 22.61 39.75 -14.68
CA PHE B 119 21.16 39.61 -14.50
C PHE B 119 20.43 39.94 -15.79
N MET B 120 19.51 39.08 -16.18
CA MET B 120 18.65 39.32 -17.33
C MET B 120 17.20 39.20 -16.87
N GLU B 121 16.39 40.17 -17.27
CA GLU B 121 14.96 40.11 -17.02
C GLU B 121 14.26 39.48 -18.21
N GLY B 122 13.18 38.77 -17.94
CA GLY B 122 12.39 38.17 -18.98
C GLY B 122 11.45 39.17 -19.66
N GLY B 123 10.77 38.68 -20.69
CA GLY B 123 9.84 39.46 -21.45
C GLY B 123 8.40 39.32 -20.97
N SER B 124 7.48 39.74 -21.83
CA SER B 124 6.05 39.57 -21.57
C SER B 124 5.27 39.81 -22.84
N GLY B 125 4.09 39.21 -22.86
CA GLY B 125 3.27 39.27 -24.04
C GLY B 125 3.95 38.58 -25.19
N THR B 126 3.91 39.22 -26.35
CA THR B 126 4.61 38.78 -27.54
C THR B 126 5.92 39.51 -27.72
N ASN B 127 6.41 40.15 -26.67
CA ASN B 127 7.64 40.93 -26.64
C ASN B 127 7.50 42.09 -27.65
N GLY B 128 8.58 42.47 -28.32
CA GLY B 128 8.56 43.61 -29.20
C GLY B 128 8.84 44.95 -28.56
N SER B 129 9.13 45.01 -27.27
CA SER B 129 9.53 46.26 -26.66
C SER B 129 10.81 46.08 -25.85
N LEU B 130 11.55 47.15 -25.73
CA LEU B 130 12.81 47.21 -25.01
C LEU B 130 12.58 48.01 -23.72
N SER B 131 12.76 47.36 -22.57
CA SER B 131 12.48 48.00 -21.30
C SER B 131 13.60 48.98 -20.92
N ALA B 132 13.43 49.63 -19.79
CA ALA B 132 14.53 50.42 -19.24
C ALA B 132 15.73 49.54 -18.88
N ALA B 133 15.52 48.24 -18.71
CA ALA B 133 16.59 47.28 -18.48
C ALA B 133 17.36 47.58 -17.18
N THR B 134 16.63 47.91 -16.12
CA THR B 134 17.27 48.00 -14.83
C THR B 134 17.19 46.71 -14.06
N GLY B 135 16.61 45.67 -14.64
CA GLY B 135 16.55 44.38 -14.00
C GLY B 135 15.37 44.19 -13.08
N SER B 136 14.18 44.11 -13.63
CA SER B 136 13.00 43.86 -12.81
C SER B 136 13.04 42.47 -12.20
N ILE B 137 12.64 42.38 -10.93
CA ILE B 137 12.57 41.09 -10.26
C ILE B 137 11.15 40.60 -10.07
N GLY B 138 10.15 41.32 -10.56
CA GLY B 138 8.81 40.81 -10.39
C GLY B 138 8.36 40.84 -8.92
N GLY B 139 7.25 40.17 -8.66
CA GLY B 139 6.74 40.13 -7.31
C GLY B 139 6.40 41.48 -6.73
N GLY B 140 6.11 42.46 -7.58
CA GLY B 140 5.72 43.77 -7.10
C GLY B 140 6.81 44.49 -6.33
N GLN B 141 8.06 44.22 -6.65
CA GLN B 141 9.15 44.74 -5.83
C GLN B 141 9.56 46.14 -6.32
N ILE B 142 9.93 46.99 -5.36
CA ILE B 142 10.46 48.31 -5.64
C ILE B 142 11.92 48.24 -6.08
N ALA B 143 12.69 47.31 -5.51
CA ALA B 143 14.10 47.22 -5.85
C ALA B 143 14.28 46.56 -7.21
N SER B 144 15.18 47.10 -8.01
CA SER B 144 15.65 46.48 -9.23
C SER B 144 16.98 45.77 -8.99
N ALA B 145 17.34 44.88 -9.92
CA ALA B 145 18.63 44.21 -9.82
C ALA B 145 19.79 45.20 -9.98
N LEU B 146 19.63 46.22 -10.82
CA LEU B 146 20.67 47.24 -10.91
C LEU B 146 20.81 48.00 -9.60
N SER B 147 19.69 48.29 -8.94
CA SER B 147 19.77 48.95 -7.63
C SER B 147 20.48 48.08 -6.60
N ARG B 148 20.54 46.76 -6.81
CA ARG B 148 21.31 45.84 -5.99
C ARG B 148 22.70 45.55 -6.57
N ASN B 149 23.13 46.32 -7.55
CA ASN B 149 24.49 46.39 -8.09
C ASN B 149 24.83 45.23 -9.01
N PHE B 150 23.83 44.52 -9.52
CA PHE B 150 23.97 43.64 -10.67
C PHE B 150 24.21 44.44 -11.94
N ALA B 151 24.92 43.84 -12.90
CA ALA B 151 24.82 44.27 -14.27
C ALA B 151 23.58 43.65 -14.89
N THR B 152 22.78 44.44 -15.61
CA THR B 152 21.44 44.03 -16.03
C THR B 152 21.25 44.19 -17.53
N ILE B 153 20.44 43.32 -18.12
CA ILE B 153 20.19 43.39 -19.56
C ILE B 153 18.76 43.01 -19.91
N ALA B 154 18.30 43.49 -21.05
CA ALA B 154 16.97 43.17 -21.55
C ALA B 154 17.03 43.12 -23.07
N THR B 155 16.06 42.44 -23.66
CA THR B 155 15.92 42.44 -25.11
C THR B 155 14.47 42.68 -25.48
N ASP B 156 14.23 42.94 -26.76
CA ASP B 156 12.87 42.95 -27.30
C ASP B 156 12.51 41.64 -28.00
N GLY B 157 13.40 40.64 -27.98
CA GLY B 157 13.03 39.36 -28.54
C GLY B 157 13.15 39.21 -30.04
N GLY B 158 13.69 40.20 -30.74
CA GLY B 158 13.91 40.11 -32.17
C GLY B 158 12.90 40.81 -33.06
N HIS B 159 11.97 41.58 -32.49
CA HIS B 159 11.05 42.38 -33.30
C HIS B 159 10.62 43.58 -32.48
N ASP B 160 10.03 44.57 -33.16
CA ASP B 160 9.82 45.90 -32.62
C ASP B 160 8.37 46.30 -32.85
N ASN B 161 7.64 46.50 -31.75
CA ASN B 161 6.20 46.78 -31.84
C ASN B 161 5.92 48.06 -32.63
N ALA B 162 6.84 49.01 -32.63
CA ALA B 162 6.66 50.25 -33.38
C ALA B 162 6.98 50.10 -34.86
N VAL B 163 7.56 48.99 -35.28
CA VAL B 163 7.98 48.80 -36.67
C VAL B 163 7.31 47.58 -37.30
N ASN B 164 7.35 46.46 -36.59
CA ASN B 164 6.78 45.21 -37.05
C ASN B 164 5.30 45.13 -36.66
N ASP B 165 4.55 46.10 -37.21
CA ASP B 165 3.13 46.26 -36.93
C ASP B 165 2.45 46.30 -38.29
N ASN B 166 1.89 45.17 -38.70
CA ASN B 166 1.38 44.97 -40.02
C ASN B 166 -0.14 44.98 -39.93
N PRO B 167 -0.80 45.96 -40.55
CA PRO B 167 -2.26 46.03 -40.46
C PRO B 167 -2.96 44.85 -41.10
N ASP B 168 -2.33 44.15 -42.02
CA ASP B 168 -2.89 42.95 -42.59
C ASP B 168 -2.47 41.66 -41.87
N ALA B 169 -1.65 41.74 -40.84
CA ALA B 169 -1.21 40.55 -40.14
C ALA B 169 -1.43 40.71 -38.65
N LEU B 170 -2.58 41.31 -38.32
CA LEU B 170 -3.06 41.40 -36.94
C LEU B 170 -2.15 42.24 -36.07
N GLY B 171 -1.48 43.23 -36.64
CA GLY B 171 -0.83 44.24 -35.82
C GLY B 171 0.53 43.79 -35.30
N THR B 172 0.72 43.89 -33.98
CA THR B 172 2.04 43.67 -33.41
C THR B 172 2.40 42.18 -33.28
N VAL B 173 1.52 41.25 -33.64
CA VAL B 173 1.89 39.85 -33.74
C VAL B 173 2.51 39.53 -35.09
N ALA B 174 2.63 40.51 -35.99
CA ALA B 174 2.97 40.26 -37.37
C ALA B 174 4.38 39.70 -37.59
N PHE B 175 5.25 39.76 -36.59
CA PHE B 175 6.55 39.09 -36.70
C PHE B 175 6.40 37.62 -37.05
N GLY B 176 5.27 37.00 -36.70
CA GLY B 176 5.02 35.62 -37.01
C GLY B 176 5.06 35.27 -38.48
N LEU B 177 5.00 36.27 -39.37
CA LEU B 177 5.11 36.01 -40.80
C LEU B 177 6.54 35.73 -41.25
N ASP B 178 7.54 35.92 -40.38
CA ASP B 178 8.93 35.72 -40.74
C ASP B 178 9.51 34.55 -39.95
N PRO B 179 9.93 33.47 -40.61
CA PRO B 179 10.45 32.30 -39.89
C PRO B 179 11.56 32.61 -38.90
N GLN B 180 12.55 33.43 -39.27
CA GLN B 180 13.66 33.68 -38.37
C GLN B 180 13.22 34.51 -37.18
N ALA B 181 12.31 35.46 -37.41
CA ALA B 181 11.80 36.25 -36.30
C ALA B 181 11.07 35.37 -35.29
N ARG B 182 10.38 34.33 -35.77
CA ARG B 182 9.81 33.33 -34.87
C ARG B 182 10.90 32.64 -34.06
N LEU B 183 11.97 32.19 -34.74
CA LEU B 183 13.08 31.56 -34.04
C LEU B 183 13.69 32.51 -33.02
N ASP B 184 13.83 33.79 -33.39
CA ASP B 184 14.37 34.75 -32.46
C ASP B 184 13.47 34.92 -31.24
N MET B 185 12.16 34.93 -31.45
CA MET B 185 11.21 35.05 -30.34
C MET B 185 11.24 33.82 -29.44
N GLY B 186 11.40 32.63 -30.02
CA GLY B 186 11.39 31.41 -29.23
C GLY B 186 12.63 31.22 -28.37
N TYR B 187 13.81 31.40 -28.94
CA TYR B 187 15.04 31.13 -28.17
C TYR B 187 16.25 31.94 -28.60
N ASN B 188 16.39 32.29 -29.87
CA ASN B 188 17.67 32.79 -30.33
C ASN B 188 17.95 34.23 -29.86
N SER B 189 16.92 35.08 -29.70
CA SER B 189 17.20 36.43 -29.22
C SER B 189 17.83 36.40 -27.84
N TYR B 190 17.27 35.62 -26.92
CA TYR B 190 17.78 35.59 -25.56
C TYR B 190 19.19 34.99 -25.53
N ASP B 191 19.46 34.01 -26.39
CA ASP B 191 20.82 33.47 -26.50
C ASP B 191 21.79 34.57 -26.95
N GLN B 192 21.50 35.23 -28.08
CA GLN B 192 22.38 36.26 -28.60
C GLN B 192 22.62 37.37 -27.58
N VAL B 193 21.57 37.80 -26.90
CA VAL B 193 21.71 38.90 -25.96
C VAL B 193 22.50 38.50 -24.73
N THR B 194 22.28 37.29 -24.20
CA THR B 194 23.08 36.80 -23.08
C THR B 194 24.57 36.81 -23.42
N GLN B 195 24.94 36.27 -24.58
CA GLN B 195 26.33 36.25 -24.96
C GLN B 195 26.90 37.65 -25.11
N ALA B 196 26.16 38.54 -25.78
CA ALA B 196 26.65 39.91 -25.93
C ALA B 196 26.85 40.58 -24.58
N GLY B 197 25.89 40.43 -23.67
CA GLY B 197 26.03 41.07 -22.37
C GLY B 197 27.23 40.56 -21.59
N LYS B 198 27.42 39.24 -21.55
CA LYS B 198 28.56 38.68 -20.84
C LYS B 198 29.88 39.13 -21.45
N ALA B 199 29.94 39.31 -22.76
CA ALA B 199 31.18 39.76 -23.37
C ALA B 199 31.46 41.22 -23.03
N ALA B 200 30.42 42.05 -23.00
CA ALA B 200 30.60 43.44 -22.62
C ALA B 200 31.00 43.55 -21.16
N VAL B 201 30.41 42.71 -20.32
CA VAL B 201 30.76 42.69 -18.90
C VAL B 201 32.24 42.32 -18.73
N ALA B 202 32.66 41.23 -19.38
CA ALA B 202 34.05 40.78 -19.31
C ALA B 202 35.00 41.89 -19.70
N ARG B 203 34.66 42.62 -20.74
CA ARG B 203 35.51 43.68 -21.25
C ARG B 203 35.50 44.93 -20.37
N PHE B 204 34.31 45.34 -19.92
CA PHE B 204 34.17 46.55 -19.11
C PHE B 204 34.81 46.39 -17.74
N TYR B 205 34.64 45.24 -17.10
CA TYR B 205 35.17 44.97 -15.77
C TYR B 205 36.51 44.22 -15.76
N GLY B 206 36.93 43.65 -16.88
CA GLY B 206 38.17 42.90 -16.87
C GLY B 206 38.09 41.54 -16.23
N ARG B 207 36.89 41.00 -16.04
CA ARG B 207 36.71 39.65 -15.55
C ARG B 207 35.32 39.21 -15.94
N ALA B 208 35.12 37.91 -16.03
CA ALA B 208 33.83 37.36 -16.32
C ALA B 208 32.92 37.45 -15.10
N ALA B 209 31.62 37.43 -15.34
CA ALA B 209 30.66 37.39 -14.23
C ALA B 209 30.85 36.12 -13.40
N ASP B 210 30.83 36.30 -12.08
CA ASP B 210 30.91 35.18 -11.15
C ASP B 210 29.73 34.26 -11.27
N LYS B 211 28.51 34.82 -11.31
CA LYS B 211 27.27 34.06 -11.41
C LYS B 211 26.28 34.90 -12.21
N SER B 212 25.38 34.23 -12.89
CA SER B 212 24.39 34.86 -13.73
C SER B 212 22.98 34.44 -13.31
N TYR B 213 22.05 35.39 -13.37
CA TYR B 213 20.69 35.19 -12.88
C TYR B 213 19.67 35.70 -13.88
N PHE B 214 18.57 34.96 -13.99
CA PHE B 214 17.45 35.27 -14.88
C PHE B 214 16.16 35.23 -14.09
N ILE B 215 15.35 36.28 -14.23
CA ILE B 215 14.03 36.32 -13.62
C ILE B 215 13.03 36.79 -14.66
N GLY B 216 11.94 36.05 -14.82
CA GLY B 216 10.88 36.38 -15.75
C GLY B 216 9.59 35.75 -15.31
N CYS B 217 8.49 36.33 -15.76
CA CYS B 217 7.17 35.83 -15.47
C CYS B 217 6.36 35.77 -16.74
N SER B 218 5.49 34.76 -16.82
CA SER B 218 4.60 34.52 -17.94
C SER B 218 5.40 34.15 -19.21
N GLU B 219 5.42 35.02 -20.23
CA GLU B 219 6.36 34.83 -21.33
C GLU B 219 7.79 34.84 -20.83
N GLY B 220 8.08 35.71 -19.87
CA GLY B 220 9.36 35.69 -19.19
C GLY B 220 9.64 34.39 -18.47
N GLY B 221 8.62 33.74 -17.93
CA GLY B 221 8.81 32.44 -17.30
C GLY B 221 9.08 31.33 -18.29
N ARG B 222 8.40 31.34 -19.43
CA ARG B 222 8.75 30.46 -20.54
C ARG B 222 10.22 30.62 -20.94
N GLU B 223 10.70 31.87 -21.01
CA GLU B 223 12.08 32.10 -21.37
C GLU B 223 13.05 31.50 -20.34
N GLY B 224 12.70 31.58 -19.06
CA GLY B 224 13.52 30.97 -18.02
C GLY B 224 13.61 29.46 -18.15
N MET B 225 12.45 28.80 -18.31
CA MET B 225 12.43 27.37 -18.51
C MET B 225 13.18 26.96 -19.79
N MET B 226 12.99 27.70 -20.88
CA MET B 226 13.71 27.42 -22.11
C MET B 226 15.22 27.48 -21.86
N LEU B 227 15.67 28.50 -21.13
CA LEU B 227 17.08 28.65 -20.85
C LEU B 227 17.62 27.44 -20.10
N SER B 228 16.91 26.98 -19.07
CA SER B 228 17.37 25.84 -18.29
C SER B 228 17.47 24.56 -19.11
N GLN B 229 16.64 24.42 -20.13
CA GLN B 229 16.57 23.24 -20.99
C GLN B 229 17.55 23.34 -22.16
N ARG B 230 17.56 24.46 -22.85
CA ARG B 230 18.28 24.62 -24.10
C ARG B 230 19.67 25.20 -23.89
N PHE B 231 19.84 26.06 -22.89
CA PHE B 231 21.10 26.76 -22.66
C PHE B 231 21.49 26.64 -21.19
N PRO B 232 21.77 25.42 -20.72
CA PRO B 232 21.90 25.21 -19.27
C PRO B 232 23.00 26.00 -18.60
N SER B 233 24.05 26.41 -19.30
CA SER B 233 25.09 27.21 -18.64
C SER B 233 24.91 28.72 -18.81
N HIS B 234 23.88 29.20 -19.50
CA HIS B 234 23.67 30.64 -19.57
C HIS B 234 23.40 31.23 -18.19
N TYR B 235 22.58 30.58 -17.38
CA TYR B 235 22.26 31.14 -16.07
C TYR B 235 22.46 30.13 -14.96
N ASP B 236 22.92 30.64 -13.82
CA ASP B 236 23.08 29.84 -12.61
C ASP B 236 21.80 29.76 -11.80
N GLY B 237 21.08 30.88 -11.67
CA GLY B 237 19.82 30.95 -10.97
C GLY B 237 18.70 31.44 -11.86
N ILE B 238 17.56 30.76 -11.86
CA ILE B 238 16.46 31.08 -12.75
C ILE B 238 15.18 31.13 -11.92
N VAL B 239 14.48 32.25 -11.99
CA VAL B 239 13.12 32.36 -11.46
C VAL B 239 12.18 32.35 -12.65
N ALA B 240 11.31 31.36 -12.71
CA ALA B 240 10.32 31.24 -13.77
C ALA B 240 8.94 31.37 -13.14
N GLY B 241 8.39 32.57 -13.21
CA GLY B 241 7.04 32.82 -12.71
C GLY B 241 6.01 32.50 -13.77
N ALA B 242 4.87 31.95 -13.31
CA ALA B 242 3.72 31.54 -14.11
C ALA B 242 4.10 31.22 -15.55
N PRO B 243 4.96 30.21 -15.78
CA PRO B 243 5.65 30.10 -17.07
C PRO B 243 4.75 29.57 -18.16
N GLY B 244 4.72 30.28 -19.28
CA GLY B 244 4.00 29.84 -20.45
C GLY B 244 4.80 28.82 -21.25
N TYR B 245 5.14 27.70 -20.61
CA TYR B 245 6.09 26.77 -21.22
C TYR B 245 5.46 25.96 -22.34
N GLN B 246 4.14 25.93 -22.44
CA GLN B 246 3.41 25.41 -23.59
C GLN B 246 2.59 26.50 -24.27
N LEU B 247 3.17 27.69 -24.43
CA LEU B 247 2.45 28.84 -24.96
C LEU B 247 1.67 28.60 -26.24
N PRO B 248 2.17 27.84 -27.24
CA PRO B 248 1.36 27.59 -28.44
C PRO B 248 0.03 26.89 -28.17
N LYS B 249 -0.15 26.25 -27.03
CA LYS B 249 -1.46 25.67 -26.68
C LYS B 249 -2.45 26.70 -26.12
N ALA B 250 -2.00 27.91 -25.77
CA ALA B 250 -2.86 28.87 -25.09
C ALA B 250 -4.07 29.25 -25.95
N GLY B 251 -3.85 29.45 -27.25
CA GLY B 251 -4.92 29.77 -28.16
C GLY B 251 -5.92 28.64 -28.34
N ILE B 252 -5.47 27.40 -28.13
CA ILE B 252 -6.38 26.26 -28.14
C ILE B 252 -7.32 26.34 -26.94
N SER B 253 -6.77 26.53 -25.74
CA SER B 253 -7.59 26.84 -24.57
C SER B 253 -8.51 28.04 -24.85
N GLY B 254 -7.98 29.08 -25.50
CA GLY B 254 -8.79 30.23 -25.85
C GLY B 254 -10.02 29.88 -26.64
N ALA B 255 -9.87 29.09 -27.70
CA ALA B 255 -11.01 28.70 -28.52
C ALA B 255 -11.99 27.86 -27.73
N TRP B 256 -11.45 27.01 -26.86
CA TRP B 256 -12.30 26.18 -26.04
C TRP B 256 -13.07 27.00 -25.01
N THR B 257 -12.46 27.98 -24.38
CA THR B 257 -13.19 28.74 -23.38
C THR B 257 -14.18 29.71 -24.03
N THR B 258 -13.87 30.29 -25.20
CA THR B 258 -14.87 31.16 -25.81
C THR B 258 -16.05 30.36 -26.34
N GLN B 259 -15.80 29.20 -26.93
CA GLN B 259 -16.89 28.31 -27.32
C GLN B 259 -17.63 27.76 -26.12
N SER B 260 -16.93 27.41 -25.05
CA SER B 260 -17.60 26.93 -23.84
C SER B 260 -18.51 27.99 -23.24
N LEU B 261 -18.08 29.24 -23.24
CA LEU B 261 -18.85 30.34 -22.65
C LEU B 261 -19.90 30.92 -23.58
N ALA B 262 -19.84 30.64 -24.88
CA ALA B 262 -20.78 31.26 -25.81
C ALA B 262 -22.25 30.99 -25.52
N PRO B 263 -22.68 29.78 -25.09
CA PRO B 263 -24.10 29.58 -24.83
C PRO B 263 -24.64 30.47 -23.73
N ALA B 264 -23.80 30.94 -22.82
CA ALA B 264 -24.21 31.81 -21.74
C ALA B 264 -24.11 33.28 -22.10
N ALA B 265 -23.61 33.60 -23.30
CA ALA B 265 -23.50 34.98 -23.72
C ALA B 265 -24.87 35.61 -23.94
N VAL B 266 -24.94 36.92 -23.77
CA VAL B 266 -26.17 37.68 -23.99
C VAL B 266 -25.85 38.77 -25.00
N GLY B 267 -26.43 38.68 -26.18
CA GLY B 267 -26.21 39.66 -27.21
C GLY B 267 -25.11 39.26 -28.18
N LEU B 268 -24.96 40.07 -29.22
CA LEU B 268 -23.99 39.84 -30.27
C LEU B 268 -23.15 41.09 -30.49
N ASP B 269 -21.91 40.92 -30.90
CA ASP B 269 -21.12 42.08 -31.28
C ASP B 269 -21.40 42.44 -32.73
N ALA B 270 -20.68 43.42 -33.23
CA ALA B 270 -20.98 44.01 -34.52
C ALA B 270 -20.80 43.04 -35.67
N GLN B 271 -20.10 41.92 -35.50
CA GLN B 271 -20.05 40.96 -36.59
C GLN B 271 -20.78 39.66 -36.26
N GLY B 272 -21.77 39.71 -35.39
CA GLY B 272 -22.58 38.56 -35.09
C GLY B 272 -21.97 37.52 -34.17
N VAL B 273 -20.90 37.83 -33.45
CA VAL B 273 -20.31 36.87 -32.53
C VAL B 273 -20.91 37.11 -31.15
N PRO B 274 -21.33 36.07 -30.46
CA PRO B 274 -21.84 36.23 -29.09
C PRO B 274 -20.88 37.03 -28.21
N LEU B 275 -21.45 37.87 -27.37
CA LEU B 275 -20.71 38.73 -26.44
C LEU B 275 -20.29 37.88 -25.25
N ILE B 276 -19.09 37.29 -25.35
CA ILE B 276 -18.59 36.41 -24.30
C ILE B 276 -18.46 37.16 -22.98
N ASN B 277 -18.16 38.45 -23.04
CA ASN B 277 -18.01 39.26 -21.84
C ASN B 277 -19.31 39.38 -21.05
N LYS B 278 -20.45 39.12 -21.67
CA LYS B 278 -21.74 39.23 -21.00
C LYS B 278 -22.16 37.93 -20.34
N SER B 279 -21.37 36.86 -20.46
CA SER B 279 -21.81 35.58 -19.92
C SER B 279 -21.86 35.60 -18.40
N PHE B 280 -21.04 36.42 -17.76
CA PHE B 280 -21.01 36.57 -16.31
C PHE B 280 -20.83 38.04 -15.99
N SER B 281 -21.69 38.58 -15.14
CA SER B 281 -21.44 39.88 -14.55
C SER B 281 -20.36 39.76 -13.47
N ASP B 282 -19.83 40.91 -13.03
CA ASP B 282 -18.84 40.87 -11.96
C ASP B 282 -19.44 40.29 -10.69
N ALA B 283 -20.72 40.59 -10.44
CA ALA B 283 -21.40 40.00 -9.29
C ALA B 283 -21.57 38.50 -9.45
N ASP B 284 -21.83 38.02 -10.66
CA ASP B 284 -21.98 36.58 -10.85
C ASP B 284 -20.67 35.87 -10.52
N LEU B 285 -19.54 36.44 -10.92
CA LEU B 285 -18.25 35.85 -10.58
C LEU B 285 -17.99 35.88 -9.09
N HIS B 286 -18.32 36.99 -8.42
CA HIS B 286 -18.14 37.05 -6.98
C HIS B 286 -18.94 35.95 -6.30
N LEU B 287 -20.17 35.72 -6.75
CA LEU B 287 -20.96 34.60 -6.27
C LEU B 287 -20.19 33.29 -6.40
N LEU B 288 -19.60 33.04 -7.57
CA LEU B 288 -18.84 31.82 -7.79
C LEU B 288 -17.69 31.70 -6.80
N SER B 289 -16.92 32.77 -6.61
CA SER B 289 -15.77 32.70 -5.71
C SER B 289 -16.20 32.50 -4.27
N GLN B 290 -17.30 33.15 -3.86
CA GLN B 290 -17.83 32.93 -2.52
C GLN B 290 -18.23 31.47 -2.33
N ALA B 291 -18.85 30.88 -3.33
CA ALA B 291 -19.21 29.47 -3.24
C ALA B 291 -17.95 28.61 -3.17
N ILE B 292 -16.89 28.99 -3.87
CA ILE B 292 -15.64 28.23 -3.76
C ILE B 292 -15.06 28.35 -2.36
N LEU B 293 -15.02 29.57 -1.82
CA LEU B 293 -14.64 29.74 -0.43
C LEU B 293 -15.52 28.91 0.49
N GLY B 294 -16.82 28.86 0.19
CA GLY B 294 -17.73 28.11 1.02
C GLY B 294 -17.37 26.65 1.15
N THR B 295 -17.01 26.01 0.05
CA THR B 295 -16.71 24.60 0.19
C THR B 295 -15.22 24.33 0.45
N CYS B 296 -14.33 25.26 0.11
CA CYS B 296 -12.90 25.01 0.07
C CYS B 296 -12.06 25.79 1.07
N ASP B 297 -12.50 26.96 1.55
CA ASP B 297 -11.66 27.80 2.40
C ASP B 297 -11.10 27.03 3.59
N ALA B 298 -11.96 26.34 4.31
CA ALA B 298 -11.55 25.69 5.55
C ALA B 298 -10.90 24.33 5.34
N LEU B 299 -10.69 23.90 4.10
CA LEU B 299 -10.05 22.60 3.91
C LEU B 299 -8.58 22.60 4.32
N ASP B 300 -8.01 23.76 4.61
CA ASP B 300 -6.67 23.88 5.13
C ASP B 300 -6.63 24.08 6.63
N GLY B 301 -7.80 24.16 7.29
CA GLY B 301 -7.88 24.35 8.71
C GLY B 301 -8.20 25.75 9.17
N LEU B 302 -8.29 26.71 8.26
CA LEU B 302 -8.46 28.11 8.64
C LEU B 302 -9.39 28.82 7.67
N ALA B 303 -10.50 29.34 8.16
CA ALA B 303 -11.42 30.13 7.33
C ALA B 303 -10.90 31.56 7.23
N ASP B 304 -10.25 31.89 6.12
CA ASP B 304 -9.56 33.16 6.03
C ASP B 304 -9.64 33.80 4.65
N GLY B 305 -10.50 33.31 3.77
CA GLY B 305 -10.56 33.82 2.42
C GLY B 305 -9.52 33.25 1.47
N ILE B 306 -8.76 32.23 1.86
CA ILE B 306 -7.66 31.70 1.06
C ILE B 306 -7.79 30.18 0.99
N VAL B 307 -7.71 29.62 -0.20
CA VAL B 307 -7.80 28.17 -0.38
C VAL B 307 -6.36 27.66 -0.49
N ASP B 308 -5.75 27.37 0.65
CA ASP B 308 -4.40 26.83 0.65
C ASP B 308 -4.37 25.37 0.21
N ASN B 309 -5.43 24.61 0.49
CA ASN B 309 -5.50 23.18 0.12
C ASN B 309 -6.15 23.04 -1.26
N TYR B 310 -5.41 23.47 -2.28
CA TYR B 310 -5.96 23.52 -3.64
C TYR B 310 -6.36 22.14 -4.15
N ARG B 311 -5.61 21.09 -3.81
CA ARG B 311 -5.99 19.75 -4.27
C ARG B 311 -7.32 19.30 -3.66
N ALA B 312 -7.52 19.54 -2.38
CA ALA B 312 -8.78 19.11 -1.77
C ALA B 312 -9.95 19.87 -2.38
N CYS B 313 -9.74 21.15 -2.68
CA CYS B 313 -10.76 21.95 -3.32
C CYS B 313 -11.20 21.37 -4.66
N GLN B 314 -10.23 21.00 -5.52
CA GLN B 314 -10.61 20.42 -6.80
C GLN B 314 -11.37 19.12 -6.64
N ALA B 315 -11.09 18.35 -5.59
CA ALA B 315 -11.87 17.15 -5.32
C ALA B 315 -13.26 17.44 -4.78
N ALA B 316 -13.49 18.60 -4.16
CA ALA B 316 -14.75 18.83 -3.48
C ALA B 316 -15.70 19.74 -4.23
N PHE B 317 -15.22 20.70 -5.01
CA PHE B 317 -16.09 21.75 -5.54
C PHE B 317 -16.66 21.37 -6.89
N ASP B 318 -17.98 21.45 -6.98
CA ASP B 318 -18.72 21.37 -8.22
C ASP B 318 -19.79 22.46 -8.19
N PRO B 319 -19.72 23.47 -9.05
CA PRO B 319 -20.71 24.55 -8.97
C PRO B 319 -22.13 24.11 -9.34
N ALA B 320 -22.31 22.94 -9.94
CA ALA B 320 -23.66 22.43 -10.15
C ALA B 320 -24.28 21.86 -8.88
N THR B 321 -23.51 21.66 -7.81
CA THR B 321 -24.06 21.16 -6.54
C THR B 321 -23.70 22.00 -5.33
N ALA B 322 -22.74 22.91 -5.42
CA ALA B 322 -22.32 23.65 -4.23
C ALA B 322 -23.39 24.64 -3.79
N ALA B 323 -23.30 25.06 -2.53
CA ALA B 323 -24.20 26.03 -1.94
C ALA B 323 -23.69 27.46 -2.08
N ASN B 324 -24.62 28.39 -2.18
CA ASN B 324 -24.35 29.79 -1.91
C ASN B 324 -24.25 29.92 -0.40
N PRO B 325 -23.08 30.26 0.15
CA PRO B 325 -22.98 30.35 1.62
C PRO B 325 -23.76 31.51 2.21
N ALA B 326 -24.05 32.56 1.44
CA ALA B 326 -24.77 33.69 2.00
C ALA B 326 -26.23 33.34 2.33
N ASN B 327 -26.81 32.35 1.65
CA ASN B 327 -28.22 32.03 1.85
C ASN B 327 -28.49 30.54 2.05
N GLY B 328 -27.48 29.69 2.00
CA GLY B 328 -27.68 28.27 2.21
C GLY B 328 -28.40 27.54 1.09
N GLN B 329 -28.78 28.21 0.01
CA GLN B 329 -29.39 27.52 -1.12
C GLN B 329 -28.33 27.14 -2.15
N ALA B 330 -28.75 26.33 -3.11
CA ALA B 330 -27.86 25.96 -4.21
C ALA B 330 -27.37 27.18 -4.97
N LEU B 331 -26.09 27.13 -5.35
CA LEU B 331 -25.52 28.16 -6.22
C LEU B 331 -26.24 28.22 -7.56
N GLN B 332 -26.61 27.07 -8.11
CA GLN B 332 -27.27 27.01 -9.40
C GLN B 332 -28.77 27.24 -9.25
N CYS B 333 -29.29 28.19 -10.03
CA CYS B 333 -30.70 28.59 -9.92
C CYS B 333 -31.62 27.39 -10.09
N VAL B 334 -32.62 27.30 -9.21
CA VAL B 334 -33.64 26.28 -9.42
C VAL B 334 -34.69 26.78 -10.39
N GLY B 335 -34.99 28.08 -10.38
CA GLY B 335 -35.92 28.63 -11.34
C GLY B 335 -35.29 29.69 -12.21
N ALA B 336 -35.82 30.91 -12.15
CA ALA B 336 -35.29 32.01 -12.94
C ALA B 336 -34.06 32.61 -12.28
N LYS B 337 -33.22 33.22 -13.11
CA LYS B 337 -32.02 33.87 -12.62
C LYS B 337 -32.32 34.98 -11.62
N THR B 338 -31.65 34.95 -10.49
CA THR B 338 -31.64 36.06 -9.55
C THR B 338 -30.20 36.53 -9.36
N ALA B 339 -30.02 37.50 -8.47
CA ALA B 339 -28.68 37.98 -8.15
C ALA B 339 -27.93 37.05 -7.22
N ASP B 340 -28.59 36.05 -6.65
CA ASP B 340 -27.98 35.14 -5.70
C ASP B 340 -27.71 33.75 -6.28
N CYS B 341 -27.85 33.58 -7.59
CA CYS B 341 -27.66 32.26 -8.18
C CYS B 341 -27.12 32.40 -9.60
N LEU B 342 -26.59 31.29 -10.10
CA LEU B 342 -26.04 31.19 -11.45
C LEU B 342 -26.95 30.29 -12.26
N SER B 343 -27.26 30.69 -13.47
CA SER B 343 -28.13 29.86 -14.30
C SER B 343 -27.48 28.52 -14.60
N PRO B 344 -28.28 27.47 -14.83
CA PRO B 344 -27.71 26.22 -15.33
C PRO B 344 -26.86 26.40 -16.57
N VAL B 345 -27.19 27.29 -17.51
CA VAL B 345 -26.32 27.33 -18.66
C VAL B 345 -25.02 28.05 -18.30
N GLN B 346 -25.05 28.96 -17.34
CA GLN B 346 -23.80 29.54 -16.81
C GLN B 346 -22.93 28.47 -16.18
N VAL B 347 -23.52 27.62 -15.35
CA VAL B 347 -22.75 26.60 -14.64
C VAL B 347 -22.09 25.64 -15.63
N THR B 348 -22.87 25.15 -16.60
CA THR B 348 -22.32 24.27 -17.61
C THR B 348 -21.18 24.93 -18.36
N ALA B 349 -21.35 26.20 -18.72
CA ALA B 349 -20.34 26.91 -19.48
C ALA B 349 -19.01 26.99 -18.72
N ILE B 350 -19.07 27.40 -17.44
CA ILE B 350 -17.82 27.60 -16.72
C ILE B 350 -17.17 26.27 -16.35
N LYS B 351 -17.97 25.22 -16.14
CA LYS B 351 -17.38 23.91 -15.90
C LYS B 351 -16.67 23.41 -17.15
N ARG B 352 -17.30 23.57 -18.31
CA ARG B 352 -16.68 23.19 -19.58
C ARG B 352 -15.40 23.97 -19.81
N ALA B 353 -15.43 25.29 -19.62
CA ALA B 353 -14.23 26.10 -19.79
C ALA B 353 -13.09 25.66 -18.86
N MET B 354 -13.39 25.38 -17.59
CA MET B 354 -12.36 25.01 -16.64
C MET B 354 -11.83 23.59 -16.85
N ALA B 355 -12.60 22.72 -17.48
CA ALA B 355 -12.12 21.37 -17.72
C ALA B 355 -10.97 21.34 -18.73
N GLY B 356 -10.90 22.32 -19.64
CA GLY B 356 -9.86 22.34 -20.66
C GLY B 356 -10.21 21.62 -21.95
N PRO B 357 -9.50 21.94 -23.02
CA PRO B 357 -9.88 21.43 -24.35
C PRO B 357 -9.47 19.97 -24.57
N VAL B 358 -10.37 19.21 -25.21
CA VAL B 358 -10.06 17.86 -25.67
C VAL B 358 -10.43 17.75 -27.14
N ASN B 359 -9.89 16.74 -27.82
CA ASN B 359 -10.35 16.44 -29.16
C ASN B 359 -11.46 15.41 -29.06
N SER B 360 -11.92 14.90 -30.20
CA SER B 360 -13.05 13.99 -30.19
C SER B 360 -12.74 12.67 -29.51
N ALA B 361 -11.48 12.30 -29.40
CA ALA B 361 -11.11 11.11 -28.64
C ALA B 361 -10.88 11.41 -27.17
N GLY B 362 -11.07 12.64 -26.73
CA GLY B 362 -10.86 12.97 -25.33
C GLY B 362 -9.42 13.19 -24.93
N THR B 363 -8.52 13.29 -25.88
CA THR B 363 -7.14 13.62 -25.59
C THR B 363 -7.03 15.07 -25.12
N PRO B 364 -6.46 15.33 -23.95
CA PRO B 364 -6.31 16.71 -23.46
C PRO B 364 -5.38 17.49 -24.37
N LEU B 365 -5.82 18.67 -24.78
CA LEU B 365 -5.06 19.51 -25.68
C LEU B 365 -4.30 20.58 -24.94
N TYR B 366 -4.61 20.81 -23.67
CA TYR B 366 -3.85 21.70 -22.81
C TYR B 366 -3.85 21.06 -21.42
N ASN B 367 -4.64 21.61 -20.49
CA ASN B 367 -4.78 21.02 -19.16
C ASN B 367 -6.07 21.60 -18.57
N ARG B 368 -6.45 21.09 -17.41
CA ARG B 368 -7.59 21.69 -16.73
C ARG B 368 -7.13 22.86 -15.83
N TRP B 369 -8.10 23.58 -15.29
CA TRP B 369 -7.85 24.75 -14.47
C TRP B 369 -8.42 24.56 -13.06
N ALA B 370 -7.79 25.21 -12.09
CA ALA B 370 -8.17 25.10 -10.69
C ALA B 370 -9.27 26.08 -10.32
N TRP B 371 -10.34 25.58 -9.73
CA TRP B 371 -11.27 26.45 -9.01
C TRP B 371 -10.55 27.12 -7.85
N ASP B 372 -10.74 28.43 -7.73
CA ASP B 372 -10.02 29.23 -6.74
C ASP B 372 -10.73 30.56 -6.53
N ALA B 373 -10.57 31.11 -5.33
CA ALA B 373 -11.30 32.33 -4.96
C ALA B 373 -10.82 33.55 -5.73
N GLY B 374 -9.59 33.51 -6.29
CA GLY B 374 -9.11 34.62 -7.05
C GLY B 374 -9.74 34.77 -8.41
N MET B 375 -10.69 33.93 -8.77
CA MET B 375 -11.48 34.15 -9.97
C MET B 375 -12.28 35.46 -9.86
N SER B 376 -12.50 35.93 -8.65
CA SER B 376 -13.08 37.23 -8.41
C SER B 376 -12.43 37.83 -7.16
N GLY B 377 -13.23 38.44 -6.30
CA GLY B 377 -12.72 39.16 -5.14
C GLY B 377 -13.26 40.58 -5.10
N LEU B 378 -13.41 41.10 -3.88
CA LEU B 378 -13.94 42.44 -3.69
C LEU B 378 -13.06 43.19 -2.70
N SER B 379 -12.50 44.31 -3.13
CA SER B 379 -11.75 45.21 -2.26
C SER B 379 -12.48 46.54 -2.24
N GLY B 380 -13.02 46.91 -1.09
CA GLY B 380 -13.84 48.09 -1.01
C GLY B 380 -15.07 47.94 -1.86
N THR B 381 -15.19 48.71 -2.93
CA THR B 381 -16.28 48.55 -3.89
C THR B 381 -15.82 48.06 -5.25
N THR B 382 -14.57 47.62 -5.37
CA THR B 382 -13.96 47.28 -6.65
C THR B 382 -13.84 45.76 -6.81
N TYR B 383 -14.48 45.21 -7.82
CA TYR B 383 -14.35 43.79 -8.12
C TYR B 383 -13.03 43.50 -8.83
N ASN B 384 -12.40 42.41 -8.45
CA ASN B 384 -11.21 41.93 -9.15
C ASN B 384 -11.52 41.68 -10.63
N GLN B 385 -10.80 42.35 -11.50
CA GLN B 385 -10.87 42.10 -12.94
C GLN B 385 -9.74 41.20 -13.44
N GLY B 386 -8.84 40.76 -12.57
CA GLY B 386 -7.60 40.13 -13.01
C GLY B 386 -7.72 38.69 -13.43
N TRP B 387 -8.85 38.04 -13.15
CA TRP B 387 -9.13 36.76 -13.74
C TRP B 387 -9.97 36.85 -15.02
N ARG B 388 -11.03 37.66 -15.04
CA ARG B 388 -11.99 37.62 -16.14
C ARG B 388 -11.49 38.26 -17.43
N SER B 389 -10.49 39.13 -17.39
CA SER B 389 -10.05 39.77 -18.62
C SER B 389 -9.60 38.73 -19.66
N TRP B 390 -9.12 37.57 -19.20
CA TRP B 390 -8.51 36.58 -20.08
C TRP B 390 -9.55 35.87 -20.96
N TRP B 391 -10.58 35.28 -20.36
CA TRP B 391 -11.54 34.50 -21.13
C TRP B 391 -12.84 35.24 -21.43
N LEU B 392 -13.24 36.21 -20.61
CA LEU B 392 -14.50 36.92 -20.72
C LEU B 392 -14.33 38.33 -21.29
N GLY B 393 -13.42 39.11 -20.75
CA GLY B 393 -13.37 40.51 -21.07
C GLY B 393 -14.31 41.30 -20.18
N SER B 394 -14.26 42.61 -20.34
CA SER B 394 -15.04 43.51 -19.50
C SER B 394 -16.53 43.35 -19.73
N PHE B 395 -17.30 43.21 -18.65
CA PHE B 395 -18.75 43.14 -18.77
C PHE B 395 -19.31 44.38 -19.46
N ASN B 396 -18.81 45.57 -19.09
CA ASN B 396 -19.36 46.85 -19.54
C ASN B 396 -18.89 47.22 -20.93
N SER B 397 -19.26 46.41 -21.91
CA SER B 397 -18.84 46.71 -23.27
C SER B 397 -19.78 46.04 -24.22
N SER B 398 -20.00 46.68 -25.36
CA SER B 398 -20.79 46.09 -26.42
C SER B 398 -19.94 45.39 -27.45
N ALA B 399 -18.64 45.23 -27.19
CA ALA B 399 -17.74 44.47 -28.04
C ALA B 399 -17.02 43.41 -27.23
N ASN B 400 -16.69 42.30 -27.88
CA ASN B 400 -15.80 41.33 -27.26
C ASN B 400 -14.44 41.95 -27.05
N ASN B 401 -13.86 41.71 -25.88
CA ASN B 401 -12.53 42.24 -25.60
C ASN B 401 -11.66 41.28 -24.78
N ALA B 402 -12.09 40.06 -24.54
CA ALA B 402 -11.24 39.11 -23.84
C ALA B 402 -9.96 38.84 -24.64
N GLN B 403 -8.86 38.66 -23.92
CA GLN B 403 -7.59 38.29 -24.54
C GLN B 403 -7.71 37.04 -25.39
N ARG B 404 -8.51 36.08 -24.96
CA ARG B 404 -8.63 34.80 -25.65
C ARG B 404 -9.73 34.76 -26.70
N VAL B 405 -10.58 35.78 -26.78
CA VAL B 405 -11.65 35.84 -27.76
C VAL B 405 -11.16 36.60 -28.99
N SER B 406 -10.78 37.85 -28.79
CA SER B 406 -10.38 38.71 -29.88
C SER B 406 -9.08 39.45 -29.65
N GLY B 407 -8.53 39.40 -28.43
CA GLY B 407 -7.34 40.14 -28.09
C GLY B 407 -6.06 39.45 -28.54
N PHE B 408 -4.96 39.87 -27.91
CA PHE B 408 -3.64 39.55 -28.44
C PHE B 408 -3.31 38.05 -28.38
N SER B 409 -3.87 37.32 -27.41
CA SER B 409 -3.56 35.90 -27.31
C SER B 409 -4.16 35.13 -28.49
N ALA B 410 -5.42 35.44 -28.85
CA ALA B 410 -6.00 34.83 -30.03
C ALA B 410 -5.25 35.24 -31.28
N ARG B 411 -4.86 36.51 -31.37
CA ARG B 411 -4.12 36.98 -32.53
C ARG B 411 -2.76 36.29 -32.63
N SER B 412 -2.06 36.16 -31.51
CA SER B 412 -0.76 35.51 -31.49
C SER B 412 -0.88 34.08 -31.98
N TRP B 413 -1.90 33.35 -31.56
CA TRP B 413 -2.01 31.96 -31.97
C TRP B 413 -2.10 31.86 -33.48
N LEU B 414 -2.90 32.75 -34.09
CA LEU B 414 -3.15 32.67 -35.52
C LEU B 414 -1.90 32.99 -36.33
N VAL B 415 -1.13 33.98 -35.92
CA VAL B 415 -0.04 34.48 -36.73
C VAL B 415 1.32 34.00 -36.25
N ASP B 416 1.49 33.76 -34.96
CA ASP B 416 2.75 33.32 -34.42
C ASP B 416 2.86 31.81 -34.26
N PHE B 417 1.80 31.11 -33.87
CA PHE B 417 1.93 29.70 -33.50
C PHE B 417 1.29 28.71 -34.48
N ALA B 418 0.26 29.12 -35.21
CA ALA B 418 -0.22 28.31 -36.30
C ALA B 418 0.78 28.37 -37.45
N THR B 419 1.05 27.22 -38.03
CA THR B 419 1.99 27.19 -39.13
C THR B 419 1.22 26.63 -40.28
N PRO B 420 1.50 27.21 -41.47
CA PRO B 420 1.23 28.48 -42.13
C PRO B 420 0.55 29.40 -41.16
N PRO B 421 1.10 30.59 -40.97
CA PRO B 421 0.37 31.59 -40.21
C PRO B 421 -0.93 31.93 -40.94
N GLU B 422 -1.90 32.42 -40.18
CA GLU B 422 -3.22 32.76 -40.72
C GLU B 422 -3.51 34.24 -40.46
N PRO B 423 -2.84 35.12 -41.19
CA PRO B 423 -3.20 36.54 -41.10
C PRO B 423 -4.62 36.74 -41.63
N MET B 424 -5.31 37.72 -41.05
CA MET B 424 -6.71 38.02 -41.32
C MET B 424 -7.07 39.36 -40.69
N PRO B 425 -8.21 39.96 -41.06
CA PRO B 425 -8.61 41.22 -40.44
C PRO B 425 -8.90 41.01 -38.97
N MET B 426 -8.63 42.05 -38.18
CA MET B 426 -8.81 41.95 -36.73
C MET B 426 -10.23 41.60 -36.35
N THR B 427 -11.22 42.04 -37.13
CA THR B 427 -12.63 41.80 -36.85
C THR B 427 -13.03 40.35 -37.04
N GLN B 428 -12.23 39.53 -37.70
CA GLN B 428 -12.59 38.13 -37.90
C GLN B 428 -12.02 37.19 -36.84
N VAL B 429 -11.21 37.71 -35.92
CA VAL B 429 -10.49 36.87 -34.97
C VAL B 429 -11.45 36.12 -34.06
N ALA B 430 -12.45 36.84 -33.51
CA ALA B 430 -13.39 36.21 -32.58
C ALA B 430 -14.20 35.11 -33.26
N ALA B 431 -14.65 35.35 -34.50
CA ALA B 431 -15.35 34.32 -35.24
C ALA B 431 -14.44 33.13 -35.54
N ARG B 432 -13.17 33.36 -35.83
CA ARG B 432 -12.23 32.27 -36.06
C ARG B 432 -12.12 31.40 -34.80
N MET B 433 -12.03 32.02 -33.63
CA MET B 433 -12.02 31.27 -32.38
C MET B 433 -13.31 30.50 -32.15
N MET B 434 -14.46 31.05 -32.57
CA MET B 434 -15.73 30.33 -32.48
C MET B 434 -15.80 29.14 -33.43
N LYS B 435 -15.15 29.20 -34.58
CA LYS B 435 -15.18 28.10 -35.53
C LYS B 435 -14.02 27.12 -35.37
N PHE B 436 -13.07 27.42 -34.49
CA PHE B 436 -11.92 26.56 -34.24
C PHE B 436 -12.35 25.09 -34.05
N ASP B 437 -11.73 24.21 -34.83
CA ASP B 437 -12.00 22.78 -34.81
C ASP B 437 -10.91 22.09 -33.99
N PHE B 438 -11.29 21.42 -32.91
CA PHE B 438 -10.31 20.85 -31.99
C PHE B 438 -9.72 19.52 -32.48
N ASP B 439 -10.14 19.03 -33.64
CA ASP B 439 -9.56 17.85 -34.25
C ASP B 439 -8.55 18.19 -35.33
N ILE B 440 -8.56 19.42 -35.84
CA ILE B 440 -7.76 19.84 -36.98
C ILE B 440 -6.82 20.95 -36.57
N ASP B 441 -7.39 22.05 -36.07
CA ASP B 441 -6.56 23.23 -35.78
C ASP B 441 -5.44 23.00 -34.77
N PRO B 442 -5.59 22.21 -33.70
CA PRO B 442 -4.45 22.02 -32.77
C PRO B 442 -3.23 21.36 -33.41
N LEU B 443 -3.40 20.62 -34.52
CA LEU B 443 -2.26 20.09 -35.25
C LEU B 443 -1.31 21.17 -35.74
N LYS B 444 -1.79 22.40 -35.89
CA LYS B 444 -1.01 23.45 -36.53
C LYS B 444 0.16 23.95 -35.69
N ILE B 445 0.18 23.67 -34.38
CA ILE B 445 1.33 24.02 -33.55
C ILE B 445 2.44 22.97 -33.62
N TRP B 446 2.18 21.83 -34.25
CA TRP B 446 3.21 20.82 -34.51
C TRP B 446 3.67 20.81 -35.95
N ALA B 447 3.01 21.54 -36.84
CA ALA B 447 3.31 21.47 -38.26
C ALA B 447 4.49 22.36 -38.64
N THR B 448 5.12 22.00 -39.74
CA THR B 448 6.00 22.89 -40.46
C THR B 448 5.42 23.11 -41.85
N SER B 449 5.84 24.19 -42.50
CA SER B 449 5.32 24.48 -43.83
C SER B 449 6.31 25.35 -44.56
N GLY B 450 6.84 24.85 -45.68
CA GLY B 450 7.71 25.65 -46.51
C GLY B 450 8.86 26.25 -45.75
N GLN B 451 9.00 27.57 -45.78
CA GLN B 451 10.09 28.21 -45.06
C GLN B 451 9.91 28.21 -43.54
N PHE B 452 8.75 27.83 -43.02
CA PHE B 452 8.56 27.73 -41.57
C PHE B 452 9.02 26.33 -41.20
N THR B 453 10.32 26.18 -40.96
CA THR B 453 10.92 24.87 -40.92
C THR B 453 10.90 24.24 -39.52
N GLN B 454 10.52 24.99 -38.50
CA GLN B 454 10.28 24.47 -37.16
C GLN B 454 8.84 24.76 -36.78
N SER B 455 8.20 23.83 -36.07
CA SER B 455 6.91 24.10 -35.49
C SER B 455 7.03 25.08 -34.32
N SER B 456 5.91 25.72 -33.98
CA SER B 456 5.92 26.63 -32.84
C SER B 456 6.22 25.89 -31.54
N MET B 457 5.75 24.65 -31.38
CA MET B 457 6.18 23.88 -30.23
C MET B 457 7.69 23.69 -30.23
N ASP B 458 8.30 23.47 -31.41
CA ASP B 458 9.75 23.35 -31.54
C ASP B 458 10.47 24.60 -31.02
N TRP B 459 10.10 25.79 -31.53
CA TRP B 459 10.90 26.96 -31.18
C TRP B 459 10.42 27.68 -29.93
N HIS B 460 9.14 27.60 -29.57
CA HIS B 460 8.59 28.30 -28.42
C HIS B 460 8.37 27.40 -27.21
N GLY B 461 8.00 26.13 -27.42
CA GLY B 461 7.79 25.24 -26.28
C GLY B 461 9.04 25.04 -25.46
N ALA B 462 8.84 24.78 -24.16
CA ALA B 462 9.91 24.42 -23.25
C ALA B 462 9.40 23.33 -22.31
N THR B 463 9.18 22.15 -22.85
CA THR B 463 8.55 21.06 -22.14
C THR B 463 9.54 20.01 -21.65
N SER B 464 10.83 20.19 -21.89
CA SER B 464 11.79 19.15 -21.53
C SER B 464 12.00 19.09 -20.01
N THR B 465 11.98 17.87 -19.48
CA THR B 465 12.41 17.61 -18.13
C THR B 465 13.88 17.18 -18.03
N ASP B 466 14.67 17.39 -19.07
CA ASP B 466 16.09 17.03 -19.01
C ASP B 466 16.87 18.25 -18.52
N LEU B 467 16.94 18.42 -17.21
CA LEU B 467 17.70 19.51 -16.63
C LEU B 467 18.99 19.04 -15.93
N ALA B 468 19.52 17.88 -16.32
CA ALA B 468 20.67 17.32 -15.61
C ALA B 468 21.89 18.23 -15.72
N ALA B 469 22.18 18.72 -16.93
CA ALA B 469 23.35 19.57 -17.12
C ALA B 469 23.22 20.85 -16.33
N PHE B 470 22.03 21.47 -16.34
CA PHE B 470 21.75 22.61 -15.48
C PHE B 470 22.00 22.27 -14.02
N ARG B 471 21.39 21.20 -13.53
CA ARG B 471 21.56 20.84 -12.13
C ARG B 471 23.01 20.55 -11.81
N ASP B 472 23.70 19.81 -12.66
CA ASP B 472 25.01 19.34 -12.25
C ASP B 472 26.07 20.41 -12.34
N ARG B 473 25.81 21.54 -12.99
CA ARG B 473 26.73 22.66 -12.88
C ARG B 473 26.36 23.60 -11.75
N GLY B 474 25.48 23.19 -10.86
CA GLY B 474 25.06 24.02 -9.76
C GLY B 474 23.83 24.89 -10.02
N GLY B 475 23.12 24.70 -11.13
CA GLY B 475 21.95 25.53 -11.42
C GLY B 475 20.81 25.35 -10.44
N LYS B 476 20.12 26.46 -10.12
CA LYS B 476 18.96 26.45 -9.24
C LYS B 476 17.77 27.18 -9.88
N MET B 477 16.58 26.61 -9.77
CA MET B 477 15.37 27.16 -10.36
C MET B 477 14.25 27.30 -9.32
N ILE B 478 13.67 28.49 -9.26
CA ILE B 478 12.47 28.73 -8.47
C ILE B 478 11.33 29.00 -9.43
N LEU B 479 10.33 28.13 -9.40
CA LEU B 479 9.08 28.31 -10.12
C LEU B 479 8.01 28.86 -9.17
N TYR B 480 7.14 29.72 -9.68
CA TYR B 480 5.96 30.13 -8.91
C TYR B 480 4.79 30.33 -9.86
N HIS B 481 3.58 30.26 -9.32
CA HIS B 481 2.39 30.36 -10.15
C HIS B 481 1.17 30.72 -9.30
N GLY B 482 0.40 31.71 -9.71
CA GLY B 482 -0.85 32.05 -9.02
C GLY B 482 -1.96 31.07 -9.37
N MET B 483 -2.68 30.60 -8.35
CA MET B 483 -3.69 29.58 -8.60
C MET B 483 -4.83 30.11 -9.47
N SER B 484 -5.14 31.41 -9.40
CA SER B 484 -6.16 32.04 -10.21
C SER B 484 -5.58 32.76 -11.43
N ASP B 485 -4.48 32.25 -11.97
CA ASP B 485 -3.98 32.69 -13.25
C ASP B 485 -4.87 32.11 -14.35
N ALA B 486 -5.42 32.98 -15.19
CA ALA B 486 -6.26 32.57 -16.33
C ALA B 486 -5.52 32.60 -17.65
N ALA B 487 -4.27 33.06 -17.67
CA ALA B 487 -3.45 32.96 -18.87
C ALA B 487 -2.84 31.56 -19.03
N PHE B 488 -2.15 31.06 -18.01
CA PHE B 488 -1.65 29.69 -18.00
C PHE B 488 -2.07 29.02 -16.70
N SER B 489 -2.33 27.72 -16.80
CA SER B 489 -2.89 26.98 -15.69
C SER B 489 -1.82 26.61 -14.67
N ALA B 490 -2.05 26.96 -13.40
CA ALA B 490 -1.10 26.61 -12.36
C ALA B 490 -0.99 25.11 -12.21
N LEU B 491 -2.09 24.39 -12.42
CA LEU B 491 -2.06 22.93 -12.42
C LEU B 491 -1.19 22.37 -13.56
N ASP B 492 -1.02 23.11 -14.65
CA ASP B 492 -0.13 22.63 -15.70
C ASP B 492 1.33 22.84 -15.33
N THR B 493 1.66 23.93 -14.63
CA THR B 493 2.99 24.04 -14.07
C THR B 493 3.26 22.91 -13.07
N ALA B 494 2.26 22.59 -12.23
CA ALA B 494 2.44 21.51 -11.28
C ALA B 494 2.67 20.18 -11.97
N ASP B 495 1.96 19.92 -13.08
CA ASP B 495 2.16 18.67 -13.80
C ASP B 495 3.55 18.60 -14.41
N TYR B 496 4.08 19.72 -14.90
CA TYR B 496 5.48 19.74 -15.33
C TYR B 496 6.40 19.35 -14.17
N TYR B 497 6.18 19.96 -12.99
CA TYR B 497 7.03 19.70 -11.85
C TYR B 497 6.95 18.25 -11.40
N GLU B 498 5.77 17.65 -11.45
CA GLU B 498 5.62 16.23 -11.20
C GLU B 498 6.45 15.40 -12.17
N ARG B 499 6.34 15.71 -13.47
N ARG B 499 6.34 15.70 -13.47
CA ARG B 499 7.15 15.00 -14.46
CA ARG B 499 7.15 15.02 -14.47
C ARG B 499 8.64 15.23 -14.23
C ARG B 499 8.63 15.22 -14.20
N LEU B 500 9.02 16.42 -13.79
CA LEU B 500 10.43 16.70 -13.53
C LEU B 500 10.96 15.81 -12.41
N GLY B 501 10.21 15.69 -11.31
CA GLY B 501 10.67 14.90 -10.19
C GLY B 501 10.68 13.41 -10.45
N ALA B 502 9.83 12.95 -11.35
CA ALA B 502 9.87 11.56 -11.78
C ALA B 502 11.08 11.30 -12.67
N ALA B 503 11.45 12.25 -13.51
CA ALA B 503 12.59 12.10 -14.40
C ALA B 503 13.91 12.35 -13.67
N MET B 504 13.90 13.15 -12.62
CA MET B 504 15.10 13.56 -11.90
C MET B 504 14.83 13.39 -10.42
N PRO B 505 14.90 12.17 -9.90
CA PRO B 505 14.76 11.95 -8.46
C PRO B 505 15.64 12.89 -7.66
N GLY B 506 15.09 13.37 -6.56
CA GLY B 506 15.75 14.42 -5.80
C GLY B 506 15.70 15.80 -6.42
N ALA B 507 14.73 16.07 -7.30
CA ALA B 507 14.70 17.33 -8.02
C ALA B 507 14.58 18.53 -7.09
N ALA B 508 13.99 18.36 -5.90
CA ALA B 508 13.84 19.49 -4.98
C ALA B 508 15.17 20.02 -4.47
N GLY B 509 16.28 19.29 -4.68
CA GLY B 509 17.59 19.82 -4.39
C GLY B 509 18.04 20.93 -5.32
N PHE B 510 17.40 21.08 -6.49
CA PHE B 510 17.77 22.15 -7.40
C PHE B 510 16.60 22.93 -7.98
N ALA B 511 15.37 22.43 -7.91
CA ALA B 511 14.20 23.12 -8.45
C ALA B 511 13.02 22.90 -7.53
N ARG B 512 12.36 24.00 -7.16
CA ARG B 512 11.17 23.97 -6.31
C ARG B 512 10.08 24.89 -6.86
N LEU B 513 8.83 24.50 -6.63
CA LEU B 513 7.66 25.19 -7.14
C LEU B 513 6.83 25.81 -6.01
N PHE B 514 6.50 27.09 -6.14
CA PHE B 514 5.72 27.81 -5.12
C PHE B 514 4.40 28.29 -5.73
N LEU B 515 3.32 27.55 -5.51
CA LEU B 515 1.99 28.01 -5.90
C LEU B 515 1.47 29.06 -4.92
N VAL B 516 0.71 30.02 -5.43
CA VAL B 516 0.20 31.15 -4.65
C VAL B 516 -1.33 31.15 -4.71
N PRO B 517 -2.00 30.62 -3.69
CA PRO B 517 -3.46 30.69 -3.64
C PRO B 517 -3.97 32.11 -3.83
N GLY B 518 -5.02 32.25 -4.64
CA GLY B 518 -5.71 33.51 -4.84
C GLY B 518 -5.08 34.46 -5.83
N MET B 519 -3.80 34.31 -6.13
CA MET B 519 -3.08 35.24 -6.99
C MET B 519 -3.49 35.05 -8.43
N ASN B 520 -3.53 36.16 -9.14
CA ASN B 520 -3.88 36.15 -10.56
C ASN B 520 -2.61 36.01 -11.38
N HIS B 521 -2.55 36.69 -12.50
CA HIS B 521 -1.53 36.46 -13.54
C HIS B 521 -0.30 37.31 -13.26
N CYS B 522 0.73 36.70 -12.69
CA CYS B 522 1.97 37.36 -12.24
C CYS B 522 1.78 38.34 -11.07
N SER B 523 0.56 38.80 -10.79
CA SER B 523 0.32 39.70 -9.66
C SER B 523 -1.19 39.86 -9.45
N GLY B 524 -1.55 40.49 -8.34
CA GLY B 524 -2.94 40.82 -8.08
C GLY B 524 -3.74 39.67 -7.52
N GLY B 525 -4.93 40.01 -7.04
CA GLY B 525 -5.88 39.03 -6.58
C GLY B 525 -5.86 38.86 -5.09
N PRO B 526 -6.81 38.16 -4.58
CA PRO B 526 -6.89 37.94 -3.12
C PRO B 526 -5.90 36.88 -2.66
N GLY B 527 -4.64 37.27 -2.58
CA GLY B 527 -3.56 36.37 -2.26
C GLY B 527 -2.32 37.15 -1.87
N THR B 528 -1.31 36.42 -1.40
CA THR B 528 -0.04 37.04 -1.05
C THR B 528 0.85 37.03 -2.29
N ASP B 529 0.67 38.04 -3.13
CA ASP B 529 1.24 38.11 -4.47
C ASP B 529 2.53 38.92 -4.54
N ARG B 530 3.05 39.42 -3.45
CA ARG B 530 4.27 40.19 -3.50
C ARG B 530 5.37 39.47 -2.73
N PHE B 531 6.58 39.47 -3.27
CA PHE B 531 7.69 38.70 -2.73
C PHE B 531 8.99 39.08 -3.43
N ASP B 532 10.10 38.87 -2.72
CA ASP B 532 11.45 39.10 -3.21
C ASP B 532 12.01 37.71 -3.57
N MET B 533 11.95 37.34 -4.84
CA MET B 533 12.50 36.06 -5.29
C MET B 533 14.00 36.09 -5.50
N LEU B 534 14.59 37.28 -5.66
CA LEU B 534 16.01 37.35 -5.98
C LEU B 534 16.88 37.01 -4.77
N THR B 535 16.53 37.47 -3.58
CA THR B 535 17.33 37.17 -2.41
C THR B 535 17.40 35.67 -2.13
N PRO B 536 16.30 34.90 -2.11
CA PRO B 536 16.46 33.46 -1.91
C PRO B 536 17.14 32.74 -3.08
N LEU B 537 16.99 33.23 -4.32
CA LEU B 537 17.66 32.61 -5.46
C LEU B 537 19.18 32.66 -5.31
N VAL B 538 19.72 33.81 -4.92
CA VAL B 538 21.15 33.96 -4.76
C VAL B 538 21.66 33.10 -3.60
N ALA B 539 20.88 33.02 -2.51
CA ALA B 539 21.22 32.16 -1.39
C ALA B 539 21.30 30.70 -1.84
N TRP B 540 20.35 30.25 -2.63
CA TRP B 540 20.36 28.88 -3.12
C TRP B 540 21.56 28.63 -4.03
N VAL B 541 21.80 29.53 -4.99
CA VAL B 541 22.87 29.30 -5.96
C VAL B 541 24.24 29.37 -5.31
N GLU B 542 24.46 30.37 -4.46
CA GLU B 542 25.80 30.65 -3.97
C GLU B 542 26.11 30.03 -2.62
N ARG B 543 25.09 29.64 -1.85
CA ARG B 543 25.30 29.06 -0.53
C ARG B 543 24.70 27.68 -0.40
N GLY B 544 24.01 27.18 -1.42
CA GLY B 544 23.33 25.91 -1.29
C GLY B 544 22.18 25.89 -0.32
N GLU B 545 21.61 27.05 0.02
CA GLU B 545 20.48 27.12 0.94
C GLU B 545 19.18 27.07 0.15
N ALA B 546 18.54 25.93 0.15
CA ALA B 546 17.30 25.81 -0.58
C ALA B 546 16.18 26.57 0.15
N PRO B 547 15.26 27.18 -0.57
CA PRO B 547 14.13 27.85 0.07
C PRO B 547 13.13 26.85 0.59
N ASP B 548 13.11 26.63 1.90
CA ASP B 548 12.07 25.81 2.50
C ASP B 548 10.75 26.56 2.62
N GLN B 549 10.79 27.86 2.47
CA GLN B 549 9.62 28.70 2.37
C GLN B 549 10.12 30.02 1.83
N ILE B 550 9.21 30.78 1.25
CA ILE B 550 9.52 32.12 0.75
C ILE B 550 8.48 33.07 1.29
N SER B 551 8.92 34.15 1.92
CA SER B 551 8.00 35.11 2.51
C SER B 551 7.27 35.89 1.42
N ALA B 552 5.98 36.08 1.61
CA ALA B 552 5.14 36.83 0.67
C ALA B 552 4.12 37.66 1.43
N TRP B 553 3.61 38.69 0.77
CA TRP B 553 2.55 39.51 1.35
C TRP B 553 1.58 39.93 0.25
N SER B 554 0.40 40.34 0.67
CA SER B 554 -0.65 40.77 -0.24
C SER B 554 -0.46 42.23 -0.61
N GLY B 555 -0.43 42.52 -1.91
CA GLY B 555 -0.47 43.89 -2.36
C GLY B 555 -1.82 44.57 -2.18
N THR B 556 -2.89 43.80 -2.01
CA THR B 556 -4.26 44.30 -1.90
C THR B 556 -4.93 43.59 -0.74
N PRO B 557 -4.47 43.83 0.49
CA PRO B 557 -5.06 43.11 1.63
C PRO B 557 -6.51 43.49 1.91
N GLY B 558 -7.02 44.58 1.32
CA GLY B 558 -8.43 44.88 1.39
C GLY B 558 -9.33 43.75 0.95
N TYR B 559 -8.85 42.86 0.06
CA TYR B 559 -9.62 41.67 -0.30
C TYR B 559 -10.02 40.85 0.91
N PHE B 560 -9.26 40.94 1.98
CA PHE B 560 -9.56 40.25 3.23
C PHE B 560 -10.02 41.21 4.31
N GLY B 561 -10.23 42.48 3.98
CA GLY B 561 -10.63 43.48 4.96
C GLY B 561 -9.60 43.69 6.04
N VAL B 562 -8.31 43.61 5.72
CA VAL B 562 -7.25 43.78 6.69
C VAL B 562 -6.24 44.78 6.16
N ALA B 563 -5.45 45.35 7.08
CA ALA B 563 -4.44 46.31 6.67
C ALA B 563 -3.23 45.64 6.01
N ALA B 564 -2.94 44.38 6.34
CA ALA B 564 -1.77 43.69 5.84
C ALA B 564 -1.94 42.19 6.05
N ARG B 565 -1.32 41.40 5.18
CA ARG B 565 -1.30 39.95 5.38
C ARG B 565 -0.01 39.39 4.79
N THR B 566 0.80 38.73 5.64
CA THR B 566 1.98 38.01 5.20
C THR B 566 1.77 36.52 5.46
N ARG B 567 2.33 35.70 4.56
CA ARG B 567 2.18 34.25 4.55
C ARG B 567 3.45 33.62 3.98
N PRO B 568 3.78 32.41 4.38
CA PRO B 568 4.84 31.68 3.68
C PRO B 568 4.31 31.07 2.39
N LEU B 569 5.04 31.27 1.31
CA LEU B 569 4.88 30.38 0.14
C LEU B 569 5.61 29.09 0.43
N CYS B 570 5.02 27.98 0.05
CA CYS B 570 5.55 26.69 0.45
C CYS B 570 5.95 25.88 -0.77
N PRO B 571 7.05 25.15 -0.70
CA PRO B 571 7.49 24.35 -1.85
C PRO B 571 6.55 23.18 -2.09
N TYR B 572 6.16 23.01 -3.34
CA TYR B 572 5.26 21.97 -3.76
C TYR B 572 5.77 20.59 -3.28
N PRO B 573 4.89 19.70 -2.77
CA PRO B 573 3.43 19.80 -2.66
C PRO B 573 2.94 20.37 -1.33
N GLN B 574 3.77 21.05 -0.57
CA GLN B 574 3.35 21.54 0.73
C GLN B 574 2.42 22.76 0.60
N ILE B 575 1.67 23.03 1.67
CA ILE B 575 0.79 24.18 1.76
C ILE B 575 1.00 24.85 3.13
N ALA B 576 0.59 26.10 3.21
CA ALA B 576 0.66 26.82 4.48
C ALA B 576 -0.38 26.27 5.46
N ARG B 577 0.03 26.08 6.70
CA ARG B 577 -0.85 25.55 7.75
C ARG B 577 -0.76 26.45 8.98
N TYR B 578 -1.90 26.94 9.44
CA TYR B 578 -1.95 27.75 10.66
C TYR B 578 -1.44 26.94 11.85
N LYS B 579 -0.60 27.58 12.67
CA LYS B 579 -0.01 26.88 13.81
C LYS B 579 -0.96 26.71 14.97
N GLY B 580 -2.11 27.37 14.96
CA GLY B 580 -3.12 27.20 15.98
C GLY B 580 -3.30 28.39 16.89
N SER B 581 -2.38 29.35 16.86
CA SER B 581 -2.47 30.50 17.72
C SER B 581 -1.76 31.66 17.05
N GLY B 582 -2.03 32.87 17.52
CA GLY B 582 -1.46 34.06 16.96
C GLY B 582 -2.29 34.64 15.82
N ASP B 583 -1.90 35.84 15.42
CA ASP B 583 -2.59 36.57 14.37
C ASP B 583 -2.52 35.83 13.03
N ILE B 584 -3.70 35.69 12.41
CA ILE B 584 -3.89 35.00 11.16
C ILE B 584 -3.27 35.71 9.96
N ASN B 585 -2.90 36.98 10.13
CA ASN B 585 -2.35 37.76 9.05
C ASN B 585 -0.83 37.87 9.11
N THR B 586 -0.18 37.05 9.92
CA THR B 586 1.25 37.14 10.18
C THR B 586 1.90 35.80 9.88
N GLU B 587 2.91 35.82 9.01
CA GLU B 587 3.46 34.59 8.48
C GLU B 587 4.12 33.72 9.55
N ALA B 588 4.65 34.32 10.61
CA ALA B 588 5.27 33.50 11.66
C ALA B 588 4.32 32.48 12.25
N ASN B 589 3.00 32.66 12.10
CA ASN B 589 2.05 31.73 12.67
C ASN B 589 1.63 30.63 11.71
N PHE B 590 2.33 30.47 10.60
CA PHE B 590 2.05 29.45 9.61
C PHE B 590 3.30 28.63 9.35
N ALA B 591 3.13 27.33 9.12
CA ALA B 591 4.21 26.45 8.72
C ALA B 591 3.84 25.77 7.42
N CYS B 592 4.85 25.35 6.68
CA CYS B 592 4.69 24.61 5.44
C CYS B 592 4.59 23.12 5.76
N ALA B 593 3.53 22.48 5.33
CA ALA B 593 3.33 21.07 5.65
C ALA B 593 2.56 20.40 4.53
N ALA B 594 2.53 19.07 4.58
CA ALA B 594 1.62 18.30 3.74
C ALA B 594 0.18 18.71 4.01
N PRO B 595 -0.70 18.56 3.03
CA PRO B 595 -2.11 18.83 3.29
C PRO B 595 -2.67 17.81 4.27
N PRO B 596 -3.57 18.24 5.17
CA PRO B 596 -4.12 17.36 6.20
C PRO B 596 -4.87 16.17 5.59
N VAL C 36 51.37 45.71 -27.97
CA VAL C 36 50.02 46.10 -28.39
C VAL C 36 49.53 45.45 -29.70
N PRO C 37 50.33 45.40 -30.78
CA PRO C 37 49.76 45.04 -32.09
C PRO C 37 49.12 43.67 -32.08
N LEU C 38 48.04 43.53 -32.85
CA LEU C 38 47.33 42.28 -32.95
C LEU C 38 48.17 41.23 -33.69
N ALA C 39 47.85 39.96 -33.46
CA ALA C 39 48.42 38.84 -34.23
C ALA C 39 49.95 38.90 -34.27
N SER C 40 50.56 39.25 -33.16
CA SER C 40 51.99 39.49 -33.10
C SER C 40 52.59 38.67 -31.96
N ARG C 41 53.90 38.55 -31.97
CA ARG C 41 54.59 37.89 -30.87
C ARG C 41 54.24 38.52 -29.53
N ALA C 42 54.12 39.85 -29.49
CA ALA C 42 53.76 40.54 -28.26
C ALA C 42 52.33 40.21 -27.82
N ALA C 43 51.38 40.25 -28.75
CA ALA C 43 50.02 39.84 -28.44
C ALA C 43 49.99 38.41 -27.93
N CYS C 44 50.77 37.52 -28.55
CA CYS C 44 50.85 36.13 -28.11
C CYS C 44 51.28 36.04 -26.65
N GLU C 45 52.41 36.64 -26.32
CA GLU C 45 52.96 36.46 -25.00
C GLU C 45 52.12 37.14 -23.94
N ALA C 46 51.36 38.16 -24.31
CA ALA C 46 50.44 38.79 -23.37
C ALA C 46 49.28 37.88 -22.99
N LEU C 47 48.99 36.83 -23.76
CA LEU C 47 47.93 35.92 -23.37
C LEU C 47 48.23 35.19 -22.07
N LYS C 48 49.49 35.18 -21.66
CA LYS C 48 49.87 34.59 -20.38
C LYS C 48 49.80 35.64 -19.27
N ASP C 53 45.38 40.70 -18.39
CA ASP C 53 44.68 41.52 -19.38
C ASP C 53 43.71 40.76 -20.30
N MET C 54 44.03 39.52 -20.65
CA MET C 54 43.10 38.64 -21.32
C MET C 54 42.02 38.18 -20.34
N VAL C 55 40.78 38.07 -20.80
CA VAL C 55 39.68 37.67 -19.94
C VAL C 55 39.09 36.37 -20.47
N TRP C 56 39.18 35.37 -19.73
CA TRP C 56 38.73 34.03 -20.06
C TRP C 56 37.27 33.83 -19.68
N PRO C 57 36.48 33.20 -20.53
CA PRO C 57 35.09 32.89 -20.18
C PRO C 57 34.95 32.11 -18.89
N ASN C 58 35.84 31.16 -18.64
CA ASN C 58 35.86 30.45 -17.38
C ASN C 58 36.99 31.05 -16.54
N ALA C 59 36.63 31.59 -15.38
CA ALA C 59 37.61 32.24 -14.53
C ALA C 59 38.67 31.28 -14.01
N ALA C 60 38.40 29.99 -14.00
CA ALA C 60 39.40 29.00 -13.60
C ALA C 60 40.26 28.54 -14.78
N THR C 61 40.67 29.44 -15.66
CA THR C 61 41.56 29.11 -16.79
C THR C 61 42.97 29.58 -16.44
N VAL C 62 43.94 28.69 -16.59
CA VAL C 62 45.33 28.99 -16.33
C VAL C 62 46.12 28.73 -17.59
N VAL C 63 46.83 29.74 -18.09
CA VAL C 63 47.70 29.59 -19.24
C VAL C 63 49.07 29.13 -18.76
N GLU C 64 49.51 27.97 -19.23
CA GLU C 64 50.83 27.45 -18.88
C GLU C 64 51.90 27.89 -19.89
N VAL C 65 51.55 27.97 -21.16
CA VAL C 65 52.46 28.29 -22.25
C VAL C 65 51.77 29.29 -23.17
N ALA C 66 52.49 30.33 -23.56
CA ALA C 66 52.08 31.20 -24.66
C ALA C 66 53.36 31.56 -25.40
N ALA C 67 53.62 30.90 -26.53
CA ALA C 67 54.92 30.98 -27.16
C ALA C 67 54.79 31.15 -28.66
N TRP C 68 55.62 32.02 -29.22
CA TRP C 68 55.68 32.20 -30.65
C TRP C 68 56.46 31.06 -31.30
N ARG C 69 55.94 30.55 -32.41
CA ARG C 69 56.49 29.37 -33.09
C ARG C 69 56.82 29.73 -34.53
N ASP C 70 58.11 29.57 -34.90
CA ASP C 70 58.50 29.78 -36.28
C ASP C 70 57.76 28.82 -37.21
N ALA C 71 57.60 29.21 -38.46
CA ALA C 71 57.07 28.29 -39.46
C ALA C 71 57.90 27.01 -39.50
N ALA C 72 57.24 25.89 -39.71
CA ALA C 72 57.87 24.58 -39.79
C ALA C 72 57.70 23.96 -41.17
N PRO C 73 58.77 23.43 -41.78
CA PRO C 73 58.63 22.85 -43.12
C PRO C 73 57.77 21.60 -43.14
N ALA C 74 57.26 21.31 -44.32
CA ALA C 74 56.60 20.03 -44.56
C ALA C 74 57.52 18.84 -44.25
N THR C 75 56.92 17.75 -43.80
CA THR C 75 57.58 16.47 -43.62
C THR C 75 56.88 15.44 -44.51
N ALA C 76 57.39 14.21 -44.49
CA ALA C 76 56.77 13.15 -45.26
C ALA C 76 55.36 12.85 -44.78
N SER C 77 55.05 13.15 -43.53
CA SER C 77 53.75 12.87 -42.97
C SER C 77 52.97 14.11 -42.52
N ALA C 78 53.47 15.33 -42.75
CA ALA C 78 52.72 16.52 -42.32
C ALA C 78 53.00 17.71 -43.22
N ALA C 79 51.94 18.47 -43.49
CA ALA C 79 52.10 19.72 -44.24
C ALA C 79 52.79 20.79 -43.39
N ALA C 80 53.47 21.71 -44.07
CA ALA C 80 54.15 22.81 -43.42
C ALA C 80 53.18 23.62 -42.54
N LEU C 81 53.69 24.13 -41.43
CA LEU C 81 52.89 24.90 -40.47
C LEU C 81 53.34 26.35 -40.49
N PRO C 82 52.44 27.29 -40.72
CA PRO C 82 52.84 28.70 -40.66
C PRO C 82 53.22 29.14 -39.27
N GLU C 83 53.96 30.24 -39.24
CA GLU C 83 54.25 30.96 -38.01
C GLU C 83 52.96 31.20 -37.22
N HIS C 84 52.99 30.92 -35.92
CA HIS C 84 51.77 31.00 -35.12
C HIS C 84 52.07 31.23 -33.65
N CYS C 85 51.02 31.53 -32.90
CA CYS C 85 51.04 31.57 -31.45
C CYS C 85 50.49 30.26 -30.90
N GLU C 86 51.24 29.64 -29.99
CA GLU C 86 50.81 28.42 -29.33
C GLU C 86 50.47 28.77 -27.89
N VAL C 87 49.25 28.47 -27.49
CA VAL C 87 48.79 28.67 -26.12
C VAL C 87 48.33 27.32 -25.60
N SER C 88 48.80 26.95 -24.43
CA SER C 88 48.29 25.77 -23.78
C SER C 88 48.11 26.06 -22.30
N GLY C 89 47.19 25.33 -21.69
CA GLY C 89 46.97 25.41 -20.28
C GLY C 89 45.81 24.54 -19.86
N ALA C 90 45.08 24.95 -18.84
CA ALA C 90 44.09 24.05 -18.28
C ALA C 90 42.96 24.86 -17.67
N ILE C 91 41.80 24.24 -17.58
CA ILE C 91 40.60 24.85 -17.06
C ILE C 91 40.07 24.03 -15.92
N ALA C 92 39.77 24.68 -14.80
CA ALA C 92 39.02 24.06 -13.71
C ALA C 92 39.82 22.97 -12.99
N LYS C 93 41.03 23.30 -12.58
CA LYS C 93 41.80 22.39 -11.73
C LYS C 93 41.05 22.08 -10.45
N ARG C 94 41.03 20.81 -10.07
CA ARG C 94 40.24 20.37 -8.94
C ARG C 94 40.75 19.01 -8.48
N THR C 95 40.18 18.54 -7.37
CA THR C 95 40.40 17.18 -6.89
C THR C 95 39.10 16.42 -7.05
N GLY C 96 39.17 15.24 -7.65
CA GLY C 96 38.01 14.39 -7.78
C GLY C 96 37.70 13.64 -6.50
N ILE C 97 36.52 13.02 -6.47
CA ILE C 97 36.09 12.32 -5.26
C ILE C 97 36.92 11.08 -5.00
N ASP C 98 37.74 10.67 -5.96
CA ASP C 98 38.71 9.60 -5.85
C ASP C 98 40.07 10.09 -5.35
N GLY C 99 40.23 11.38 -5.09
CA GLY C 99 41.48 11.94 -4.61
C GLY C 99 42.48 12.31 -5.68
N TYR C 100 42.20 12.01 -6.93
CA TYR C 100 43.08 12.32 -8.03
C TYR C 100 42.88 13.76 -8.50
N PRO C 101 43.91 14.40 -9.02
CA PRO C 101 43.72 15.71 -9.65
C PRO C 101 43.04 15.57 -11.01
N TYR C 102 42.25 16.59 -11.36
CA TYR C 102 41.57 16.64 -12.64
C TYR C 102 41.60 18.05 -13.18
N GLU C 103 41.73 18.17 -14.51
CA GLU C 103 41.67 19.48 -15.14
C GLU C 103 41.39 19.25 -16.62
N ILE C 104 40.85 20.29 -17.26
CA ILE C 104 40.56 20.25 -18.69
C ILE C 104 41.71 20.96 -19.40
N LYS C 105 42.56 20.20 -20.08
CA LYS C 105 43.69 20.77 -20.80
C LYS C 105 43.29 21.18 -22.20
N PHE C 106 43.95 22.20 -22.71
CA PHE C 106 43.74 22.59 -24.08
C PHE C 106 45.07 23.05 -24.66
N ARG C 107 45.21 22.89 -25.97
CA ARG C 107 46.30 23.51 -26.70
C ARG C 107 45.71 24.16 -27.94
N LEU C 108 46.10 25.39 -28.20
CA LEU C 108 45.53 26.24 -29.22
C LEU C 108 46.64 26.82 -30.07
N ARG C 109 46.43 26.89 -31.37
CA ARG C 109 47.44 27.46 -32.27
C ARG C 109 46.80 28.49 -33.18
N MET C 110 47.39 29.67 -33.24
CA MET C 110 46.79 30.79 -33.94
C MET C 110 47.82 31.33 -34.92
N PRO C 111 47.66 31.09 -36.22
CA PRO C 111 48.66 31.55 -37.18
C PRO C 111 48.66 33.06 -37.28
N ALA C 112 49.86 33.61 -37.47
CA ALA C 112 49.99 35.05 -37.68
C ALA C 112 49.23 35.49 -38.92
N GLU C 113 49.23 34.67 -39.96
CA GLU C 113 48.44 34.88 -41.17
C GLU C 113 47.22 33.96 -41.09
N TRP C 114 46.06 34.54 -40.81
CA TRP C 114 44.87 33.80 -40.43
C TRP C 114 43.79 33.94 -41.49
N ASN C 115 43.16 32.82 -41.86
CA ASN C 115 42.07 32.87 -42.82
C ASN C 115 40.71 33.21 -42.17
N GLY C 116 40.68 33.60 -40.91
CA GLY C 116 39.46 33.97 -40.23
C GLY C 116 38.58 32.83 -39.77
N ARG C 117 39.08 31.59 -39.80
CA ARG C 117 38.30 30.42 -39.48
C ARG C 117 38.86 29.72 -38.26
N PHE C 118 37.98 29.12 -37.48
CA PHE C 118 38.32 28.42 -36.24
C PHE C 118 38.08 26.93 -36.42
N PHE C 119 38.97 26.11 -35.86
CA PHE C 119 38.91 24.67 -36.09
C PHE C 119 39.17 23.89 -34.82
N MET C 120 38.31 22.94 -34.53
CA MET C 120 38.54 22.04 -33.41
C MET C 120 38.63 20.61 -33.91
N GLU C 121 39.67 19.94 -33.44
CA GLU C 121 39.97 18.53 -33.68
C GLU C 121 39.26 17.69 -32.61
N GLY C 122 38.61 16.62 -33.03
CA GLY C 122 38.01 15.68 -32.10
C GLY C 122 39.03 14.73 -31.45
N GLY C 123 38.54 13.96 -30.49
CA GLY C 123 39.36 13.04 -29.73
C GLY C 123 39.39 11.62 -30.27
N SER C 124 39.89 10.70 -29.45
CA SER C 124 39.90 9.28 -29.77
C SER C 124 40.11 8.44 -28.52
N GLY C 125 39.62 7.21 -28.59
CA GLY C 125 39.69 6.33 -27.44
C GLY C 125 38.91 6.90 -26.28
N THR C 126 39.50 6.78 -25.09
CA THR C 126 38.97 7.40 -23.88
C THR C 126 39.56 8.75 -23.63
N ASN C 127 40.18 9.36 -24.63
CA ASN C 127 40.86 10.67 -24.57
C ASN C 127 41.96 10.56 -23.52
N GLY C 128 42.22 11.62 -22.74
CA GLY C 128 43.29 11.61 -21.78
C GLY C 128 44.61 12.12 -22.31
N SER C 129 44.71 12.44 -23.58
CA SER C 129 45.97 12.96 -24.09
C SER C 129 45.72 14.26 -24.84
N LEU C 130 46.72 15.11 -24.81
CA LEU C 130 46.67 16.39 -25.50
C LEU C 130 47.55 16.30 -26.75
N SER C 131 46.93 16.32 -27.93
CA SER C 131 47.65 16.21 -29.18
C SER C 131 48.47 17.45 -29.47
N ALA C 132 49.18 17.41 -30.60
CA ALA C 132 49.92 18.58 -31.04
C ALA C 132 49.00 19.74 -31.40
N ALA C 133 47.73 19.45 -31.68
CA ALA C 133 46.70 20.46 -31.87
C ALA C 133 46.96 21.32 -33.10
N THR C 134 47.30 20.68 -34.21
CA THR C 134 47.40 21.38 -35.48
C THR C 134 46.16 21.21 -36.31
N GLY C 135 45.15 20.52 -35.79
CA GLY C 135 43.89 20.41 -36.47
C GLY C 135 43.85 19.30 -37.49
N SER C 136 43.93 18.06 -37.00
CA SER C 136 43.79 16.89 -37.86
C SER C 136 42.43 16.86 -38.55
N ILE C 137 42.45 16.58 -39.84
CA ILE C 137 41.22 16.43 -40.60
C ILE C 137 40.87 14.98 -40.87
N GLY C 138 41.66 14.03 -40.36
CA GLY C 138 41.33 12.66 -40.64
C GLY C 138 41.47 12.32 -42.13
N GLY C 139 40.82 11.21 -42.51
CA GLY C 139 40.85 10.75 -43.88
C GLY C 139 42.23 10.41 -44.42
N GLY C 140 43.18 10.14 -43.54
CA GLY C 140 44.55 9.87 -43.95
C GLY C 140 45.23 11.05 -44.61
N GLN C 141 44.88 12.27 -44.24
CA GLN C 141 45.33 13.43 -44.98
C GLN C 141 46.62 13.99 -44.42
N ILE C 142 47.46 14.47 -45.33
CA ILE C 142 48.73 15.12 -44.99
C ILE C 142 48.49 16.49 -44.40
N ALA C 143 47.54 17.23 -44.94
CA ALA C 143 47.34 18.62 -44.55
C ALA C 143 46.58 18.69 -43.22
N SER C 144 47.02 19.58 -42.36
CA SER C 144 46.28 19.88 -41.14
C SER C 144 45.51 21.18 -41.32
N ALA C 145 44.59 21.46 -40.39
CA ALA C 145 43.86 22.72 -40.47
C ALA C 145 44.78 23.91 -40.27
N LEU C 146 45.77 23.79 -39.37
CA LEU C 146 46.73 24.86 -39.19
C LEU C 146 47.58 25.08 -40.44
N SER C 147 47.86 24.01 -41.19
CA SER C 147 48.62 24.18 -42.43
C SER C 147 47.80 24.93 -43.47
N ARG C 148 46.48 24.88 -43.37
CA ARG C 148 45.56 25.66 -44.20
C ARG C 148 45.17 27.01 -43.55
N ASN C 149 45.95 27.47 -42.57
CA ASN C 149 45.85 28.78 -41.90
C ASN C 149 44.57 28.97 -41.07
N PHE C 150 43.99 27.87 -40.61
CA PHE C 150 42.99 27.94 -39.54
C PHE C 150 43.68 28.18 -38.20
N ALA C 151 42.95 28.80 -37.28
CA ALA C 151 43.28 28.68 -35.86
C ALA C 151 42.70 27.36 -35.37
N THR C 152 43.49 26.61 -34.60
CA THR C 152 43.16 25.22 -34.29
C THR C 152 43.25 24.97 -32.78
N ILE C 153 42.45 24.04 -32.28
CA ILE C 153 42.44 23.76 -30.85
C ILE C 153 42.18 22.27 -30.60
N ALA C 154 42.67 21.77 -29.45
CA ALA C 154 42.44 20.40 -29.04
C ALA C 154 42.35 20.34 -27.52
N THR C 155 41.75 19.28 -27.01
CA THR C 155 41.62 19.08 -25.58
C THR C 155 41.95 17.65 -25.22
N ASP C 156 42.17 17.41 -23.93
CA ASP C 156 42.27 16.04 -23.45
C ASP C 156 40.97 15.51 -22.89
N GLY C 157 39.92 16.32 -22.85
CA GLY C 157 38.62 15.84 -22.42
C GLY C 157 38.41 15.80 -20.92
N GLY C 158 39.31 16.38 -20.13
CA GLY C 158 39.15 16.52 -18.70
C GLY C 158 39.99 15.60 -17.82
N HIS C 159 40.81 14.74 -18.41
CA HIS C 159 41.66 13.90 -17.57
C HIS C 159 42.92 13.59 -18.37
N ASP C 160 43.93 13.06 -17.66
CA ASP C 160 45.29 12.99 -18.16
C ASP C 160 45.81 11.56 -17.99
N ASN C 161 46.24 10.96 -19.09
CA ASN C 161 46.60 9.55 -19.09
C ASN C 161 47.85 9.30 -18.24
N ALA C 162 48.69 10.31 -18.06
CA ALA C 162 49.86 10.17 -17.22
C ALA C 162 49.57 10.38 -15.74
N VAL C 163 48.45 11.00 -15.39
CA VAL C 163 48.15 11.32 -14.00
C VAL C 163 46.96 10.52 -13.51
N ASN C 164 45.91 10.46 -14.30
CA ASN C 164 44.71 9.69 -13.95
C ASN C 164 44.85 8.23 -14.40
N ASP C 165 45.91 7.60 -13.87
CA ASP C 165 46.27 6.22 -14.18
C ASP C 165 46.22 5.46 -12.87
N ASN C 166 45.12 4.79 -12.60
CA ASN C 166 44.89 4.18 -11.30
C ASN C 166 45.04 2.67 -11.45
N PRO C 167 46.05 2.07 -10.82
CA PRO C 167 46.26 0.62 -10.97
C PRO C 167 45.12 -0.22 -10.46
N ASP C 168 44.35 0.31 -9.54
CA ASP C 168 43.21 -0.43 -9.01
C ASP C 168 41.93 -0.15 -9.79
N ALA C 169 41.97 0.70 -10.79
CA ALA C 169 40.78 1.07 -11.53
C ALA C 169 41.03 0.97 -13.02
N LEU C 170 41.72 -0.11 -13.42
CA LEU C 170 41.95 -0.47 -14.81
C LEU C 170 42.74 0.59 -15.57
N GLY C 171 43.64 1.30 -14.90
CA GLY C 171 44.58 2.16 -15.61
C GLY C 171 44.04 3.51 -16.07
N THR C 172 44.17 3.80 -17.36
CA THR C 172 43.83 5.10 -17.90
C THR C 172 42.34 5.28 -18.17
N VAL C 173 41.49 4.30 -17.83
CA VAL C 173 40.06 4.53 -17.85
C VAL C 173 39.61 4.98 -16.47
N ALA C 174 40.55 5.22 -15.56
CA ALA C 174 40.21 5.44 -14.16
C ALA C 174 39.47 6.76 -13.90
N PHE C 175 39.45 7.70 -14.85
CA PHE C 175 38.68 8.93 -14.67
C PHE C 175 37.22 8.64 -14.34
N GLY C 176 36.71 7.49 -14.79
CA GLY C 176 35.33 7.09 -14.57
C GLY C 176 34.90 6.99 -13.12
N LEU C 177 35.86 6.93 -12.19
CA LEU C 177 35.52 6.94 -10.77
C LEU C 177 35.07 8.31 -10.27
N ASP C 178 35.26 9.37 -11.06
CA ASP C 178 34.90 10.72 -10.68
C ASP C 178 33.69 11.19 -11.49
N PRO C 179 32.55 11.46 -10.86
CA PRO C 179 31.36 11.87 -11.63
C PRO C 179 31.58 13.06 -12.54
N GLN C 180 32.26 14.12 -12.06
CA GLN C 180 32.47 15.29 -12.90
C GLN C 180 33.37 14.97 -14.10
N ALA C 181 34.42 14.18 -13.87
CA ALA C 181 35.30 13.81 -14.98
C ALA C 181 34.52 13.07 -16.05
N ARG C 182 33.52 12.28 -15.66
CA ARG C 182 32.64 11.68 -16.64
C ARG C 182 31.90 12.74 -17.46
N LEU C 183 31.31 13.74 -16.77
CA LEU C 183 30.59 14.79 -17.48
C LEU C 183 31.52 15.55 -18.41
N ASP C 184 32.75 15.77 -17.96
CA ASP C 184 33.72 16.46 -18.79
C ASP C 184 34.05 15.63 -20.03
N MET C 185 34.21 14.33 -19.85
CA MET C 185 34.45 13.45 -20.98
CA MET C 185 34.45 13.43 -20.97
C MET C 185 33.27 13.42 -21.92
N GLY C 186 32.05 13.45 -21.39
CA GLY C 186 30.87 13.35 -22.22
C GLY C 186 30.61 14.60 -23.05
N TYR C 187 30.67 15.78 -22.42
CA TYR C 187 30.26 16.99 -23.14
C TYR C 187 30.93 18.28 -22.67
N ASN C 188 31.24 18.39 -21.38
CA ASN C 188 31.60 19.69 -20.83
C ASN C 188 33.02 20.13 -21.21
N SER C 189 34.00 19.21 -21.31
CA SER C 189 35.34 19.63 -21.73
C SER C 189 35.31 20.33 -23.08
N TYR C 190 34.61 19.74 -24.06
CA TYR C 190 34.59 20.32 -25.39
C TYR C 190 33.91 21.69 -25.38
N ASP C 191 32.87 21.84 -24.55
CA ASP C 191 32.20 23.13 -24.38
C ASP C 191 33.16 24.19 -23.83
N GLN C 192 33.84 23.88 -22.72
CA GLN C 192 34.76 24.84 -22.10
C GLN C 192 35.89 25.24 -23.04
N VAL C 193 36.40 24.28 -23.80
CA VAL C 193 37.56 24.54 -24.64
C VAL C 193 37.17 25.34 -25.87
N THR C 194 36.01 25.06 -26.46
CA THR C 194 35.51 25.85 -27.58
C THR C 194 35.38 27.32 -27.18
N GLN C 195 34.74 27.59 -26.04
CA GLN C 195 34.59 28.96 -25.58
C GLN C 195 35.94 29.60 -25.34
N ALA C 196 36.84 28.89 -24.68
CA ALA C 196 38.15 29.47 -24.39
C ALA C 196 38.88 29.82 -25.69
N GLY C 197 38.82 28.92 -26.67
CA GLY C 197 39.50 29.16 -27.93
C GLY C 197 38.96 30.37 -28.68
N LYS C 198 37.63 30.48 -28.76
CA LYS C 198 37.04 31.63 -29.46
C LYS C 198 37.37 32.94 -28.76
N ALA C 199 37.47 32.92 -27.43
CA ALA C 199 37.84 34.11 -26.69
C ALA C 199 39.27 34.52 -26.96
N ALA C 200 40.20 33.57 -26.99
CA ALA C 200 41.59 33.90 -27.26
C ALA C 200 41.78 34.37 -28.70
N VAL C 201 41.07 33.75 -29.63
CA VAL C 201 41.05 34.21 -31.01
C VAL C 201 40.59 35.66 -31.08
N ALA C 202 39.50 35.99 -30.39
CA ALA C 202 38.99 37.35 -30.39
C ALA C 202 40.01 38.35 -29.87
N ARG C 203 40.69 38.00 -28.78
CA ARG C 203 41.70 38.88 -28.22
C ARG C 203 42.92 38.99 -29.13
N PHE C 204 43.40 37.87 -29.66
CA PHE C 204 44.65 37.86 -30.40
C PHE C 204 44.51 38.55 -31.76
N TYR C 205 43.39 38.37 -32.43
CA TYR C 205 43.16 38.92 -33.76
C TYR C 205 42.35 40.21 -33.76
N GLY C 206 41.70 40.54 -32.66
CA GLY C 206 40.84 41.69 -32.67
C GLY C 206 39.54 41.50 -33.41
N ARG C 207 39.20 40.26 -33.76
CA ARG C 207 37.88 39.97 -34.30
C ARG C 207 37.54 38.53 -33.98
N ALA C 208 36.26 38.22 -34.12
CA ALA C 208 35.77 36.87 -33.92
C ALA C 208 35.98 36.03 -35.19
N ALA C 209 36.10 34.71 -35.00
CA ALA C 209 36.08 33.80 -36.13
C ALA C 209 34.82 33.97 -36.98
N ASP C 210 35.01 34.10 -38.30
CA ASP C 210 33.87 34.17 -39.21
C ASP C 210 33.04 32.89 -39.18
N LYS C 211 33.71 31.74 -39.16
CA LYS C 211 33.08 30.43 -39.18
C LYS C 211 33.96 29.48 -38.38
N SER C 212 33.34 28.49 -37.76
CA SER C 212 34.01 27.51 -36.92
C SER C 212 33.71 26.10 -37.41
N TYR C 213 34.72 25.22 -37.39
CA TYR C 213 34.58 23.88 -37.90
C TYR C 213 35.12 22.85 -36.90
N PHE C 214 34.47 21.71 -36.84
CA PHE C 214 34.88 20.60 -35.99
C PHE C 214 34.96 19.36 -36.86
N ILE C 215 36.06 18.61 -36.74
CA ILE C 215 36.21 17.33 -37.41
C ILE C 215 36.74 16.31 -36.42
N GLY C 216 36.06 15.16 -36.33
CA GLY C 216 36.50 14.08 -35.48
C GLY C 216 36.01 12.76 -36.04
N CYS C 217 36.64 11.67 -35.61
CA CYS C 217 36.28 10.32 -36.02
C CYS C 217 36.20 9.43 -34.79
N SER C 218 35.23 8.52 -34.79
CA SER C 218 35.05 7.55 -33.72
C SER C 218 34.58 8.21 -32.42
N GLU C 219 35.42 8.26 -31.38
CA GLU C 219 35.09 9.11 -30.23
C GLU C 219 34.99 10.57 -30.65
N GLY C 220 35.89 10.98 -31.56
CA GLY C 220 35.80 12.28 -32.19
C GLY C 220 34.50 12.49 -32.96
N GLY C 221 33.97 11.42 -33.55
CA GLY C 221 32.71 11.52 -34.26
C GLY C 221 31.53 11.65 -33.33
N ARG C 222 31.55 10.93 -32.21
CA ARG C 222 30.58 11.15 -31.14
C ARG C 222 30.60 12.60 -30.66
N GLU C 223 31.80 13.15 -30.45
CA GLU C 223 31.92 14.55 -30.05
C GLU C 223 31.25 15.47 -31.07
N GLY C 224 31.45 15.20 -32.37
CA GLY C 224 30.80 16.00 -33.39
C GLY C 224 29.29 15.95 -33.32
N MET C 225 28.72 14.75 -33.24
CA MET C 225 27.27 14.62 -33.12
C MET C 225 26.75 15.27 -31.84
N MET C 226 27.46 15.09 -30.73
CA MET C 226 27.06 15.73 -29.49
C MET C 226 26.97 17.25 -29.66
N LEU C 227 27.97 17.85 -30.32
CA LEU C 227 27.98 19.28 -30.51
C LEU C 227 26.78 19.74 -31.32
N SER C 228 26.46 19.05 -32.41
CA SER C 228 25.31 19.40 -33.23
C SER C 228 24.01 19.34 -32.44
N GLN C 229 23.91 18.42 -31.50
CA GLN C 229 22.72 18.22 -30.70
C GLN C 229 22.67 19.12 -29.47
N ARG C 230 23.76 19.18 -28.71
CA ARG C 230 23.81 19.85 -27.43
C ARG C 230 24.28 21.30 -27.53
N PHE C 231 25.15 21.63 -28.49
CA PHE C 231 25.75 22.95 -28.59
C PHE C 231 25.68 23.48 -30.03
N PRO C 232 24.46 23.68 -30.54
CA PRO C 232 24.29 23.89 -32.00
C PRO C 232 25.03 25.08 -32.58
N SER C 233 25.34 26.11 -31.81
CA SER C 233 26.05 27.25 -32.37
C SER C 233 27.56 27.23 -32.11
N HIS C 234 28.09 26.21 -31.46
CA HIS C 234 29.54 26.12 -31.34
C HIS C 234 30.21 25.99 -32.70
N TYR C 235 29.64 25.21 -33.60
CA TYR C 235 30.31 24.97 -34.87
C TYR C 235 29.34 25.09 -36.04
N ASP C 236 29.83 25.68 -37.12
CA ASP C 236 29.05 25.81 -38.34
C ASP C 236 29.13 24.57 -39.20
N GLY C 237 30.31 23.98 -39.31
CA GLY C 237 30.52 22.75 -40.05
C GLY C 237 31.08 21.65 -39.17
N ILE C 238 30.47 20.46 -39.25
CA ILE C 238 30.87 19.33 -38.44
C ILE C 238 31.10 18.15 -39.37
N VAL C 239 32.27 17.51 -39.25
CA VAL C 239 32.50 16.19 -39.82
C VAL C 239 32.51 15.19 -38.67
N ALA C 240 31.60 14.23 -38.72
CA ALA C 240 31.53 13.16 -37.74
C ALA C 240 31.85 11.83 -38.42
N GLY C 241 33.10 11.39 -38.31
CA GLY C 241 33.51 10.13 -38.90
C GLY C 241 33.23 8.98 -37.94
N ALA C 242 32.74 7.87 -38.52
CA ALA C 242 32.45 6.62 -37.81
C ALA C 242 32.00 6.86 -36.37
N PRO C 243 30.90 7.56 -36.15
CA PRO C 243 30.65 8.17 -34.83
C PRO C 243 30.18 7.16 -33.79
N GLY C 244 30.84 7.18 -32.63
CA GLY C 244 30.44 6.34 -31.52
C GLY C 244 29.29 6.93 -30.72
N TYR C 245 28.18 7.27 -31.39
CA TYR C 245 27.12 8.05 -30.77
C TYR C 245 26.35 7.26 -29.73
N GLN C 246 26.49 5.93 -29.70
CA GLN C 246 25.98 5.06 -28.66
C GLN C 246 27.11 4.33 -27.95
N LEU C 247 28.20 5.04 -27.69
CA LEU C 247 29.42 4.42 -27.18
C LEU C 247 29.21 3.56 -25.93
N PRO C 248 28.37 3.93 -24.95
CA PRO C 248 28.19 3.03 -23.78
C PRO C 248 27.66 1.64 -24.11
N LYS C 249 27.13 1.43 -25.30
CA LYS C 249 26.69 0.12 -25.73
C LYS C 249 27.81 -0.73 -26.32
N ALA C 250 28.99 -0.16 -26.58
CA ALA C 250 30.04 -0.87 -27.28
C ALA C 250 30.51 -2.07 -26.46
N GLY C 251 30.64 -1.89 -25.15
CA GLY C 251 31.02 -2.99 -24.28
C GLY C 251 30.01 -4.11 -24.27
N ILE C 252 28.72 -3.80 -24.49
CA ILE C 252 27.71 -4.84 -24.59
C ILE C 252 27.96 -5.68 -25.84
N SER C 253 28.19 -5.04 -26.97
CA SER C 253 28.62 -5.74 -28.17
C SER C 253 29.87 -6.56 -27.90
N GLY C 254 30.84 -5.98 -27.19
CA GLY C 254 32.08 -6.68 -26.92
C GLY C 254 31.87 -7.97 -26.15
N ALA C 255 31.04 -7.90 -25.09
CA ALA C 255 30.72 -9.11 -24.35
C ALA C 255 30.01 -10.11 -25.22
N TRP C 256 29.12 -9.62 -26.07
CA TRP C 256 28.39 -10.50 -26.96
C TRP C 256 29.31 -11.15 -27.99
N THR C 257 30.25 -10.39 -28.54
CA THR C 257 31.11 -10.99 -29.55
C THR C 257 32.14 -11.89 -28.90
N THR C 258 32.60 -11.54 -27.70
CA THR C 258 33.48 -12.41 -26.95
C THR C 258 32.82 -13.74 -26.67
N GLN C 259 31.58 -13.72 -26.17
CA GLN C 259 30.89 -14.97 -25.89
C GLN C 259 30.52 -15.72 -27.16
N SER C 260 30.21 -14.99 -28.24
CA SER C 260 29.86 -15.65 -29.50
C SER C 260 31.06 -16.39 -30.08
N LEU C 261 32.24 -15.81 -29.97
CA LEU C 261 33.43 -16.38 -30.57
C LEU C 261 34.11 -17.40 -29.66
N ALA C 262 33.75 -17.47 -28.39
CA ALA C 262 34.42 -18.39 -27.48
C ALA C 262 34.37 -19.85 -27.93
N PRO C 263 33.22 -20.42 -28.33
CA PRO C 263 33.22 -21.84 -28.72
C PRO C 263 34.08 -22.16 -29.94
N ALA C 264 34.64 -21.17 -30.62
CA ALA C 264 35.58 -21.41 -31.71
C ALA C 264 37.01 -21.12 -31.31
N ALA C 265 37.23 -20.65 -30.08
CA ALA C 265 38.56 -20.34 -29.59
C ALA C 265 39.37 -21.61 -29.37
N VAL C 266 40.68 -21.50 -29.56
CA VAL C 266 41.62 -22.58 -29.31
C VAL C 266 42.61 -22.14 -28.24
N GLY C 267 42.78 -22.96 -27.21
CA GLY C 267 43.67 -22.64 -26.13
C GLY C 267 43.02 -21.75 -25.09
N LEU C 268 43.76 -21.58 -23.99
CA LEU C 268 43.39 -20.69 -22.90
C LEU C 268 44.53 -19.72 -22.62
N ASP C 269 44.18 -18.55 -22.08
CA ASP C 269 45.19 -17.59 -21.67
C ASP C 269 45.60 -17.88 -20.23
N ALA C 270 46.48 -17.05 -19.66
CA ALA C 270 47.05 -17.33 -18.37
C ALA C 270 46.03 -17.33 -17.24
N GLN C 271 44.83 -16.80 -17.43
CA GLN C 271 43.82 -16.89 -16.38
C GLN C 271 42.67 -17.82 -16.76
N GLY C 272 42.92 -18.74 -17.70
CA GLY C 272 41.93 -19.74 -18.01
C GLY C 272 40.78 -19.28 -18.87
N VAL C 273 40.94 -18.18 -19.59
CA VAL C 273 39.91 -17.65 -20.48
C VAL C 273 40.24 -18.10 -21.90
N PRO C 274 39.28 -18.60 -22.66
CA PRO C 274 39.56 -18.98 -24.05
C PRO C 274 40.20 -17.87 -24.86
N LEU C 275 41.14 -18.25 -25.72
CA LEU C 275 41.89 -17.33 -26.57
C LEU C 275 41.02 -17.00 -27.77
N ILE C 276 40.27 -15.90 -27.66
CA ILE C 276 39.38 -15.45 -28.72
C ILE C 276 40.16 -15.12 -29.98
N ASN C 277 41.39 -14.61 -29.83
CA ASN C 277 42.24 -14.31 -30.96
C ASN C 277 42.56 -15.53 -31.81
N LYS C 278 42.37 -16.74 -31.28
CA LYS C 278 42.66 -17.96 -32.02
C LYS C 278 41.44 -18.53 -32.72
N SER C 279 40.28 -17.88 -32.63
CA SER C 279 39.08 -18.42 -33.25
C SER C 279 39.19 -18.42 -34.77
N PHE C 280 40.00 -17.54 -35.34
CA PHE C 280 40.16 -17.42 -36.78
C PHE C 280 41.61 -17.09 -37.06
N SER C 281 42.23 -17.86 -37.95
CA SER C 281 43.50 -17.46 -38.51
C SER C 281 43.27 -16.30 -39.48
N ASP C 282 44.35 -15.62 -39.84
CA ASP C 282 44.23 -14.59 -40.87
C ASP C 282 43.77 -15.20 -42.19
N ALA C 283 44.25 -16.41 -42.52
CA ALA C 283 43.79 -17.08 -43.72
C ALA C 283 42.31 -17.44 -43.64
N ASP C 284 41.84 -17.83 -42.46
CA ASP C 284 40.42 -18.14 -42.30
C ASP C 284 39.54 -16.93 -42.61
N LEU C 285 39.92 -15.75 -42.09
CA LEU C 285 39.17 -14.54 -42.35
C LEU C 285 39.26 -14.14 -43.81
N HIS C 286 40.42 -14.37 -44.44
CA HIS C 286 40.51 -14.12 -45.86
C HIS C 286 39.53 -14.99 -46.62
N LEU C 287 39.38 -16.25 -46.23
CA LEU C 287 38.34 -17.10 -46.83
C LEU C 287 36.96 -16.46 -46.68
N LEU C 288 36.65 -16.00 -45.48
CA LEU C 288 35.38 -15.33 -45.25
C LEU C 288 35.19 -14.16 -46.20
N SER C 289 36.18 -13.27 -46.30
CA SER C 289 35.98 -12.08 -47.14
C SER C 289 35.98 -12.43 -48.62
N GLN C 290 36.75 -13.45 -49.02
CA GLN C 290 36.69 -13.92 -50.39
C GLN C 290 35.31 -14.48 -50.71
N ALA C 291 34.73 -15.23 -49.77
CA ALA C 291 33.37 -15.72 -49.96
C ALA C 291 32.37 -14.56 -50.05
N ILE C 292 32.54 -13.54 -49.21
CA ILE C 292 31.67 -12.38 -49.29
C ILE C 292 31.77 -11.75 -50.67
N LEU C 293 32.99 -11.57 -51.17
CA LEU C 293 33.18 -11.04 -52.52
C LEU C 293 32.47 -11.91 -53.55
N GLY C 294 32.57 -13.22 -53.42
CA GLY C 294 31.96 -14.10 -54.40
C GLY C 294 30.45 -13.99 -54.44
N THR C 295 29.84 -13.69 -53.30
CA THR C 295 28.40 -13.48 -53.27
C THR C 295 28.01 -12.06 -53.65
N CYS C 296 28.80 -11.07 -53.22
CA CYS C 296 28.33 -9.69 -53.16
C CYS C 296 29.02 -8.74 -54.11
N ASP C 297 30.26 -9.01 -54.52
CA ASP C 297 31.07 -8.02 -55.22
C ASP C 297 30.33 -7.46 -56.43
N ALA C 298 29.79 -8.33 -57.26
CA ALA C 298 29.15 -7.99 -58.52
C ALA C 298 27.72 -7.50 -58.38
N LEU C 299 27.21 -7.36 -57.16
CA LEU C 299 25.85 -6.89 -56.98
C LEU C 299 25.72 -5.39 -57.23
N ASP C 300 26.83 -4.69 -57.41
CA ASP C 300 26.80 -3.31 -57.84
C ASP C 300 27.00 -3.17 -59.34
N GLY C 301 27.21 -4.27 -60.04
CA GLY C 301 27.39 -4.26 -61.48
C GLY C 301 28.81 -4.41 -61.94
N LEU C 302 29.77 -4.51 -61.03
CA LEU C 302 31.18 -4.56 -61.41
C LEU C 302 31.91 -5.49 -60.47
N ALA C 303 32.63 -6.48 -61.00
CA ALA C 303 33.46 -7.33 -60.17
C ALA C 303 34.79 -6.62 -59.98
N ASP C 304 35.01 -6.05 -58.80
CA ASP C 304 36.22 -5.26 -58.60
C ASP C 304 36.80 -5.38 -57.19
N GLY C 305 36.37 -6.34 -56.38
CA GLY C 305 36.85 -6.43 -55.02
C GLY C 305 36.24 -5.43 -54.05
N ILE C 306 35.15 -4.77 -54.43
CA ILE C 306 34.48 -3.80 -53.56
C ILE C 306 32.98 -4.08 -53.59
N VAL C 307 32.37 -4.13 -52.42
CA VAL C 307 30.93 -4.37 -52.31
C VAL C 307 30.27 -3.00 -52.17
N ASP C 308 29.96 -2.37 -53.29
CA ASP C 308 29.28 -1.08 -53.22
C ASP C 308 27.81 -1.23 -52.85
N ASN C 309 27.19 -2.35 -53.18
CA ASN C 309 25.79 -2.56 -52.89
C ASN C 309 25.63 -3.31 -51.56
N TYR C 310 25.88 -2.59 -50.47
CA TYR C 310 25.93 -3.25 -49.16
C TYR C 310 24.56 -3.78 -48.74
N ARG C 311 23.46 -3.11 -49.13
CA ARG C 311 22.15 -3.61 -48.75
C ARG C 311 21.83 -4.95 -49.43
N ALA C 312 22.12 -5.06 -50.71
CA ALA C 312 21.89 -6.35 -51.37
C ALA C 312 22.79 -7.43 -50.81
N CYS C 313 24.02 -7.09 -50.41
CA CYS C 313 24.91 -8.06 -49.79
C CYS C 313 24.28 -8.66 -48.53
N GLN C 314 23.79 -7.81 -47.63
CA GLN C 314 23.22 -8.31 -46.39
C GLN C 314 22.01 -9.19 -46.64
N ALA C 315 21.29 -8.93 -47.73
CA ALA C 315 20.16 -9.76 -48.09
C ALA C 315 20.58 -11.08 -48.73
N ALA C 316 21.82 -11.20 -49.21
CA ALA C 316 22.23 -12.36 -49.98
C ALA C 316 23.22 -13.28 -49.28
N PHE C 317 24.07 -12.77 -48.40
CA PHE C 317 25.19 -13.54 -47.87
C PHE C 317 24.85 -14.25 -46.57
N ASP C 318 25.10 -15.54 -46.54
CA ASP C 318 25.00 -16.37 -45.37
C ASP C 318 26.22 -17.27 -45.40
N PRO C 319 27.14 -17.17 -44.45
CA PRO C 319 28.35 -18.01 -44.52
C PRO C 319 28.06 -19.48 -44.34
N ALA C 320 26.88 -19.83 -43.83
CA ALA C 320 26.50 -21.23 -43.69
C ALA C 320 26.11 -21.85 -45.02
N THR C 321 25.88 -21.05 -46.06
CA THR C 321 25.53 -21.59 -47.35
C THR C 321 26.36 -21.04 -48.50
N ALA C 322 27.18 -20.03 -48.29
CA ALA C 322 27.93 -19.44 -49.39
C ALA C 322 29.03 -20.39 -49.84
N ALA C 323 29.52 -20.14 -51.06
CA ALA C 323 30.59 -20.93 -51.65
C ALA C 323 31.93 -20.26 -51.45
N ASN C 324 32.97 -21.08 -51.31
CA ASN C 324 34.34 -20.61 -51.45
C ASN C 324 34.57 -20.35 -52.93
N PRO C 325 34.75 -19.11 -53.38
CA PRO C 325 34.83 -18.86 -54.83
C PRO C 325 35.99 -19.57 -55.50
N ALA C 326 37.02 -19.95 -54.76
CA ALA C 326 38.20 -20.54 -55.37
C ALA C 326 37.99 -22.00 -55.76
N ASN C 327 37.07 -22.70 -55.10
CA ASN C 327 36.60 -24.02 -55.50
C ASN C 327 35.10 -24.07 -55.30
N GLY C 328 34.36 -24.51 -56.29
CA GLY C 328 32.91 -24.34 -56.21
C GLY C 328 32.22 -24.93 -54.99
N GLN C 329 32.97 -25.19 -53.93
CA GLN C 329 32.48 -25.89 -52.76
C GLN C 329 32.01 -24.93 -51.67
N ALA C 330 31.34 -25.49 -50.67
CA ALA C 330 30.81 -24.70 -49.57
C ALA C 330 31.93 -24.08 -48.76
N LEU C 331 31.70 -22.85 -48.30
CA LEU C 331 32.60 -22.22 -47.36
C LEU C 331 32.70 -23.04 -46.08
N GLN C 332 31.58 -23.59 -45.63
CA GLN C 332 31.53 -24.33 -44.40
C GLN C 332 31.98 -25.77 -44.63
N CYS C 333 32.91 -26.21 -43.79
CA CYS C 333 33.43 -27.57 -43.83
C CYS C 333 32.32 -28.61 -43.82
N VAL C 334 32.40 -29.56 -44.74
CA VAL C 334 31.58 -30.77 -44.64
C VAL C 334 32.29 -31.86 -43.85
N GLY C 335 33.61 -31.90 -43.87
CA GLY C 335 34.32 -32.88 -43.08
C GLY C 335 35.19 -32.20 -42.04
N ALA C 336 36.47 -32.55 -42.01
CA ALA C 336 37.41 -31.93 -41.10
C ALA C 336 37.83 -30.57 -41.62
N LYS C 337 38.52 -29.82 -40.77
CA LYS C 337 38.91 -28.47 -41.13
C LYS C 337 40.03 -28.46 -42.16
N THR C 338 39.84 -27.67 -43.20
CA THR C 338 40.78 -27.49 -44.31
C THR C 338 41.18 -26.01 -44.37
N ALA C 339 42.33 -25.72 -44.98
CA ALA C 339 42.68 -24.34 -45.24
C ALA C 339 41.69 -23.64 -46.18
N ASP C 340 40.85 -24.39 -46.88
CA ASP C 340 39.88 -23.84 -47.81
C ASP C 340 38.46 -23.82 -47.22
N CYS C 341 38.35 -23.80 -45.90
CA CYS C 341 37.19 -24.35 -45.23
C CYS C 341 37.07 -23.69 -43.86
N LEU C 342 35.85 -23.33 -43.47
CA LEU C 342 35.57 -22.84 -42.11
C LEU C 342 34.70 -23.85 -41.40
N SER C 343 35.06 -24.19 -40.17
CA SER C 343 34.31 -25.19 -39.43
C SER C 343 32.87 -24.72 -39.21
N PRO C 344 31.93 -25.64 -39.02
CA PRO C 344 30.57 -25.22 -38.65
C PRO C 344 30.54 -24.39 -37.39
N VAL C 345 31.39 -24.70 -36.40
CA VAL C 345 31.44 -23.92 -35.18
C VAL C 345 31.92 -22.50 -35.47
N GLN C 346 32.94 -22.35 -36.31
CA GLN C 346 33.39 -21.03 -36.72
C GLN C 346 32.29 -20.25 -37.41
N VAL C 347 31.54 -20.91 -38.31
CA VAL C 347 30.48 -20.22 -39.02
C VAL C 347 29.42 -19.73 -38.04
N THR C 348 29.01 -20.59 -37.11
CA THR C 348 28.01 -20.21 -36.13
C THR C 348 28.50 -19.06 -35.26
N ALA C 349 29.78 -19.09 -34.86
CA ALA C 349 30.32 -18.05 -34.00
C ALA C 349 30.27 -16.69 -34.68
N ILE C 350 30.67 -16.62 -35.96
CA ILE C 350 30.71 -15.34 -36.62
C ILE C 350 29.31 -14.87 -37.00
N LYS C 351 28.39 -15.78 -37.33
CA LYS C 351 27.02 -15.34 -37.58
C LYS C 351 26.41 -14.72 -36.33
N ARG C 352 26.69 -15.31 -35.17
CA ARG C 352 26.09 -14.85 -33.94
C ARG C 352 26.69 -13.53 -33.50
N ALA C 353 28.02 -13.38 -33.63
CA ALA C 353 28.66 -12.11 -33.28
C ALA C 353 28.15 -10.96 -34.15
N MET C 354 28.00 -11.20 -35.46
CA MET C 354 27.55 -10.17 -36.40
C MET C 354 26.08 -9.81 -36.23
N ALA C 355 25.26 -10.70 -35.69
CA ALA C 355 23.86 -10.39 -35.51
C ALA C 355 23.65 -9.35 -34.43
N GLY C 356 24.56 -9.26 -33.47
CA GLY C 356 24.44 -8.29 -32.39
C GLY C 356 23.73 -8.83 -31.17
N PRO C 357 23.96 -8.19 -30.02
CA PRO C 357 23.43 -8.73 -28.75
C PRO C 357 21.93 -8.54 -28.59
N VAL C 358 21.29 -9.51 -27.93
CA VAL C 358 19.92 -9.39 -27.45
C VAL C 358 19.87 -9.80 -25.98
N ASN C 359 18.80 -9.36 -25.31
CA ASN C 359 18.54 -9.90 -23.97
C ASN C 359 17.64 -11.12 -24.07
N SER C 360 17.30 -11.70 -22.92
CA SER C 360 16.51 -12.93 -22.88
C SER C 360 15.19 -12.81 -23.62
N ALA C 361 14.61 -11.62 -23.69
CA ALA C 361 13.37 -11.44 -24.43
C ALA C 361 13.58 -11.32 -25.92
N GLY C 362 14.81 -11.45 -26.40
CA GLY C 362 15.10 -11.22 -27.80
C GLY C 362 15.17 -9.77 -28.21
N THR C 363 15.31 -8.86 -27.28
CA THR C 363 15.33 -7.43 -27.60
C THR C 363 16.74 -7.01 -28.01
N PRO C 364 16.90 -6.35 -29.15
CA PRO C 364 18.24 -5.92 -29.58
C PRO C 364 18.81 -4.87 -28.65
N LEU C 365 20.07 -5.06 -28.28
CA LEU C 365 20.70 -4.15 -27.34
C LEU C 365 21.62 -3.16 -28.02
N TYR C 366 21.98 -3.39 -29.27
CA TYR C 366 22.83 -2.47 -30.02
C TYR C 366 22.35 -2.45 -31.45
N ASN C 367 22.99 -3.23 -32.33
CA ASN C 367 22.55 -3.31 -33.72
C ASN C 367 23.31 -4.48 -34.35
N ARG C 368 22.94 -4.83 -35.57
CA ARG C 368 23.70 -5.82 -36.32
C ARG C 368 24.83 -5.15 -37.09
N TRP C 369 25.70 -5.98 -37.64
CA TRP C 369 26.88 -5.56 -38.37
C TRP C 369 26.81 -6.07 -39.80
N ALA C 370 27.42 -5.33 -40.71
CA ALA C 370 27.35 -5.63 -42.12
C ALA C 370 28.47 -6.58 -42.53
N TRP C 371 28.14 -7.66 -43.21
CA TRP C 371 29.17 -8.44 -43.89
C TRP C 371 29.81 -7.59 -44.97
N ASP C 372 31.14 -7.58 -45.00
CA ASP C 372 31.85 -6.76 -45.95
C ASP C 372 33.23 -7.35 -46.18
N ALA C 373 33.80 -7.08 -47.36
CA ALA C 373 35.09 -7.67 -47.71
C ALA C 373 36.24 -7.10 -46.89
N GLY C 374 36.03 -5.97 -46.24
CA GLY C 374 37.07 -5.39 -45.42
C GLY C 374 37.30 -6.06 -44.10
N MET C 375 36.55 -7.11 -43.77
CA MET C 375 36.87 -7.92 -42.60
C MET C 375 38.26 -8.53 -42.70
N SER C 376 38.78 -8.67 -43.91
CA SER C 376 40.14 -9.12 -44.11
C SER C 376 40.69 -8.39 -45.33
N GLY C 377 41.46 -9.08 -46.14
CA GLY C 377 42.11 -8.46 -47.28
C GLY C 377 43.59 -8.76 -47.24
N LEU C 378 44.20 -8.80 -48.42
CA LEU C 378 45.59 -9.19 -48.54
C LEU C 378 46.29 -8.23 -49.49
N SER C 379 47.37 -7.61 -49.02
CA SER C 379 48.19 -6.75 -49.87
C SER C 379 49.60 -7.31 -49.88
N GLY C 380 50.05 -7.75 -51.05
CA GLY C 380 51.31 -8.48 -51.11
C GLY C 380 51.19 -9.72 -50.25
N THR C 381 51.93 -9.79 -49.15
CA THR C 381 51.80 -10.91 -48.23
C THR C 381 51.33 -10.47 -46.84
N THR C 382 50.75 -9.29 -46.73
CA THR C 382 50.30 -8.78 -45.45
C THR C 382 48.78 -8.85 -45.39
N TYR C 383 48.27 -9.62 -44.43
CA TYR C 383 46.84 -9.70 -44.18
C TYR C 383 46.37 -8.47 -43.41
N ASN C 384 45.17 -7.99 -43.74
CA ASN C 384 44.59 -6.85 -43.05
C ASN C 384 44.27 -7.22 -41.61
N GLN C 385 44.78 -6.44 -40.66
CA GLN C 385 44.48 -6.60 -39.24
C GLN C 385 43.43 -5.62 -38.74
N GLY C 386 42.93 -4.73 -39.59
CA GLY C 386 42.16 -3.59 -39.13
C GLY C 386 40.74 -3.89 -38.72
N TRP C 387 40.22 -5.04 -39.10
CA TRP C 387 38.93 -5.46 -38.59
C TRP C 387 39.06 -6.35 -37.36
N ARG C 388 40.01 -7.29 -37.39
CA ARG C 388 40.07 -8.35 -36.39
C ARG C 388 40.61 -7.88 -35.05
N SER C 389 41.36 -6.78 -35.01
CA SER C 389 41.90 -6.34 -33.74
C SER C 389 40.79 -6.05 -32.72
N TRP C 390 39.59 -5.72 -33.19
CA TRP C 390 38.55 -5.26 -32.28
C TRP C 390 37.91 -6.40 -31.49
N TRP C 391 37.44 -7.45 -32.16
CA TRP C 391 36.79 -8.55 -31.48
C TRP C 391 37.69 -9.76 -31.25
N LEU C 392 38.69 -9.99 -32.11
CA LEU C 392 39.53 -11.18 -32.00
C LEU C 392 40.85 -10.89 -31.31
N GLY C 393 41.59 -9.89 -31.79
CA GLY C 393 42.97 -9.69 -31.42
C GLY C 393 43.91 -10.37 -32.41
N SER C 394 45.21 -10.13 -32.22
CA SER C 394 46.24 -10.74 -33.07
C SER C 394 46.25 -12.25 -32.90
N PHE C 395 46.20 -12.97 -34.02
CA PHE C 395 46.25 -14.42 -33.94
C PHE C 395 47.53 -14.90 -33.25
N ASN C 396 48.67 -14.32 -33.59
CA ASN C 396 49.95 -14.80 -33.05
C ASN C 396 50.19 -14.21 -31.66
N SER C 397 49.43 -14.72 -30.70
CA SER C 397 49.61 -14.30 -29.31
C SER C 397 49.10 -15.38 -28.39
N SER C 398 49.80 -15.58 -27.28
CA SER C 398 49.37 -16.48 -26.22
C SER C 398 48.43 -15.81 -25.22
N ALA C 399 48.05 -14.55 -25.45
CA ALA C 399 47.18 -13.82 -24.55
C ALA C 399 46.06 -13.17 -25.35
N ASN C 400 44.91 -13.04 -24.71
CA ASN C 400 43.85 -12.22 -25.28
C ASN C 400 44.32 -10.78 -25.40
N ASN C 401 44.14 -10.20 -26.57
CA ASN C 401 44.51 -8.81 -26.78
C ASN C 401 43.47 -8.04 -27.59
N ALA C 402 42.29 -8.58 -27.83
CA ALA C 402 41.25 -7.83 -28.53
C ALA C 402 40.81 -6.61 -27.72
N GLN C 403 40.53 -5.52 -28.40
CA GLN C 403 40.02 -4.34 -27.71
C GLN C 403 38.76 -4.65 -26.91
N ARG C 404 37.89 -5.50 -27.43
CA ARG C 404 36.62 -5.81 -26.81
C ARG C 404 36.67 -6.96 -25.80
N VAL C 405 37.78 -7.70 -25.72
CA VAL C 405 37.86 -8.83 -24.79
C VAL C 405 38.54 -8.38 -23.51
N SER C 406 39.77 -7.89 -23.63
CA SER C 406 40.55 -7.49 -22.48
C SER C 406 41.12 -6.09 -22.60
N GLY C 407 41.04 -5.46 -23.77
CA GLY C 407 41.63 -4.16 -24.01
C GLY C 407 40.75 -3.02 -23.52
N PHE C 408 41.05 -1.84 -24.05
CA PHE C 408 40.56 -0.60 -23.46
C PHE C 408 39.04 -0.47 -23.58
N SER C 409 38.43 -1.06 -24.59
CA SER C 409 36.98 -0.89 -24.74
C SER C 409 36.24 -1.64 -23.64
N ALA C 410 36.64 -2.89 -23.36
CA ALA C 410 36.02 -3.63 -22.26
C ALA C 410 36.26 -2.93 -20.92
N ARG C 411 37.47 -2.39 -20.73
CA ARG C 411 37.80 -1.70 -19.49
C ARG C 411 37.03 -0.40 -19.35
N SER C 412 36.90 0.33 -20.45
CA SER C 412 36.16 1.57 -20.42
C SER C 412 34.72 1.31 -20.00
N TRP C 413 34.12 0.24 -20.53
CA TRP C 413 32.73 -0.05 -20.20
C TRP C 413 32.57 -0.27 -18.70
N LEU C 414 33.53 -0.98 -18.09
CA LEU C 414 33.41 -1.34 -16.69
C LEU C 414 33.58 -0.13 -15.77
N VAL C 415 34.50 0.77 -16.08
CA VAL C 415 34.83 1.84 -15.14
C VAL C 415 34.17 3.16 -15.55
N ASP C 416 33.98 3.37 -16.85
CA ASP C 416 33.44 4.63 -17.37
C ASP C 416 31.94 4.60 -17.63
N PHE C 417 31.37 3.49 -18.09
CA PHE C 417 30.00 3.49 -18.56
C PHE C 417 29.03 2.72 -17.68
N ALA C 418 29.49 1.69 -16.97
CA ALA C 418 28.66 1.07 -15.97
C ALA C 418 28.51 2.01 -14.79
N THR C 419 27.31 2.09 -14.24
CA THR C 419 27.11 3.00 -13.15
C THR C 419 26.62 2.21 -11.99
N PRO C 420 27.14 2.59 -10.83
CA PRO C 420 28.36 2.39 -10.07
C PRO C 420 29.44 1.80 -11.00
N PRO C 421 30.59 2.45 -11.09
CA PRO C 421 31.70 1.85 -11.83
C PRO C 421 32.13 0.54 -11.19
N GLU C 422 32.77 -0.32 -11.99
CA GLU C 422 33.22 -1.63 -11.50
C GLU C 422 34.72 -1.79 -11.74
N PRO C 423 35.55 -1.13 -10.94
CA PRO C 423 36.98 -1.38 -11.04
C PRO C 423 37.32 -2.78 -10.55
N MET C 424 38.40 -3.34 -11.08
CA MET C 424 38.83 -4.70 -10.80
C MET C 424 40.26 -4.84 -11.31
N PRO C 425 40.99 -5.91 -10.97
CA PRO C 425 42.32 -6.10 -11.56
C PRO C 425 42.23 -6.27 -13.07
N MET C 426 43.29 -5.84 -13.77
CA MET C 426 43.29 -5.95 -15.23
C MET C 426 43.21 -7.39 -15.72
N THR C 427 43.65 -8.35 -14.90
CA THR C 427 43.64 -9.75 -15.31
C THR C 427 42.25 -10.36 -15.32
N GLN C 428 41.25 -9.68 -14.76
CA GLN C 428 39.91 -10.22 -14.66
C GLN C 428 38.96 -9.69 -15.73
N VAL C 429 39.43 -8.82 -16.61
CA VAL C 429 38.53 -8.14 -17.54
C VAL C 429 37.96 -9.12 -18.54
N ALA C 430 38.80 -9.98 -19.11
CA ALA C 430 38.32 -10.95 -20.09
C ALA C 430 37.29 -11.88 -19.48
N ALA C 431 37.56 -12.37 -18.27
CA ALA C 431 36.61 -13.20 -17.56
C ALA C 431 35.31 -12.46 -17.31
N ARG C 432 35.39 -11.19 -16.91
CA ARG C 432 34.20 -10.39 -16.71
C ARG C 432 33.37 -10.31 -17.98
N MET C 433 34.02 -10.14 -19.13
CA MET C 433 33.29 -10.13 -20.39
C MET C 433 32.66 -11.49 -20.71
N MET C 434 33.33 -12.58 -20.35
CA MET C 434 32.75 -13.89 -20.56
C MET C 434 31.52 -14.15 -19.69
N LYS C 435 31.45 -13.54 -18.52
CA LYS C 435 30.32 -13.76 -17.61
C LYS C 435 29.28 -12.65 -17.65
N PHE C 436 29.47 -11.65 -18.49
CA PHE C 436 28.50 -10.59 -18.73
C PHE C 436 27.09 -11.14 -18.91
N ASP C 437 26.15 -10.64 -18.12
CA ASP C 437 24.75 -11.05 -18.18
C ASP C 437 23.97 -10.01 -18.99
N PHE C 438 23.31 -10.45 -20.06
CA PHE C 438 22.65 -9.52 -20.96
C PHE C 438 21.25 -9.10 -20.49
N ASP C 439 20.81 -9.59 -19.34
CA ASP C 439 19.62 -9.06 -18.70
C ASP C 439 19.95 -8.06 -17.62
N ILE C 440 21.11 -8.16 -16.99
CA ILE C 440 21.47 -7.34 -15.85
C ILE C 440 22.45 -6.25 -16.24
N ASP C 441 23.51 -6.60 -16.94
CA ASP C 441 24.60 -5.65 -17.17
C ASP C 441 24.24 -4.51 -18.12
N PRO C 442 23.49 -4.73 -19.20
CA PRO C 442 23.13 -3.60 -20.07
C PRO C 442 22.31 -2.53 -19.38
N LEU C 443 21.59 -2.86 -18.30
CA LEU C 443 20.83 -1.84 -17.59
C LEU C 443 21.73 -0.78 -17.02
N LYS C 444 23.00 -1.09 -16.81
CA LYS C 444 23.89 -0.25 -16.04
C LYS C 444 24.31 1.01 -16.76
N ILE C 445 24.10 1.08 -18.07
CA ILE C 445 24.37 2.30 -18.82
C ILE C 445 23.19 3.27 -18.82
N TRP C 446 22.05 2.87 -18.28
CA TRP C 446 20.92 3.76 -18.06
C TRP C 446 20.77 4.16 -16.61
N ALA C 447 21.63 3.69 -15.73
CA ALA C 447 21.43 3.86 -14.30
C ALA C 447 22.15 5.08 -13.77
N THR C 448 21.66 5.58 -12.65
CA THR C 448 22.38 6.53 -11.83
C THR C 448 22.63 5.87 -10.47
N SER C 449 23.56 6.43 -9.70
CA SER C 449 23.87 5.86 -8.39
C SER C 449 24.67 6.88 -7.58
N GLY C 450 24.12 7.32 -6.46
CA GLY C 450 24.91 8.14 -5.56
C GLY C 450 25.35 9.43 -6.23
N GLN C 451 26.64 9.71 -6.14
CA GLN C 451 27.15 10.90 -6.78
C GLN C 451 27.22 10.78 -8.30
N PHE C 452 26.96 9.61 -8.87
CA PHE C 452 26.87 9.46 -10.32
C PHE C 452 25.44 9.80 -10.70
N THR C 453 25.19 11.08 -10.91
CA THR C 453 23.84 11.63 -11.04
C THR C 453 23.29 11.57 -12.46
N GLN C 454 24.14 11.34 -13.45
CA GLN C 454 23.73 11.09 -14.82
C GLN C 454 24.16 9.68 -15.21
N SER C 455 23.34 9.03 -16.03
CA SER C 455 23.74 7.80 -16.65
C SER C 455 24.75 8.07 -17.77
N SER C 456 25.52 7.03 -18.12
CA SER C 456 26.51 7.21 -19.18
C SER C 456 25.84 7.48 -20.52
N MET C 457 24.67 6.91 -20.78
CA MET C 457 23.93 7.31 -21.97
C MET C 457 23.56 8.80 -21.91
N ASP C 458 23.23 9.31 -20.71
CA ASP C 458 22.95 10.74 -20.53
C ASP C 458 24.15 11.61 -20.91
N TRP C 459 25.32 11.37 -20.30
CA TRP C 459 26.41 12.30 -20.55
C TRP C 459 27.22 11.96 -21.80
N HIS C 460 27.24 10.71 -22.25
CA HIS C 460 28.04 10.30 -23.41
C HIS C 460 27.22 10.06 -24.67
N GLY C 461 26.00 9.58 -24.55
CA GLY C 461 25.22 9.31 -25.73
C GLY C 461 24.94 10.60 -26.49
N ALA C 462 24.72 10.45 -27.77
CA ALA C 462 24.37 11.56 -28.65
C ALA C 462 23.39 11.01 -29.67
N THR C 463 22.22 10.64 -29.21
CA THR C 463 21.25 9.95 -30.05
C THR C 463 20.14 10.87 -30.55
N SER C 464 20.16 12.14 -30.21
CA SER C 464 19.05 13.02 -30.57
C SER C 464 19.04 13.33 -32.07
N THR C 465 17.86 13.25 -32.67
CA THR C 465 17.61 13.71 -34.03
C THR C 465 17.08 15.12 -34.10
N ASP C 466 17.09 15.85 -33.00
CA ASP C 466 16.66 17.24 -33.01
C ASP C 466 17.83 18.13 -33.40
N LEU C 467 18.02 18.34 -34.69
CA LEU C 467 19.08 19.22 -35.16
C LEU C 467 18.55 20.50 -35.77
N ALA C 468 17.34 20.90 -35.40
CA ALA C 468 16.69 22.02 -36.10
C ALA C 468 17.45 23.32 -35.88
N ALA C 469 17.88 23.59 -34.64
CA ALA C 469 18.63 24.81 -34.37
C ALA C 469 19.93 24.82 -35.14
N PHE C 470 20.62 23.69 -35.19
CA PHE C 470 21.83 23.57 -35.99
C PHE C 470 21.53 23.87 -37.46
N ARG C 471 20.55 23.18 -38.05
CA ARG C 471 20.24 23.44 -39.44
C ARG C 471 19.88 24.89 -39.68
N ASP C 472 19.05 25.49 -38.81
CA ASP C 472 18.48 26.78 -39.16
C ASP C 472 19.43 27.93 -38.92
N ARG C 473 20.57 27.73 -38.30
CA ARG C 473 21.59 28.76 -38.30
C ARG C 473 22.64 28.53 -39.39
N GLY C 474 22.37 27.64 -40.34
CA GLY C 474 23.28 27.37 -41.41
C GLY C 474 24.29 26.26 -41.16
N GLY C 475 24.13 25.47 -40.09
CA GLY C 475 25.09 24.40 -39.82
C GLY C 475 25.00 23.28 -40.85
N LYS C 476 26.16 22.71 -41.19
CA LYS C 476 26.22 21.58 -42.12
C LYS C 476 27.00 20.44 -41.47
N MET C 477 26.53 19.21 -41.66
CA MET C 477 27.15 18.03 -41.08
C MET C 477 27.40 16.99 -42.16
N ILE C 478 28.65 16.55 -42.29
CA ILE C 478 29.06 15.43 -43.13
C ILE C 478 29.38 14.25 -42.21
N LEU C 479 28.63 13.17 -42.33
CA LEU C 479 28.94 11.94 -41.63
C LEU C 479 29.61 10.96 -42.61
N TYR C 480 30.49 10.11 -42.08
CA TYR C 480 31.03 9.02 -42.88
C TYR C 480 31.32 7.83 -41.98
N HIS C 481 31.39 6.63 -42.58
CA HIS C 481 31.60 5.41 -41.81
C HIS C 481 32.08 4.28 -42.73
N GLY C 482 33.19 3.63 -42.37
CA GLY C 482 33.66 2.46 -43.11
C GLY C 482 32.77 1.24 -42.86
N MET C 483 32.41 0.54 -43.94
CA MET C 483 31.52 -0.60 -43.82
C MET C 483 32.12 -1.73 -42.99
N SER C 484 33.45 -1.85 -42.98
CA SER C 484 34.15 -2.88 -42.20
C SER C 484 34.71 -2.31 -40.90
N ASP C 485 34.05 -1.32 -40.32
CA ASP C 485 34.37 -0.85 -38.98
C ASP C 485 33.88 -1.90 -37.98
N ALA C 486 34.80 -2.43 -37.16
CA ALA C 486 34.43 -3.35 -36.08
C ALA C 486 34.29 -2.66 -34.74
N ALA C 487 34.59 -1.36 -34.65
CA ALA C 487 34.39 -0.66 -33.39
C ALA C 487 32.93 -0.19 -33.22
N PHE C 488 32.34 0.42 -34.25
CA PHE C 488 30.92 0.79 -34.28
C PHE C 488 30.34 0.38 -35.62
N SER C 489 29.10 -0.10 -35.61
CA SER C 489 28.47 -0.61 -36.82
C SER C 489 28.03 0.52 -37.75
N ALA C 490 28.52 0.50 -38.99
CA ALA C 490 28.09 1.46 -40.00
C ALA C 490 26.58 1.39 -40.21
N LEU C 491 25.98 0.22 -40.05
CA LEU C 491 24.54 0.11 -40.18
C LEU C 491 23.81 0.84 -39.04
N ASP C 492 24.47 1.05 -37.91
CA ASP C 492 23.85 1.81 -36.84
C ASP C 492 23.93 3.30 -37.09
N THR C 493 24.99 3.78 -37.75
CA THR C 493 25.03 5.16 -38.23
C THR C 493 23.95 5.40 -39.28
N ALA C 494 23.76 4.44 -40.19
CA ALA C 494 22.72 4.54 -41.18
C ALA C 494 21.33 4.59 -40.55
N ASP C 495 21.10 3.78 -39.50
CA ASP C 495 19.81 3.84 -38.82
C ASP C 495 19.61 5.18 -38.13
N TYR C 496 20.66 5.77 -37.55
CA TYR C 496 20.55 7.12 -37.06
C TYR C 496 20.14 8.07 -38.17
N TYR C 497 20.80 7.97 -39.33
CA TYR C 497 20.52 8.88 -40.42
C TYR C 497 19.11 8.70 -40.96
N GLU C 498 18.59 7.49 -40.96
CA GLU C 498 17.21 7.26 -41.34
C GLU C 498 16.26 7.91 -40.34
N ARG C 499 16.57 7.83 -39.04
CA ARG C 499 15.72 8.51 -38.05
C ARG C 499 15.79 10.02 -38.24
N LEU C 500 16.97 10.54 -38.56
CA LEU C 500 17.13 11.98 -38.79
C LEU C 500 16.25 12.45 -39.94
N GLY C 501 16.26 11.70 -41.05
CA GLY C 501 15.49 12.12 -42.21
C GLY C 501 13.99 12.01 -42.00
N ALA C 502 13.56 11.07 -41.16
CA ALA C 502 12.14 10.98 -40.84
C ALA C 502 11.73 12.11 -39.92
N ALA C 503 12.62 12.50 -39.00
CA ALA C 503 12.33 13.56 -38.05
C ALA C 503 12.43 14.94 -38.67
N MET C 504 13.32 15.11 -39.64
CA MET C 504 13.58 16.40 -40.27
C MET C 504 13.51 16.21 -41.79
N PRO C 505 12.30 16.18 -42.35
CA PRO C 505 12.19 16.06 -43.81
C PRO C 505 13.06 17.08 -44.52
N GLY C 506 13.72 16.64 -45.59
CA GLY C 506 14.69 17.47 -46.27
C GLY C 506 16.07 17.51 -45.65
N ALA C 507 16.41 16.55 -44.78
CA ALA C 507 17.63 16.64 -43.99
C ALA C 507 18.91 16.63 -44.86
N ALA C 508 18.87 16.04 -46.05
CA ALA C 508 20.03 16.06 -46.94
C ALA C 508 20.44 17.47 -47.35
N GLY C 509 19.55 18.46 -47.17
CA GLY C 509 19.96 19.85 -47.35
C GLY C 509 20.96 20.35 -46.34
N PHE C 510 21.15 19.66 -45.22
CA PHE C 510 22.15 20.08 -44.27
C PHE C 510 22.99 18.94 -43.68
N ALA C 511 22.61 17.68 -43.88
CA ALA C 511 23.36 16.55 -43.33
C ALA C 511 23.34 15.40 -44.32
N ARG C 512 24.51 14.86 -44.63
CA ARG C 512 24.63 13.75 -45.57
C ARG C 512 25.62 12.72 -45.02
N LEU C 513 25.34 11.45 -45.30
CA LEU C 513 26.12 10.32 -44.79
C LEU C 513 26.82 9.60 -45.95
N PHE C 514 28.11 9.39 -45.80
CA PHE C 514 28.95 8.76 -46.83
C PHE C 514 29.50 7.45 -46.27
N LEU C 515 28.89 6.33 -46.63
CA LEU C 515 29.44 5.03 -46.27
C LEU C 515 30.57 4.66 -47.23
N VAL C 516 31.56 3.92 -46.72
CA VAL C 516 32.75 3.60 -47.49
C VAL C 516 32.94 2.08 -47.49
N PRO C 517 32.57 1.42 -48.58
CA PRO C 517 32.76 -0.03 -48.66
C PRO C 517 34.22 -0.41 -48.48
N GLY C 518 34.46 -1.47 -47.71
CA GLY C 518 35.78 -2.02 -47.52
C GLY C 518 36.63 -1.36 -46.45
N MET C 519 36.31 -0.13 -46.04
CA MET C 519 37.14 0.62 -45.11
C MET C 519 36.93 0.12 -43.69
N ASN C 520 38.01 0.12 -42.92
CA ASN C 520 37.89 -0.27 -41.53
C ASN C 520 37.60 0.94 -40.64
N HIS C 521 38.15 0.95 -39.45
CA HIS C 521 37.82 1.91 -38.39
C HIS C 521 38.63 3.17 -38.59
N CYS C 522 37.98 4.19 -39.14
CA CYS C 522 38.53 5.51 -39.45
C CYS C 522 39.56 5.50 -40.59
N SER C 523 40.20 4.37 -40.86
CA SER C 523 41.16 4.31 -41.96
C SER C 523 41.45 2.85 -42.30
N GLY C 524 42.07 2.63 -43.45
CA GLY C 524 42.59 1.32 -43.81
C GLY C 524 41.57 0.42 -44.46
N GLY C 525 42.06 -0.71 -44.97
CA GLY C 525 41.23 -1.75 -45.53
C GLY C 525 41.09 -1.69 -47.03
N PRO C 526 40.49 -2.67 -47.58
CA PRO C 526 40.32 -2.71 -49.05
C PRO C 526 39.18 -1.82 -49.54
N GLY C 527 39.44 -0.52 -49.53
CA GLY C 527 38.47 0.47 -49.98
C GLY C 527 39.15 1.79 -50.18
N THR C 528 38.37 2.79 -50.61
CA THR C 528 38.90 4.13 -50.85
C THR C 528 38.74 4.94 -49.56
N ASP C 529 39.70 4.74 -48.65
CA ASP C 529 39.65 5.21 -47.27
C ASP C 529 40.31 6.56 -47.08
N ARG C 530 40.82 7.17 -48.12
CA ARG C 530 41.47 8.45 -47.98
C ARG C 530 40.67 9.54 -48.69
N PHE C 531 40.51 10.67 -48.03
CA PHE C 531 39.66 11.75 -48.56
C PHE C 531 39.87 13.02 -47.75
N ASP C 532 39.59 14.15 -48.41
CA ASP C 532 39.67 15.48 -47.82
C ASP C 532 38.23 15.90 -47.49
N MET C 533 37.85 15.78 -46.23
CA MET C 533 36.52 16.16 -45.78
C MET C 533 36.39 17.65 -45.55
N LEU C 534 37.50 18.33 -45.26
CA LEU C 534 37.43 19.75 -44.89
C LEU C 534 37.04 20.62 -46.07
N THR C 535 37.59 20.35 -47.26
CA THR C 535 37.31 21.22 -48.39
C THR C 535 35.81 21.22 -48.76
N PRO C 536 35.13 20.08 -48.89
CA PRO C 536 33.67 20.14 -49.15
C PRO C 536 32.84 20.62 -47.97
N LEU C 537 33.32 20.45 -46.73
CA LEU C 537 32.61 21.04 -45.59
C LEU C 537 32.59 22.56 -45.67
N VAL C 538 33.73 23.18 -45.96
CA VAL C 538 33.80 24.62 -46.08
C VAL C 538 32.93 25.10 -47.24
N ALA C 539 32.90 24.37 -48.35
CA ALA C 539 32.05 24.75 -49.47
C ALA C 539 30.58 24.70 -49.10
N TRP C 540 30.18 23.67 -48.36
CA TRP C 540 28.78 23.54 -47.96
C TRP C 540 28.37 24.67 -47.02
N VAL C 541 29.18 24.95 -46.01
CA VAL C 541 28.83 25.94 -45.00
C VAL C 541 28.85 27.34 -45.60
N GLU C 542 29.87 27.66 -46.38
CA GLU C 542 30.10 29.02 -46.82
C GLU C 542 29.52 29.34 -48.18
N ARG C 543 29.17 28.35 -48.97
CA ARG C 543 28.64 28.60 -50.29
C ARG C 543 27.34 27.89 -50.58
N GLY C 544 26.80 27.13 -49.62
CA GLY C 544 25.63 26.33 -49.87
C GLY C 544 25.82 25.20 -50.85
N GLU C 545 27.05 24.79 -51.10
CA GLU C 545 27.37 23.76 -52.08
C GLU C 545 27.31 22.40 -51.41
N ALA C 546 26.20 21.69 -51.57
CA ALA C 546 26.08 20.39 -50.94
C ALA C 546 26.98 19.37 -51.67
N PRO C 547 27.60 18.46 -50.93
CA PRO C 547 28.42 17.43 -51.58
C PRO C 547 27.59 16.34 -52.23
N ASP C 548 27.40 16.41 -53.54
CA ASP C 548 26.69 15.33 -54.21
C ASP C 548 27.55 14.09 -54.35
N GLN C 549 28.85 14.24 -54.16
CA GLN C 549 29.84 13.17 -54.15
C GLN C 549 31.01 13.70 -53.36
N ILE C 550 31.86 12.80 -52.88
CA ILE C 550 33.14 13.20 -52.28
C ILE C 550 34.23 12.28 -52.83
N SER C 551 35.28 12.87 -53.39
CA SER C 551 36.37 12.11 -53.97
C SER C 551 37.14 11.36 -52.88
N ALA C 552 37.43 10.09 -53.13
CA ALA C 552 38.19 9.26 -52.20
C ALA C 552 39.18 8.40 -52.97
N TRP C 553 40.22 7.93 -52.28
CA TRP C 553 41.18 7.05 -52.91
C TRP C 553 41.68 6.04 -51.88
N SER C 554 42.23 4.95 -52.39
CA SER C 554 42.67 3.87 -51.52
C SER C 554 44.08 4.16 -51.00
N GLY C 555 44.25 4.12 -49.68
CA GLY C 555 45.57 4.23 -49.12
C GLY C 555 46.43 3.01 -49.35
N THR C 556 45.81 1.85 -49.57
CA THR C 556 46.49 0.57 -49.80
C THR C 556 45.92 -0.08 -51.06
N PRO C 557 46.19 0.48 -52.24
CA PRO C 557 45.59 -0.07 -53.45
C PRO C 557 46.13 -1.45 -53.81
N GLY C 558 47.23 -1.89 -53.19
CA GLY C 558 47.67 -3.26 -53.32
C GLY C 558 46.62 -4.28 -52.97
N TYR C 559 45.61 -3.90 -52.18
CA TYR C 559 44.53 -4.81 -51.85
C TYR C 559 43.80 -5.27 -53.10
N PHE C 560 43.78 -4.44 -54.13
CA PHE C 560 43.14 -4.79 -55.40
C PHE C 560 44.14 -5.12 -56.49
N GLY C 561 45.43 -5.15 -56.15
CA GLY C 561 46.45 -5.44 -57.15
C GLY C 561 46.67 -4.33 -58.14
N VAL C 562 46.38 -3.08 -57.77
CA VAL C 562 46.56 -1.97 -58.67
C VAL C 562 47.44 -0.93 -57.98
N ALA C 563 47.94 0.01 -58.77
CA ALA C 563 48.79 1.07 -58.26
C ALA C 563 48.01 2.20 -57.62
N ALA C 564 46.73 2.34 -57.92
CA ALA C 564 45.92 3.44 -57.42
C ALA C 564 44.46 3.19 -57.78
N ARG C 565 43.57 3.58 -56.88
CA ARG C 565 42.13 3.50 -57.14
C ARG C 565 41.46 4.72 -56.52
N THR C 566 40.74 5.47 -57.34
CA THR C 566 39.89 6.57 -56.91
C THR C 566 38.45 6.22 -57.23
N ARG C 567 37.54 6.65 -56.36
CA ARG C 567 36.11 6.37 -56.43
C ARG C 567 35.36 7.55 -55.83
N PRO C 568 34.13 7.79 -56.25
CA PRO C 568 33.29 8.72 -55.48
C PRO C 568 32.72 8.04 -54.24
N LEU C 569 32.72 8.77 -53.15
CA LEU C 569 31.82 8.43 -52.05
C LEU C 569 30.47 9.06 -52.34
N CYS C 570 29.40 8.33 -52.05
CA CYS C 570 28.08 8.78 -52.44
C CYS C 570 27.18 9.04 -51.23
N PRO C 571 26.34 10.06 -51.29
CA PRO C 571 25.45 10.35 -50.16
C PRO C 571 24.39 9.26 -50.02
N TYR C 572 24.21 8.80 -48.79
CA TYR C 572 23.25 7.76 -48.47
C TYR C 572 21.87 8.19 -48.99
N PRO C 573 21.12 7.27 -49.62
CA PRO C 573 21.39 5.86 -49.81
C PRO C 573 22.06 5.49 -51.13
N GLN C 574 22.73 6.43 -51.80
CA GLN C 574 23.29 6.17 -53.11
C GLN C 574 24.59 5.37 -53.00
N ILE C 575 24.96 4.72 -54.10
CA ILE C 575 26.19 3.95 -54.18
C ILE C 575 26.89 4.25 -55.50
N ALA C 576 28.19 3.99 -55.54
CA ALA C 576 28.94 4.18 -56.77
C ALA C 576 28.55 3.15 -57.81
N ARG C 577 28.43 3.59 -59.06
CA ARG C 577 27.99 2.74 -60.16
C ARG C 577 28.89 2.98 -61.36
N TYR C 578 29.52 1.92 -61.85
CA TYR C 578 30.39 2.03 -63.01
C TYR C 578 29.59 2.50 -64.21
N LYS C 579 30.14 3.48 -64.93
CA LYS C 579 29.46 4.00 -66.11
C LYS C 579 29.49 3.04 -67.29
N GLY C 580 30.22 1.93 -67.20
CA GLY C 580 30.25 0.96 -68.27
C GLY C 580 31.46 1.00 -69.17
N SER C 581 32.31 2.02 -69.06
CA SER C 581 33.52 2.08 -69.86
C SER C 581 34.56 2.89 -69.13
N GLY C 582 35.80 2.75 -69.56
CA GLY C 582 36.92 3.41 -68.93
C GLY C 582 37.57 2.58 -67.84
N ASP C 583 38.71 3.08 -67.35
CA ASP C 583 39.46 2.43 -66.30
C ASP C 583 38.61 2.25 -65.03
N ILE C 584 38.62 1.02 -64.52
CA ILE C 584 37.96 0.61 -63.28
C ILE C 584 38.46 1.38 -62.07
N ASN C 585 39.65 1.96 -62.14
CA ASN C 585 40.31 2.52 -60.98
C ASN C 585 40.29 4.03 -60.95
N THR C 586 39.48 4.66 -61.81
CA THR C 586 39.41 6.11 -61.94
C THR C 586 37.99 6.56 -61.64
N GLU C 587 37.85 7.54 -60.75
CA GLU C 587 36.52 7.89 -60.28
C GLU C 587 35.67 8.55 -61.37
N ALA C 588 36.28 9.22 -62.34
CA ALA C 588 35.54 9.82 -63.43
C ALA C 588 34.63 8.83 -64.15
N ASN C 589 34.88 7.52 -64.02
CA ASN C 589 34.11 6.49 -64.69
C ASN C 589 32.99 5.92 -63.82
N PHE C 590 32.66 6.58 -62.72
CA PHE C 590 31.62 6.14 -61.79
C PHE C 590 30.69 7.30 -61.48
N ALA C 591 29.44 6.98 -61.21
CA ALA C 591 28.45 7.97 -60.82
C ALA C 591 27.77 7.49 -59.55
N CYS C 592 27.15 8.42 -58.84
CA CYS C 592 26.39 8.11 -57.65
C CYS C 592 24.93 7.89 -58.03
N ALA C 593 24.38 6.74 -57.67
CA ALA C 593 23.05 6.37 -58.10
C ALA C 593 22.43 5.44 -57.08
N ALA C 594 21.12 5.30 -57.16
CA ALA C 594 20.41 4.32 -56.35
C ALA C 594 20.86 2.92 -56.74
N PRO C 595 20.80 1.96 -55.81
CA PRO C 595 21.26 0.61 -56.13
C PRO C 595 20.38 -0.02 -57.17
N PRO C 596 20.92 -0.90 -58.01
CA PRO C 596 20.10 -1.59 -59.02
C PRO C 596 18.97 -2.36 -58.35
N VAL D 36 -25.75 -61.32 33.32
CA VAL D 36 -24.94 -60.11 33.26
C VAL D 36 -24.09 -60.08 31.99
N PRO D 37 -24.21 -58.99 31.24
CA PRO D 37 -23.59 -58.95 29.91
C PRO D 37 -22.10 -58.69 29.97
N LEU D 38 -21.42 -59.20 28.95
CA LEU D 38 -19.97 -59.11 28.88
C LEU D 38 -19.55 -57.70 28.52
N ALA D 39 -18.35 -57.33 28.98
CA ALA D 39 -17.71 -56.06 28.62
C ALA D 39 -18.63 -54.88 28.94
N SER D 40 -19.27 -54.94 30.10
CA SER D 40 -20.23 -53.95 30.55
C SER D 40 -19.84 -53.44 31.93
N ARG D 41 -20.50 -52.36 32.34
CA ARG D 41 -20.28 -51.84 33.68
C ARG D 41 -20.60 -52.91 34.73
N ALA D 42 -21.65 -53.70 34.51
CA ALA D 42 -21.98 -54.77 35.43
C ALA D 42 -20.88 -55.82 35.52
N ALA D 43 -20.35 -56.24 34.36
CA ALA D 43 -19.26 -57.20 34.35
C ALA D 43 -18.05 -56.66 35.08
N CYS D 44 -17.74 -55.37 34.89
CA CYS D 44 -16.62 -54.75 35.59
C CYS D 44 -16.78 -54.86 37.11
N GLU D 45 -17.92 -54.39 37.64
CA GLU D 45 -18.08 -54.33 39.09
C GLU D 45 -18.22 -55.73 39.71
N ALA D 46 -18.78 -56.68 38.97
CA ALA D 46 -18.82 -58.06 39.45
C ALA D 46 -17.42 -58.65 39.68
N LEU D 47 -16.37 -58.04 39.14
CA LEU D 47 -15.03 -58.58 39.38
C LEU D 47 -14.55 -58.35 40.80
N LYS D 48 -15.23 -57.55 41.58
CA LYS D 48 -14.78 -57.18 42.91
C LYS D 48 -15.20 -58.17 43.99
N ASP D 49 -16.17 -59.04 43.71
CA ASP D 49 -16.73 -59.95 44.72
C ASP D 49 -15.66 -60.71 45.50
N GLY D 52 -16.97 -64.47 45.30
CA GLY D 52 -17.84 -64.32 44.16
C GLY D 52 -17.51 -65.21 42.97
N ASP D 53 -17.97 -64.81 41.78
CA ASP D 53 -17.94 -65.68 40.62
C ASP D 53 -16.61 -65.67 39.85
N MET D 54 -15.80 -64.64 40.00
CA MET D 54 -14.51 -64.61 39.34
C MET D 54 -13.53 -65.55 40.03
N VAL D 55 -12.79 -66.33 39.23
CA VAL D 55 -11.80 -67.28 39.72
C VAL D 55 -10.42 -66.79 39.31
N TRP D 56 -9.66 -66.42 40.20
CA TRP D 56 -8.29 -65.96 39.99
C TRP D 56 -7.31 -67.14 40.00
N PRO D 57 -6.29 -67.13 39.14
CA PRO D 57 -5.33 -68.23 39.16
C PRO D 57 -4.53 -68.31 40.44
N ASN D 58 -4.22 -67.19 41.07
CA ASN D 58 -3.62 -67.15 42.39
C ASN D 58 -4.75 -66.87 43.39
N ALA D 59 -4.99 -67.83 44.30
CA ALA D 59 -6.07 -67.69 45.28
C ALA D 59 -5.89 -66.48 46.20
N ALA D 60 -4.67 -66.01 46.40
CA ALA D 60 -4.41 -64.84 47.24
C ALA D 60 -4.51 -63.53 46.47
N THR D 61 -5.44 -63.40 45.54
CA THR D 61 -5.67 -62.15 44.82
C THR D 61 -6.83 -61.39 45.48
N VAL D 62 -6.61 -60.12 45.78
CA VAL D 62 -7.63 -59.27 46.39
C VAL D 62 -7.89 -58.08 45.47
N VAL D 63 -9.12 -57.95 44.98
CA VAL D 63 -9.49 -56.80 44.16
C VAL D 63 -9.98 -55.68 45.06
N GLU D 64 -9.31 -54.52 44.99
CA GLU D 64 -9.69 -53.34 45.75
C GLU D 64 -10.54 -52.35 44.96
N VAL D 65 -10.38 -52.28 43.65
CA VAL D 65 -11.08 -51.32 42.81
C VAL D 65 -11.56 -52.04 41.56
N ALA D 66 -12.83 -51.86 41.22
CA ALA D 66 -13.40 -52.33 39.96
C ALA D 66 -14.39 -51.25 39.54
N ALA D 67 -13.91 -50.26 38.79
CA ALA D 67 -14.63 -49.04 38.49
C ALA D 67 -14.73 -48.84 36.98
N TRP D 68 -15.92 -48.41 36.54
CA TRP D 68 -16.14 -48.09 35.15
C TRP D 68 -15.66 -46.67 34.87
N ARG D 69 -14.91 -46.49 33.78
CA ARG D 69 -14.30 -45.20 33.45
C ARG D 69 -14.83 -44.73 32.11
N ASP D 70 -15.28 -43.48 32.08
CA ASP D 70 -15.71 -42.85 30.84
C ASP D 70 -14.51 -42.55 29.94
N ALA D 71 -14.78 -42.47 28.65
CA ALA D 71 -13.78 -42.06 27.68
C ALA D 71 -13.15 -40.72 28.06
N ALA D 72 -11.85 -40.62 27.86
CA ALA D 72 -11.15 -39.38 28.10
C ALA D 72 -10.64 -38.82 26.77
N PRO D 73 -10.85 -37.54 26.49
CA PRO D 73 -10.39 -36.96 25.23
C PRO D 73 -8.87 -36.89 25.18
N ALA D 74 -8.35 -36.67 23.98
CA ALA D 74 -6.93 -36.43 23.81
C ALA D 74 -6.52 -35.12 24.46
N THR D 75 -5.31 -35.09 25.00
CA THR D 75 -4.65 -33.91 25.52
C THR D 75 -3.42 -33.61 24.68
N ALA D 76 -2.70 -32.56 25.05
CA ALA D 76 -1.45 -32.24 24.38
C ALA D 76 -0.40 -33.36 24.52
N SER D 77 -0.51 -34.22 25.51
CA SER D 77 0.53 -35.18 25.80
C SER D 77 0.05 -36.62 25.82
N ALA D 78 -1.23 -36.90 25.63
CA ALA D 78 -1.73 -38.25 25.69
C ALA D 78 -2.88 -38.42 24.72
N ALA D 79 -2.89 -39.56 24.04
CA ALA D 79 -3.99 -39.88 23.16
C ALA D 79 -5.24 -40.20 23.98
N ALA D 80 -6.39 -39.97 23.34
CA ALA D 80 -7.69 -40.24 23.96
C ALA D 80 -7.79 -41.68 24.44
N LEU D 81 -8.40 -41.84 25.60
CA LEU D 81 -8.60 -43.15 26.19
C LEU D 81 -10.05 -43.55 26.03
N PRO D 82 -10.32 -44.75 25.53
CA PRO D 82 -11.71 -45.21 25.44
C PRO D 82 -12.28 -45.58 26.79
N GLU D 83 -13.61 -45.60 26.85
CA GLU D 83 -14.33 -46.09 28.00
C GLU D 83 -13.91 -47.52 28.33
N HIS D 84 -13.77 -47.82 29.61
CA HIS D 84 -13.10 -49.06 30.01
C HIS D 84 -13.36 -49.36 31.48
N CYS D 85 -13.13 -50.63 31.83
CA CYS D 85 -13.15 -51.09 33.20
C CYS D 85 -11.74 -51.00 33.79
N GLU D 86 -11.63 -50.41 34.97
CA GLU D 86 -10.36 -50.33 35.68
C GLU D 86 -10.44 -51.23 36.91
N VAL D 87 -9.50 -52.17 37.01
CA VAL D 87 -9.38 -53.08 38.14
C VAL D 87 -8.01 -52.90 38.76
N SER D 88 -7.95 -52.82 40.09
CA SER D 88 -6.66 -52.80 40.78
C SER D 88 -6.82 -53.58 42.05
N GLY D 89 -5.67 -54.00 42.58
CA GLY D 89 -5.63 -54.88 43.74
C GLY D 89 -4.24 -55.45 43.94
N ALA D 90 -4.16 -56.50 44.73
CA ALA D 90 -2.87 -57.05 45.11
C ALA D 90 -2.93 -58.56 45.21
N ILE D 91 -1.77 -59.16 45.05
CA ILE D 91 -1.59 -60.61 45.08
C ILE D 91 -0.60 -60.92 46.18
N ALA D 92 -0.90 -61.96 46.95
CA ALA D 92 0.05 -62.54 47.91
C ALA D 92 0.49 -61.53 48.97
N LYS D 93 -0.50 -60.92 49.62
CA LYS D 93 -0.25 -60.09 50.79
C LYS D 93 0.41 -60.91 51.90
N ARG D 94 1.49 -60.39 52.47
CA ARG D 94 2.30 -61.16 53.41
C ARG D 94 3.15 -60.19 54.21
N THR D 95 3.85 -60.69 55.21
CA THR D 95 4.87 -59.87 55.84
C THR D 95 6.21 -60.56 55.69
N GLY D 96 7.24 -59.77 55.34
CA GLY D 96 8.54 -60.31 55.07
C GLY D 96 9.39 -60.50 56.30
N ILE D 97 10.55 -61.13 56.12
CA ILE D 97 11.41 -61.43 57.24
C ILE D 97 12.03 -60.19 57.86
N ASP D 98 11.90 -59.04 57.20
CA ASP D 98 12.32 -57.78 57.76
C ASP D 98 11.22 -57.09 58.55
N GLY D 99 10.07 -57.74 58.72
CA GLY D 99 8.95 -57.12 59.41
C GLY D 99 8.04 -56.23 58.58
N TYR D 100 8.37 -55.97 57.33
CA TYR D 100 7.58 -55.05 56.53
C TYR D 100 6.48 -55.79 55.76
N PRO D 101 5.41 -55.11 55.40
CA PRO D 101 4.41 -55.72 54.52
C PRO D 101 4.87 -55.77 53.07
N TYR D 102 4.49 -56.84 52.38
CA TYR D 102 4.75 -56.97 50.95
C TYR D 102 3.52 -57.49 50.25
N GLU D 103 3.34 -57.02 49.01
CA GLU D 103 2.29 -57.50 48.12
C GLU D 103 2.67 -57.14 46.69
N ILE D 104 2.04 -57.82 45.76
CA ILE D 104 2.23 -57.58 44.33
C ILE D 104 0.99 -56.82 43.87
N LYS D 105 1.12 -55.53 43.65
CA LYS D 105 0.02 -54.72 43.15
C LYS D 105 -0.07 -54.79 41.64
N PHE D 106 -1.30 -54.78 41.13
CA PHE D 106 -1.56 -54.65 39.72
C PHE D 106 -2.66 -53.62 39.50
N ARG D 107 -2.65 -53.05 38.30
CA ARG D 107 -3.76 -52.26 37.80
C ARG D 107 -3.99 -52.66 36.35
N LEU D 108 -5.23 -52.96 36.02
CA LEU D 108 -5.63 -53.48 34.73
C LEU D 108 -6.73 -52.59 34.14
N ARG D 109 -6.65 -52.30 32.83
CA ARG D 109 -7.69 -51.54 32.16
C ARG D 109 -8.20 -52.30 30.95
N MET D 110 -9.50 -52.57 30.93
CA MET D 110 -10.11 -53.34 29.85
C MET D 110 -11.13 -52.48 29.11
N PRO D 111 -10.85 -52.07 27.87
CA PRO D 111 -11.78 -51.19 27.15
C PRO D 111 -13.05 -51.91 26.75
N ALA D 112 -14.15 -51.15 26.77
CA ALA D 112 -15.43 -51.70 26.34
C ALA D 112 -15.37 -52.18 24.89
N GLU D 113 -14.70 -51.43 24.03
CA GLU D 113 -14.46 -51.83 22.64
C GLU D 113 -13.00 -52.29 22.56
N TRP D 114 -12.81 -53.60 22.41
CA TRP D 114 -11.53 -54.27 22.62
C TRP D 114 -11.04 -54.88 21.32
N ASN D 115 -9.75 -54.70 21.01
CA ASN D 115 -9.19 -55.24 19.78
C ASN D 115 -8.74 -56.70 19.95
N GLY D 116 -9.08 -57.34 21.06
CA GLY D 116 -8.72 -58.72 21.32
C GLY D 116 -7.28 -58.95 21.74
N ARG D 117 -6.53 -57.90 22.05
CA ARG D 117 -5.12 -58.02 22.37
C ARG D 117 -4.86 -57.58 23.80
N PHE D 118 -3.88 -58.23 24.42
CA PHE D 118 -3.44 -57.98 25.79
C PHE D 118 -2.05 -57.33 25.77
N PHE D 119 -1.81 -56.42 26.70
CA PHE D 119 -0.60 -55.61 26.73
C PHE D 119 -0.15 -55.43 28.17
N MET D 120 1.15 -55.57 28.40
CA MET D 120 1.74 -55.26 29.68
C MET D 120 2.87 -54.28 29.46
N GLU D 121 2.93 -53.25 30.27
CA GLU D 121 4.09 -52.36 30.26
C GLU D 121 5.10 -52.81 31.29
N GLY D 122 6.38 -52.58 31.00
CA GLY D 122 7.44 -52.90 31.92
C GLY D 122 7.70 -51.83 32.97
N GLY D 123 8.56 -52.17 33.91
CA GLY D 123 8.88 -51.33 35.04
C GLY D 123 9.99 -50.34 34.75
N SER D 124 10.49 -49.75 35.82
CA SER D 124 11.49 -48.71 35.75
C SER D 124 12.23 -48.58 37.08
N GLY D 125 13.53 -48.34 37.01
CA GLY D 125 14.31 -48.20 38.21
C GLY D 125 14.27 -49.48 39.00
N THR D 126 14.04 -49.38 40.32
CA THR D 126 13.88 -50.54 41.18
C THR D 126 12.41 -50.87 41.39
N ASN D 127 11.53 -50.39 40.52
CA ASN D 127 10.08 -50.56 40.59
C ASN D 127 9.56 -49.98 41.91
N GLY D 128 8.52 -50.57 42.48
CA GLY D 128 7.91 -50.08 43.68
C GLY D 128 6.83 -49.04 43.47
N SER D 129 6.49 -48.71 42.23
CA SER D 129 5.38 -47.81 41.99
C SER D 129 4.41 -48.44 41.00
N LEU D 130 3.14 -48.03 41.13
CA LEU D 130 2.06 -48.50 40.27
C LEU D 130 1.66 -47.36 39.36
N SER D 131 1.90 -47.53 38.06
CA SER D 131 1.56 -46.49 37.11
C SER D 131 0.05 -46.45 36.85
N ALA D 132 -0.35 -45.46 36.07
CA ALA D 132 -1.72 -45.36 35.63
C ALA D 132 -2.16 -46.55 34.81
N ALA D 133 -1.21 -47.29 34.22
CA ALA D 133 -1.47 -48.57 33.57
C ALA D 133 -2.35 -48.41 32.32
N THR D 134 -2.06 -47.41 31.52
CA THR D 134 -2.67 -47.28 30.21
C THR D 134 -1.84 -47.94 29.10
N GLY D 135 -0.73 -48.58 29.45
CA GLY D 135 0.07 -49.28 28.48
C GLY D 135 1.03 -48.39 27.74
N SER D 136 2.07 -47.91 28.42
CA SER D 136 3.05 -47.07 27.77
C SER D 136 3.82 -47.89 26.73
N ILE D 137 4.09 -47.30 25.58
CA ILE D 137 4.86 -48.00 24.58
C ILE D 137 6.25 -47.43 24.44
N GLY D 138 6.65 -46.53 25.32
CA GLY D 138 7.94 -45.89 25.26
C GLY D 138 8.14 -45.16 23.93
N GLY D 139 9.40 -44.85 23.65
CA GLY D 139 9.74 -44.14 22.45
C GLY D 139 9.24 -42.71 22.41
N GLY D 140 8.87 -42.13 23.55
CA GLY D 140 8.35 -40.79 23.58
C GLY D 140 7.02 -40.63 22.89
N GLN D 141 6.19 -41.67 22.90
CA GLN D 141 4.99 -41.72 22.08
C GLN D 141 3.77 -41.13 22.78
N ILE D 142 2.99 -40.38 22.02
CA ILE D 142 1.70 -39.86 22.46
C ILE D 142 0.71 -40.98 22.74
N ALA D 143 0.70 -42.01 21.90
CA ALA D 143 -0.31 -43.06 22.04
C ALA D 143 0.09 -44.04 23.13
N SER D 144 -0.90 -44.48 23.90
CA SER D 144 -0.79 -45.61 24.80
C SER D 144 -1.47 -46.81 24.16
N ALA D 145 -1.19 -48.00 24.69
CA ALA D 145 -1.84 -49.20 24.18
C ALA D 145 -3.34 -49.18 24.45
N LEU D 146 -3.75 -48.65 25.60
CA LEU D 146 -5.18 -48.55 25.86
C LEU D 146 -5.85 -47.65 24.83
N SER D 147 -5.21 -46.55 24.44
CA SER D 147 -5.75 -45.69 23.40
C SER D 147 -5.90 -46.42 22.08
N ARG D 148 -5.24 -47.57 21.91
CA ARG D 148 -5.37 -48.40 20.73
C ARG D 148 -6.24 -49.61 20.97
N ASN D 149 -7.03 -49.58 22.05
CA ASN D 149 -8.04 -50.56 22.39
C ASN D 149 -7.45 -51.91 22.78
N PHE D 150 -6.23 -51.89 23.30
CA PHE D 150 -5.67 -53.01 24.05
C PHE D 150 -6.24 -53.02 25.47
N ALA D 151 -6.38 -54.21 26.03
CA ALA D 151 -6.45 -54.36 27.48
C ALA D 151 -5.04 -54.24 28.05
N THR D 152 -4.86 -53.42 29.07
CA THR D 152 -3.53 -53.06 29.53
C THR D 152 -3.38 -53.34 31.03
N ILE D 153 -2.16 -53.71 31.44
CA ILE D 153 -1.89 -54.02 32.84
C ILE D 153 -0.49 -53.55 33.21
N ALA D 154 -0.29 -53.30 34.51
CA ALA D 154 0.96 -52.83 35.09
C ALA D 154 1.08 -53.39 36.51
N THR D 155 2.31 -53.43 37.01
CA THR D 155 2.57 -53.91 38.36
C THR D 155 3.59 -53.01 39.03
N ASP D 156 3.68 -53.11 40.35
CA ASP D 156 4.75 -52.44 41.08
C ASP D 156 5.93 -53.35 41.36
N GLY D 157 5.87 -54.62 40.99
CA GLY D 157 7.00 -55.51 41.14
C GLY D 157 7.12 -56.22 42.46
N GLY D 158 6.14 -56.09 43.36
CA GLY D 158 6.15 -56.80 44.61
C GLY D 158 6.52 -55.99 45.85
N HIS D 159 6.80 -54.71 45.72
CA HIS D 159 7.06 -53.84 46.86
C HIS D 159 6.58 -52.45 46.51
N ASP D 160 6.49 -51.60 47.54
CA ASP D 160 5.77 -50.32 47.45
C ASP D 160 6.67 -49.21 47.98
N ASN D 161 7.03 -48.27 47.11
CA ASN D 161 7.99 -47.24 47.49
C ASN D 161 7.52 -46.38 48.67
N ALA D 162 6.21 -46.31 48.91
CA ALA D 162 5.68 -45.54 50.02
C ALA D 162 5.66 -46.30 51.33
N VAL D 163 5.76 -47.62 51.29
CA VAL D 163 5.71 -48.46 52.48
C VAL D 163 7.04 -49.12 52.75
N ASN D 164 7.67 -49.67 51.72
CA ASN D 164 8.93 -50.37 51.88
C ASN D 164 10.10 -49.39 51.74
N ASP D 165 10.05 -48.39 52.59
CA ASP D 165 11.04 -47.32 52.64
C ASP D 165 11.67 -47.39 54.02
N ASN D 166 12.84 -48.02 54.10
CA ASN D 166 13.49 -48.28 55.36
C ASN D 166 14.69 -47.37 55.49
N PRO D 167 14.68 -46.48 56.48
CA PRO D 167 15.78 -45.51 56.61
C PRO D 167 17.10 -46.13 56.94
N ASP D 168 17.11 -47.32 57.50
CA ASP D 168 18.36 -48.01 57.82
C ASP D 168 18.84 -48.91 56.69
N ALA D 169 18.06 -49.09 55.63
CA ALA D 169 18.41 -49.95 54.49
C ALA D 169 18.33 -49.17 53.19
N LEU D 170 18.77 -47.92 53.22
CA LEU D 170 18.99 -47.10 52.03
C LEU D 170 17.69 -46.75 51.29
N GLY D 171 16.57 -46.74 51.98
CA GLY D 171 15.38 -46.10 51.44
C GLY D 171 14.51 -47.06 50.64
N THR D 172 14.18 -46.67 49.41
CA THR D 172 13.25 -47.49 48.64
C THR D 172 13.89 -48.68 47.96
N VAL D 173 15.19 -48.92 48.17
CA VAL D 173 15.79 -50.18 47.74
C VAL D 173 15.66 -51.22 48.83
N ALA D 174 14.97 -50.89 49.92
CA ALA D 174 15.02 -51.70 51.12
C ALA D 174 14.29 -53.02 51.00
N PHE D 175 13.49 -53.22 49.95
CA PHE D 175 12.88 -54.52 49.69
C PHE D 175 13.92 -55.62 49.55
N GLY D 176 15.17 -55.27 49.27
CA GLY D 176 16.19 -56.26 49.13
C GLY D 176 16.49 -57.03 50.39
N LEU D 177 16.02 -56.56 51.55
CA LEU D 177 16.22 -57.31 52.77
C LEU D 177 15.31 -58.53 52.87
N ASP D 178 14.28 -58.63 52.04
CA ASP D 178 13.40 -59.79 52.08
C ASP D 178 13.64 -60.71 50.89
N PRO D 179 13.99 -61.98 51.11
CA PRO D 179 14.28 -62.87 49.98
C PRO D 179 13.13 -63.05 49.01
N GLN D 180 11.88 -63.17 49.49
CA GLN D 180 10.77 -63.34 48.58
C GLN D 180 10.57 -62.10 47.71
N ALA D 181 10.71 -60.90 48.31
CA ALA D 181 10.56 -59.67 47.56
C ALA D 181 11.58 -59.56 46.45
N ARG D 182 12.77 -60.12 46.67
CA ARG D 182 13.77 -60.20 45.61
C ARG D 182 13.25 -61.07 44.46
N LEU D 183 12.73 -62.25 44.79
CA LEU D 183 12.22 -63.13 43.76
C LEU D 183 11.06 -62.49 42.99
N ASP D 184 10.22 -61.73 43.69
CA ASP D 184 9.11 -61.04 43.04
C ASP D 184 9.61 -59.96 42.10
N MET D 185 10.61 -59.19 42.54
CA MET D 185 11.21 -58.16 41.70
C MET D 185 11.89 -58.78 40.46
N GLY D 186 12.56 -59.91 40.62
CA GLY D 186 13.24 -60.56 39.54
C GLY D 186 12.36 -61.19 38.49
N TYR D 187 11.38 -61.98 38.89
CA TYR D 187 10.54 -62.65 37.91
C TYR D 187 9.12 -62.95 38.37
N ASN D 188 8.90 -63.17 39.67
CA ASN D 188 7.64 -63.75 40.06
C ASN D 188 6.47 -62.77 39.92
N SER D 189 6.68 -61.48 40.20
CA SER D 189 5.57 -60.53 40.12
C SER D 189 5.02 -60.44 38.70
N TYR D 190 5.90 -60.26 37.71
CA TYR D 190 5.44 -60.15 36.32
C TYR D 190 4.67 -61.39 35.92
N ASP D 191 5.11 -62.56 36.39
CA ASP D 191 4.42 -63.82 36.13
C ASP D 191 3.02 -63.81 36.73
N GLN D 192 2.91 -63.59 38.04
CA GLN D 192 1.62 -63.52 38.71
C GLN D 192 0.66 -62.56 38.01
N VAL D 193 1.13 -61.36 37.70
CA VAL D 193 0.27 -60.33 37.15
C VAL D 193 -0.18 -60.67 35.72
N THR D 194 0.71 -61.28 34.94
CA THR D 194 0.32 -61.73 33.61
C THR D 194 -0.84 -62.72 33.69
N GLN D 195 -0.75 -63.69 34.59
CA GLN D 195 -1.79 -64.70 34.72
C GLN D 195 -3.10 -64.09 35.20
N ALA D 196 -3.03 -63.22 36.21
CA ALA D 196 -4.25 -62.60 36.73
C ALA D 196 -4.93 -61.76 35.67
N GLY D 197 -4.15 -60.95 34.95
CA GLY D 197 -4.68 -60.13 33.89
C GLY D 197 -5.34 -60.92 32.78
N LYS D 198 -4.71 -62.02 32.35
CA LYS D 198 -5.32 -62.82 31.29
C LYS D 198 -6.59 -63.51 31.78
N ALA D 199 -6.65 -63.89 33.06
CA ALA D 199 -7.87 -64.47 33.59
C ALA D 199 -9.00 -63.45 33.64
N ALA D 200 -8.69 -62.21 34.03
CA ALA D 200 -9.73 -61.19 34.11
C ALA D 200 -10.24 -60.81 32.73
N VAL D 201 -9.32 -60.74 31.75
CA VAL D 201 -9.69 -60.50 30.36
C VAL D 201 -10.67 -61.57 29.90
N ALA D 202 -10.35 -62.83 30.18
CA ALA D 202 -11.23 -63.94 29.80
C ALA D 202 -12.59 -63.83 30.47
N ARG D 203 -12.62 -63.45 31.73
CA ARG D 203 -13.88 -63.26 32.43
C ARG D 203 -14.68 -62.09 31.85
N PHE D 204 -14.04 -60.93 31.72
CA PHE D 204 -14.73 -59.70 31.32
C PHE D 204 -15.27 -59.80 29.90
N TYR D 205 -14.51 -60.40 28.98
CA TYR D 205 -14.88 -60.47 27.57
C TYR D 205 -15.50 -61.78 27.16
N GLY D 206 -15.47 -62.81 28.01
CA GLY D 206 -15.95 -64.10 27.58
C GLY D 206 -15.10 -64.75 26.52
N ARG D 207 -13.86 -64.30 26.36
CA ARG D 207 -12.93 -64.92 25.44
C ARG D 207 -11.52 -64.50 25.83
N ALA D 208 -10.54 -65.32 25.45
CA ALA D 208 -9.16 -65.03 25.80
C ALA D 208 -8.53 -64.10 24.78
N ALA D 209 -7.50 -63.37 25.21
CA ALA D 209 -6.75 -62.54 24.30
C ALA D 209 -6.22 -63.36 23.12
N ASP D 210 -6.34 -62.79 21.90
CA ASP D 210 -5.78 -63.46 20.73
C ASP D 210 -4.25 -63.48 20.78
N LYS D 211 -3.65 -62.33 21.06
CA LYS D 211 -2.20 -62.20 21.16
C LYS D 211 -1.90 -61.28 22.34
N SER D 212 -0.74 -61.49 22.94
CA SER D 212 -0.26 -60.71 24.07
C SER D 212 1.06 -60.04 23.74
N TYR D 213 1.23 -58.82 24.25
CA TYR D 213 2.36 -57.97 23.92
C TYR D 213 2.93 -57.34 25.18
N PHE D 214 4.27 -57.28 25.25
CA PHE D 214 5.00 -56.67 26.36
C PHE D 214 5.99 -55.64 25.84
N ILE D 215 6.02 -54.47 26.46
CA ILE D 215 6.99 -53.44 26.09
C ILE D 215 7.59 -52.85 27.35
N GLY D 216 8.92 -52.83 27.43
CA GLY D 216 9.61 -52.28 28.56
C GLY D 216 10.95 -51.70 28.15
N CYS D 217 11.43 -50.75 28.93
CA CYS D 217 12.74 -50.17 28.67
C CYS D 217 13.53 -50.15 29.97
N SER D 218 14.82 -50.43 29.85
CA SER D 218 15.76 -50.46 30.97
C SER D 218 15.42 -51.60 31.91
N GLU D 219 14.98 -51.31 33.14
CA GLU D 219 14.47 -52.39 33.99
C GLU D 219 13.34 -53.12 33.29
N GLY D 220 12.50 -52.37 32.58
CA GLY D 220 11.46 -52.97 31.76
C GLY D 220 11.98 -53.82 30.63
N GLY D 221 13.11 -53.46 30.04
CA GLY D 221 13.69 -54.30 29.01
C GLY D 221 14.27 -55.58 29.58
N ARG D 222 14.86 -55.51 30.77
CA ARG D 222 15.27 -56.72 31.47
C ARG D 222 14.09 -57.65 31.66
N GLU D 223 12.96 -57.09 32.11
CA GLU D 223 11.76 -57.88 32.31
C GLU D 223 11.30 -58.55 31.01
N GLY D 224 11.33 -57.83 29.90
CA GLY D 224 10.97 -58.43 28.62
C GLY D 224 11.88 -59.57 28.21
N MET D 225 13.19 -59.38 28.35
CA MET D 225 14.12 -60.47 28.03
C MET D 225 13.91 -61.64 28.98
N MET D 226 13.65 -61.35 30.25
CA MET D 226 13.37 -62.41 31.21
C MET D 226 12.15 -63.21 30.80
N LEU D 227 11.10 -62.53 30.31
CA LEU D 227 9.89 -63.24 29.91
C LEU D 227 10.17 -64.15 28.70
N SER D 228 10.95 -63.68 27.74
CA SER D 228 11.24 -64.52 26.59
C SER D 228 12.00 -65.79 26.99
N GLN D 229 12.87 -65.72 27.99
CA GLN D 229 13.69 -66.85 28.42
C GLN D 229 12.99 -67.75 29.43
N ARG D 230 12.38 -67.16 30.44
CA ARG D 230 11.78 -67.85 31.56
C ARG D 230 10.31 -68.21 31.34
N PHE D 231 9.54 -67.35 30.67
CA PHE D 231 8.11 -67.56 30.50
C PHE D 231 7.73 -67.38 29.02
N PRO D 232 8.21 -68.28 28.16
CA PRO D 232 8.11 -68.02 26.71
C PRO D 232 6.69 -67.84 26.19
N SER D 233 5.68 -68.49 26.75
CA SER D 233 4.33 -68.33 26.21
C SER D 233 3.53 -67.19 26.86
N HIS D 234 4.11 -66.40 27.74
CA HIS D 234 3.35 -65.29 28.32
C HIS D 234 3.05 -64.23 27.28
N TYR D 235 4.01 -63.90 26.46
CA TYR D 235 3.87 -62.86 25.45
C TYR D 235 4.27 -63.38 24.09
N ASP D 236 3.49 -62.99 23.09
CA ASP D 236 3.77 -63.29 21.71
C ASP D 236 4.76 -62.28 21.13
N GLY D 237 4.62 -61.03 21.50
CA GLY D 237 5.51 -59.99 21.06
C GLY D 237 6.10 -59.28 22.26
N ILE D 238 7.40 -59.05 22.22
CA ILE D 238 8.13 -58.34 23.26
C ILE D 238 9.02 -57.29 22.61
N VAL D 239 8.97 -56.07 23.13
CA VAL D 239 9.94 -55.03 22.87
C VAL D 239 10.75 -54.86 24.14
N ALA D 240 12.07 -55.03 24.04
CA ALA D 240 12.96 -54.80 25.18
C ALA D 240 13.90 -53.66 24.83
N GLY D 241 13.63 -52.46 25.34
CA GLY D 241 14.52 -51.34 25.17
C GLY D 241 15.60 -51.28 26.22
N ALA D 242 16.78 -50.82 25.80
CA ALA D 242 17.99 -50.64 26.60
C ALA D 242 18.06 -51.63 27.77
N PRO D 243 17.99 -52.94 27.51
CA PRO D 243 17.63 -53.88 28.57
C PRO D 243 18.77 -54.15 29.56
N GLY D 244 18.48 -53.94 30.84
CA GLY D 244 19.39 -54.26 31.92
C GLY D 244 19.46 -55.77 32.18
N TYR D 245 19.74 -56.55 31.15
CA TYR D 245 19.72 -57.99 31.31
C TYR D 245 20.84 -58.50 32.21
N GLN D 246 21.85 -57.70 32.51
CA GLN D 246 22.85 -58.04 33.51
C GLN D 246 22.87 -57.02 34.64
N LEU D 247 21.68 -56.63 35.09
CA LEU D 247 21.55 -55.52 36.05
C LEU D 247 22.39 -55.66 37.30
N PRO D 248 22.56 -56.84 37.92
CA PRO D 248 23.40 -56.90 39.12
C PRO D 248 24.83 -56.45 38.90
N LYS D 249 25.28 -56.37 37.65
CA LYS D 249 26.62 -55.88 37.35
C LYS D 249 26.72 -54.36 37.20
N ALA D 250 25.59 -53.66 37.12
CA ALA D 250 25.68 -52.21 36.93
C ALA D 250 26.45 -51.54 38.05
N GLY D 251 26.22 -51.96 39.30
CA GLY D 251 26.97 -51.41 40.41
C GLY D 251 28.46 -51.74 40.35
N ILE D 252 28.82 -52.86 39.72
CA ILE D 252 30.24 -53.11 39.50
C ILE D 252 30.80 -52.08 38.54
N SER D 253 30.09 -51.83 37.45
CA SER D 253 30.50 -50.77 36.54
C SER D 253 30.56 -49.42 37.26
N GLY D 254 29.59 -49.16 38.14
CA GLY D 254 29.56 -47.89 38.82
C GLY D 254 30.75 -47.69 39.74
N ALA D 255 31.10 -48.72 40.50
CA ALA D 255 32.33 -48.65 41.30
C ALA D 255 33.52 -48.37 40.42
N TRP D 256 33.60 -49.04 39.28
CA TRP D 256 34.72 -48.88 38.37
C TRP D 256 34.77 -47.47 37.82
N THR D 257 33.65 -46.98 37.27
CA THR D 257 33.68 -45.63 36.73
C THR D 257 33.91 -44.61 37.82
N THR D 258 33.44 -44.86 39.04
CA THR D 258 33.72 -43.94 40.14
C THR D 258 35.21 -43.87 40.43
N GLN D 259 35.84 -45.02 40.63
CA GLN D 259 37.26 -45.02 40.90
C GLN D 259 38.08 -44.54 39.70
N SER D 260 37.59 -44.76 38.48
CA SER D 260 38.33 -44.30 37.32
C SER D 260 38.32 -42.78 37.24
N LEU D 261 37.20 -42.18 37.59
CA LEU D 261 37.05 -40.74 37.44
C LEU D 261 37.62 -39.97 38.62
N ALA D 262 37.81 -40.63 39.76
CA ALA D 262 38.31 -39.97 40.96
C ALA D 262 39.60 -39.18 40.74
N PRO D 263 40.61 -39.68 40.02
CA PRO D 263 41.82 -38.87 39.85
C PRO D 263 41.59 -37.51 39.21
N ALA D 264 40.51 -37.35 38.46
CA ALA D 264 40.21 -36.09 37.78
C ALA D 264 39.24 -35.23 38.57
N ALA D 265 38.76 -35.70 39.71
CA ALA D 265 37.86 -34.90 40.51
C ALA D 265 38.59 -33.69 41.08
N VAL D 266 37.83 -32.68 41.44
CA VAL D 266 38.37 -31.47 42.06
C VAL D 266 37.53 -31.19 43.30
N GLY D 267 38.15 -31.28 44.47
CA GLY D 267 37.45 -31.07 45.72
C GLY D 267 36.86 -32.35 46.26
N LEU D 268 36.54 -32.31 47.55
CA LEU D 268 35.92 -33.41 48.26
C LEU D 268 34.51 -33.04 48.68
N ASP D 269 33.68 -34.04 48.89
CA ASP D 269 32.34 -33.79 49.40
C ASP D 269 32.37 -33.86 50.93
N ALA D 270 31.19 -33.80 51.54
CA ALA D 270 31.09 -33.63 52.98
C ALA D 270 31.70 -34.79 53.76
N GLN D 271 31.84 -35.97 53.17
CA GLN D 271 32.52 -37.04 53.87
C GLN D 271 33.86 -37.38 53.25
N GLY D 272 34.47 -36.44 52.54
CA GLY D 272 35.81 -36.64 52.04
C GLY D 272 35.93 -37.49 50.81
N VAL D 273 34.83 -37.74 50.11
CA VAL D 273 34.87 -38.47 48.84
C VAL D 273 35.09 -37.44 47.72
N PRO D 274 35.99 -37.71 46.78
CA PRO D 274 36.18 -36.76 45.68
C PRO D 274 34.88 -36.44 44.96
N LEU D 275 34.77 -35.20 44.50
CA LEU D 275 33.60 -34.75 43.76
C LEU D 275 33.71 -35.24 42.32
N ILE D 276 33.09 -36.38 42.04
CA ILE D 276 33.17 -36.98 40.72
C ILE D 276 32.50 -36.10 39.69
N ASN D 277 31.44 -35.39 40.09
CA ASN D 277 30.76 -34.48 39.18
C ASN D 277 31.67 -33.36 38.69
N LYS D 278 32.80 -33.14 39.37
CA LYS D 278 33.74 -32.08 39.05
C LYS D 278 34.84 -32.50 38.09
N SER D 279 34.87 -33.77 37.70
CA SER D 279 35.95 -34.25 36.82
C SER D 279 35.83 -33.68 35.41
N PHE D 280 34.63 -33.33 34.98
CA PHE D 280 34.39 -32.79 33.64
C PHE D 280 33.32 -31.72 33.72
N SER D 281 33.62 -30.53 33.22
CA SER D 281 32.56 -29.56 33.03
C SER D 281 31.69 -29.98 31.86
N ASP D 282 30.53 -29.34 31.76
CA ASP D 282 29.69 -29.59 30.59
C ASP D 282 30.42 -29.20 29.31
N ALA D 283 31.19 -28.11 29.36
CA ALA D 283 31.97 -27.70 28.20
C ALA D 283 33.06 -28.70 27.88
N ASP D 284 33.65 -29.32 28.90
CA ASP D 284 34.63 -30.37 28.68
C ASP D 284 34.01 -31.55 27.95
N LEU D 285 32.83 -31.98 28.38
CA LEU D 285 32.15 -33.10 27.73
C LEU D 285 31.79 -32.76 26.30
N HIS D 286 31.39 -31.52 26.04
CA HIS D 286 31.06 -31.14 24.69
C HIS D 286 32.29 -31.16 23.80
N LEU D 287 33.44 -30.79 24.35
CA LEU D 287 34.71 -30.97 23.67
C LEU D 287 34.89 -32.42 23.24
N LEU D 288 34.75 -33.33 24.20
CA LEU D 288 34.88 -34.75 23.91
C LEU D 288 33.95 -35.17 22.78
N SER D 289 32.68 -34.75 22.85
CA SER D 289 31.73 -35.21 21.86
C SER D 289 31.98 -34.60 20.50
N GLN D 290 32.47 -33.36 20.45
CA GLN D 290 32.88 -32.76 19.18
C GLN D 290 34.09 -33.49 18.58
N ALA D 291 35.04 -33.89 19.40
CA ALA D 291 36.17 -34.66 18.89
C ALA D 291 35.73 -36.01 18.36
N ILE D 292 34.74 -36.63 19.03
CA ILE D 292 34.21 -37.89 18.55
C ILE D 292 33.62 -37.72 17.15
N LEU D 293 32.85 -36.64 16.95
CA LEU D 293 32.28 -36.41 15.64
C LEU D 293 33.36 -36.12 14.62
N GLY D 294 34.40 -35.38 15.03
CA GLY D 294 35.48 -35.10 14.11
C GLY D 294 36.12 -36.36 13.57
N THR D 295 36.23 -37.39 14.40
CA THR D 295 36.77 -38.66 13.96
C THR D 295 35.73 -39.52 13.27
N CYS D 296 34.51 -39.50 13.78
CA CYS D 296 33.57 -40.58 13.50
C CYS D 296 32.38 -40.20 12.63
N ASP D 297 31.99 -38.92 12.61
CA ASP D 297 30.74 -38.53 11.92
C ASP D 297 30.77 -38.92 10.45
N ALA D 298 31.83 -38.58 9.73
CA ALA D 298 31.91 -38.81 8.30
C ALA D 298 32.16 -40.26 7.91
N LEU D 299 32.36 -41.17 8.87
CA LEU D 299 32.67 -42.56 8.55
C LEU D 299 31.48 -43.33 8.02
N ASP D 300 30.29 -42.73 8.02
CA ASP D 300 29.12 -43.33 7.39
C ASP D 300 28.80 -42.68 6.05
N GLY D 301 29.56 -41.68 5.63
CA GLY D 301 29.35 -41.02 4.36
C GLY D 301 28.70 -39.65 4.43
N LEU D 302 28.26 -39.20 5.61
CA LEU D 302 27.50 -37.96 5.71
C LEU D 302 27.86 -37.25 7.01
N ALA D 303 28.47 -36.08 6.92
CA ALA D 303 28.73 -35.24 8.08
C ALA D 303 27.43 -34.55 8.47
N ASP D 304 26.73 -35.11 9.47
CA ASP D 304 25.45 -34.60 9.90
C ASP D 304 25.31 -34.62 11.41
N GLY D 305 26.40 -34.68 12.16
CA GLY D 305 26.33 -34.79 13.60
C GLY D 305 25.87 -36.11 14.14
N ILE D 306 25.78 -37.16 13.32
CA ILE D 306 25.33 -38.47 13.78
C ILE D 306 26.37 -39.51 13.37
N VAL D 307 26.76 -40.35 14.32
CA VAL D 307 27.73 -41.42 14.08
C VAL D 307 26.92 -42.69 13.79
N ASP D 308 26.57 -42.90 12.53
CA ASP D 308 25.84 -44.11 12.18
C ASP D 308 26.74 -45.35 12.17
N ASN D 309 28.01 -45.19 11.82
CA ASN D 309 28.95 -46.31 11.75
C ASN D 309 29.69 -46.44 13.08
N TYR D 310 28.96 -46.95 14.07
CA TYR D 310 29.48 -46.99 15.42
C TYR D 310 30.65 -47.96 15.55
N ARG D 311 30.66 -49.05 14.76
CA ARG D 311 31.80 -49.98 14.81
C ARG D 311 33.06 -49.32 14.32
N ALA D 312 32.97 -48.57 13.22
CA ALA D 312 34.15 -47.87 12.74
C ALA D 312 34.61 -46.84 13.75
N CYS D 313 33.66 -46.20 14.44
CA CYS D 313 34.02 -45.21 15.44
C CYS D 313 34.85 -45.83 16.56
N GLN D 314 34.43 -47.00 17.04
CA GLN D 314 35.15 -47.61 18.15
C GLN D 314 36.57 -48.02 17.75
N ALA D 315 36.77 -48.41 16.50
CA ALA D 315 38.10 -48.79 16.03
C ALA D 315 39.01 -47.59 15.82
N ALA D 316 38.45 -46.42 15.52
CA ALA D 316 39.24 -45.25 15.16
C ALA D 316 39.43 -44.24 16.30
N PHE D 317 38.52 -44.15 17.26
CA PHE D 317 38.58 -43.04 18.21
C PHE D 317 39.37 -43.36 19.48
N ASP D 318 40.31 -42.50 19.78
CA ASP D 318 41.11 -42.50 20.99
C ASP D 318 41.27 -41.06 21.42
N PRO D 319 40.76 -40.66 22.57
CA PRO D 319 40.89 -39.26 22.96
C PRO D 319 42.31 -38.83 23.21
N ALA D 320 43.22 -39.77 23.51
CA ALA D 320 44.62 -39.43 23.68
C ALA D 320 45.30 -39.07 22.37
N THR D 321 44.70 -39.37 21.23
CA THR D 321 45.30 -39.02 19.96
C THR D 321 44.42 -38.14 19.07
N ALA D 322 43.16 -37.92 19.41
CA ALA D 322 42.25 -37.24 18.50
C ALA D 322 42.45 -35.72 18.52
N ALA D 323 42.05 -35.09 17.43
CA ALA D 323 42.12 -33.65 17.29
C ALA D 323 40.86 -32.98 17.85
N ASN D 324 41.03 -31.74 18.32
CA ASN D 324 39.90 -30.85 18.51
C ASN D 324 39.56 -30.29 17.13
N PRO D 325 38.42 -30.64 16.56
CA PRO D 325 38.14 -30.21 15.18
C PRO D 325 38.00 -28.71 15.04
N ALA D 326 37.83 -27.97 16.14
CA ALA D 326 37.66 -26.54 16.04
C ALA D 326 38.98 -25.80 15.85
N ASN D 327 40.07 -26.29 16.41
CA ASN D 327 41.36 -25.64 16.25
C ASN D 327 42.40 -26.52 15.58
N GLY D 328 42.06 -27.77 15.29
CA GLY D 328 43.01 -28.67 14.67
C GLY D 328 44.14 -29.12 15.55
N GLN D 329 44.13 -28.78 16.83
CA GLN D 329 45.14 -29.25 17.76
C GLN D 329 44.63 -30.49 18.49
N ALA D 330 45.55 -31.14 19.19
CA ALA D 330 45.21 -32.35 19.94
C ALA D 330 44.10 -32.06 20.94
N LEU D 331 43.22 -33.04 21.12
CA LEU D 331 42.20 -32.93 22.15
C LEU D 331 42.83 -32.87 23.54
N GLN D 332 43.82 -33.73 23.79
CA GLN D 332 44.49 -33.76 25.07
C GLN D 332 45.44 -32.58 25.20
N CYS D 333 45.36 -31.85 26.32
CA CYS D 333 46.18 -30.66 26.51
C CYS D 333 47.66 -31.00 26.41
N VAL D 334 48.41 -30.13 25.75
CA VAL D 334 49.86 -30.26 25.75
C VAL D 334 50.46 -29.52 26.93
N GLY D 335 49.89 -28.38 27.32
CA GLY D 335 50.34 -27.68 28.50
C GLY D 335 49.29 -27.64 29.59
N ALA D 336 49.03 -26.44 30.10
CA ALA D 336 48.00 -26.25 31.10
C ALA D 336 46.62 -26.44 30.50
N LYS D 337 45.64 -26.63 31.37
CA LYS D 337 44.27 -26.82 30.95
C LYS D 337 43.72 -25.55 30.28
N THR D 338 42.94 -25.76 29.22
CA THR D 338 42.36 -24.72 28.40
C THR D 338 40.90 -25.07 28.20
N ALA D 339 40.08 -24.08 27.83
CA ALA D 339 38.70 -24.39 27.45
C ALA D 339 38.64 -25.27 26.21
N ASP D 340 39.73 -25.36 25.45
CA ASP D 340 39.75 -26.08 24.18
C ASP D 340 40.50 -27.41 24.24
N CYS D 341 40.80 -27.92 25.42
CA CYS D 341 41.51 -29.19 25.51
C CYS D 341 41.15 -29.89 26.81
N LEU D 342 41.39 -31.19 26.83
CA LEU D 342 41.21 -32.01 28.02
C LEU D 342 42.57 -32.38 28.59
N SER D 343 42.67 -32.38 29.91
CA SER D 343 43.94 -32.69 30.53
C SER D 343 44.26 -34.18 30.38
N PRO D 344 45.54 -34.54 30.33
CA PRO D 344 45.90 -35.96 30.27
C PRO D 344 45.24 -36.79 31.37
N VAL D 345 45.07 -36.23 32.56
CA VAL D 345 44.41 -36.97 33.63
C VAL D 345 42.93 -37.14 33.32
N GLN D 346 42.29 -36.12 32.75
CA GLN D 346 40.93 -36.29 32.28
C GLN D 346 40.84 -37.42 31.25
N VAL D 347 41.75 -37.42 30.28
CA VAL D 347 41.67 -38.38 29.19
C VAL D 347 41.87 -39.79 29.72
N THR D 348 42.85 -39.97 30.60
CA THR D 348 43.05 -41.29 31.20
C THR D 348 41.82 -41.72 31.99
N ALA D 349 41.19 -40.79 32.71
CA ALA D 349 40.03 -41.14 33.52
C ALA D 349 38.89 -41.65 32.65
N ILE D 350 38.54 -40.91 31.60
CA ILE D 350 37.40 -41.31 30.79
C ILE D 350 37.72 -42.56 29.99
N LYS D 351 38.95 -42.71 29.50
CA LYS D 351 39.29 -43.93 28.78
C LYS D 351 39.16 -45.14 29.66
N ARG D 352 39.63 -45.05 30.90
CA ARG D 352 39.55 -46.17 31.82
C ARG D 352 38.09 -46.46 32.17
N ALA D 353 37.30 -45.41 32.43
CA ALA D 353 35.88 -45.60 32.69
C ALA D 353 35.20 -46.34 31.55
N MET D 354 35.49 -45.95 30.30
CA MET D 354 34.83 -46.53 29.14
C MET D 354 35.31 -47.93 28.82
N ALA D 355 36.48 -48.32 29.32
CA ALA D 355 36.98 -49.65 29.03
C ALA D 355 36.22 -50.71 29.82
N GLY D 356 35.65 -50.36 30.95
CA GLY D 356 34.93 -51.31 31.75
C GLY D 356 35.81 -51.99 32.76
N PRO D 357 35.16 -52.57 33.77
CA PRO D 357 35.90 -53.12 34.91
C PRO D 357 36.54 -54.48 34.65
N VAL D 358 37.68 -54.69 35.30
CA VAL D 358 38.38 -55.97 35.31
C VAL D 358 38.79 -56.28 36.74
N ASN D 359 38.89 -57.55 37.08
CA ASN D 359 39.48 -57.93 38.36
C ASN D 359 41.00 -58.01 38.22
N SER D 360 41.67 -58.50 39.25
CA SER D 360 43.13 -58.51 39.25
C SER D 360 43.70 -59.44 38.19
N ALA D 361 43.01 -60.52 37.88
CA ALA D 361 43.45 -61.39 36.80
C ALA D 361 43.19 -60.79 35.43
N GLY D 362 42.57 -59.61 35.38
CA GLY D 362 42.26 -58.98 34.11
C GLY D 362 40.99 -59.48 33.45
N THR D 363 40.12 -60.17 34.18
CA THR D 363 38.90 -60.70 33.62
C THR D 363 37.85 -59.60 33.53
N PRO D 364 37.32 -59.31 32.35
CA PRO D 364 36.25 -58.30 32.27
C PRO D 364 35.07 -58.69 33.13
N LEU D 365 34.60 -57.76 33.93
CA LEU D 365 33.47 -58.00 34.80
C LEU D 365 32.14 -57.53 34.24
N TYR D 366 32.13 -56.67 33.23
CA TYR D 366 30.90 -56.27 32.56
C TYR D 366 31.12 -56.19 31.05
N ASN D 367 31.49 -55.02 30.55
CA ASN D 367 31.76 -54.81 29.13
C ASN D 367 32.36 -53.41 28.99
N ARG D 368 32.77 -53.08 27.77
CA ARG D 368 33.22 -51.73 27.47
C ARG D 368 32.04 -50.90 26.97
N TRP D 369 32.28 -49.62 26.75
CA TRP D 369 31.25 -48.65 26.38
C TRP D 369 31.66 -47.99 25.08
N ALA D 370 30.68 -47.71 24.22
CA ALA D 370 30.94 -47.07 22.93
C ALA D 370 31.16 -45.57 23.08
N TRP D 371 32.22 -45.05 22.45
CA TRP D 371 32.35 -43.62 22.24
C TRP D 371 31.28 -43.14 21.26
N ASP D 372 30.61 -42.03 21.59
CA ASP D 372 29.47 -41.56 20.80
C ASP D 372 29.19 -40.10 21.13
N ALA D 373 28.54 -39.40 20.18
CA ALA D 373 28.36 -37.97 20.30
C ALA D 373 27.30 -37.57 21.32
N GLY D 374 26.41 -38.45 21.70
CA GLY D 374 25.44 -38.19 22.72
C GLY D 374 25.95 -38.23 24.13
N MET D 375 27.26 -38.39 24.31
CA MET D 375 27.82 -38.16 25.63
C MET D 375 27.66 -36.70 26.04
N SER D 376 27.45 -35.81 25.08
CA SER D 376 27.08 -34.42 25.31
C SER D 376 26.06 -33.94 24.28
N GLY D 377 26.19 -32.71 23.83
CA GLY D 377 25.21 -32.13 22.91
C GLY D 377 24.76 -30.76 23.37
N LEU D 378 24.46 -29.91 22.41
CA LEU D 378 24.11 -28.53 22.68
C LEU D 378 22.88 -28.21 21.85
N SER D 379 21.76 -27.94 22.53
CA SER D 379 20.57 -27.43 21.87
C SER D 379 20.27 -26.06 22.46
N GLY D 380 20.37 -25.02 21.64
CA GLY D 380 20.28 -23.68 22.14
C GLY D 380 21.49 -23.36 22.99
N THR D 381 21.27 -23.04 24.25
CA THR D 381 22.35 -22.82 25.21
C THR D 381 22.37 -23.90 26.28
N THR D 382 21.63 -24.97 26.06
CA THR D 382 21.42 -26.03 27.02
C THR D 382 22.26 -27.25 26.65
N TYR D 383 23.15 -27.65 27.57
CA TYR D 383 23.96 -28.85 27.40
C TYR D 383 23.17 -30.09 27.78
N ASN D 384 23.37 -31.15 27.01
CA ASN D 384 22.75 -32.42 27.30
C ASN D 384 23.26 -32.98 28.62
N GLN D 385 22.34 -33.28 29.53
CA GLN D 385 22.67 -33.94 30.78
C GLN D 385 22.41 -35.44 30.77
N GLY D 386 21.86 -35.99 29.69
CA GLY D 386 21.35 -37.34 29.70
C GLY D 386 22.41 -38.43 29.75
N TRP D 387 23.66 -38.12 29.43
CA TRP D 387 24.76 -39.05 29.61
C TRP D 387 25.43 -38.89 30.97
N ARG D 388 25.84 -37.66 31.30
CA ARG D 388 26.69 -37.41 32.46
C ARG D 388 26.01 -37.67 33.79
N SER D 389 24.67 -37.75 33.83
CA SER D 389 24.00 -37.90 35.12
C SER D 389 24.30 -39.24 35.77
N TRP D 390 24.75 -40.23 35.00
CA TRP D 390 24.92 -41.59 35.49
C TRP D 390 26.25 -41.79 36.19
N TRP D 391 27.35 -41.35 35.60
CA TRP D 391 28.65 -41.58 36.22
C TRP D 391 29.20 -40.36 36.91
N LEU D 392 28.89 -39.16 36.43
CA LEU D 392 29.48 -37.95 36.99
C LEU D 392 28.53 -37.24 37.94
N GLY D 393 27.28 -37.05 37.54
CA GLY D 393 26.37 -36.16 38.23
C GLY D 393 26.49 -34.76 37.65
N SER D 394 25.71 -33.85 38.21
CA SER D 394 25.67 -32.50 37.66
C SER D 394 26.83 -31.67 38.19
N PHE D 395 27.42 -30.87 37.30
CA PHE D 395 28.65 -30.15 37.64
C PHE D 395 28.44 -29.10 38.73
N ASN D 396 27.32 -28.37 38.69
CA ASN D 396 27.09 -27.30 39.65
C ASN D 396 26.47 -27.89 40.90
N SER D 397 27.33 -28.44 41.75
CA SER D 397 26.89 -29.05 42.98
C SER D 397 28.09 -29.30 43.86
N SER D 398 27.92 -29.09 45.15
CA SER D 398 28.97 -29.34 46.12
C SER D 398 28.95 -30.77 46.62
N ALA D 399 28.04 -31.61 46.15
CA ALA D 399 27.97 -33.00 46.56
C ALA D 399 28.00 -33.91 45.34
N ASN D 400 28.38 -35.16 45.57
CA ASN D 400 28.23 -36.19 44.55
C ASN D 400 26.75 -36.53 44.40
N ASN D 401 26.30 -36.62 43.17
CA ASN D 401 24.92 -36.96 42.90
C ASN D 401 24.77 -37.93 41.74
N ALA D 402 25.85 -38.41 41.14
CA ALA D 402 25.73 -39.41 40.09
C ALA D 402 24.93 -40.61 40.59
N GLN D 403 24.17 -41.23 39.67
CA GLN D 403 23.42 -42.43 40.03
C GLN D 403 24.33 -43.54 40.51
N ARG D 404 25.55 -43.61 39.97
CA ARG D 404 26.49 -44.69 40.22
C ARG D 404 27.49 -44.39 41.32
N VAL D 405 27.48 -43.17 41.87
CA VAL D 405 28.40 -42.79 42.93
C VAL D 405 27.66 -42.92 44.26
N SER D 406 26.56 -42.19 44.40
CA SER D 406 25.79 -42.16 45.62
C SER D 406 24.29 -42.34 45.40
N GLY D 407 23.85 -42.40 44.15
CA GLY D 407 22.45 -42.48 43.81
C GLY D 407 21.89 -43.88 43.89
N PHE D 408 20.68 -44.01 43.36
CA PHE D 408 19.92 -45.24 43.56
C PHE D 408 20.62 -46.46 42.98
N SER D 409 21.41 -46.31 41.93
CA SER D 409 22.06 -47.48 41.34
C SER D 409 23.05 -48.07 42.31
N ALA D 410 23.89 -47.23 42.91
CA ALA D 410 24.85 -47.69 43.90
C ALA D 410 24.13 -48.24 45.12
N ARG D 411 23.05 -47.60 45.55
CA ARG D 411 22.28 -48.10 46.68
C ARG D 411 21.64 -49.43 46.35
N SER D 412 21.14 -49.55 45.12
CA SER D 412 20.46 -50.77 44.73
C SER D 412 21.42 -51.95 44.69
N TRP D 413 22.65 -51.73 44.22
CA TRP D 413 23.62 -52.83 44.23
C TRP D 413 23.88 -53.31 45.65
N LEU D 414 24.00 -52.39 46.60
CA LEU D 414 24.38 -52.74 47.96
C LEU D 414 23.29 -53.53 48.67
N VAL D 415 22.02 -53.17 48.47
CA VAL D 415 20.94 -53.78 49.22
C VAL D 415 20.15 -54.80 48.41
N ASP D 416 20.11 -54.67 47.10
CA ASP D 416 19.30 -55.56 46.30
C ASP D 416 20.08 -56.68 45.65
N PHE D 417 21.31 -56.44 45.24
CA PHE D 417 22.04 -57.41 44.45
C PHE D 417 23.20 -58.09 45.18
N ALA D 418 23.89 -57.40 46.09
CA ALA D 418 24.86 -58.07 46.93
C ALA D 418 24.13 -59.02 47.86
N THR D 419 24.62 -60.25 47.96
CA THR D 419 23.99 -61.22 48.83
C THR D 419 25.01 -61.45 49.93
N PRO D 420 24.51 -61.68 51.14
CA PRO D 420 24.15 -60.81 52.25
C PRO D 420 24.05 -59.38 51.74
N PRO D 421 22.84 -58.81 51.82
CA PRO D 421 22.69 -57.38 51.53
C PRO D 421 23.53 -56.56 52.49
N GLU D 422 23.83 -55.34 52.08
CA GLU D 422 24.75 -54.47 52.82
C GLU D 422 24.08 -53.14 53.10
N PRO D 423 23.07 -53.10 53.96
CA PRO D 423 22.51 -51.82 54.36
C PRO D 423 23.56 -50.97 55.08
N MET D 424 23.48 -49.68 54.86
CA MET D 424 24.39 -48.73 55.48
C MET D 424 23.72 -47.37 55.48
N PRO D 425 24.31 -46.38 56.13
CA PRO D 425 23.77 -45.02 56.02
C PRO D 425 23.97 -44.49 54.62
N MET D 426 23.02 -43.65 54.18
CA MET D 426 23.08 -43.12 52.84
C MET D 426 24.36 -42.33 52.62
N THR D 427 24.90 -41.71 53.65
CA THR D 427 26.10 -40.91 53.50
C THR D 427 27.35 -41.74 53.31
N GLN D 428 27.27 -43.06 53.44
CA GLN D 428 28.43 -43.92 53.30
C GLN D 428 28.57 -44.53 51.91
N VAL D 429 27.58 -44.33 51.04
CA VAL D 429 27.49 -45.11 49.81
C VAL D 429 28.59 -44.74 48.83
N ALA D 430 28.88 -43.44 48.68
CA ALA D 430 29.92 -43.03 47.75
C ALA D 430 31.29 -43.51 48.22
N ALA D 431 31.55 -43.45 49.53
CA ALA D 431 32.79 -43.99 50.06
C ALA D 431 32.87 -45.49 49.87
N ARG D 432 31.73 -46.17 49.92
CA ARG D 432 31.70 -47.61 49.67
C ARG D 432 32.05 -47.93 48.23
N MET D 433 31.58 -47.10 47.29
CA MET D 433 31.94 -47.30 45.89
C MET D 433 33.41 -47.01 45.65
N MET D 434 33.97 -46.02 46.35
CA MET D 434 35.40 -45.76 46.30
C MET D 434 36.23 -46.93 46.83
N LYS D 435 35.73 -47.64 47.85
CA LYS D 435 36.46 -48.74 48.46
C LYS D 435 36.16 -50.10 47.83
N PHE D 436 35.21 -50.14 46.90
CA PHE D 436 34.80 -51.37 46.25
C PHE D 436 36.00 -52.16 45.74
N ASP D 437 36.00 -53.46 46.02
CA ASP D 437 37.11 -54.34 45.71
C ASP D 437 36.70 -55.26 44.57
N PHE D 438 37.42 -55.20 43.46
CA PHE D 438 36.98 -55.87 42.26
C PHE D 438 37.34 -57.35 42.22
N ASP D 439 38.07 -57.86 43.21
CA ASP D 439 38.25 -59.29 43.38
C ASP D 439 37.26 -59.91 44.34
N ILE D 440 36.82 -59.19 45.37
CA ILE D 440 35.91 -59.73 46.35
C ILE D 440 34.47 -59.34 46.06
N ASP D 441 34.22 -58.05 45.88
CA ASP D 441 32.84 -57.58 45.79
C ASP D 441 32.07 -58.14 44.61
N PRO D 442 32.63 -58.27 43.40
CA PRO D 442 31.84 -58.83 42.28
C PRO D 442 31.31 -60.23 42.52
N LEU D 443 31.93 -61.03 43.40
CA LEU D 443 31.43 -62.36 43.71
C LEU D 443 30.07 -62.33 44.36
N LYS D 444 29.69 -61.22 45.01
CA LYS D 444 28.46 -61.18 45.80
C LYS D 444 27.19 -61.22 44.97
N ILE D 445 27.26 -60.98 43.66
CA ILE D 445 26.07 -61.12 42.83
C ILE D 445 25.84 -62.57 42.40
N TRP D 446 26.81 -63.46 42.66
CA TRP D 446 26.68 -64.89 42.39
C TRP D 446 26.46 -65.73 43.63
N ALA D 447 26.53 -65.13 44.82
CA ALA D 447 26.50 -65.85 46.09
C ALA D 447 25.07 -66.02 46.60
N THR D 448 24.91 -67.05 47.42
CA THR D 448 23.73 -67.22 48.25
C THR D 448 24.18 -67.18 49.70
N SER D 449 23.21 -67.01 50.59
CA SER D 449 23.52 -66.87 52.02
C SER D 449 22.26 -66.95 52.86
N GLY D 450 22.18 -67.95 53.71
CA GLY D 450 21.09 -68.06 54.66
C GLY D 450 19.78 -68.12 53.91
N GLN D 451 18.86 -67.23 54.26
CA GLN D 451 17.56 -67.26 53.62
C GLN D 451 17.56 -66.68 52.21
N PHE D 452 18.65 -66.05 51.78
CA PHE D 452 18.79 -65.60 50.39
C PHE D 452 19.31 -66.78 49.57
N THR D 453 18.39 -67.59 49.10
CA THR D 453 18.69 -68.88 48.52
C THR D 453 18.91 -68.84 47.01
N GLN D 454 18.71 -67.70 46.37
CA GLN D 454 19.10 -67.50 44.98
C GLN D 454 20.02 -66.30 44.92
N SER D 455 20.99 -66.35 44.03
CA SER D 455 21.79 -65.16 43.81
C SER D 455 20.99 -64.13 43.03
N SER D 456 21.44 -62.87 43.08
CA SER D 456 20.81 -61.85 42.26
C SER D 456 21.00 -62.12 40.76
N MET D 457 22.11 -62.72 40.34
CA MET D 457 22.18 -63.12 38.94
C MET D 457 21.15 -64.20 38.62
N ASP D 458 20.85 -65.08 39.58
CA ASP D 458 19.78 -66.07 39.42
C ASP D 458 18.42 -65.40 39.18
N TRP D 459 18.00 -64.53 40.09
CA TRP D 459 16.61 -64.07 40.03
C TRP D 459 16.41 -62.85 39.17
N HIS D 460 17.43 -62.01 39.03
CA HIS D 460 17.33 -60.79 38.23
C HIS D 460 18.00 -60.89 36.86
N GLY D 461 19.05 -61.69 36.73
CA GLY D 461 19.72 -61.79 35.45
C GLY D 461 18.85 -62.43 34.40
N ALA D 462 19.06 -62.03 33.15
CA ALA D 462 18.37 -62.63 32.00
C ALA D 462 19.37 -62.73 30.85
N THR D 463 20.35 -63.61 31.00
CA THR D 463 21.47 -63.78 30.09
C THR D 463 21.33 -64.98 29.16
N SER D 464 20.22 -65.71 29.24
CA SER D 464 20.08 -66.92 28.44
C SER D 464 19.82 -66.58 26.98
N THR D 465 20.49 -67.32 26.09
CA THR D 465 20.24 -67.28 24.67
C THR D 465 19.36 -68.43 24.21
N ASP D 466 18.77 -69.17 25.12
CA ASP D 466 17.87 -70.24 24.71
C ASP D 466 16.47 -69.65 24.60
N LEU D 467 16.15 -69.16 23.40
CA LEU D 467 14.85 -68.62 23.07
C LEU D 467 14.09 -69.50 22.10
N ALA D 468 14.48 -70.79 21.98
CA ALA D 468 13.87 -71.65 20.99
C ALA D 468 12.37 -71.84 21.24
N ALA D 469 11.96 -72.06 22.49
CA ALA D 469 10.55 -72.21 22.77
C ALA D 469 9.77 -70.96 22.35
N PHE D 470 10.30 -69.78 22.68
CA PHE D 470 9.68 -68.51 22.28
C PHE D 470 9.55 -68.42 20.76
N ARG D 471 10.68 -68.54 20.06
CA ARG D 471 10.65 -68.51 18.59
C ARG D 471 9.67 -69.52 18.02
N ASP D 472 9.66 -70.74 18.55
CA ASP D 472 8.95 -71.80 17.86
C ASP D 472 7.45 -71.80 18.13
N ARG D 473 6.98 -70.99 19.07
CA ARG D 473 5.56 -70.76 19.23
C ARG D 473 5.09 -69.48 18.52
N GLY D 474 5.97 -68.81 17.78
CA GLY D 474 5.61 -67.63 17.03
C GLY D 474 6.07 -66.32 17.65
N GLY D 475 6.81 -66.36 18.75
CA GLY D 475 7.19 -65.14 19.42
C GLY D 475 8.16 -64.30 18.61
N LYS D 476 8.02 -62.99 18.75
CA LYS D 476 8.91 -62.03 18.09
C LYS D 476 9.43 -61.05 19.12
N MET D 477 10.68 -60.67 18.99
CA MET D 477 11.27 -59.72 19.93
C MET D 477 11.96 -58.63 19.14
N ILE D 478 11.70 -57.39 19.54
CA ILE D 478 12.42 -56.21 19.06
C ILE D 478 13.24 -55.67 20.22
N LEU D 479 14.54 -55.59 20.05
CA LEU D 479 15.41 -54.93 21.00
C LEU D 479 15.85 -53.59 20.45
N TYR D 480 16.04 -52.61 21.32
CA TYR D 480 16.64 -51.36 20.90
C TYR D 480 17.54 -50.82 22.02
N HIS D 481 18.46 -49.94 21.64
CA HIS D 481 19.38 -49.41 22.63
C HIS D 481 20.02 -48.14 22.10
N GLY D 482 20.02 -47.09 22.92
CA GLY D 482 20.71 -45.87 22.57
C GLY D 482 22.21 -46.02 22.71
N MET D 483 22.94 -45.55 21.70
CA MET D 483 24.40 -45.67 21.68
C MET D 483 25.05 -44.93 22.84
N SER D 484 24.48 -43.79 23.26
CA SER D 484 25.02 -43.02 24.36
C SER D 484 24.29 -43.28 25.67
N ASP D 485 23.79 -44.50 25.85
CA ASP D 485 23.23 -44.94 27.12
C ASP D 485 24.38 -45.15 28.11
N ALA D 486 24.32 -44.44 29.25
CA ALA D 486 25.30 -44.58 30.30
C ALA D 486 24.82 -45.50 31.43
N ALA D 487 23.59 -45.96 31.37
CA ALA D 487 23.08 -46.90 32.34
C ALA D 487 23.53 -48.32 32.02
N PHE D 488 23.27 -48.76 30.79
CA PHE D 488 23.66 -50.09 30.29
C PHE D 488 24.32 -49.94 28.94
N SER D 489 25.41 -50.67 28.72
CA SER D 489 26.19 -50.50 27.51
C SER D 489 25.47 -51.10 26.30
N ALA D 490 25.19 -50.27 25.31
CA ALA D 490 24.65 -50.75 24.06
C ALA D 490 25.51 -51.86 23.46
N LEU D 491 26.83 -51.75 23.58
CA LEU D 491 27.70 -52.82 23.07
C LEU D 491 27.44 -54.14 23.79
N ASP D 492 27.02 -54.08 25.06
CA ASP D 492 26.71 -55.30 25.79
C ASP D 492 25.41 -55.93 25.28
N THR D 493 24.43 -55.10 24.94
CA THR D 493 23.26 -55.63 24.25
C THR D 493 23.64 -56.22 22.89
N ALA D 494 24.49 -55.54 22.14
CA ALA D 494 24.96 -56.10 20.86
C ALA D 494 25.65 -57.45 21.08
N ASP D 495 26.48 -57.57 22.11
CA ASP D 495 27.15 -58.85 22.38
C ASP D 495 26.17 -59.95 22.73
N TYR D 496 25.13 -59.65 23.52
CA TYR D 496 24.07 -60.63 23.72
C TYR D 496 23.48 -61.05 22.39
N TYR D 497 23.21 -60.08 21.52
CA TYR D 497 22.57 -60.40 20.26
C TYR D 497 23.50 -61.25 19.39
N GLU D 498 24.80 -60.98 19.41
CA GLU D 498 25.72 -61.82 18.65
C GLU D 498 25.71 -63.24 19.17
N ARG D 499 25.71 -63.41 20.50
CA ARG D 499 25.63 -64.74 21.09
C ARG D 499 24.32 -65.42 20.74
N LEU D 500 23.21 -64.67 20.76
CA LEU D 500 21.93 -65.22 20.33
C LEU D 500 22.03 -65.78 18.91
N GLY D 501 22.61 -65.02 17.99
CA GLY D 501 22.70 -65.45 16.61
C GLY D 501 23.56 -66.69 16.45
N ALA D 502 24.65 -66.79 17.21
CA ALA D 502 25.47 -67.98 17.17
C ALA D 502 24.72 -69.19 17.72
N ALA D 503 23.97 -69.00 18.80
CA ALA D 503 23.24 -70.11 19.40
C ALA D 503 22.01 -70.50 18.59
N MET D 504 21.43 -69.58 17.84
CA MET D 504 20.17 -69.82 17.14
C MET D 504 20.30 -69.31 15.72
N PRO D 505 20.84 -70.11 14.81
CA PRO D 505 20.95 -69.69 13.41
C PRO D 505 19.63 -69.19 12.85
N GLY D 506 19.69 -68.12 12.06
CA GLY D 506 18.51 -67.49 11.52
C GLY D 506 17.76 -66.63 12.53
N ALA D 507 18.42 -66.18 13.58
CA ALA D 507 17.74 -65.49 14.67
C ALA D 507 17.01 -64.25 14.18
N ALA D 508 17.47 -63.61 13.12
CA ALA D 508 16.84 -62.41 12.60
C ALA D 508 15.40 -62.67 12.15
N GLY D 509 15.02 -63.93 11.97
CA GLY D 509 13.67 -64.31 11.67
C GLY D 509 12.69 -64.08 12.81
N PHE D 510 13.16 -63.99 14.06
CA PHE D 510 12.27 -63.73 15.18
C PHE D 510 12.75 -62.65 16.15
N ALA D 511 13.98 -62.16 16.02
CA ALA D 511 14.51 -61.18 16.96
C ALA D 511 15.48 -60.29 16.22
N ARG D 512 15.30 -58.97 16.36
CA ARG D 512 16.18 -58.00 15.72
C ARG D 512 16.50 -56.87 16.68
N LEU D 513 17.69 -56.31 16.50
CA LEU D 513 18.24 -55.30 17.40
C LEU D 513 18.40 -54.00 16.63
N PHE D 514 17.93 -52.92 17.22
CA PHE D 514 17.93 -51.59 16.62
C PHE D 514 18.72 -50.66 17.53
N LEU D 515 19.97 -50.43 17.19
CA LEU D 515 20.78 -49.48 17.91
C LEU D 515 20.46 -48.06 17.41
N VAL D 516 20.48 -47.11 18.33
CA VAL D 516 20.14 -45.72 18.00
C VAL D 516 21.35 -44.81 18.27
N PRO D 517 22.03 -44.34 17.23
CA PRO D 517 23.16 -43.43 17.45
C PRO D 517 22.68 -42.14 18.12
N GLY D 518 23.51 -41.64 19.04
CA GLY D 518 23.25 -40.40 19.73
C GLY D 518 22.24 -40.45 20.84
N MET D 519 21.41 -41.49 20.93
CA MET D 519 20.38 -41.56 21.96
C MET D 519 20.96 -41.93 23.33
N ASN D 520 20.41 -41.30 24.36
CA ASN D 520 20.79 -41.59 25.73
C ASN D 520 19.93 -42.72 26.28
N HIS D 521 19.71 -42.73 27.59
CA HIS D 521 19.08 -43.86 28.24
C HIS D 521 17.57 -43.80 28.07
N CYS D 522 17.06 -44.62 27.15
CA CYS D 522 15.64 -44.80 26.82
C CYS D 522 15.03 -43.61 26.08
N SER D 523 15.67 -42.44 26.10
CA SER D 523 15.20 -41.25 25.43
C SER D 523 16.28 -40.18 25.53
N GLY D 524 16.09 -39.11 24.77
CA GLY D 524 16.96 -37.95 24.84
C GLY D 524 18.23 -38.10 24.01
N GLY D 525 18.93 -36.98 23.87
CA GLY D 525 20.20 -36.91 23.22
C GLY D 525 20.13 -36.57 21.74
N PRO D 526 21.31 -36.29 21.12
CA PRO D 526 21.35 -35.96 19.68
C PRO D 526 21.20 -37.18 18.78
N GLY D 527 19.96 -37.68 18.69
CA GLY D 527 19.65 -38.83 17.87
C GLY D 527 18.17 -38.88 17.61
N THR D 528 17.75 -39.87 16.83
CA THR D 528 16.32 -40.01 16.52
C THR D 528 15.76 -40.94 17.58
N ASP D 529 15.38 -40.36 18.70
CA ASP D 529 15.07 -41.14 19.89
C ASP D 529 13.58 -41.44 20.05
N ARG D 530 12.74 -41.09 19.10
CA ARG D 530 11.31 -41.31 19.22
C ARG D 530 10.82 -42.22 18.12
N PHE D 531 9.97 -43.17 18.48
CA PHE D 531 9.56 -44.18 17.54
C PHE D 531 8.39 -44.95 18.13
N ASP D 532 7.59 -45.51 17.24
CA ASP D 532 6.47 -46.37 17.59
C ASP D 532 6.90 -47.81 17.36
N MET D 533 7.22 -48.51 18.45
CA MET D 533 7.65 -49.90 18.37
C MET D 533 6.51 -50.87 18.33
N LEU D 534 5.33 -50.47 18.81
CA LEU D 534 4.22 -51.41 18.90
C LEU D 534 3.66 -51.78 17.53
N THR D 535 3.53 -50.81 16.63
CA THR D 535 3.01 -51.11 15.30
C THR D 535 3.85 -52.14 14.55
N PRO D 536 5.17 -52.01 14.41
CA PRO D 536 5.93 -53.08 13.74
C PRO D 536 5.93 -54.39 14.51
N LEU D 537 5.80 -54.36 15.84
CA LEU D 537 5.77 -55.58 16.63
C LEU D 537 4.53 -56.40 16.32
N VAL D 538 3.35 -55.76 16.27
CA VAL D 538 2.12 -56.43 15.91
C VAL D 538 2.24 -57.01 14.51
N ALA D 539 2.77 -56.23 13.57
CA ALA D 539 2.90 -56.70 12.20
C ALA D 539 3.80 -57.94 12.13
N TRP D 540 4.88 -57.97 12.91
CA TRP D 540 5.75 -59.14 12.91
C TRP D 540 5.01 -60.36 13.46
N VAL D 541 4.35 -60.20 14.61
CA VAL D 541 3.69 -61.31 15.28
C VAL D 541 2.52 -61.83 14.44
N GLU D 542 1.71 -60.94 13.90
CA GLU D 542 0.44 -61.36 13.35
C GLU D 542 0.47 -61.55 11.84
N ARG D 543 1.38 -60.89 11.14
CA ARG D 543 1.52 -61.09 9.71
C ARG D 543 2.86 -61.66 9.31
N GLY D 544 3.80 -61.83 10.23
CA GLY D 544 5.08 -62.34 9.84
C GLY D 544 5.93 -61.35 9.07
N GLU D 545 5.64 -60.06 9.22
CA GLU D 545 6.39 -59.02 8.54
C GLU D 545 7.49 -58.53 9.49
N ALA D 546 8.71 -58.97 9.23
CA ALA D 546 9.84 -58.55 10.03
C ALA D 546 10.15 -57.09 9.75
N PRO D 547 10.54 -56.35 10.75
CA PRO D 547 10.98 -54.96 10.52
C PRO D 547 12.33 -54.87 9.85
N ASP D 548 12.33 -54.51 8.57
CA ASP D 548 13.57 -54.22 7.86
C ASP D 548 14.08 -52.83 8.14
N GLN D 549 13.21 -51.97 8.67
CA GLN D 549 13.60 -50.72 9.27
C GLN D 549 12.46 -50.27 10.18
N ILE D 550 12.77 -49.32 11.06
CA ILE D 550 11.79 -48.72 11.95
C ILE D 550 11.96 -47.22 11.90
N SER D 551 10.93 -46.51 11.45
CA SER D 551 10.99 -45.06 11.36
C SER D 551 11.15 -44.42 12.73
N ALA D 552 12.00 -43.39 12.80
CA ALA D 552 12.23 -42.70 14.05
C ALA D 552 12.41 -41.21 13.80
N TRP D 553 12.28 -40.42 14.86
CA TRP D 553 12.49 -39.00 14.72
C TRP D 553 13.09 -38.44 16.00
N SER D 554 13.72 -37.29 15.88
CA SER D 554 14.39 -36.67 17.01
C SER D 554 13.42 -35.84 17.82
N GLY D 555 13.41 -36.08 19.14
CA GLY D 555 12.66 -35.25 20.05
C GLY D 555 13.30 -33.91 20.33
N THR D 556 14.61 -33.79 20.14
CA THR D 556 15.33 -32.54 20.31
C THR D 556 16.12 -32.26 19.04
N PRO D 557 15.44 -31.98 17.93
CA PRO D 557 16.15 -31.72 16.67
C PRO D 557 17.04 -30.50 16.72
N GLY D 558 16.89 -29.63 17.73
CA GLY D 558 17.78 -28.52 17.95
C GLY D 558 19.22 -28.90 18.21
N TYR D 559 19.46 -30.13 18.68
CA TYR D 559 20.83 -30.66 18.70
C TYR D 559 21.52 -30.55 17.35
N PHE D 560 20.79 -30.65 16.25
CA PHE D 560 21.36 -30.47 14.93
C PHE D 560 21.03 -29.11 14.30
N GLY D 561 20.42 -28.19 15.05
CA GLY D 561 20.05 -26.91 14.50
C GLY D 561 19.02 -26.97 13.42
N VAL D 562 18.14 -27.96 13.45
CA VAL D 562 17.07 -28.12 12.47
C VAL D 562 15.77 -28.22 13.23
N ALA D 563 14.67 -28.07 12.50
CA ALA D 563 13.35 -28.10 13.11
C ALA D 563 12.84 -29.52 13.29
N ALA D 564 13.41 -30.48 12.58
CA ALA D 564 12.98 -31.88 12.61
C ALA D 564 14.01 -32.74 11.89
N ARG D 565 14.11 -34.00 12.31
CA ARG D 565 14.96 -34.98 11.63
C ARG D 565 14.37 -36.37 11.83
N THR D 566 14.03 -37.01 10.73
CA THR D 566 13.54 -38.38 10.70
C THR D 566 14.59 -39.24 10.01
N ARG D 567 14.78 -40.46 10.53
CA ARG D 567 15.80 -41.41 10.07
C ARG D 567 15.26 -42.80 10.29
N PRO D 568 15.60 -43.75 9.43
CA PRO D 568 15.28 -45.15 9.73
C PRO D 568 16.20 -45.67 10.82
N LEU D 569 15.63 -46.43 11.73
CA LEU D 569 16.43 -47.36 12.52
C LEU D 569 16.61 -48.64 11.71
N CYS D 570 17.76 -49.28 11.87
CA CYS D 570 18.15 -50.40 11.02
C CYS D 570 18.46 -51.64 11.84
N PRO D 571 18.06 -52.82 11.37
CA PRO D 571 18.30 -54.05 12.13
C PRO D 571 19.79 -54.43 12.13
N TYR D 572 20.32 -54.68 13.31
CA TYR D 572 21.72 -55.08 13.52
C TYR D 572 22.11 -56.22 12.56
N PRO D 573 23.25 -56.05 11.87
CA PRO D 573 24.23 -54.99 12.05
C PRO D 573 24.17 -53.84 11.06
N GLN D 574 23.08 -53.71 10.35
CA GLN D 574 22.95 -52.62 9.39
C GLN D 574 22.94 -51.25 10.08
N ILE D 575 23.22 -50.22 9.28
CA ILE D 575 23.21 -48.82 9.69
C ILE D 575 22.56 -48.03 8.57
N ALA D 576 22.15 -46.80 8.89
CA ALA D 576 21.48 -45.96 7.91
C ALA D 576 22.48 -45.37 6.93
N ARG D 577 22.15 -45.39 5.65
CA ARG D 577 22.99 -44.78 4.64
C ARG D 577 22.18 -43.79 3.79
N TYR D 578 22.71 -42.59 3.66
CA TYR D 578 22.12 -41.57 2.80
C TYR D 578 22.11 -42.00 1.34
N LYS D 579 20.97 -41.79 0.67
CA LYS D 579 20.83 -42.22 -0.71
C LYS D 579 21.54 -41.32 -1.70
N GLY D 580 22.02 -40.16 -1.29
CA GLY D 580 22.81 -39.31 -2.17
C GLY D 580 22.11 -38.05 -2.63
N SER D 581 20.83 -37.90 -2.36
CA SER D 581 20.10 -36.70 -2.75
C SER D 581 18.93 -36.49 -1.80
N GLY D 582 18.43 -35.26 -1.76
CA GLY D 582 17.29 -34.94 -0.93
C GLY D 582 17.68 -34.47 0.47
N ASP D 583 16.69 -33.88 1.14
CA ASP D 583 16.87 -33.38 2.48
C ASP D 583 17.45 -34.45 3.40
N ILE D 584 18.56 -34.10 4.05
CA ILE D 584 19.25 -34.99 4.98
C ILE D 584 18.47 -35.25 6.26
N ASN D 585 17.46 -34.43 6.55
CA ASN D 585 16.66 -34.59 7.73
C ASN D 585 15.40 -35.41 7.49
N THR D 586 15.30 -36.08 6.35
CA THR D 586 14.11 -36.79 5.94
C THR D 586 14.42 -38.27 5.73
N GLU D 587 13.65 -39.13 6.40
CA GLU D 587 13.98 -40.55 6.44
C GLU D 587 13.91 -41.20 5.06
N ALA D 588 13.11 -40.65 4.15
CA ALA D 588 12.93 -41.27 2.84
C ALA D 588 14.19 -41.20 1.99
N ASN D 589 15.14 -40.35 2.37
CA ASN D 589 16.40 -40.24 1.67
C ASN D 589 17.48 -41.13 2.28
N PHE D 590 17.09 -42.13 3.05
CA PHE D 590 18.01 -43.00 3.74
C PHE D 590 17.53 -44.42 3.59
N ALA D 591 18.47 -45.34 3.51
CA ALA D 591 18.16 -46.75 3.48
C ALA D 591 19.02 -47.47 4.52
N CYS D 592 18.61 -48.67 4.87
CA CYS D 592 19.39 -49.50 5.75
C CYS D 592 20.30 -50.39 4.91
N ALA D 593 21.57 -50.43 5.26
CA ALA D 593 22.53 -51.24 4.53
C ALA D 593 23.55 -51.80 5.49
N ALA D 594 24.20 -52.87 5.06
CA ALA D 594 25.37 -53.39 5.72
C ALA D 594 26.40 -52.29 5.89
N PRO D 595 27.02 -52.17 7.06
CA PRO D 595 27.97 -51.09 7.28
C PRO D 595 29.11 -51.21 6.31
N PRO D 596 29.72 -50.08 5.92
CA PRO D 596 30.79 -50.05 4.93
C PRO D 596 31.86 -51.11 5.22
N VAL E 36 40.22 34.43 10.72
CA VAL E 36 41.40 34.99 10.09
C VAL E 36 41.17 35.53 8.64
N PRO E 37 40.23 34.98 7.84
CA PRO E 37 39.92 35.64 6.57
C PRO E 37 39.04 36.87 6.77
N LEU E 38 39.30 37.89 5.95
CA LEU E 38 38.60 39.16 6.07
C LEU E 38 37.13 39.02 5.72
N ALA E 39 36.32 39.90 6.33
CA ALA E 39 34.92 40.11 5.95
C ALA E 39 34.12 38.82 6.00
N SER E 40 34.35 38.04 7.05
CA SER E 40 33.81 36.70 7.17
C SER E 40 33.20 36.53 8.55
N ARG E 41 32.49 35.41 8.70
CA ARG E 41 31.91 35.09 9.99
C ARG E 41 33.00 34.94 11.06
N ALA E 42 34.15 34.40 10.71
CA ALA E 42 35.20 34.17 11.70
C ALA E 42 35.81 35.48 12.15
N ALA E 43 36.07 36.39 11.20
CA ALA E 43 36.54 37.72 11.56
C ALA E 43 35.52 38.45 12.42
N CYS E 44 34.24 38.27 12.12
CA CYS E 44 33.19 38.89 12.92
C CYS E 44 33.23 38.39 14.36
N GLU E 45 33.14 37.09 14.55
CA GLU E 45 33.11 36.57 15.91
C GLU E 45 34.40 36.87 16.67
N ALA E 46 35.52 36.98 15.95
CA ALA E 46 36.79 37.35 16.59
C ALA E 46 36.78 38.75 17.19
N LEU E 47 35.85 39.62 16.77
CA LEU E 47 35.83 40.97 17.33
C LEU E 47 35.39 40.97 18.78
N LYS E 48 34.78 39.89 19.26
CA LYS E 48 34.42 39.82 20.66
C LYS E 48 35.64 39.37 21.48
N ASP E 49 35.59 39.63 22.78
CA ASP E 49 36.69 39.34 23.70
C ASP E 49 37.95 40.12 23.38
N ASP E 53 42.65 40.45 20.87
CA ASP E 53 43.14 40.49 19.49
C ASP E 53 42.76 41.79 18.72
N MET E 54 41.50 42.18 18.76
CA MET E 54 41.10 43.47 18.22
C MET E 54 41.59 44.57 19.16
N VAL E 55 42.15 45.63 18.60
CA VAL E 55 42.62 46.77 19.38
C VAL E 55 41.65 47.92 19.15
N TRP E 56 40.91 48.33 20.20
CA TRP E 56 40.02 49.48 20.13
C TRP E 56 40.77 50.76 20.48
N PRO E 57 40.36 51.87 19.88
CA PRO E 57 40.99 53.15 20.24
C PRO E 57 40.75 53.55 21.68
N ASN E 58 39.65 53.13 22.28
CA ASN E 58 39.40 53.40 23.70
C ASN E 58 39.57 52.09 24.43
N ALA E 59 40.55 52.02 25.32
CA ALA E 59 40.77 50.80 26.08
C ALA E 59 39.54 50.39 26.88
N ALA E 60 38.63 51.30 27.19
CA ALA E 60 37.44 50.90 27.93
C ALA E 60 36.30 50.48 27.01
N THR E 61 36.60 49.83 25.90
CA THR E 61 35.57 49.33 24.99
C THR E 61 35.24 47.88 25.34
N VAL E 62 33.97 47.58 25.49
CA VAL E 62 33.52 46.24 25.83
C VAL E 62 32.51 45.81 24.78
N VAL E 63 32.80 44.75 24.03
CA VAL E 63 31.81 44.31 23.05
C VAL E 63 31.00 43.19 23.65
N GLU E 64 29.68 43.32 23.54
CA GLU E 64 28.77 42.37 24.15
C GLU E 64 28.19 41.40 23.15
N VAL E 65 28.10 41.77 21.88
CA VAL E 65 27.68 40.82 20.85
C VAL E 65 28.51 41.06 19.61
N ALA E 66 28.82 39.97 18.94
CA ALA E 66 29.49 39.99 17.65
C ALA E 66 28.91 38.79 16.91
N ALA E 67 27.97 39.04 16.03
CA ALA E 67 27.10 37.99 15.54
C ALA E 67 26.94 38.13 14.04
N TRP E 68 26.96 37.00 13.34
CA TRP E 68 26.75 36.96 11.92
C TRP E 68 25.26 36.91 11.62
N ARG E 69 24.81 37.78 10.73
CA ARG E 69 23.39 37.89 10.38
C ARG E 69 23.18 37.52 8.92
N ASP E 70 22.29 36.60 8.65
CA ASP E 70 21.99 36.24 7.28
C ASP E 70 21.37 37.43 6.54
N ALA E 71 21.42 37.36 5.22
CA ALA E 71 20.72 38.33 4.40
C ALA E 71 19.22 38.28 4.67
N ALA E 72 18.58 39.43 4.66
CA ALA E 72 17.15 39.52 4.84
C ALA E 72 16.49 40.00 3.56
N PRO E 73 15.49 39.30 3.06
CA PRO E 73 14.78 39.78 1.86
C PRO E 73 14.02 41.07 2.13
N ALA E 74 13.73 41.79 1.06
CA ALA E 74 12.86 42.94 1.15
C ALA E 74 11.50 42.52 1.70
N THR E 75 10.86 43.44 2.42
CA THR E 75 9.49 43.29 2.92
C THR E 75 8.64 44.46 2.44
N ALA E 76 7.35 44.42 2.78
CA ALA E 76 6.47 45.52 2.44
C ALA E 76 6.99 46.86 2.95
N SER E 77 7.76 46.86 4.04
CA SER E 77 8.21 48.09 4.67
C SER E 77 9.71 48.24 4.83
N ALA E 78 10.53 47.34 4.31
CA ALA E 78 11.97 47.46 4.46
C ALA E 78 12.69 46.96 3.20
N ALA E 79 13.77 47.62 2.83
CA ALA E 79 14.65 47.11 1.80
C ALA E 79 15.39 45.87 2.29
N ALA E 80 15.79 45.04 1.33
CA ALA E 80 16.60 43.87 1.64
C ALA E 80 17.87 44.28 2.39
N LEU E 81 18.25 43.47 3.36
CA LEU E 81 19.47 43.73 4.12
C LEU E 81 20.55 42.70 3.82
N PRO E 82 21.72 43.13 3.38
CA PRO E 82 22.80 42.18 3.10
C PRO E 82 23.23 41.43 4.34
N GLU E 83 23.66 40.19 4.13
CA GLU E 83 24.42 39.45 5.11
C GLU E 83 25.52 40.32 5.72
N HIS E 84 25.61 40.34 7.05
CA HIS E 84 26.50 41.31 7.69
C HIS E 84 26.90 40.85 9.07
N CYS E 85 27.89 41.53 9.62
CA CYS E 85 28.36 41.32 10.97
C CYS E 85 27.77 42.39 11.86
N GLU E 86 27.09 41.98 12.93
CA GLU E 86 26.54 42.89 13.91
C GLU E 86 27.42 42.90 15.15
N VAL E 87 27.91 44.07 15.53
CA VAL E 87 28.70 44.22 16.74
C VAL E 87 28.04 45.25 17.63
N SER E 88 27.89 44.94 18.92
CA SER E 88 27.37 45.95 19.82
C SER E 88 28.07 45.86 21.17
N GLY E 89 28.08 46.99 21.87
CA GLY E 89 28.74 47.05 23.16
C GLY E 89 28.72 48.45 23.73
N ALA E 90 29.68 48.71 24.62
CA ALA E 90 29.69 49.95 25.37
C ALA E 90 31.13 50.42 25.56
N ILE E 91 31.29 51.73 25.65
CA ILE E 91 32.57 52.38 25.88
C ILE E 91 32.47 53.17 27.18
N ALA E 92 33.51 53.04 28.04
CA ALA E 92 33.69 53.91 29.19
C ALA E 92 32.58 53.74 30.24
N LYS E 93 32.26 52.50 30.56
CA LYS E 93 31.37 52.20 31.68
C LYS E 93 31.89 52.86 32.96
N ARG E 94 31.01 53.51 33.72
CA ARG E 94 31.43 54.33 34.85
C ARG E 94 30.20 54.69 35.73
N THR E 95 30.47 55.35 36.84
CA THR E 95 29.47 55.83 37.79
C THR E 95 29.55 57.35 37.79
N GLY E 96 28.43 58.01 37.54
CA GLY E 96 28.42 59.46 37.56
C GLY E 96 28.34 60.01 38.97
N ILE E 97 28.50 61.33 39.08
CA ILE E 97 28.49 61.96 40.40
C ILE E 97 27.11 61.98 41.03
N ASP E 98 26.08 61.66 40.25
CA ASP E 98 24.74 61.42 40.73
C ASP E 98 24.55 60.00 41.22
N GLY E 99 25.59 59.16 41.17
CA GLY E 99 25.48 57.78 41.56
C GLY E 99 24.84 56.85 40.56
N TYR E 100 24.54 57.31 39.41
CA TYR E 100 23.93 56.48 38.39
C TYR E 100 25.00 55.89 37.47
N PRO E 101 24.75 54.72 36.90
CA PRO E 101 25.66 54.18 35.88
C PRO E 101 25.55 54.92 34.54
N TYR E 102 26.68 55.08 33.86
CA TYR E 102 26.74 55.71 32.54
C TYR E 102 27.70 54.91 31.65
N GLU E 103 27.36 54.83 30.37
CA GLU E 103 28.22 54.21 29.36
C GLU E 103 27.74 54.71 27.99
N ILE E 104 28.64 54.66 27.01
CA ILE E 104 28.32 55.03 25.63
C ILE E 104 28.04 53.76 24.86
N LYS E 105 26.78 53.50 24.54
CA LYS E 105 26.48 52.28 23.80
C LYS E 105 26.68 52.50 22.32
N PHE E 106 26.93 51.41 21.61
CA PHE E 106 27.05 51.49 20.16
C PHE E 106 26.56 50.19 19.55
N ARG E 107 26.13 50.29 18.30
CA ARG E 107 25.80 49.13 17.49
C ARG E 107 26.26 49.41 16.08
N LEU E 108 27.01 48.47 15.52
CA LEU E 108 27.65 48.57 14.22
C LEU E 108 27.26 47.38 13.36
N ARG E 109 27.00 47.62 12.09
CA ARG E 109 26.69 46.55 11.15
C ARG E 109 27.61 46.68 9.95
N MET E 110 28.30 45.59 9.62
CA MET E 110 29.31 45.55 8.55
C MET E 110 28.97 44.49 7.52
N PRO E 111 28.50 44.88 6.33
CA PRO E 111 28.08 43.87 5.33
C PRO E 111 29.26 43.10 4.79
N ALA E 112 29.03 41.81 4.54
CA ALA E 112 30.06 41.00 3.90
C ALA E 112 30.44 41.58 2.54
N GLU E 113 29.44 42.04 1.79
CA GLU E 113 29.66 42.75 0.53
C GLU E 113 29.58 44.25 0.80
N TRP E 114 30.72 44.93 0.75
CA TRP E 114 30.85 46.28 1.28
C TRP E 114 31.24 47.27 0.18
N ASN E 115 30.62 48.44 0.19
CA ASN E 115 30.91 49.43 -0.82
C ASN E 115 32.09 50.32 -0.45
N GLY E 116 32.78 50.03 0.64
CA GLY E 116 33.91 50.85 1.01
C GLY E 116 33.59 52.08 1.82
N ARG E 117 32.34 52.28 2.18
CA ARG E 117 31.92 53.52 2.82
C ARG E 117 31.41 53.24 4.23
N PHE E 118 31.66 54.18 5.11
CA PHE E 118 31.22 54.16 6.50
C PHE E 118 30.11 55.21 6.68
N PHE E 119 29.08 54.87 7.46
CA PHE E 119 27.88 55.69 7.65
C PHE E 119 27.46 55.70 9.11
N MET E 120 27.24 56.88 9.66
CA MET E 120 26.66 57.03 11.00
C MET E 120 25.35 57.80 10.93
N GLU E 121 24.32 57.32 11.62
CA GLU E 121 23.06 58.03 11.73
C GLU E 121 23.06 58.88 12.99
N GLY E 122 22.41 60.05 12.91
CA GLY E 122 22.27 60.90 14.06
C GLY E 122 21.18 60.46 15.01
N GLY E 123 21.12 61.12 16.14
CA GLY E 123 20.15 60.80 17.18
C GLY E 123 18.88 61.62 17.07
N SER E 124 18.16 61.71 18.18
CA SER E 124 16.93 62.47 18.19
C SER E 124 16.46 62.66 19.63
N GLY E 125 15.75 63.75 19.86
CA GLY E 125 15.33 64.10 21.21
C GLY E 125 16.53 64.34 22.10
N THR E 126 16.50 63.73 23.28
CA THR E 126 17.62 63.78 24.20
C THR E 126 18.44 62.49 24.14
N ASN E 127 18.31 61.72 23.07
CA ASN E 127 19.00 60.45 22.84
C ASN E 127 18.63 59.48 23.95
N GLY E 128 19.56 58.66 24.45
CA GLY E 128 19.24 57.65 25.43
C GLY E 128 18.72 56.34 24.90
N SER E 129 18.58 56.18 23.59
CA SER E 129 18.18 54.91 23.02
C SER E 129 19.15 54.48 21.93
N LEU E 130 19.20 53.18 21.68
CA LEU E 130 20.11 52.57 20.70
C LEU E 130 19.26 51.97 19.59
N SER E 131 19.31 52.55 18.40
CA SER E 131 18.54 52.09 17.27
C SER E 131 19.03 50.73 16.77
N ALA E 132 18.27 50.17 15.82
CA ALA E 132 18.68 48.97 15.10
C ALA E 132 19.97 49.17 14.32
N ALA E 133 20.34 50.42 14.03
CA ALA E 133 21.63 50.80 13.45
C ALA E 133 21.81 50.25 12.03
N THR E 134 20.73 50.23 11.26
CA THR E 134 20.84 49.95 9.83
C THR E 134 21.18 51.20 9.01
N GLY E 135 21.32 52.36 9.65
CA GLY E 135 21.71 53.53 8.91
C GLY E 135 20.54 54.28 8.30
N SER E 136 19.74 54.91 9.15
CA SER E 136 18.61 55.68 8.66
C SER E 136 19.09 56.90 7.88
N ILE E 137 18.47 57.17 6.75
CA ILE E 137 18.82 58.34 5.95
C ILE E 137 17.78 59.44 6.04
N GLY E 138 16.74 59.29 6.85
CA GLY E 138 15.69 60.29 6.97
C GLY E 138 14.92 60.49 5.67
N GLY E 139 14.23 61.64 5.60
CA GLY E 139 13.42 61.98 4.46
C GLY E 139 12.37 60.95 4.12
N GLY E 140 11.89 60.23 5.12
CA GLY E 140 10.88 59.19 4.91
C GLY E 140 11.27 58.08 3.98
N GLN E 141 12.56 57.80 3.83
CA GLN E 141 13.02 56.80 2.87
C GLN E 141 12.94 55.39 3.45
N ILE E 142 12.58 54.42 2.60
CA ILE E 142 12.59 53.01 2.99
C ILE E 142 14.02 52.47 3.06
N ALA E 143 14.87 52.88 2.13
CA ALA E 143 16.25 52.37 2.08
C ALA E 143 17.07 52.84 3.27
N SER E 144 17.83 51.90 3.83
CA SER E 144 18.84 52.20 4.83
C SER E 144 20.21 52.23 4.17
N ALA E 145 21.16 52.86 4.84
CA ALA E 145 22.54 52.81 4.37
C ALA E 145 23.04 51.37 4.27
N LEU E 146 22.64 50.51 5.22
CA LEU E 146 23.05 49.11 5.19
C LEU E 146 22.50 48.38 3.97
N SER E 147 21.24 48.64 3.60
CA SER E 147 20.68 48.07 2.39
C SER E 147 21.42 48.55 1.14
N ARG E 148 22.15 49.64 1.24
CA ARG E 148 23.01 50.14 0.17
C ARG E 148 24.47 49.73 0.35
N ASN E 149 24.75 48.80 1.27
CA ASN E 149 26.06 48.17 1.49
C ASN E 149 27.08 49.08 2.15
N PHE E 150 26.63 50.11 2.86
CA PHE E 150 27.50 50.81 3.79
C PHE E 150 27.70 49.96 5.05
N ALA E 151 28.81 50.20 5.72
CA ALA E 151 28.91 49.88 7.13
C ALA E 151 28.24 51.01 7.95
N THR E 152 27.41 50.64 8.91
CA THR E 152 26.55 51.60 9.61
C THR E 152 26.69 51.46 11.11
N ILE E 153 26.64 52.60 11.81
CA ILE E 153 26.82 52.63 13.26
C ILE E 153 25.86 53.63 13.89
N ALA E 154 25.47 53.35 15.13
CA ALA E 154 24.62 54.25 15.91
C ALA E 154 25.06 54.24 17.37
N THR E 155 24.71 55.28 18.10
CA THR E 155 24.99 55.38 19.52
C THR E 155 23.74 55.80 20.29
N ASP E 156 23.75 55.59 21.61
CA ASP E 156 22.74 56.15 22.47
C ASP E 156 23.14 57.49 23.07
N GLY E 157 24.35 57.96 22.77
CA GLY E 157 24.82 59.24 23.24
C GLY E 157 25.35 59.29 24.65
N GLY E 158 25.43 58.18 25.35
CA GLY E 158 26.10 58.14 26.63
C GLY E 158 25.20 58.02 27.83
N HIS E 159 23.91 57.82 27.63
CA HIS E 159 22.97 57.55 28.71
C HIS E 159 21.88 56.66 28.12
N ASP E 160 21.13 56.05 29.02
CA ASP E 160 20.22 54.97 28.71
C ASP E 160 18.87 55.36 29.30
N ASN E 161 17.84 55.43 28.46
CA ASN E 161 16.54 55.90 28.92
C ASN E 161 15.89 54.97 29.94
N ALA E 162 16.30 53.71 30.05
CA ALA E 162 15.78 52.86 31.12
C ALA E 162 16.57 53.05 32.40
N VAL E 163 17.90 53.14 32.31
CA VAL E 163 18.76 53.21 33.48
C VAL E 163 18.87 54.64 34.00
N ASN E 164 18.93 55.61 33.10
CA ASN E 164 19.17 56.99 33.52
C ASN E 164 17.85 57.77 33.56
N ASP E 165 16.90 57.16 34.22
CA ASP E 165 15.54 57.66 34.39
C ASP E 165 15.39 57.92 35.88
N ASN E 166 15.66 59.14 36.28
CA ASN E 166 15.66 59.52 37.67
C ASN E 166 14.36 60.24 37.98
N PRO E 167 13.47 59.68 38.78
CA PRO E 167 12.19 60.34 39.05
C PRO E 167 12.31 61.63 39.84
N ASP E 168 13.47 61.94 40.38
CA ASP E 168 13.68 63.21 41.07
C ASP E 168 14.36 64.26 40.21
N ALA E 169 14.75 63.92 38.98
CA ALA E 169 15.39 64.86 38.07
C ALA E 169 14.74 64.81 36.69
N LEU E 170 13.41 64.77 36.68
CA LEU E 170 12.57 64.90 35.48
C LEU E 170 12.71 63.71 34.52
N GLY E 171 12.95 62.54 35.08
CA GLY E 171 12.89 61.32 34.34
C GLY E 171 14.05 61.13 33.41
N THR E 172 13.73 61.11 32.13
CA THR E 172 14.61 60.72 31.06
C THR E 172 15.63 61.82 30.71
N VAL E 173 15.47 63.03 31.23
CA VAL E 173 16.50 64.04 31.04
C VAL E 173 17.53 64.02 32.16
N ALA E 174 17.47 63.02 33.04
CA ALA E 174 18.26 63.06 34.27
C ALA E 174 19.77 62.88 34.06
N PHE E 175 20.23 62.47 32.90
CA PHE E 175 21.67 62.46 32.61
C PHE E 175 22.32 63.82 32.82
N GLY E 176 21.54 64.91 32.70
CA GLY E 176 22.05 66.25 32.93
C GLY E 176 22.57 66.52 34.34
N LEU E 177 22.29 65.66 35.31
CA LEU E 177 22.90 65.77 36.63
C LEU E 177 24.36 65.34 36.65
N ASP E 178 24.88 64.79 35.57
CA ASP E 178 26.27 64.31 35.57
C ASP E 178 27.09 65.07 34.56
N PRO E 179 28.09 65.83 35.00
CA PRO E 179 28.89 66.63 34.06
C PRO E 179 29.44 65.86 32.87
N GLN E 180 29.98 64.65 33.07
CA GLN E 180 30.57 63.92 31.94
C GLN E 180 29.51 63.47 30.95
N ALA E 181 28.34 63.09 31.46
CA ALA E 181 27.26 62.65 30.59
C ALA E 181 26.75 63.78 29.72
N ARG E 182 26.76 65.01 30.24
CA ARG E 182 26.50 66.18 29.39
C ARG E 182 27.51 66.26 28.24
N LEU E 183 28.80 66.11 28.55
CA LEU E 183 29.84 66.16 27.53
C LEU E 183 29.68 65.03 26.52
N ASP E 184 29.32 63.83 27.00
CA ASP E 184 29.05 62.72 26.11
C ASP E 184 27.90 63.04 25.17
N MET E 185 26.84 63.63 25.72
CA MET E 185 25.66 63.98 24.93
C MET E 185 25.96 65.08 23.94
N GLY E 186 26.79 66.05 24.34
CA GLY E 186 27.09 67.16 23.46
C GLY E 186 28.00 66.77 22.31
N TYR E 187 29.10 66.08 22.60
CA TYR E 187 30.07 65.77 21.54
C TYR E 187 30.85 64.46 21.72
N ASN E 188 31.15 64.06 22.95
CA ASN E 188 32.15 63.02 23.15
C ASN E 188 31.64 61.66 22.69
N SER E 189 30.37 61.34 22.90
CA SER E 189 29.85 60.04 22.50
C SER E 189 30.02 59.79 21.00
N TYR E 190 29.68 60.78 20.16
CA TYR E 190 29.76 60.61 18.71
C TYR E 190 31.21 60.47 18.27
N ASP E 191 32.11 61.20 18.93
CA ASP E 191 33.53 61.06 18.69
C ASP E 191 33.99 59.63 18.98
N GLN E 192 33.72 59.13 20.19
CA GLN E 192 34.13 57.78 20.59
C GLN E 192 33.56 56.71 19.66
N VAL E 193 32.28 56.83 19.30
CA VAL E 193 31.65 55.80 18.49
C VAL E 193 32.18 55.85 17.06
N THR E 194 32.44 57.03 16.54
CA THR E 194 33.04 57.16 15.22
C THR E 194 34.40 56.45 15.18
N GLN E 195 35.23 56.70 16.17
CA GLN E 195 36.57 56.10 16.17
C GLN E 195 36.48 54.58 16.33
N ALA E 196 35.59 54.11 17.21
CA ALA E 196 35.41 52.69 17.39
C ALA E 196 34.93 52.03 16.10
N GLY E 197 33.97 52.67 15.42
CA GLY E 197 33.46 52.12 14.18
C GLY E 197 34.51 52.02 13.08
N LYS E 198 35.31 53.06 12.90
CA LYS E 198 36.32 53.03 11.86
C LYS E 198 37.43 52.02 12.16
N ALA E 199 37.73 51.79 13.43
CA ALA E 199 38.73 50.78 13.79
C ALA E 199 38.22 49.37 13.53
N ALA E 200 36.97 49.08 13.90
CA ALA E 200 36.39 47.78 13.58
C ALA E 200 36.31 47.56 12.09
N VAL E 201 35.94 48.61 11.34
CA VAL E 201 35.89 48.50 9.89
C VAL E 201 37.27 48.16 9.34
N ALA E 202 38.30 48.87 9.81
CA ALA E 202 39.65 48.59 9.35
C ALA E 202 40.06 47.14 9.64
N ARG E 203 39.73 46.63 10.82
CA ARG E 203 40.10 45.26 11.16
C ARG E 203 39.32 44.25 10.33
N PHE E 204 38.01 44.47 10.21
CA PHE E 204 37.11 43.49 9.60
C PHE E 204 37.37 43.36 8.10
N TYR E 205 37.61 44.47 7.42
CA TYR E 205 37.79 44.51 5.98
C TYR E 205 39.25 44.59 5.55
N GLY E 206 40.18 44.85 6.45
CA GLY E 206 41.57 44.96 6.05
C GLY E 206 41.93 46.24 5.32
N ARG E 207 41.03 47.22 5.29
CA ARG E 207 41.33 48.55 4.77
C ARG E 207 40.43 49.56 5.48
N ALA E 208 40.90 50.79 5.58
CA ALA E 208 40.10 51.88 6.10
C ALA E 208 38.96 52.22 5.14
N ALA E 209 37.89 52.79 5.69
CA ALA E 209 36.80 53.30 4.85
C ALA E 209 37.34 54.28 3.83
N ASP E 210 36.89 54.15 2.58
CA ASP E 210 37.29 55.13 1.57
C ASP E 210 36.72 56.50 1.90
N LYS E 211 35.45 56.57 2.30
CA LYS E 211 34.76 57.82 2.61
C LYS E 211 33.74 57.56 3.72
N SER E 212 33.50 58.57 4.54
CA SER E 212 32.61 58.43 5.67
C SER E 212 31.48 59.47 5.60
N TYR E 213 30.28 59.06 5.99
CA TYR E 213 29.07 59.84 5.82
C TYR E 213 28.25 59.85 7.10
N PHE E 214 27.68 61.01 7.42
CA PHE E 214 26.82 61.20 8.58
C PHE E 214 25.53 61.86 8.13
N ILE E 215 24.39 61.28 8.48
CA ILE E 215 23.07 61.87 8.24
C ILE E 215 22.31 61.92 9.56
N GLY E 216 21.77 63.10 9.89
CA GLY E 216 20.95 63.26 11.07
C GLY E 216 19.97 64.41 10.90
N CYS E 217 18.87 64.36 11.67
CA CYS E 217 17.88 65.43 11.68
C CYS E 217 17.60 65.88 13.11
N SER E 218 17.51 67.20 13.29
CA SER E 218 17.11 67.81 14.53
C SER E 218 18.24 67.73 15.56
N GLU E 219 18.10 66.94 16.63
CA GLU E 219 19.26 66.66 17.45
C GLU E 219 20.38 66.01 16.63
N GLY E 220 20.01 65.12 15.71
CA GLY E 220 20.97 64.58 14.77
C GLY E 220 21.50 65.60 13.79
N GLY E 221 20.71 66.63 13.49
CA GLY E 221 21.22 67.70 12.66
C GLY E 221 22.24 68.53 13.41
N ARG E 222 21.98 68.78 14.69
CA ARG E 222 22.97 69.41 15.55
C ARG E 222 24.26 68.59 15.58
N GLU E 223 24.14 67.28 15.70
CA GLU E 223 25.31 66.41 15.76
C GLU E 223 26.15 66.57 14.51
N GLY E 224 25.50 66.63 13.34
CA GLY E 224 26.23 66.75 12.09
C GLY E 224 26.97 68.06 11.97
N MET E 225 26.33 69.16 12.39
CA MET E 225 26.99 70.45 12.38
C MET E 225 28.15 70.48 13.35
N MET E 226 27.96 69.89 14.53
CA MET E 226 29.04 69.78 15.52
C MET E 226 30.25 69.03 14.93
N LEU E 227 30.01 67.92 14.24
CA LEU E 227 31.10 67.17 13.64
C LEU E 227 31.90 68.01 12.65
N SER E 228 31.20 68.74 11.78
CA SER E 228 31.85 69.59 10.79
C SER E 228 32.72 70.67 11.43
N GLN E 229 32.31 71.16 12.58
CA GLN E 229 33.02 72.22 13.27
C GLN E 229 34.12 71.69 14.18
N ARG E 230 33.83 70.63 14.93
CA ARG E 230 34.71 70.15 15.99
C ARG E 230 35.61 68.99 15.56
N PHE E 231 35.11 68.12 14.69
CA PHE E 231 35.85 66.93 14.23
C PHE E 231 35.81 66.90 12.71
N PRO E 232 36.45 67.87 12.05
CA PRO E 232 36.23 68.02 10.61
C PRO E 232 36.66 66.82 9.78
N SER E 233 37.53 65.95 10.25
CA SER E 233 37.88 64.80 9.42
C SER E 233 37.12 63.52 9.76
N HIS E 234 36.20 63.56 10.73
CA HIS E 234 35.41 62.37 11.03
C HIS E 234 34.55 61.97 9.84
N TYR E 235 33.96 62.93 9.15
CA TYR E 235 33.05 62.60 8.07
C TYR E 235 33.36 63.45 6.86
N ASP E 236 33.27 62.81 5.69
CA ASP E 236 33.43 63.52 4.43
C ASP E 236 32.12 64.17 3.96
N GLY E 237 31.00 63.52 4.19
CA GLY E 237 29.72 64.05 3.81
C GLY E 237 28.77 64.09 5.00
N ILE E 238 28.14 65.24 5.23
CA ILE E 238 27.21 65.42 6.34
C ILE E 238 25.89 65.96 5.78
N VAL E 239 24.78 65.33 6.13
CA VAL E 239 23.45 65.91 5.98
C VAL E 239 22.98 66.31 7.38
N ALA E 240 22.73 67.59 7.57
CA ALA E 240 22.17 68.12 8.84
C ALA E 240 20.77 68.65 8.56
N GLY E 241 19.76 67.84 8.91
CA GLY E 241 18.39 68.26 8.79
C GLY E 241 17.96 69.01 10.03
N ALA E 242 17.16 70.06 9.82
CA ALA E 242 16.54 70.92 10.84
C ALA E 242 17.41 71.00 12.09
N PRO E 243 18.63 71.50 11.99
CA PRO E 243 19.60 71.27 13.07
C PRO E 243 19.33 72.17 14.27
N GLY E 244 19.24 71.55 15.44
CA GLY E 244 19.17 72.28 16.69
C GLY E 244 20.53 72.79 17.10
N TYR E 245 21.16 73.58 16.23
CA TYR E 245 22.52 74.02 16.48
C TYR E 245 22.65 75.03 17.61
N GLN E 246 21.54 75.58 18.11
CA GLN E 246 21.50 76.40 19.32
C GLN E 246 20.50 75.82 20.31
N LEU E 247 20.47 74.50 20.42
CA LEU E 247 19.47 73.76 21.19
C LEU E 247 19.30 74.27 22.63
N PRO E 248 20.34 74.71 23.34
CA PRO E 248 20.09 75.26 24.69
C PRO E 248 19.23 76.53 24.70
N LYS E 249 18.99 77.17 23.55
CA LYS E 249 18.07 78.29 23.48
C LYS E 249 16.62 77.87 23.26
N ALA E 250 16.35 76.59 22.95
CA ALA E 250 14.99 76.15 22.66
C ALA E 250 14.06 76.37 23.84
N GLY E 251 14.53 76.08 25.05
CA GLY E 251 13.75 76.35 26.24
C GLY E 251 13.49 77.82 26.49
N ILE E 252 14.37 78.70 26.02
CA ILE E 252 14.14 80.13 26.14
C ILE E 252 12.98 80.54 25.22
N SER E 253 13.01 80.06 23.99
CA SER E 253 11.89 80.25 23.07
C SER E 253 10.61 79.65 23.63
N GLY E 254 10.71 78.49 24.28
CA GLY E 254 9.55 77.83 24.83
C GLY E 254 8.92 78.57 26.00
N ALA E 255 9.74 79.12 26.88
CA ALA E 255 9.24 80.04 27.90
C ALA E 255 8.54 81.21 27.25
N TRP E 256 9.11 81.71 26.15
CA TRP E 256 8.58 82.91 25.52
C TRP E 256 7.26 82.64 24.84
N THR E 257 7.15 81.52 24.13
CA THR E 257 5.90 81.18 23.48
C THR E 257 4.84 80.79 24.50
N THR E 258 5.23 80.17 25.61
CA THR E 258 4.28 79.87 26.67
C THR E 258 3.69 81.15 27.25
N GLN E 259 4.55 82.10 27.63
CA GLN E 259 4.06 83.36 28.18
C GLN E 259 3.34 84.20 27.13
N SER E 260 3.78 84.17 25.87
CA SER E 260 3.11 84.91 24.81
C SER E 260 1.70 84.38 24.55
N LEU E 261 1.50 83.08 24.67
CA LEU E 261 0.21 82.50 24.37
C LEU E 261 -0.74 82.50 25.56
N ALA E 262 -0.23 82.63 26.77
CA ALA E 262 -1.07 82.55 27.96
C ALA E 262 -2.27 83.51 27.94
N PRO E 263 -2.17 84.76 27.48
CA PRO E 263 -3.37 85.63 27.45
C PRO E 263 -4.51 85.08 26.61
N ALA E 264 -4.23 84.29 25.59
CA ALA E 264 -5.26 83.68 24.77
C ALA E 264 -5.76 82.35 25.31
N ALA E 265 -5.17 81.85 26.39
CA ALA E 265 -5.61 80.58 26.94
C ALA E 265 -7.03 80.69 27.48
N VAL E 266 -7.74 79.57 27.46
CA VAL E 266 -9.08 79.48 28.05
C VAL E 266 -9.04 78.42 29.15
N GLY E 267 -9.17 78.85 30.40
CA GLY E 267 -9.18 77.94 31.51
C GLY E 267 -7.80 77.73 32.10
N LEU E 268 -7.78 77.09 33.25
CA LEU E 268 -6.54 76.75 33.94
C LEU E 268 -6.43 75.24 34.11
N ASP E 269 -5.20 74.75 34.15
CA ASP E 269 -4.98 73.36 34.47
C ASP E 269 -5.01 73.20 35.99
N ALA E 270 -4.90 71.97 36.47
CA ALA E 270 -5.07 71.75 37.90
C ALA E 270 -3.97 72.38 38.75
N GLN E 271 -2.91 72.91 38.14
CA GLN E 271 -1.89 73.64 38.88
C GLN E 271 -2.11 75.15 38.83
N GLY E 272 -3.20 75.62 38.25
CA GLY E 272 -3.41 77.04 38.10
C GLY E 272 -2.63 77.68 36.99
N VAL E 273 -2.17 76.89 36.03
CA VAL E 273 -1.43 77.41 34.88
C VAL E 273 -2.41 77.50 33.71
N PRO E 274 -2.42 78.59 32.96
CA PRO E 274 -3.36 78.70 31.84
C PRO E 274 -3.20 77.57 30.84
N LEU E 275 -4.31 77.11 30.28
CA LEU E 275 -4.28 76.02 29.31
C LEU E 275 -3.83 76.57 27.96
N ILE E 276 -2.51 76.53 27.72
CA ILE E 276 -1.95 76.99 26.46
C ILE E 276 -2.56 76.24 25.27
N ASN E 277 -2.94 75.00 25.47
CA ASN E 277 -3.49 74.22 24.37
C ASN E 277 -4.87 74.72 23.94
N LYS E 278 -5.56 75.46 24.79
CA LYS E 278 -6.89 75.96 24.48
C LYS E 278 -6.87 77.32 23.78
N SER E 279 -5.70 77.93 23.58
CA SER E 279 -5.64 79.25 22.97
C SER E 279 -6.07 79.23 21.50
N PHE E 280 -5.83 78.14 20.78
CA PHE E 280 -6.26 77.99 19.40
C PHE E 280 -6.84 76.60 19.24
N SER E 281 -8.04 76.53 18.70
CA SER E 281 -8.56 75.26 18.24
C SER E 281 -7.88 74.90 16.93
N ASP E 282 -8.07 73.66 16.49
CA ASP E 282 -7.53 73.27 15.19
C ASP E 282 -8.16 74.10 14.07
N ALA E 283 -9.46 74.37 14.15
CA ALA E 283 -10.12 75.20 13.15
C ALA E 283 -9.49 76.58 13.08
N ASP E 284 -9.26 77.20 14.24
CA ASP E 284 -8.57 78.48 14.32
C ASP E 284 -7.20 78.44 13.63
N LEU E 285 -6.39 77.42 13.92
CA LEU E 285 -5.09 77.32 13.26
C LEU E 285 -5.24 77.12 11.76
N HIS E 286 -6.20 76.30 11.35
CA HIS E 286 -6.42 76.14 9.93
C HIS E 286 -6.87 77.46 9.29
N LEU E 287 -7.67 78.23 10.01
CA LEU E 287 -8.04 79.55 9.54
C LEU E 287 -6.80 80.42 9.35
N LEU E 288 -5.87 80.36 10.31
CA LEU E 288 -4.65 81.15 10.20
C LEU E 288 -3.82 80.76 8.97
N SER E 289 -3.65 79.46 8.73
CA SER E 289 -2.85 79.08 7.57
C SER E 289 -3.58 79.37 6.27
N GLN E 290 -4.92 79.31 6.25
CA GLN E 290 -5.63 79.71 5.05
C GLN E 290 -5.39 81.19 4.75
N ALA E 291 -5.37 82.03 5.78
CA ALA E 291 -5.06 83.42 5.56
C ALA E 291 -3.64 83.60 5.04
N ILE E 292 -2.71 82.80 5.56
CA ILE E 292 -1.34 82.85 5.05
C ILE E 292 -1.30 82.44 3.59
N LEU E 293 -2.01 81.38 3.21
CA LEU E 293 -2.10 81.07 1.79
C LEU E 293 -2.73 82.21 1.01
N GLY E 294 -3.77 82.84 1.58
CA GLY E 294 -4.41 83.95 0.91
C GLY E 294 -3.45 85.06 0.54
N THR E 295 -2.58 85.45 1.46
CA THR E 295 -1.67 86.52 1.12
C THR E 295 -0.34 86.03 0.57
N CYS E 296 0.03 84.76 0.72
CA CYS E 296 1.39 84.35 0.41
C CYS E 296 1.53 83.30 -0.69
N ASP E 297 0.51 82.49 -0.94
CA ASP E 297 0.62 81.38 -1.89
C ASP E 297 1.09 81.85 -3.26
N ALA E 298 0.42 82.86 -3.82
CA ALA E 298 0.73 83.29 -5.19
C ALA E 298 1.98 84.12 -5.28
N LEU E 299 2.65 84.40 -4.16
CA LEU E 299 3.86 85.19 -4.23
C LEU E 299 4.98 84.47 -4.99
N ASP E 300 4.79 83.22 -5.36
CA ASP E 300 5.73 82.48 -6.19
C ASP E 300 5.23 82.33 -7.62
N GLY E 301 4.08 82.92 -7.93
CA GLY E 301 3.48 82.84 -9.25
C GLY E 301 2.42 81.78 -9.39
N LEU E 302 2.22 80.95 -8.39
CA LEU E 302 1.34 79.81 -8.57
C LEU E 302 0.55 79.57 -7.30
N ALA E 303 -0.77 79.51 -7.41
CA ALA E 303 -1.64 79.19 -6.29
C ALA E 303 -1.78 77.68 -6.22
N ASP E 304 -1.05 77.07 -5.29
CA ASP E 304 -0.98 75.62 -5.22
C ASP E 304 -0.94 75.11 -3.79
N GLY E 305 -1.23 75.95 -2.81
CA GLY E 305 -1.16 75.50 -1.44
C GLY E 305 0.22 75.51 -0.83
N ILE E 306 1.22 76.07 -1.51
CA ILE E 306 2.60 76.05 -1.03
C ILE E 306 3.21 77.45 -1.14
N VAL E 307 3.87 77.90 -0.08
CA VAL E 307 4.53 79.20 -0.07
C VAL E 307 6.00 78.97 -0.42
N ASP E 308 6.31 78.97 -1.71
CA ASP E 308 7.70 78.85 -2.12
C ASP E 308 8.48 80.14 -1.85
N ASN E 309 7.81 81.28 -1.88
CA ASN E 309 8.49 82.56 -1.71
C ASN E 309 8.35 83.03 -0.26
N TYR E 310 9.09 82.33 0.62
CA TYR E 310 9.02 82.57 2.06
C TYR E 310 9.51 83.96 2.45
N ARG E 311 10.49 84.51 1.73
CA ARG E 311 10.95 85.86 2.10
C ARG E 311 9.88 86.89 1.82
N ALA E 312 9.23 86.80 0.66
CA ALA E 312 8.15 87.71 0.36
C ALA E 312 7.01 87.53 1.34
N CYS E 313 6.74 86.29 1.74
CA CYS E 313 5.67 86.03 2.69
C CYS E 313 5.91 86.75 4.01
N GLN E 314 7.15 86.74 4.51
CA GLN E 314 7.41 87.39 5.78
C GLN E 314 7.30 88.91 5.68
N ALA E 315 7.63 89.48 4.53
CA ALA E 315 7.43 90.91 4.35
C ALA E 315 5.98 91.29 4.17
N ALA E 316 5.11 90.35 3.82
CA ALA E 316 3.74 90.69 3.48
C ALA E 316 2.71 90.31 4.53
N PHE E 317 2.92 89.23 5.28
CA PHE E 317 1.85 88.70 6.12
C PHE E 317 1.92 89.27 7.54
N ASP E 318 0.77 89.74 8.01
CA ASP E 318 0.53 90.21 9.37
C ASP E 318 -0.90 89.82 9.69
N PRO E 319 -1.11 88.89 10.62
CA PRO E 319 -2.48 88.44 10.87
C PRO E 319 -3.42 89.54 11.33
N ALA E 320 -2.89 90.66 11.82
CA ALA E 320 -3.74 91.78 12.20
C ALA E 320 -4.25 92.59 11.02
N THR E 321 -3.68 92.43 9.82
CA THR E 321 -4.15 93.12 8.63
C THR E 321 -4.51 92.20 7.48
N ALA E 322 -4.29 90.90 7.63
CA ALA E 322 -4.63 89.99 6.56
C ALA E 322 -6.14 89.75 6.53
N ALA E 323 -6.58 89.25 5.39
CA ALA E 323 -7.96 88.89 5.15
C ALA E 323 -8.15 87.39 5.29
N ASN E 324 -9.34 87.00 5.67
CA ASN E 324 -9.79 85.63 5.53
C ASN E 324 -10.20 85.48 4.08
N PRO E 325 -9.50 84.69 3.27
CA PRO E 325 -9.85 84.64 1.84
C PRO E 325 -11.20 84.00 1.55
N ALA E 326 -11.79 83.31 2.52
CA ALA E 326 -13.05 82.63 2.24
C ALA E 326 -14.23 83.59 2.25
N ASN E 327 -14.17 84.65 3.05
CA ASN E 327 -15.24 85.63 3.08
C ASN E 327 -14.79 87.04 2.73
N GLY E 328 -13.52 87.25 2.47
CA GLY E 328 -13.03 88.57 2.15
C GLY E 328 -12.98 89.56 3.30
N GLN E 329 -13.38 89.17 4.50
CA GLN E 329 -13.31 90.03 5.66
C GLN E 329 -11.95 89.90 6.34
N ALA E 330 -11.70 90.78 7.30
CA ALA E 330 -10.46 90.73 8.04
C ALA E 330 -10.35 89.42 8.83
N LEU E 331 -9.14 88.85 8.84
CA LEU E 331 -8.86 87.70 9.69
C LEU E 331 -9.24 87.99 11.14
N GLN E 332 -8.79 89.12 11.67
CA GLN E 332 -9.03 89.43 13.07
C GLN E 332 -10.47 89.87 13.31
N CYS E 333 -11.11 89.35 14.35
CA CYS E 333 -12.52 89.65 14.58
C CYS E 333 -12.70 91.13 14.88
N VAL E 334 -13.73 91.71 14.29
CA VAL E 334 -14.09 93.06 14.67
C VAL E 334 -15.00 93.06 15.88
N GLY E 335 -15.83 92.03 16.05
CA GLY E 335 -16.65 91.92 17.23
C GLY E 335 -16.42 90.65 18.01
N ALA E 336 -17.49 89.90 18.25
CA ALA E 336 -17.39 88.63 18.96
C ALA E 336 -16.65 87.60 18.11
N LYS E 337 -16.14 86.58 18.80
CA LYS E 337 -15.43 85.50 18.12
C LYS E 337 -16.41 84.65 17.33
N THR E 338 -16.10 84.44 16.05
CA THR E 338 -16.83 83.48 15.23
C THR E 338 -15.83 82.48 14.66
N ALA E 339 -16.37 81.45 14.01
CA ALA E 339 -15.55 80.42 13.41
C ALA E 339 -14.68 80.96 12.28
N ASP E 340 -14.99 82.15 11.76
CA ASP E 340 -14.34 82.72 10.59
C ASP E 340 -13.34 83.81 10.92
N CYS E 341 -13.07 84.06 12.19
CA CYS E 341 -12.13 85.11 12.54
C CYS E 341 -11.36 84.69 13.78
N LEU E 342 -10.27 85.39 14.06
CA LEU E 342 -9.46 85.19 15.25
C LEU E 342 -9.56 86.41 16.14
N SER E 343 -9.68 86.20 17.44
CA SER E 343 -9.84 87.32 18.35
C SER E 343 -8.58 88.18 18.35
N PRO E 344 -8.72 89.46 18.64
CA PRO E 344 -7.52 90.30 18.78
C PRO E 344 -6.50 89.76 19.77
N VAL E 345 -6.95 89.09 20.84
CA VAL E 345 -6.03 88.52 21.81
C VAL E 345 -5.26 87.35 21.20
N GLN E 346 -5.93 86.53 20.40
CA GLN E 346 -5.26 85.46 19.68
C GLN E 346 -4.23 86.00 18.72
N VAL E 347 -4.60 87.04 17.97
CA VAL E 347 -3.71 87.61 16.97
C VAL E 347 -2.49 88.21 17.64
N THR E 348 -2.70 88.93 18.73
CA THR E 348 -1.57 89.48 19.48
C THR E 348 -0.68 88.38 20.05
N ALA E 349 -1.28 87.30 20.54
CA ALA E 349 -0.52 86.21 21.17
C ALA E 349 0.39 85.51 20.17
N ILE E 350 -0.15 85.10 19.01
CA ILE E 350 0.64 84.35 18.06
C ILE E 350 1.69 85.22 17.40
N LYS E 351 1.39 86.51 17.20
CA LYS E 351 2.40 87.45 16.69
C LYS E 351 3.57 87.58 17.65
N ARG E 352 3.30 87.67 18.94
CA ARG E 352 4.37 87.79 19.90
C ARG E 352 5.18 86.49 20.00
N ALA E 353 4.52 85.34 19.96
CA ALA E 353 5.20 84.06 19.99
C ALA E 353 6.15 83.89 18.81
N MET E 354 5.66 84.21 17.61
CA MET E 354 6.41 84.13 16.36
C MET E 354 7.56 85.11 16.29
N ALA E 355 7.51 86.20 17.07
CA ALA E 355 8.53 87.23 17.00
C ALA E 355 9.81 86.81 17.68
N GLY E 356 9.74 85.96 18.70
CA GLY E 356 10.90 85.42 19.36
C GLY E 356 11.27 86.18 20.61
N PRO E 357 11.95 85.53 21.54
CA PRO E 357 12.26 86.15 22.82
C PRO E 357 13.21 87.34 22.73
N VAL E 358 12.98 88.32 23.61
CA VAL E 358 13.92 89.39 23.86
C VAL E 358 14.06 89.56 25.37
N ASN E 359 15.15 90.19 25.79
CA ASN E 359 15.29 90.57 27.17
C ASN E 359 14.82 92.02 27.35
N SER E 360 15.03 92.56 28.55
CA SER E 360 14.55 93.91 28.84
C SER E 360 15.28 94.97 28.04
N ALA E 361 16.49 94.71 27.58
CA ALA E 361 17.12 95.66 26.69
C ALA E 361 16.65 95.53 25.26
N GLY E 362 15.67 94.66 24.98
CA GLY E 362 15.29 94.36 23.61
C GLY E 362 16.24 93.46 22.86
N THR E 363 17.25 92.90 23.51
CA THR E 363 18.16 92.00 22.81
C THR E 363 17.45 90.74 22.38
N PRO E 364 17.51 90.35 21.11
CA PRO E 364 16.95 89.05 20.71
C PRO E 364 17.73 87.92 21.36
N LEU E 365 17.02 86.94 21.86
CA LEU E 365 17.67 85.81 22.54
C LEU E 365 17.76 84.56 21.69
N TYR E 366 16.96 84.46 20.65
CA TYR E 366 16.97 83.32 19.76
C TYR E 366 16.83 83.85 18.33
N ASN E 367 15.63 83.81 17.78
CA ASN E 367 15.35 84.27 16.43
C ASN E 367 13.83 84.33 16.30
N ARG E 368 13.37 84.89 15.19
CA ARG E 368 11.95 84.86 14.88
C ARG E 368 11.61 83.62 14.06
N TRP E 369 10.33 83.42 13.84
CA TRP E 369 9.81 82.26 13.14
C TRP E 369 9.05 82.73 11.90
N ALA E 370 8.95 81.85 10.89
CA ALA E 370 8.31 82.18 9.63
C ALA E 370 6.84 81.79 9.62
N TRP E 371 5.99 82.71 9.19
CA TRP E 371 4.62 82.35 8.88
C TRP E 371 4.62 81.39 7.69
N ASP E 372 3.90 80.30 7.81
CA ASP E 372 3.87 79.33 6.72
C ASP E 372 2.61 78.50 6.84
N ALA E 373 2.18 77.93 5.72
CA ALA E 373 0.92 77.22 5.67
C ALA E 373 0.93 75.90 6.44
N GLY E 374 2.11 75.37 6.73
CA GLY E 374 2.20 74.14 7.48
C GLY E 374 1.99 74.30 8.97
N MET E 375 1.66 75.51 9.44
CA MET E 375 1.22 75.63 10.82
C MET E 375 -0.04 74.84 11.05
N SER E 376 -0.76 74.51 10.00
CA SER E 376 -1.93 73.64 10.07
C SER E 376 -1.99 72.81 8.81
N GLY E 377 -3.19 72.51 8.36
CA GLY E 377 -3.40 71.74 7.16
C GLY E 377 -4.50 70.74 7.40
N LEU E 378 -5.16 70.34 6.33
CA LEU E 378 -6.28 69.43 6.38
C LEU E 378 -6.08 68.38 5.30
N SER E 379 -6.02 67.12 5.70
CA SER E 379 -5.98 66.01 4.76
C SER E 379 -7.16 65.12 5.07
N GLY E 380 -8.09 65.03 4.13
CA GLY E 380 -9.35 64.40 4.43
C GLY E 380 -10.02 65.17 5.54
N THR E 381 -10.26 64.52 6.66
CA THR E 381 -10.93 65.14 7.79
C THR E 381 -9.99 65.36 8.96
N THR E 382 -8.70 65.17 8.77
CA THR E 382 -7.73 65.22 9.86
C THR E 382 -6.89 66.48 9.73
N TYR E 383 -6.88 67.28 10.79
CA TYR E 383 -6.04 68.47 10.86
C TYR E 383 -4.60 68.07 11.19
N ASN E 384 -3.66 68.77 10.57
CA ASN E 384 -2.24 68.63 10.88
C ASN E 384 -1.97 68.97 12.33
N GLN E 385 -1.41 68.02 13.08
CA GLN E 385 -0.99 68.27 14.44
C GLN E 385 0.50 68.59 14.56
N GLY E 386 1.25 68.50 13.46
CA GLY E 386 2.69 68.53 13.51
C GLY E 386 3.31 69.87 13.82
N TRP E 387 2.56 70.95 13.70
CA TRP E 387 3.07 72.24 14.15
C TRP E 387 2.65 72.57 15.58
N ARG E 388 1.37 72.39 15.92
CA ARG E 388 0.85 72.89 17.18
C ARG E 388 1.37 72.13 18.41
N SER E 389 1.81 70.88 18.23
CA SER E 389 2.21 70.10 19.40
C SER E 389 3.36 70.73 20.15
N TRP E 390 4.15 71.58 19.50
CA TRP E 390 5.36 72.10 20.11
C TRP E 390 5.05 73.22 21.13
N TRP E 391 4.34 74.26 20.70
CA TRP E 391 4.08 75.41 21.57
C TRP E 391 2.70 75.37 22.22
N LEU E 392 1.74 74.71 21.61
CA LEU E 392 0.37 74.69 22.10
C LEU E 392 0.00 73.41 22.85
N GLY E 393 0.28 72.25 22.26
CA GLY E 393 -0.28 71.02 22.75
C GLY E 393 -1.61 70.71 22.12
N SER E 394 -2.22 69.64 22.60
CA SER E 394 -3.44 69.12 22.01
C SER E 394 -4.64 69.90 22.52
N PHE E 395 -5.47 70.38 21.60
CA PHE E 395 -6.63 71.15 22.03
C PHE E 395 -7.52 70.32 22.94
N ASN E 396 -7.73 69.07 22.61
CA ASN E 396 -8.59 68.23 23.41
C ASN E 396 -7.96 67.78 24.73
N SER E 397 -6.71 68.11 25.01
CA SER E 397 -6.13 67.68 26.28
C SER E 397 -6.76 68.40 27.45
N SER E 398 -6.83 67.72 28.58
CA SER E 398 -7.32 68.29 29.82
C SER E 398 -6.24 69.06 30.58
N ALA E 399 -4.99 68.92 30.18
CA ALA E 399 -3.86 69.56 30.83
C ALA E 399 -2.96 70.15 29.76
N ASN E 400 -1.96 70.89 30.17
CA ASN E 400 -0.93 71.35 29.25
C ASN E 400 -0.05 70.17 28.85
N ASN E 401 0.02 69.86 27.55
CA ASN E 401 0.94 68.82 27.08
C ASN E 401 1.87 69.29 25.95
N ALA E 402 2.05 70.60 25.77
CA ALA E 402 2.97 71.08 24.75
C ALA E 402 4.42 70.73 25.11
N GLN E 403 5.20 70.37 24.09
CA GLN E 403 6.60 70.05 24.28
C GLN E 403 7.32 71.17 25.02
N ARG E 404 6.97 72.41 24.72
CA ARG E 404 7.66 73.54 25.33
C ARG E 404 6.98 74.06 26.59
N VAL E 405 5.85 73.50 26.99
CA VAL E 405 5.17 73.99 28.20
C VAL E 405 5.48 73.04 29.34
N SER E 406 5.04 71.80 29.23
CA SER E 406 5.31 70.80 30.26
C SER E 406 6.10 69.61 29.76
N GLY E 407 6.39 69.53 28.46
CA GLY E 407 6.95 68.35 27.84
C GLY E 407 8.46 68.28 27.92
N PHE E 408 9.03 67.39 27.09
CA PHE E 408 10.43 67.04 27.27
C PHE E 408 11.35 68.22 26.97
N SER E 409 10.97 69.08 26.03
CA SER E 409 11.83 70.22 25.72
C SER E 409 12.00 71.12 26.95
N ALA E 410 10.91 71.39 27.67
CA ALA E 410 11.02 72.22 28.87
C ALA E 410 11.82 71.52 29.95
N ARG E 411 11.59 70.22 30.15
CA ARG E 411 12.35 69.47 31.14
C ARG E 411 13.83 69.42 30.80
N SER E 412 14.15 69.22 29.52
CA SER E 412 15.56 69.14 29.14
C SER E 412 16.26 70.47 29.34
N TRP E 413 15.58 71.59 29.06
CA TRP E 413 16.20 72.87 29.38
C TRP E 413 16.55 72.95 30.87
N LEU E 414 15.66 72.52 31.73
CA LEU E 414 15.87 72.74 33.15
C LEU E 414 17.00 71.86 33.71
N VAL E 415 17.14 70.63 33.22
CA VAL E 415 18.05 69.68 33.85
C VAL E 415 19.34 69.51 33.02
N ASP E 416 19.22 69.68 31.71
CA ASP E 416 20.32 69.48 30.79
C ASP E 416 21.05 70.75 30.41
N PHE E 417 20.34 71.85 30.21
CA PHE E 417 20.95 73.03 29.62
C PHE E 417 21.16 74.17 30.60
N ALA E 418 20.34 74.29 31.63
CA ALA E 418 20.61 75.26 32.68
C ALA E 418 21.73 74.74 33.58
N THR E 419 22.64 75.62 33.93
CA THR E 419 23.75 75.24 34.75
C THR E 419 23.65 76.05 35.99
N PRO E 420 23.95 75.38 37.10
CA PRO E 420 23.30 74.44 38.00
C PRO E 420 22.02 73.93 37.33
N PRO E 421 21.92 72.62 37.14
CA PRO E 421 20.64 72.05 36.73
C PRO E 421 19.56 72.36 37.76
N GLU E 422 18.31 72.33 37.31
CA GLU E 422 17.17 72.67 38.16
C GLU E 422 16.15 71.54 38.12
N PRO E 423 16.44 70.43 38.77
CA PRO E 423 15.44 69.36 38.89
C PRO E 423 14.30 69.79 39.80
N MET E 424 13.12 69.29 39.49
CA MET E 424 11.89 69.65 40.20
C MET E 424 10.85 68.62 39.83
N PRO E 425 9.73 68.57 40.55
CA PRO E 425 8.67 67.63 40.16
C PRO E 425 8.17 67.94 38.75
N MET E 426 7.74 66.89 38.05
CA MET E 426 7.23 67.03 36.69
C MET E 426 6.10 68.04 36.62
N THR E 427 5.22 68.04 37.62
CA THR E 427 4.05 68.91 37.59
C THR E 427 4.38 70.39 37.73
N GLN E 428 5.62 70.73 38.08
CA GLN E 428 5.97 72.12 38.31
C GLN E 428 6.59 72.79 37.10
N VAL E 429 6.85 72.04 36.03
CA VAL E 429 7.62 72.55 34.91
C VAL E 429 6.84 73.65 34.18
N ALA E 430 5.56 73.42 33.91
CA ALA E 430 4.75 74.42 33.21
C ALA E 430 4.74 75.76 33.96
N ALA E 431 4.59 75.75 35.28
CA ALA E 431 4.63 76.99 36.04
C ALA E 431 6.00 77.65 35.96
N ARG E 432 7.05 76.83 35.96
CA ARG E 432 8.40 77.35 35.81
C ARG E 432 8.58 78.09 34.49
N MET E 433 8.00 77.57 33.40
CA MET E 433 8.09 78.27 32.13
C MET E 433 7.31 79.58 32.18
N MET E 434 6.16 79.58 32.87
CA MET E 434 5.38 80.81 33.02
C MET E 434 6.14 81.87 33.81
N LYS E 435 6.94 81.46 34.79
CA LYS E 435 7.68 82.42 35.61
C LYS E 435 9.08 82.70 35.11
N PHE E 436 9.51 82.05 34.04
CA PHE E 436 10.81 82.28 33.42
C PHE E 436 11.10 83.77 33.24
N ASP E 437 12.27 84.19 33.70
CA ASP E 437 12.74 85.56 33.63
C ASP E 437 13.77 85.69 32.50
N PHE E 438 13.46 86.52 31.51
CA PHE E 438 14.27 86.60 30.31
C PHE E 438 15.51 87.46 30.49
N ASP E 439 15.71 88.05 31.65
CA ASP E 439 16.95 88.72 31.97
C ASP E 439 17.87 87.87 32.83
N ILE E 440 17.35 86.88 33.54
CA ILE E 440 18.11 86.07 34.46
C ILE E 440 18.33 84.66 33.92
N ASP E 441 17.24 83.98 33.57
CA ASP E 441 17.32 82.59 33.17
C ASP E 441 18.13 82.35 31.91
N PRO E 442 18.09 83.19 30.87
CA PRO E 442 18.91 82.91 29.69
C PRO E 442 20.41 82.89 29.97
N LEU E 443 20.88 83.50 31.05
CA LEU E 443 22.30 83.43 31.37
C LEU E 443 22.76 82.02 31.75
N LYS E 444 21.83 81.14 32.14
CA LYS E 444 22.20 79.83 32.67
C LYS E 444 22.70 78.86 31.61
N ILE E 445 22.49 79.14 30.32
CA ILE E 445 23.09 78.31 29.28
C ILE E 445 24.50 78.75 28.92
N TRP E 446 25.00 79.82 29.53
CA TRP E 446 26.37 80.26 29.35
C TRP E 446 27.21 80.08 30.60
N ALA E 447 26.60 79.69 31.71
CA ALA E 447 27.28 79.63 32.99
C ALA E 447 27.96 78.29 33.20
N THR E 448 29.00 78.31 34.00
CA THR E 448 29.53 77.13 34.64
C THR E 448 29.27 77.24 36.14
N SER E 449 29.27 76.10 36.81
CA SER E 449 29.05 76.08 38.25
C SER E 449 29.52 74.77 38.84
N GLY E 450 30.24 74.86 39.96
CA GLY E 450 30.79 73.68 40.60
C GLY E 450 31.47 72.72 39.63
N GLN E 451 30.97 71.49 39.56
CA GLN E 451 31.55 70.49 38.69
C GLN E 451 31.05 70.55 37.24
N PHE E 452 30.03 71.37 36.97
CA PHE E 452 29.58 71.59 35.60
C PHE E 452 30.52 72.61 34.99
N THR E 453 31.67 72.12 34.50
CA THR E 453 32.77 73.00 34.14
C THR E 453 32.72 73.48 32.69
N GLN E 454 31.75 73.03 31.91
CA GLN E 454 31.43 73.60 30.61
C GLN E 454 29.97 74.05 30.62
N SER E 455 29.70 75.19 30.00
CA SER E 455 28.34 75.65 29.77
C SER E 455 27.64 74.76 28.75
N SER E 456 26.30 74.78 28.77
CA SER E 456 25.59 73.97 27.79
C SER E 456 25.80 74.50 26.37
N MET E 457 26.04 75.80 26.20
CA MET E 457 26.44 76.23 24.86
C MET E 457 27.84 75.71 24.50
N ASP E 458 28.74 75.57 25.46
CA ASP E 458 30.06 75.01 25.20
C ASP E 458 29.96 73.60 24.63
N TRP E 459 29.23 72.71 25.31
CA TRP E 459 29.24 71.32 24.88
C TRP E 459 28.14 70.95 23.88
N HIS E 460 26.98 71.60 23.92
CA HIS E 460 25.89 71.25 23.00
C HIS E 460 25.77 72.17 21.80
N GLY E 461 26.11 73.44 21.95
CA GLY E 461 25.97 74.37 20.84
C GLY E 461 26.93 74.07 19.71
N ALA E 462 26.52 74.42 18.50
CA ALA E 462 27.34 74.22 17.31
C ALA E 462 27.12 75.41 16.37
N THR E 463 27.68 76.54 16.76
CA THR E 463 27.43 77.83 16.12
C THR E 463 28.62 78.31 15.30
N SER E 464 29.73 77.59 15.32
CA SER E 464 30.92 78.06 14.63
C SER E 464 30.72 78.07 13.12
N THR E 465 31.15 79.14 12.48
CA THR E 465 31.20 79.19 11.02
C THR E 465 32.60 78.88 10.47
N ASP E 466 33.52 78.40 11.30
CA ASP E 466 34.86 78.06 10.82
C ASP E 466 34.83 76.62 10.32
N LEU E 467 34.53 76.46 9.04
CA LEU E 467 34.51 75.14 8.44
C LEU E 467 35.66 74.97 7.45
N ALA E 468 36.68 75.83 7.52
CA ALA E 468 37.79 75.80 6.57
C ALA E 468 38.41 74.42 6.47
N ALA E 469 38.75 73.83 7.62
CA ALA E 469 39.43 72.53 7.61
C ALA E 469 38.54 71.46 6.98
N PHE E 470 37.25 71.46 7.33
CA PHE E 470 36.28 70.56 6.71
C PHE E 470 36.19 70.76 5.21
N ARG E 471 36.09 72.00 4.77
CA ARG E 471 35.98 72.29 3.34
C ARG E 471 37.25 71.84 2.61
N ASP E 472 38.40 72.17 3.16
CA ASP E 472 39.66 72.04 2.45
C ASP E 472 40.17 70.61 2.40
N ARG E 473 39.60 69.69 3.15
CA ARG E 473 39.84 68.27 2.95
C ARG E 473 38.74 67.62 2.11
N GLY E 474 37.90 68.41 1.44
CA GLY E 474 36.87 67.84 0.58
C GLY E 474 35.51 67.61 1.21
N GLY E 475 35.28 68.03 2.45
CA GLY E 475 34.00 67.80 3.08
C GLY E 475 32.87 68.56 2.40
N LYS E 476 31.69 67.95 2.36
CA LYS E 476 30.49 68.54 1.81
C LYS E 476 29.33 68.44 2.81
N MET E 477 28.49 69.46 2.87
CA MET E 477 27.38 69.50 3.83
C MET E 477 26.10 69.95 3.16
N ILE E 478 25.08 69.11 3.23
CA ILE E 478 23.74 69.47 2.81
C ILE E 478 22.93 69.76 4.06
N LEU E 479 22.44 70.97 4.18
CA LEU E 479 21.50 71.36 5.22
C LEU E 479 20.09 71.36 4.66
N TYR E 480 19.12 70.95 5.46
CA TYR E 480 17.73 71.16 5.10
C TYR E 480 16.92 71.52 6.33
N HIS E 481 15.72 72.06 6.11
CA HIS E 481 14.87 72.52 7.22
C HIS E 481 13.45 72.83 6.75
N GLY E 482 12.44 72.24 7.40
CA GLY E 482 11.05 72.53 7.06
C GLY E 482 10.64 73.92 7.53
N MET E 483 9.99 74.67 6.64
CA MET E 483 9.58 76.04 6.96
C MET E 483 8.61 76.09 8.13
N SER E 484 7.77 75.07 8.31
CA SER E 484 6.82 75.02 9.40
C SER E 484 7.30 74.18 10.58
N ASP E 485 8.59 74.17 10.81
CA ASP E 485 9.19 73.50 11.96
C ASP E 485 9.01 74.37 13.21
N ALA E 486 8.25 73.88 14.17
CA ALA E 486 8.09 74.63 15.41
C ALA E 486 9.10 74.23 16.49
N ALA E 487 9.92 73.19 16.25
CA ALA E 487 10.99 72.89 17.22
C ALA E 487 12.14 73.89 17.11
N PHE E 488 12.68 74.07 15.91
CA PHE E 488 13.74 75.03 15.62
C PHE E 488 13.34 75.83 14.40
N SER E 489 13.77 77.09 14.36
CA SER E 489 13.32 78.03 13.34
C SER E 489 14.16 77.86 12.06
N ALA E 490 13.50 77.53 10.96
CA ALA E 490 14.19 77.46 9.67
C ALA E 490 14.88 78.77 9.35
N LEU E 491 14.28 79.91 9.75
CA LEU E 491 14.95 81.18 9.55
C LEU E 491 16.24 81.28 10.35
N ASP E 492 16.33 80.61 11.49
CA ASP E 492 17.59 80.62 12.21
C ASP E 492 18.66 79.76 11.52
N THR E 493 18.25 78.67 10.88
CA THR E 493 19.20 77.93 10.03
C THR E 493 19.67 78.79 8.86
N ALA E 494 18.74 79.55 8.26
CA ALA E 494 19.11 80.43 7.16
C ALA E 494 20.10 81.49 7.61
N ASP E 495 19.91 82.02 8.82
CA ASP E 495 20.85 83.03 9.33
C ASP E 495 22.24 82.44 9.59
N TYR E 496 22.31 81.22 10.13
CA TYR E 496 23.60 80.55 10.19
C TYR E 496 24.23 80.44 8.80
N TYR E 497 23.43 80.09 7.79
CA TYR E 497 23.99 79.89 6.46
C TYR E 497 24.50 81.19 5.86
N GLU E 498 23.78 82.30 6.09
CA GLU E 498 24.26 83.61 5.66
C GLU E 498 25.56 83.97 6.36
N ARG E 499 25.65 83.74 7.67
CA ARG E 499 26.90 83.98 8.37
C ARG E 499 28.02 83.10 7.82
N LEU E 500 27.70 81.85 7.47
CA LEU E 500 28.69 80.97 6.88
C LEU E 500 29.21 81.54 5.57
N GLY E 501 28.29 81.98 4.71
CA GLY E 501 28.68 82.55 3.43
C GLY E 501 29.49 83.81 3.55
N ALA E 502 29.23 84.61 4.58
CA ALA E 502 30.04 85.79 4.79
C ALA E 502 31.42 85.43 5.33
N ALA E 503 31.48 84.44 6.21
CA ALA E 503 32.76 84.07 6.79
C ALA E 503 33.62 83.33 5.78
N MET E 504 33.01 82.58 4.87
CA MET E 504 33.71 81.75 3.91
C MET E 504 33.11 82.00 2.54
N PRO E 505 33.56 83.04 1.85
CA PRO E 505 33.04 83.29 0.50
C PRO E 505 33.27 82.10 -0.41
N GLY E 506 32.28 81.83 -1.26
CA GLY E 506 32.27 80.63 -2.06
C GLY E 506 31.73 79.41 -1.35
N ALA E 507 31.07 79.59 -0.21
CA ALA E 507 30.65 78.48 0.63
C ALA E 507 29.74 77.52 -0.11
N ALA E 508 28.99 78.00 -1.08
CA ALA E 508 28.10 77.13 -1.83
C ALA E 508 28.86 76.04 -2.59
N GLY E 509 30.17 76.19 -2.74
CA GLY E 509 30.98 75.10 -3.28
C GLY E 509 31.11 73.90 -2.36
N PHE E 510 30.82 74.04 -1.07
CA PHE E 510 30.88 72.88 -0.17
C PHE E 510 29.69 72.74 0.77
N ALA E 511 28.84 73.76 0.92
CA ALA E 511 27.71 73.68 1.84
C ALA E 511 26.49 74.38 1.24
N ARG E 512 25.36 73.67 1.17
CA ARG E 512 24.13 74.24 0.61
C ARG E 512 22.94 73.91 1.51
N LEU E 513 21.97 74.83 1.53
CA LEU E 513 20.79 74.74 2.37
C LEU E 513 19.54 74.56 1.53
N PHE E 514 18.70 73.61 1.92
CA PHE E 514 17.47 73.33 1.22
C PHE E 514 16.28 73.49 2.18
N LEU E 515 15.61 74.63 2.10
CA LEU E 515 14.41 74.87 2.88
C LEU E 515 13.22 74.20 2.21
N VAL E 516 12.31 73.67 3.00
CA VAL E 516 11.16 72.93 2.50
C VAL E 516 9.88 73.65 2.93
N PRO E 517 9.22 74.35 2.02
CA PRO E 517 7.94 74.99 2.35
C PRO E 517 6.90 73.98 2.77
N GLY E 518 6.17 74.31 3.83
CA GLY E 518 5.07 73.49 4.29
C GLY E 518 5.45 72.36 5.23
N MET E 519 6.71 71.96 5.25
CA MET E 519 7.14 70.82 6.04
C MET E 519 7.25 71.16 7.52
N ASN E 520 6.80 70.25 8.36
CA ASN E 520 6.95 70.40 9.81
C ASN E 520 8.34 69.94 10.28
N HIS E 521 8.43 69.33 11.45
CA HIS E 521 9.71 69.01 12.07
C HIS E 521 10.24 67.67 11.56
N CYS E 522 11.26 67.72 10.71
CA CYS E 522 11.93 66.56 10.08
C CYS E 522 11.05 65.82 9.07
N SER E 523 9.73 65.89 9.21
CA SER E 523 8.81 65.31 8.23
C SER E 523 7.41 65.83 8.49
N GLY E 524 6.50 65.49 7.59
CA GLY E 524 5.10 65.81 7.74
C GLY E 524 4.74 67.20 7.24
N GLY E 525 3.44 67.43 7.11
CA GLY E 525 2.93 68.72 6.77
C GLY E 525 2.63 68.89 5.30
N PRO E 526 1.94 70.05 4.92
CA PRO E 526 1.63 70.35 3.51
C PRO E 526 2.83 70.80 2.70
N GLY E 527 3.75 69.86 2.45
CA GLY E 527 4.94 70.11 1.66
C GLY E 527 5.54 68.84 1.11
N THR E 528 6.58 68.98 0.29
CA THR E 528 7.28 67.82 -0.26
C THR E 528 8.33 67.38 0.76
N ASP E 529 7.89 66.57 1.72
CA ASP E 529 8.73 66.23 2.86
C ASP E 529 9.60 64.96 2.67
N ARG E 530 9.52 64.26 1.55
CA ARG E 530 10.28 63.02 1.34
C ARG E 530 11.31 63.20 0.23
N PHE E 531 12.52 62.70 0.47
CA PHE E 531 13.69 62.93 -0.38
C PHE E 531 14.81 61.98 0.03
N ASP E 532 15.61 61.57 -0.97
CA ASP E 532 16.82 60.77 -0.79
C ASP E 532 18.01 61.71 -0.73
N MET E 533 18.50 62.01 0.47
CA MET E 533 19.62 62.92 0.60
C MET E 533 20.98 62.24 0.48
N LEU E 534 21.03 60.91 0.65
CA LEU E 534 22.31 60.22 0.62
C LEU E 534 22.88 60.21 -0.79
N THR E 535 22.06 59.95 -1.78
CA THR E 535 22.55 59.87 -3.15
C THR E 535 23.21 61.17 -3.62
N PRO E 536 22.58 62.35 -3.49
CA PRO E 536 23.29 63.58 -3.87
C PRO E 536 24.47 63.88 -3.01
N LEU E 537 24.44 63.52 -1.72
CA LEU E 537 25.59 63.75 -0.87
C LEU E 537 26.83 63.02 -1.39
N VAL E 538 26.68 61.73 -1.74
CA VAL E 538 27.81 60.95 -2.24
C VAL E 538 28.31 61.52 -3.56
N ALA E 539 27.40 61.91 -4.44
CA ALA E 539 27.81 62.51 -5.70
C ALA E 539 28.65 63.76 -5.47
N TRP E 540 28.27 64.56 -4.48
CA TRP E 540 29.02 65.79 -4.18
C TRP E 540 30.42 65.46 -3.69
N VAL E 541 30.51 64.61 -2.66
CA VAL E 541 31.80 64.30 -2.06
C VAL E 541 32.72 63.64 -3.07
N GLU E 542 32.21 62.69 -3.85
CA GLU E 542 33.08 61.79 -4.61
C GLU E 542 33.17 62.13 -6.08
N ARG E 543 32.24 62.90 -6.62
CA ARG E 543 32.25 63.30 -8.01
C ARG E 543 32.34 64.80 -8.21
N GLY E 544 32.33 65.59 -7.13
CA GLY E 544 32.32 67.02 -7.22
C GLY E 544 31.05 67.64 -7.74
N GLU E 545 29.94 66.90 -7.75
CA GLU E 545 28.68 67.37 -8.34
C GLU E 545 27.84 68.03 -7.26
N ALA E 546 27.85 69.36 -7.24
CA ALA E 546 27.03 70.08 -6.28
C ALA E 546 25.56 69.87 -6.60
N PRO E 547 24.71 69.70 -5.61
CA PRO E 547 23.29 69.58 -5.89
C PRO E 547 22.67 70.94 -6.25
N ASP E 548 22.29 71.10 -7.51
CA ASP E 548 21.57 72.30 -7.94
C ASP E 548 20.08 72.21 -7.66
N GLN E 549 19.60 71.01 -7.35
CA GLN E 549 18.25 70.78 -6.90
C GLN E 549 18.27 69.40 -6.28
N ILE E 550 17.31 69.14 -5.40
CA ILE E 550 17.11 67.80 -4.86
C ILE E 550 15.65 67.46 -5.04
N SER E 551 15.37 66.34 -5.68
CA SER E 551 13.98 65.95 -5.91
C SER E 551 13.31 65.58 -4.59
N ALA E 552 12.07 66.02 -4.44
CA ALA E 552 11.30 65.73 -3.25
C ALA E 552 9.88 65.35 -3.63
N TRP E 553 9.22 64.61 -2.76
CA TRP E 553 7.81 64.37 -2.95
C TRP E 553 7.10 64.45 -1.62
N SER E 554 5.78 64.56 -1.70
CA SER E 554 4.94 64.76 -0.53
C SER E 554 4.50 63.42 0.05
N GLY E 555 4.78 63.22 1.33
CA GLY E 555 4.27 62.05 2.02
C GLY E 555 2.78 62.06 2.23
N THR E 556 2.15 63.23 2.20
CA THR E 556 0.72 63.40 2.45
C THR E 556 0.13 64.33 1.38
N PRO E 557 0.05 63.85 0.14
CA PRO E 557 -0.49 64.71 -0.93
C PRO E 557 -1.98 65.04 -0.77
N GLY E 558 -2.69 64.34 0.13
CA GLY E 558 -4.05 64.72 0.47
C GLY E 558 -4.17 66.14 0.98
N TYR E 559 -3.07 66.72 1.46
CA TYR E 559 -3.07 68.12 1.86
C TYR E 559 -3.40 69.04 0.69
N PHE E 560 -3.15 68.62 -0.54
CA PHE E 560 -3.49 69.37 -1.72
C PHE E 560 -4.61 68.71 -2.52
N GLY E 561 -5.27 67.70 -1.96
CA GLY E 561 -6.30 66.99 -2.69
C GLY E 561 -5.83 66.27 -3.93
N VAL E 562 -4.56 65.88 -3.99
CA VAL E 562 -4.02 65.19 -5.15
C VAL E 562 -3.39 63.86 -4.71
N ALA E 563 -3.22 62.96 -5.67
CA ALA E 563 -2.71 61.64 -5.33
C ALA E 563 -1.19 61.62 -5.18
N ALA E 564 -0.49 62.63 -5.68
CA ALA E 564 0.96 62.71 -5.62
C ALA E 564 1.38 64.13 -5.94
N ARG E 565 2.50 64.57 -5.38
CA ARG E 565 3.11 65.82 -5.79
C ARG E 565 4.63 65.73 -5.62
N THR E 566 5.35 66.02 -6.69
CA THR E 566 6.80 66.07 -6.67
C THR E 566 7.26 67.48 -7.04
N ARG E 567 8.30 67.95 -6.37
CA ARG E 567 8.84 69.28 -6.53
C ARG E 567 10.35 69.23 -6.37
N PRO E 568 11.09 70.12 -7.02
CA PRO E 568 12.50 70.31 -6.67
C PRO E 568 12.64 71.13 -5.39
N LEU E 569 13.52 70.68 -4.49
CA LEU E 569 14.05 71.54 -3.46
C LEU E 569 15.19 72.35 -4.04
N CYS E 570 15.31 73.60 -3.62
CA CYS E 570 16.23 74.47 -4.29
C CYS E 570 17.29 74.98 -3.32
N PRO E 571 18.53 75.13 -3.77
CA PRO E 571 19.58 75.63 -2.89
C PRO E 571 19.37 77.09 -2.56
N TYR E 572 19.45 77.41 -1.27
CA TYR E 572 19.33 78.76 -0.74
C TYR E 572 20.24 79.71 -1.51
N PRO E 573 19.73 80.89 -1.92
CA PRO E 573 18.42 81.47 -1.64
C PRO E 573 17.34 81.24 -2.70
N GLN E 574 17.53 80.27 -3.58
CA GLN E 574 16.60 80.01 -4.66
C GLN E 574 15.34 79.32 -4.15
N ILE E 575 14.31 79.38 -4.99
CA ILE E 575 13.04 78.73 -4.68
C ILE E 575 12.54 78.05 -5.94
N ALA E 576 11.62 77.12 -5.76
CA ALA E 576 10.97 76.45 -6.87
C ALA E 576 9.99 77.39 -7.56
N ARG E 577 10.02 77.38 -8.89
CA ARG E 577 9.22 78.28 -9.72
C ARG E 577 8.56 77.49 -10.83
N TYR E 578 7.23 77.51 -10.84
CA TYR E 578 6.45 76.89 -11.92
C TYR E 578 6.81 77.50 -13.28
N LYS E 579 6.92 76.65 -14.29
CA LYS E 579 7.30 77.13 -15.60
C LYS E 579 6.12 77.69 -16.39
N GLY E 580 4.91 77.63 -15.86
CA GLY E 580 3.75 78.23 -16.48
C GLY E 580 2.83 77.28 -17.22
N SER E 581 3.19 76.01 -17.32
CA SER E 581 2.38 75.05 -18.05
C SER E 581 2.75 73.66 -17.55
N GLY E 582 1.84 72.72 -17.76
CA GLY E 582 2.05 71.35 -17.36
C GLY E 582 1.44 71.06 -16.01
N ASP E 583 1.43 69.78 -15.67
CA ASP E 583 0.95 69.38 -14.36
C ASP E 583 1.66 70.14 -13.25
N ILE E 584 0.88 70.75 -12.37
CA ILE E 584 1.43 71.46 -11.22
C ILE E 584 2.00 70.51 -10.18
N ASN E 585 1.66 69.23 -10.25
CA ASN E 585 2.09 68.25 -9.27
C ASN E 585 3.33 67.49 -9.71
N THR E 586 4.03 67.97 -10.74
CA THR E 586 5.11 67.24 -11.38
C THR E 586 6.35 68.09 -11.39
N GLU E 587 7.43 67.59 -10.81
CA GLU E 587 8.62 68.40 -10.61
C GLU E 587 9.25 68.86 -11.92
N ALA E 588 9.00 68.15 -13.01
CA ALA E 588 9.55 68.54 -14.32
C ALA E 588 9.10 69.94 -14.73
N ASN E 589 7.96 70.40 -14.25
CA ASN E 589 7.42 71.68 -14.66
C ASN E 589 7.86 72.81 -13.74
N PHE E 590 8.89 72.57 -12.92
CA PHE E 590 9.41 73.55 -11.99
C PHE E 590 10.91 73.67 -12.16
N ALA E 591 11.41 74.87 -12.00
CA ALA E 591 12.84 75.14 -12.03
C ALA E 591 13.22 75.92 -10.78
N CYS E 592 14.49 75.84 -10.40
CA CYS E 592 15.01 76.60 -9.28
C CYS E 592 15.50 77.96 -9.76
N ALA E 593 15.12 79.01 -9.06
CA ALA E 593 15.45 80.36 -9.45
C ALA E 593 15.46 81.26 -8.22
N ALA E 594 16.41 82.16 -8.16
CA ALA E 594 16.47 83.06 -7.01
C ALA E 594 15.59 84.27 -7.25
N PRO E 595 14.82 84.71 -6.26
CA PRO E 595 13.93 85.85 -6.47
C PRO E 595 14.70 87.16 -6.36
N PRO E 596 14.36 88.17 -7.18
CA PRO E 596 15.06 89.46 -7.21
C PRO E 596 15.16 90.13 -5.83
N VAL F 36 -28.56 -67.97 -4.12
CA VAL F 36 -27.47 -67.24 -4.75
C VAL F 36 -27.81 -66.66 -6.15
N PRO F 37 -28.64 -67.32 -6.97
CA PRO F 37 -29.02 -66.67 -8.23
C PRO F 37 -29.99 -65.52 -7.97
N LEU F 38 -29.74 -64.41 -8.64
CA LEU F 38 -30.58 -63.23 -8.47
C LEU F 38 -31.99 -63.49 -8.96
N ALA F 39 -32.94 -62.75 -8.37
CA ALA F 39 -34.33 -62.71 -8.81
C ALA F 39 -34.95 -64.10 -8.83
N SER F 40 -34.62 -64.90 -7.83
CA SER F 40 -35.03 -66.30 -7.79
C SER F 40 -35.77 -66.58 -6.49
N ARG F 41 -36.38 -67.76 -6.45
CA ARG F 41 -37.02 -68.22 -5.22
C ARG F 41 -36.00 -68.34 -4.09
N ALA F 42 -34.78 -68.76 -4.41
CA ALA F 42 -33.75 -68.84 -3.38
C ALA F 42 -33.31 -67.46 -2.94
N ALA F 43 -33.17 -66.52 -3.88
CA ALA F 43 -32.80 -65.17 -3.51
C ALA F 43 -33.85 -64.54 -2.60
N CYS F 44 -35.12 -64.86 -2.85
CA CYS F 44 -36.23 -64.36 -2.05
C CYS F 44 -36.17 -64.89 -0.62
N GLU F 45 -36.13 -66.21 -0.47
CA GLU F 45 -36.13 -66.78 0.87
C GLU F 45 -34.92 -66.35 1.68
N ALA F 46 -33.82 -66.02 1.03
CA ALA F 46 -32.61 -65.58 1.70
C ALA F 46 -32.73 -64.20 2.31
N LEU F 47 -33.77 -63.43 1.98
CA LEU F 47 -33.96 -62.13 2.62
C LEU F 47 -34.48 -62.25 4.04
N LYS F 48 -35.03 -63.39 4.41
CA LYS F 48 -35.49 -63.64 5.78
C LYS F 48 -34.37 -64.35 6.53
N ASP F 49 -33.70 -63.64 7.42
CA ASP F 49 -32.58 -64.22 8.17
C ASP F 49 -32.18 -63.41 9.40
N GLY F 52 -28.04 -64.73 8.00
CA GLY F 52 -28.01 -64.38 6.60
C GLY F 52 -27.45 -63.00 6.33
N ASP F 53 -27.20 -62.70 5.06
CA ASP F 53 -26.37 -61.57 4.66
C ASP F 53 -27.13 -60.47 3.92
N MET F 54 -28.41 -60.28 4.22
CA MET F 54 -29.07 -59.06 3.79
C MET F 54 -28.73 -57.96 4.80
N VAL F 55 -28.29 -56.81 4.30
CA VAL F 55 -27.96 -55.67 5.13
C VAL F 55 -29.06 -54.63 4.97
N TRP F 56 -29.81 -54.41 5.99
CA TRP F 56 -30.83 -53.36 5.90
C TRP F 56 -30.27 -52.02 6.33
N PRO F 57 -30.71 -50.92 5.73
CA PRO F 57 -30.20 -49.61 6.15
C PRO F 57 -30.54 -49.25 7.58
N ASN F 58 -31.64 -49.74 8.13
CA ASN F 58 -31.97 -49.61 9.54
C ASN F 58 -31.76 -50.96 10.18
N ALA F 59 -30.88 -51.01 11.18
CA ALA F 59 -30.58 -52.29 11.81
C ALA F 59 -31.78 -52.88 12.52
N ALA F 60 -32.76 -52.07 12.89
CA ALA F 60 -33.95 -52.59 13.55
C ALA F 60 -35.00 -53.06 12.56
N THR F 61 -34.57 -53.62 11.43
CA THR F 61 -35.48 -54.19 10.45
C THR F 61 -35.58 -55.69 10.67
N VAL F 62 -36.79 -56.18 10.88
CA VAL F 62 -37.07 -57.60 11.06
C VAL F 62 -38.00 -58.02 9.94
N VAL F 63 -37.58 -58.97 9.10
CA VAL F 63 -38.50 -59.48 8.10
C VAL F 63 -39.19 -60.72 8.64
N GLU F 64 -40.51 -60.76 8.46
CA GLU F 64 -41.32 -61.83 8.99
C GLU F 64 -41.83 -62.77 7.91
N VAL F 65 -41.91 -62.31 6.68
CA VAL F 65 -42.36 -63.12 5.55
C VAL F 65 -41.42 -62.87 4.39
N ALA F 66 -40.99 -63.94 3.73
CA ALA F 66 -40.22 -63.84 2.49
C ALA F 66 -40.65 -65.04 1.66
N ALA F 67 -41.65 -64.84 0.81
CA ALA F 67 -42.35 -65.95 0.18
C ALA F 67 -42.45 -65.72 -1.31
N TRP F 68 -42.31 -66.80 -2.07
CA TRP F 68 -42.44 -66.77 -3.52
C TRP F 68 -43.90 -66.93 -3.90
N ARG F 69 -44.37 -66.11 -4.81
CA ARG F 69 -45.78 -66.12 -5.20
C ARG F 69 -45.89 -66.44 -6.67
N ASP F 70 -46.72 -67.42 -6.99
CA ASP F 70 -47.03 -67.72 -8.38
C ASP F 70 -47.81 -66.57 -9.00
N ALA F 71 -47.77 -66.50 -10.33
CA ALA F 71 -48.57 -65.53 -11.06
C ALA F 71 -50.05 -65.73 -10.77
N ALA F 72 -50.77 -64.61 -10.63
CA ALA F 72 -52.20 -64.62 -10.41
C ALA F 72 -52.92 -64.07 -11.63
N PRO F 73 -53.90 -64.78 -12.18
CA PRO F 73 -54.65 -64.25 -13.31
C PRO F 73 -55.36 -62.95 -12.96
N ALA F 74 -55.72 -62.22 -14.02
CA ALA F 74 -56.61 -61.08 -13.87
C ALA F 74 -57.94 -61.52 -13.28
N THR F 75 -58.52 -60.65 -12.48
CA THR F 75 -59.88 -60.77 -11.97
C THR F 75 -60.71 -59.60 -12.50
N ALA F 76 -62.01 -59.63 -12.20
CA ALA F 76 -62.88 -58.52 -12.57
C ALA F 76 -62.38 -57.19 -12.02
N SER F 77 -61.62 -57.20 -10.92
CA SER F 77 -61.18 -55.98 -10.28
C SER F 77 -59.67 -55.75 -10.24
N ALA F 78 -58.85 -56.68 -10.74
CA ALA F 78 -57.41 -56.48 -10.70
C ALA F 78 -56.73 -57.08 -11.92
N ALA F 79 -55.73 -56.39 -12.44
CA ALA F 79 -54.88 -56.95 -13.48
C ALA F 79 -54.06 -58.12 -12.93
N ALA F 80 -53.62 -58.98 -13.85
CA ALA F 80 -52.82 -60.14 -13.49
C ALA F 80 -51.53 -59.75 -12.78
N LEU F 81 -51.14 -60.51 -11.78
CA LEU F 81 -49.90 -60.22 -11.09
C LEU F 81 -48.81 -61.20 -11.50
N PRO F 82 -47.64 -60.73 -11.91
CA PRO F 82 -46.55 -61.64 -12.22
C PRO F 82 -46.03 -62.36 -10.98
N GLU F 83 -45.39 -63.49 -11.25
CA GLU F 83 -44.65 -64.22 -10.24
C GLU F 83 -43.64 -63.32 -9.55
N HIS F 84 -43.59 -63.38 -8.22
CA HIS F 84 -42.82 -62.38 -7.52
C HIS F 84 -42.47 -62.85 -6.13
N CYS F 85 -41.51 -62.15 -5.54
CA CYS F 85 -41.14 -62.32 -4.15
C CYS F 85 -41.96 -61.36 -3.31
N GLU F 86 -42.58 -61.86 -2.25
CA GLU F 86 -43.28 -61.03 -1.28
C GLU F 86 -42.50 -60.99 0.02
N VAL F 87 -42.09 -59.79 0.43
CA VAL F 87 -41.36 -59.58 1.67
C VAL F 87 -42.18 -58.65 2.54
N SER F 88 -42.37 -59.03 3.80
CA SER F 88 -43.02 -58.12 4.73
C SER F 88 -42.40 -58.26 6.12
N GLY F 89 -42.51 -57.19 6.89
CA GLY F 89 -41.97 -57.12 8.22
C GLY F 89 -42.13 -55.75 8.86
N ALA F 90 -41.25 -55.42 9.80
CA ALA F 90 -41.40 -54.21 10.61
C ALA F 90 -40.06 -53.57 10.87
N ILE F 91 -40.08 -52.25 11.02
CA ILE F 91 -38.92 -51.46 11.38
C ILE F 91 -39.15 -50.80 12.72
N ALA F 92 -38.16 -50.88 13.61
CA ALA F 92 -38.12 -50.11 14.85
C ALA F 92 -39.26 -50.45 15.80
N LYS F 93 -39.43 -51.73 16.09
CA LYS F 93 -40.34 -52.14 17.15
C LYS F 93 -39.96 -51.45 18.44
N ARG F 94 -40.96 -50.98 19.18
CA ARG F 94 -40.71 -50.21 20.39
C ARG F 94 -41.98 -50.17 21.21
N THR F 95 -41.88 -49.54 22.37
CA THR F 95 -43.03 -49.21 23.19
C THR F 95 -43.13 -47.68 23.26
N GLY F 96 -44.32 -47.13 22.97
CA GLY F 96 -44.50 -45.70 23.07
C GLY F 96 -44.69 -45.25 24.51
N ILE F 97 -44.74 -43.93 24.70
CA ILE F 97 -44.93 -43.41 26.04
C ILE F 97 -46.35 -43.61 26.55
N ASP F 98 -47.27 -44.03 25.68
CA ASP F 98 -48.59 -44.49 26.10
C ASP F 98 -48.61 -45.95 26.48
N GLY F 99 -47.46 -46.61 26.50
CA GLY F 99 -47.38 -48.00 26.87
C GLY F 99 -47.80 -48.99 25.80
N TYR F 100 -48.15 -48.53 24.63
CA TYR F 100 -48.58 -49.32 23.49
C TYR F 100 -47.40 -49.70 22.61
N PRO F 101 -47.46 -50.85 21.95
CA PRO F 101 -46.41 -51.19 20.99
C PRO F 101 -46.54 -50.37 19.71
N TYR F 102 -45.40 -50.08 19.10
CA TYR F 102 -45.38 -49.38 17.82
C TYR F 102 -44.31 -50.00 16.93
N GLU F 103 -44.59 -50.04 15.64
CA GLU F 103 -43.58 -50.42 14.66
C GLU F 103 -44.03 -49.89 13.30
N ILE F 104 -43.08 -49.82 12.37
CA ILE F 104 -43.36 -49.39 11.00
C ILE F 104 -43.43 -50.65 10.16
N LYS F 105 -44.63 -51.07 9.79
CA LYS F 105 -44.75 -52.26 8.97
C LYS F 105 -44.51 -51.92 7.52
N PHE F 106 -44.11 -52.93 6.76
CA PHE F 106 -43.93 -52.77 5.33
C PHE F 106 -44.25 -54.08 4.64
N ARG F 107 -44.67 -53.97 3.40
CA ARG F 107 -44.83 -55.11 2.52
C ARG F 107 -44.34 -54.70 1.15
N LEU F 108 -43.48 -55.53 0.57
CA LEU F 108 -42.80 -55.27 -0.67
C LEU F 108 -43.01 -56.45 -1.61
N ARG F 109 -43.19 -56.16 -2.89
CA ARG F 109 -43.36 -57.22 -3.87
C ARG F 109 -42.41 -57.00 -5.04
N MET F 110 -41.62 -58.02 -5.36
CA MET F 110 -40.55 -57.90 -6.35
C MET F 110 -40.74 -58.95 -7.44
N PRO F 111 -41.16 -58.55 -8.65
CA PRO F 111 -41.44 -59.54 -9.69
C PRO F 111 -40.17 -60.19 -10.22
N ALA F 112 -40.28 -61.48 -10.55
CA ALA F 112 -39.17 -62.18 -11.18
C ALA F 112 -38.75 -61.51 -12.48
N GLU F 113 -39.73 -61.11 -13.29
CA GLU F 113 -39.49 -60.32 -14.49
C GLU F 113 -39.77 -58.86 -14.14
N TRP F 114 -38.71 -58.06 -14.07
CA TRP F 114 -38.72 -56.72 -13.48
C TRP F 114 -38.36 -55.68 -14.51
N ASN F 115 -39.07 -54.54 -14.51
CA ASN F 115 -38.81 -53.51 -15.50
C ASN F 115 -37.78 -52.48 -15.02
N GLY F 116 -37.11 -52.74 -13.91
CA GLY F 116 -36.11 -51.85 -13.40
C GLY F 116 -36.62 -50.64 -12.64
N ARG F 117 -37.91 -50.59 -12.31
CA ARG F 117 -38.51 -49.43 -11.68
C ARG F 117 -39.08 -49.77 -10.31
N PHE F 118 -38.95 -48.85 -9.37
CA PHE F 118 -39.45 -48.99 -8.02
C PHE F 118 -40.67 -48.09 -7.82
N PHE F 119 -41.67 -48.58 -7.09
CA PHE F 119 -42.96 -47.91 -6.93
C PHE F 119 -43.43 -48.03 -5.49
N MET F 120 -43.85 -46.91 -4.89
CA MET F 120 -44.48 -46.91 -3.58
CA MET F 120 -44.47 -46.90 -3.58
C MET F 120 -45.87 -46.30 -3.67
N GLU F 121 -46.86 -46.95 -3.07
CA GLU F 121 -48.20 -46.39 -3.00
C GLU F 121 -48.37 -45.60 -1.71
N GLY F 122 -49.12 -44.51 -1.80
CA GLY F 122 -49.42 -43.70 -0.64
C GLY F 122 -50.48 -44.30 0.27
N GLY F 123 -50.65 -43.67 1.42
CA GLY F 123 -51.61 -44.12 2.41
C GLY F 123 -52.99 -43.49 2.24
N SER F 124 -53.79 -43.62 3.29
CA SER F 124 -55.19 -43.25 3.26
C SER F 124 -55.69 -43.02 4.69
N GLY F 125 -56.50 -41.97 4.86
CA GLY F 125 -57.05 -41.68 6.17
C GLY F 125 -55.97 -41.34 7.16
N THR F 126 -56.00 -42.01 8.31
CA THR F 126 -54.97 -41.89 9.32
C THR F 126 -53.98 -43.05 9.29
N ASN F 127 -53.97 -43.81 8.19
CA ASN F 127 -53.08 -44.97 7.94
C ASN F 127 -53.39 -46.03 9.01
N GLY F 128 -52.41 -46.78 9.51
CA GLY F 128 -52.69 -47.83 10.46
C GLY F 128 -52.97 -49.18 9.86
N SER F 129 -52.95 -49.32 8.54
CA SER F 129 -53.15 -50.62 7.92
C SER F 129 -52.16 -50.83 6.80
N LEU F 130 -51.90 -52.10 6.51
CA LEU F 130 -50.92 -52.54 5.53
C LEU F 130 -51.69 -53.16 4.38
N SER F 131 -51.71 -52.49 3.24
CA SER F 131 -52.45 -52.98 2.10
C SER F 131 -51.78 -54.24 1.53
N ALA F 132 -52.38 -54.76 0.46
CA ALA F 132 -51.79 -55.84 -0.30
C ALA F 132 -50.49 -55.44 -0.95
N ALA F 133 -50.27 -54.14 -1.16
CA ALA F 133 -49.00 -53.61 -1.66
C ALA F 133 -48.67 -54.11 -3.05
N THR F 134 -49.69 -54.21 -3.91
CA THR F 134 -49.43 -54.40 -5.33
C THR F 134 -49.18 -53.10 -6.06
N GLY F 135 -49.22 -51.96 -5.37
CA GLY F 135 -48.93 -50.72 -6.04
C GLY F 135 -50.11 -50.05 -6.70
N SER F 136 -51.08 -49.62 -5.89
CA SER F 136 -52.25 -48.92 -6.42
C SER F 136 -51.85 -47.62 -7.11
N ILE F 137 -52.47 -47.33 -8.23
CA ILE F 137 -52.20 -46.06 -8.91
C ILE F 137 -53.38 -45.09 -8.84
N GLY F 138 -54.41 -45.42 -8.07
CA GLY F 138 -55.59 -44.57 -7.96
C GLY F 138 -56.29 -44.44 -9.31
N GLY F 139 -57.09 -43.39 -9.41
CA GLY F 139 -57.84 -43.10 -10.61
C GLY F 139 -58.79 -44.18 -11.04
N GLY F 140 -59.28 -45.00 -10.12
CA GLY F 140 -60.15 -46.11 -10.47
C GLY F 140 -59.54 -47.18 -11.36
N GLN F 141 -58.21 -47.27 -11.44
CA GLN F 141 -57.59 -48.18 -12.40
C GLN F 141 -57.54 -49.61 -11.88
N ILE F 142 -57.80 -50.57 -12.78
CA ILE F 142 -57.66 -51.96 -12.35
C ILE F 142 -56.20 -52.41 -12.36
N ALA F 143 -55.33 -51.73 -13.09
CA ALA F 143 -53.93 -52.16 -13.14
C ALA F 143 -53.17 -51.62 -11.94
N SER F 144 -52.43 -52.49 -11.28
CA SER F 144 -51.46 -52.13 -10.25
C SER F 144 -50.10 -51.96 -10.88
N ALA F 145 -49.22 -51.25 -10.17
CA ALA F 145 -47.85 -51.14 -10.63
C ALA F 145 -47.16 -52.51 -10.69
N LEU F 146 -47.50 -53.41 -9.77
CA LEU F 146 -46.95 -54.77 -9.84
C LEU F 146 -47.37 -55.46 -11.13
N SER F 147 -48.64 -55.33 -11.51
CA SER F 147 -49.11 -55.84 -12.78
C SER F 147 -48.34 -55.25 -13.96
N ARG F 148 -47.70 -54.11 -13.79
CA ARG F 148 -46.87 -53.54 -14.84
C ARG F 148 -45.38 -53.86 -14.65
N ASN F 149 -45.05 -54.77 -13.74
CA ASN F 149 -43.71 -55.29 -13.47
C ASN F 149 -42.80 -54.29 -12.76
N PHE F 150 -43.38 -53.35 -12.02
CA PHE F 150 -42.64 -52.60 -11.03
C PHE F 150 -42.41 -53.45 -9.80
N ALA F 151 -41.37 -53.12 -9.05
CA ALA F 151 -41.30 -53.52 -7.66
C ALA F 151 -42.07 -52.50 -6.83
N THR F 152 -42.88 -52.99 -5.90
CA THR F 152 -43.87 -52.15 -5.22
C THR F 152 -43.80 -52.35 -3.71
N ILE F 153 -44.10 -51.28 -2.97
CA ILE F 153 -43.97 -51.29 -1.52
C ILE F 153 -45.07 -50.44 -0.89
N ALA F 154 -45.44 -50.78 0.34
CA ALA F 154 -46.46 -50.07 1.09
C ALA F 154 -46.10 -50.11 2.56
N THR F 155 -46.63 -49.15 3.33
CA THR F 155 -46.45 -49.08 4.77
C THR F 155 -47.78 -48.84 5.47
N ASP F 156 -47.82 -49.12 6.77
CA ASP F 156 -48.92 -48.68 7.62
C ASP F 156 -48.66 -47.34 8.31
N GLY F 157 -47.52 -46.73 8.08
CA GLY F 157 -47.24 -45.42 8.62
C GLY F 157 -46.76 -45.37 10.06
N GLY F 158 -46.60 -46.51 10.72
CA GLY F 158 -45.98 -46.53 12.03
C GLY F 158 -46.89 -46.90 13.16
N HIS F 159 -48.14 -47.27 12.88
CA HIS F 159 -49.07 -47.75 13.88
C HIS F 159 -50.01 -48.71 13.20
N ASP F 160 -50.75 -49.47 14.01
CA ASP F 160 -51.55 -50.59 13.57
C ASP F 160 -52.95 -50.42 14.16
N ASN F 161 -53.96 -50.38 13.28
CA ASN F 161 -55.33 -50.14 13.73
C ASN F 161 -55.86 -51.26 14.61
N ALA F 162 -55.31 -52.47 14.48
CA ALA F 162 -55.72 -53.58 15.33
C ALA F 162 -55.09 -53.52 16.71
N VAL F 163 -53.99 -52.81 16.87
CA VAL F 163 -53.24 -52.76 18.11
C VAL F 163 -53.34 -51.38 18.76
N ASN F 164 -53.19 -50.33 17.96
CA ASN F 164 -53.18 -48.98 18.50
C ASN F 164 -54.59 -48.39 18.43
N ASP F 165 -55.48 -49.08 19.14
CA ASP F 165 -56.90 -48.76 19.24
C ASP F 165 -57.17 -48.59 20.74
N ASN F 166 -57.13 -47.34 21.19
CA ASN F 166 -57.28 -47.01 22.59
C ASN F 166 -58.69 -46.54 22.82
N PRO F 167 -59.53 -47.29 23.54
CA PRO F 167 -60.91 -46.85 23.79
C PRO F 167 -61.00 -45.52 24.52
N ASP F 168 -59.97 -45.11 25.23
CA ASP F 168 -60.00 -43.85 25.94
C ASP F 168 -59.38 -42.70 25.16
N ALA F 169 -58.91 -42.95 23.94
CA ALA F 169 -58.30 -41.92 23.10
C ALA F 169 -58.86 -41.99 21.69
N LEU F 170 -60.17 -42.18 21.59
CA LEU F 170 -60.91 -42.07 20.33
C LEU F 170 -60.53 -43.15 19.32
N GLY F 171 -60.20 -44.35 19.75
CA GLY F 171 -60.12 -45.46 18.82
C GLY F 171 -58.82 -45.47 18.04
N THR F 172 -58.90 -45.63 16.73
CA THR F 172 -57.71 -45.84 15.92
C THR F 172 -56.91 -44.57 15.65
N VAL F 173 -57.36 -43.41 16.13
CA VAL F 173 -56.49 -42.23 16.10
C VAL F 173 -55.55 -42.16 17.28
N ALA F 174 -55.53 -43.18 18.13
CA ALA F 174 -54.83 -43.09 19.39
C ALA F 174 -53.32 -43.02 19.26
N PHE F 175 -52.75 -43.35 18.09
CA PHE F 175 -51.31 -43.19 17.92
C PHE F 175 -50.86 -41.77 18.22
N GLY F 176 -51.75 -40.79 18.10
CA GLY F 176 -51.39 -39.43 18.42
C GLY F 176 -50.96 -39.20 19.84
N LEU F 177 -51.18 -40.16 20.74
CA LEU F 177 -50.67 -39.99 22.09
C LEU F 177 -49.17 -40.26 22.22
N ASP F 178 -48.50 -40.74 21.17
CA ASP F 178 -47.08 -41.04 21.26
C ASP F 178 -46.31 -40.13 20.31
N PRO F 179 -45.44 -39.29 20.84
CA PRO F 179 -44.76 -38.30 19.99
C PRO F 179 -44.03 -38.91 18.80
N GLN F 180 -43.34 -40.04 18.98
CA GLN F 180 -42.61 -40.64 17.86
C GLN F 180 -43.57 -41.18 16.81
N ALA F 181 -44.66 -41.80 17.25
CA ALA F 181 -45.65 -42.30 16.30
C ALA F 181 -46.24 -41.17 15.48
N ARG F 182 -46.30 -39.96 16.03
CA ARG F 182 -46.65 -38.80 15.21
C ARG F 182 -45.58 -38.55 14.14
N LEU F 183 -44.31 -38.54 14.53
CA LEU F 183 -43.26 -38.26 13.56
C LEU F 183 -43.24 -39.32 12.47
N ASP F 184 -43.51 -40.59 12.84
CA ASP F 184 -43.58 -41.68 11.88
C ASP F 184 -44.73 -41.47 10.91
N MET F 185 -45.89 -41.03 11.41
CA MET F 185 -47.04 -40.82 10.57
C MET F 185 -46.82 -39.64 9.61
N GLY F 186 -46.12 -38.61 10.07
CA GLY F 186 -45.91 -37.44 9.25
C GLY F 186 -44.87 -37.65 8.14
N TYR F 187 -43.70 -38.19 8.49
CA TYR F 187 -42.62 -38.30 7.50
C TYR F 187 -41.71 -39.51 7.67
N ASN F 188 -41.49 -39.98 8.90
CA ASN F 188 -40.40 -40.92 9.10
C ASN F 188 -40.71 -42.30 8.55
N SER F 189 -41.96 -42.75 8.62
CA SER F 189 -42.26 -44.10 8.18
C SER F 189 -41.98 -44.27 6.69
N TYR F 190 -42.35 -43.27 5.88
CA TYR F 190 -42.19 -43.36 4.44
C TYR F 190 -40.72 -43.27 4.06
N ASP F 191 -39.95 -42.50 4.82
CA ASP F 191 -38.51 -42.45 4.66
C ASP F 191 -37.89 -43.82 4.93
N GLN F 192 -38.19 -44.41 6.09
CA GLN F 192 -37.64 -45.72 6.43
C GLN F 192 -38.02 -46.78 5.41
N VAL F 193 -39.30 -46.82 5.01
CA VAL F 193 -39.76 -47.89 4.14
C VAL F 193 -39.16 -47.76 2.75
N THR F 194 -38.97 -46.52 2.27
CA THR F 194 -38.35 -46.28 0.98
C THR F 194 -36.91 -46.80 0.95
N GLN F 195 -36.14 -46.47 1.99
CA GLN F 195 -34.76 -46.93 2.05
C GLN F 195 -34.70 -48.44 2.10
N ALA F 196 -35.55 -49.06 2.92
CA ALA F 196 -35.55 -50.51 3.04
C ALA F 196 -35.93 -51.17 1.72
N GLY F 197 -36.96 -50.64 1.04
CA GLY F 197 -37.36 -51.21 -0.23
C GLY F 197 -36.26 -51.16 -1.27
N LYS F 198 -35.62 -50.01 -1.40
CA LYS F 198 -34.55 -49.86 -2.37
C LYS F 198 -33.36 -50.78 -2.06
N ALA F 199 -33.07 -51.01 -0.78
CA ALA F 199 -32.00 -51.93 -0.44
C ALA F 199 -32.36 -53.37 -0.78
N ALA F 200 -33.61 -53.78 -0.52
CA ALA F 200 -34.03 -55.14 -0.86
C ALA F 200 -34.01 -55.35 -2.36
N VAL F 201 -34.42 -54.34 -3.13
CA VAL F 201 -34.37 -54.41 -4.59
C VAL F 201 -32.94 -54.62 -5.07
N ALA F 202 -32.00 -53.83 -4.54
CA ALA F 202 -30.60 -53.95 -4.93
C ALA F 202 -30.06 -55.34 -4.63
N ARG F 203 -30.36 -55.88 -3.46
CA ARG F 203 -29.94 -57.22 -3.09
C ARG F 203 -30.59 -58.29 -3.97
N PHE F 204 -31.89 -58.16 -4.23
CA PHE F 204 -32.64 -59.18 -4.92
C PHE F 204 -32.28 -59.25 -6.41
N TYR F 205 -32.11 -58.09 -7.06
CA TYR F 205 -31.86 -58.02 -8.48
C TYR F 205 -30.40 -57.82 -8.83
N GLY F 206 -29.54 -57.52 -7.86
CA GLY F 206 -28.16 -57.21 -8.15
C GLY F 206 -27.95 -55.89 -8.83
N ARG F 207 -28.93 -55.01 -8.80
CA ARG F 207 -28.80 -53.67 -9.37
C ARG F 207 -29.80 -52.76 -8.69
N ALA F 208 -29.51 -51.47 -8.72
CA ALA F 208 -30.41 -50.48 -8.15
C ALA F 208 -31.52 -50.16 -9.15
N ALA F 209 -32.67 -49.77 -8.62
CA ALA F 209 -33.76 -49.32 -9.48
C ALA F 209 -33.32 -48.16 -10.34
N ASP F 210 -33.69 -48.22 -11.63
CA ASP F 210 -33.35 -47.14 -12.55
C ASP F 210 -34.08 -45.83 -12.20
N LYS F 211 -35.36 -45.92 -11.85
CA LYS F 211 -36.21 -44.78 -11.52
C LYS F 211 -37.20 -45.20 -10.44
N SER F 212 -37.56 -44.27 -9.58
CA SER F 212 -38.52 -44.55 -8.51
C SER F 212 -39.72 -43.63 -8.59
N TYR F 213 -40.90 -44.19 -8.37
CA TYR F 213 -42.16 -43.49 -8.53
C TYR F 213 -43.01 -43.66 -7.28
N PHE F 214 -43.73 -42.59 -6.92
CA PHE F 214 -44.66 -42.58 -5.80
C PHE F 214 -46.01 -42.04 -6.28
N ILE F 215 -47.09 -42.74 -5.95
CA ILE F 215 -48.44 -42.28 -6.26
C ILE F 215 -49.30 -42.40 -5.01
N GLY F 216 -49.96 -41.32 -4.64
CA GLY F 216 -50.85 -41.32 -3.49
C GLY F 216 -51.97 -40.32 -3.66
N CYS F 217 -53.10 -40.59 -3.00
CA CYS F 217 -54.23 -39.67 -3.02
C CYS F 217 -54.64 -39.35 -1.59
N SER F 218 -54.92 -38.08 -1.36
CA SER F 218 -55.43 -37.56 -0.10
C SER F 218 -54.35 -37.56 0.96
N GLU F 219 -54.45 -38.38 2.01
CA GLU F 219 -53.31 -38.56 2.89
C GLU F 219 -52.09 -39.00 2.08
N GLY F 220 -52.31 -39.77 1.02
CA GLY F 220 -51.24 -40.17 0.14
C GLY F 220 -50.73 -39.06 -0.75
N GLY F 221 -51.62 -38.14 -1.15
CA GLY F 221 -51.16 -36.96 -1.84
C GLY F 221 -50.29 -36.09 -0.96
N ARG F 222 -50.67 -35.96 0.31
CA ARG F 222 -49.84 -35.25 1.29
C ARG F 222 -48.45 -35.88 1.38
N GLU F 223 -48.40 -37.20 1.51
CA GLU F 223 -47.13 -37.91 1.58
C GLU F 223 -46.28 -37.61 0.35
N GLY F 224 -46.91 -37.62 -0.83
CA GLY F 224 -46.22 -37.30 -2.06
C GLY F 224 -45.58 -35.92 -2.05
N MET F 225 -46.35 -34.91 -1.63
CA MET F 225 -45.79 -33.56 -1.57
C MET F 225 -44.71 -33.48 -0.51
N MET F 226 -44.92 -34.13 0.63
CA MET F 226 -43.88 -34.19 1.66
C MET F 226 -42.58 -34.73 1.08
N LEU F 227 -42.65 -35.83 0.32
CA LEU F 227 -41.44 -36.42 -0.26
C LEU F 227 -40.71 -35.42 -1.16
N SER F 228 -41.45 -34.70 -2.00
CA SER F 228 -40.83 -33.76 -2.92
C SER F 228 -40.13 -32.64 -2.18
N GLN F 229 -40.60 -32.31 -1.00
CA GLN F 229 -40.09 -31.21 -0.20
C GLN F 229 -38.99 -31.66 0.75
N ARG F 230 -39.22 -32.75 1.47
CA ARG F 230 -38.34 -33.20 2.54
C ARG F 230 -37.28 -34.20 2.07
N PHE F 231 -37.61 -35.02 1.08
CA PHE F 231 -36.77 -36.13 0.63
C PHE F 231 -36.72 -36.13 -0.90
N PRO F 232 -36.11 -35.10 -1.49
CA PRO F 232 -36.28 -34.86 -2.92
C PRO F 232 -35.68 -35.94 -3.80
N SER F 233 -34.74 -36.73 -3.33
CA SER F 233 -34.16 -37.77 -4.17
C SER F 233 -34.78 -39.14 -3.94
N HIS F 234 -35.77 -39.26 -3.06
CA HIS F 234 -36.39 -40.56 -2.84
C HIS F 234 -37.14 -41.04 -4.07
N TYR F 235 -37.80 -40.13 -4.78
CA TYR F 235 -38.64 -40.51 -5.89
C TYR F 235 -38.38 -39.56 -7.05
N ASP F 236 -38.34 -40.12 -8.25
CA ASP F 236 -38.17 -39.32 -9.44
C ASP F 236 -39.50 -38.81 -9.96
N GLY F 237 -40.55 -39.61 -9.86
CA GLY F 237 -41.88 -39.18 -10.25
C GLY F 237 -42.87 -39.28 -9.10
N ILE F 238 -43.67 -38.23 -8.90
CA ILE F 238 -44.67 -38.20 -7.84
C ILE F 238 -46.01 -37.77 -8.43
N VAL F 239 -47.05 -38.56 -8.20
CA VAL F 239 -48.42 -38.16 -8.40
C VAL F 239 -49.02 -37.90 -7.01
N ALA F 240 -49.46 -36.68 -6.77
CA ALA F 240 -50.10 -36.30 -5.51
C ALA F 240 -51.56 -35.95 -5.80
N GLY F 241 -52.45 -36.90 -5.53
CA GLY F 241 -53.87 -36.68 -5.73
C GLY F 241 -54.48 -36.04 -4.48
N ALA F 242 -55.43 -35.13 -4.73
CA ALA F 242 -56.22 -34.41 -3.72
C ALA F 242 -55.46 -34.25 -2.42
N PRO F 243 -54.32 -33.55 -2.43
CA PRO F 243 -53.35 -33.70 -1.33
C PRO F 243 -53.72 -32.88 -0.09
N GLY F 244 -53.79 -33.56 1.04
CA GLY F 244 -53.98 -32.93 2.34
C GLY F 244 -52.72 -32.28 2.87
N TYR F 245 -52.15 -31.37 2.10
CA TYR F 245 -50.87 -30.78 2.44
C TYR F 245 -50.94 -29.81 3.61
N GLN F 246 -52.14 -29.47 4.07
CA GLN F 246 -52.37 -28.70 5.29
C GLN F 246 -53.32 -29.44 6.20
N LEU F 247 -53.16 -30.75 6.26
CA LEU F 247 -54.12 -31.63 6.92
C LEU F 247 -54.43 -31.27 8.38
N PRO F 248 -53.50 -30.76 9.20
CA PRO F 248 -53.91 -30.31 10.54
C PRO F 248 -54.95 -29.18 10.54
N LYS F 249 -55.18 -28.53 9.40
CA LYS F 249 -56.21 -27.51 9.30
C LYS F 249 -57.58 -28.08 8.96
N ALA F 250 -57.68 -29.36 8.57
CA ALA F 250 -58.98 -29.95 8.23
C ALA F 250 -59.99 -29.84 9.37
N GLY F 251 -59.56 -30.09 10.61
CA GLY F 251 -60.44 -30.02 11.75
C GLY F 251 -60.91 -28.62 12.06
N ILE F 252 -60.13 -27.61 11.67
CA ILE F 252 -60.57 -26.23 11.81
C ILE F 252 -61.72 -25.95 10.84
N SER F 253 -61.54 -26.35 9.58
CA SER F 253 -62.64 -26.28 8.62
C SER F 253 -63.83 -27.11 9.09
N GLY F 254 -63.57 -28.25 9.73
CA GLY F 254 -64.65 -29.11 10.16
C GLY F 254 -65.45 -28.49 11.29
N ALA F 255 -64.78 -27.79 12.20
CA ALA F 255 -65.48 -27.06 13.24
C ALA F 255 -66.27 -25.91 12.65
N TRP F 256 -65.67 -25.24 11.67
CA TRP F 256 -66.33 -24.15 10.98
C TRP F 256 -67.58 -24.62 10.25
N THR F 257 -67.47 -25.67 9.46
CA THR F 257 -68.64 -26.10 8.69
C THR F 257 -69.70 -26.70 9.60
N THR F 258 -69.29 -27.31 10.71
CA THR F 258 -70.26 -27.82 11.67
C THR F 258 -71.06 -26.69 12.29
N GLN F 259 -70.37 -25.65 12.78
CA GLN F 259 -71.07 -24.51 13.35
C GLN F 259 -71.80 -23.71 12.29
N SER F 260 -71.25 -23.62 11.08
CA SER F 260 -71.94 -22.94 10.00
C SER F 260 -73.27 -23.59 9.67
N LEU F 261 -73.35 -24.92 9.75
CA LEU F 261 -74.56 -25.62 9.36
C LEU F 261 -75.53 -25.84 10.51
N ALA F 262 -75.10 -25.65 11.76
CA ALA F 262 -75.99 -25.91 12.89
C ALA F 262 -77.30 -25.12 12.82
N PRO F 263 -77.32 -23.81 12.50
CA PRO F 263 -78.60 -23.11 12.43
C PRO F 263 -79.62 -23.76 11.52
N ALA F 264 -79.19 -24.40 10.43
CA ALA F 264 -80.09 -25.08 9.51
C ALA F 264 -80.41 -26.50 9.93
N ALA F 265 -79.76 -27.01 10.96
CA ALA F 265 -80.04 -28.36 11.42
C ALA F 265 -81.42 -28.41 12.06
N VAL F 266 -82.05 -29.58 11.98
CA VAL F 266 -83.37 -29.81 12.55
C VAL F 266 -83.25 -31.00 13.50
N GLY F 267 -83.50 -30.76 14.78
CA GLY F 267 -83.39 -31.79 15.78
C GLY F 267 -82.00 -31.86 16.41
N LEU F 268 -81.89 -32.71 17.41
CA LEU F 268 -80.68 -32.87 18.19
C LEU F 268 -80.34 -34.34 18.31
N ASP F 269 -79.06 -34.64 18.55
CA ASP F 269 -78.65 -36.00 18.84
C ASP F 269 -78.72 -36.24 20.35
N ALA F 270 -78.26 -37.40 20.79
CA ALA F 270 -78.44 -37.82 22.17
C ALA F 270 -77.69 -36.95 23.16
N GLN F 271 -76.68 -36.19 22.73
CA GLN F 271 -76.02 -35.28 23.66
C GLN F 271 -76.38 -33.84 23.39
N GLY F 272 -77.46 -33.59 22.66
CA GLY F 272 -77.93 -32.24 22.46
C GLY F 272 -77.18 -31.47 21.43
N VAL F 273 -76.46 -32.15 20.54
CA VAL F 273 -75.80 -31.48 19.42
C VAL F 273 -76.78 -31.49 18.26
N PRO F 274 -76.93 -30.37 17.55
CA PRO F 274 -77.81 -30.34 16.38
C PRO F 274 -77.44 -31.39 15.34
N LEU F 275 -78.47 -31.92 14.69
CA LEU F 275 -78.33 -32.98 13.68
C LEU F 275 -77.93 -32.35 12.36
N ILE F 276 -76.61 -32.16 12.19
CA ILE F 276 -76.06 -31.51 11.01
C ILE F 276 -76.46 -32.23 9.74
N ASN F 277 -76.61 -33.55 9.81
CA ASN F 277 -77.04 -34.32 8.66
C ASN F 277 -78.46 -33.98 8.21
N LYS F 278 -79.25 -33.32 9.04
CA LYS F 278 -80.62 -32.97 8.67
C LYS F 278 -80.73 -31.58 8.08
N SER F 279 -79.61 -30.84 7.95
CA SER F 279 -79.69 -29.48 7.42
C SER F 279 -80.05 -29.46 5.94
N PHE F 280 -79.73 -30.51 5.20
CA PHE F 280 -80.07 -30.61 3.80
C PHE F 280 -80.48 -32.04 3.50
N SER F 281 -81.61 -32.22 2.84
CA SER F 281 -81.92 -33.54 2.30
C SER F 281 -81.11 -33.76 1.03
N ASP F 282 -81.11 -35.00 0.54
CA ASP F 282 -80.49 -35.24 -0.75
C ASP F 282 -81.19 -34.48 -1.87
N ALA F 283 -82.51 -34.32 -1.80
CA ALA F 283 -83.21 -33.53 -2.80
C ALA F 283 -82.79 -32.07 -2.73
N ASP F 284 -82.61 -31.54 -1.51
CA ASP F 284 -82.11 -30.18 -1.36
C ASP F 284 -80.74 -30.01 -2.01
N LEU F 285 -79.80 -30.93 -1.74
CA LEU F 285 -78.48 -30.83 -2.35
C LEU F 285 -78.56 -30.90 -3.87
N HIS F 286 -79.43 -31.75 -4.39
CA HIS F 286 -79.58 -31.83 -5.83
C HIS F 286 -80.13 -30.54 -6.42
N LEU F 287 -81.03 -29.89 -5.68
CA LEU F 287 -81.52 -28.57 -6.07
C LEU F 287 -80.37 -27.58 -6.17
N LEU F 288 -79.49 -27.59 -5.17
CA LEU F 288 -78.34 -26.69 -5.18
C LEU F 288 -77.47 -26.93 -6.41
N SER F 289 -77.20 -28.18 -6.74
CA SER F 289 -76.30 -28.44 -7.86
C SER F 289 -76.98 -28.15 -9.19
N GLN F 290 -78.28 -28.42 -9.30
CA GLN F 290 -79.00 -28.03 -10.51
C GLN F 290 -78.94 -26.52 -10.71
N ALA F 291 -79.02 -25.76 -9.62
CA ALA F 291 -78.91 -24.30 -9.72
C ALA F 291 -77.52 -23.89 -10.14
N ILE F 292 -76.51 -24.54 -9.56
CA ILE F 292 -75.14 -24.28 -9.95
C ILE F 292 -74.97 -24.51 -11.45
N LEU F 293 -75.52 -25.62 -11.95
CA LEU F 293 -75.45 -25.88 -13.39
C LEU F 293 -76.23 -24.82 -14.17
N GLY F 294 -77.38 -24.38 -13.63
CA GLY F 294 -78.14 -23.35 -14.31
C GLY F 294 -77.33 -22.12 -14.63
N THR F 295 -76.50 -21.68 -13.70
CA THR F 295 -75.73 -20.48 -13.97
C THR F 295 -74.30 -20.76 -14.42
N CYS F 296 -73.77 -21.96 -14.24
CA CYS F 296 -72.36 -22.23 -14.51
C CYS F 296 -72.08 -23.21 -15.62
N ASP F 297 -72.96 -24.18 -15.86
CA ASP F 297 -72.68 -25.23 -16.83
C ASP F 297 -72.16 -24.65 -18.14
N ALA F 298 -72.87 -23.66 -18.69
CA ALA F 298 -72.52 -23.19 -20.02
C ALA F 298 -71.42 -22.13 -20.03
N LEU F 299 -70.82 -21.81 -18.89
CA LEU F 299 -69.71 -20.86 -18.93
C LEU F 299 -68.47 -21.43 -19.61
N ASP F 300 -68.46 -22.70 -19.95
CA ASP F 300 -67.39 -23.27 -20.74
C ASP F 300 -67.78 -23.43 -22.21
N GLY F 301 -69.02 -23.04 -22.56
CA GLY F 301 -69.48 -23.10 -23.92
C GLY F 301 -70.37 -24.28 -24.23
N LEU F 302 -70.55 -25.20 -23.29
CA LEU F 302 -71.28 -26.43 -23.56
C LEU F 302 -72.12 -26.79 -22.35
N ALA F 303 -73.44 -26.87 -22.53
CA ALA F 303 -74.32 -27.29 -21.45
C ALA F 303 -74.31 -28.82 -21.42
N ASP F 304 -73.55 -29.40 -20.49
CA ASP F 304 -73.35 -30.83 -20.51
C ASP F 304 -73.32 -31.45 -19.12
N GLY F 305 -73.74 -30.73 -18.10
CA GLY F 305 -73.66 -31.28 -16.78
C GLY F 305 -72.35 -31.07 -16.09
N ILE F 306 -71.40 -30.35 -16.68
CA ILE F 306 -70.04 -30.23 -16.14
C ILE F 306 -69.62 -28.78 -16.14
N VAL F 307 -69.11 -28.29 -15.01
CA VAL F 307 -68.58 -26.93 -14.91
C VAL F 307 -67.08 -26.99 -15.16
N ASP F 308 -66.68 -26.92 -16.43
CA ASP F 308 -65.26 -26.87 -16.76
C ASP F 308 -64.64 -25.53 -16.38
N ASN F 309 -65.41 -24.45 -16.46
CA ASN F 309 -64.89 -23.13 -16.16
C ASN F 309 -65.16 -22.79 -14.69
N TYR F 310 -64.39 -23.45 -13.82
CA TYR F 310 -64.60 -23.33 -12.38
C TYR F 310 -64.33 -21.91 -11.87
N ARG F 311 -63.39 -21.17 -12.48
CA ARG F 311 -63.13 -19.80 -12.03
C ARG F 311 -64.33 -18.90 -12.34
N ALA F 312 -64.90 -19.05 -13.53
CA ALA F 312 -66.08 -18.26 -13.89
C ALA F 312 -67.23 -18.59 -12.96
N CYS F 313 -67.42 -19.87 -12.64
CA CYS F 313 -68.50 -20.26 -11.74
C CYS F 313 -68.41 -19.54 -10.41
N GLN F 314 -67.22 -19.50 -9.81
CA GLN F 314 -67.07 -18.85 -8.51
C GLN F 314 -67.36 -17.36 -8.58
N ALA F 315 -67.09 -16.73 -9.71
CA ALA F 315 -67.37 -15.31 -9.86
C ALA F 315 -68.83 -15.03 -10.12
N ALA F 316 -69.60 -16.05 -10.51
CA ALA F 316 -70.98 -15.86 -10.93
C ALA F 316 -72.01 -16.46 -9.99
N PHE F 317 -71.72 -17.55 -9.27
CA PHE F 317 -72.76 -18.24 -8.53
C PHE F 317 -72.89 -17.72 -7.09
N ASP F 318 -74.12 -17.53 -6.69
CA ASP F 318 -74.51 -17.17 -5.33
C ASP F 318 -75.90 -17.77 -5.13
N PRO F 319 -76.04 -18.78 -4.27
CA PRO F 319 -77.34 -19.44 -4.12
C PRO F 319 -78.41 -18.54 -3.51
N ALA F 320 -78.03 -17.41 -2.92
CA ALA F 320 -79.01 -16.43 -2.46
C ALA F 320 -79.68 -15.70 -3.62
N THR F 321 -79.08 -15.69 -4.81
CA THR F 321 -79.69 -14.96 -5.92
C THR F 321 -80.00 -15.81 -7.14
N ALA F 322 -79.41 -16.99 -7.28
CA ALA F 322 -79.61 -17.80 -8.46
C ALA F 322 -81.02 -18.36 -8.54
N ALA F 323 -81.38 -18.80 -9.73
CA ALA F 323 -82.69 -19.39 -9.99
C ALA F 323 -82.65 -20.90 -9.92
N ASN F 324 -83.77 -21.49 -9.54
CA ASN F 324 -84.03 -22.89 -9.79
C ASN F 324 -84.34 -23.03 -11.27
N PRO F 325 -83.50 -23.70 -12.05
CA PRO F 325 -83.73 -23.76 -13.50
C PRO F 325 -84.95 -24.58 -13.89
N ALA F 326 -85.37 -25.55 -13.07
CA ALA F 326 -86.60 -26.25 -13.33
C ALA F 326 -87.83 -25.36 -13.11
N ASN F 327 -87.67 -24.29 -12.32
CA ASN F 327 -88.73 -23.42 -11.82
C ASN F 327 -88.88 -22.15 -12.62
N GLY F 328 -87.77 -21.52 -12.95
CA GLY F 328 -87.76 -20.10 -13.25
C GLY F 328 -87.86 -19.23 -12.02
N GLN F 329 -88.08 -19.80 -10.84
CA GLN F 329 -88.17 -19.04 -9.60
C GLN F 329 -86.85 -19.07 -8.86
N ALA F 330 -86.73 -18.22 -7.86
CA ALA F 330 -85.50 -18.15 -7.08
C ALA F 330 -85.23 -19.47 -6.38
N LEU F 331 -83.94 -19.82 -6.29
CA LEU F 331 -83.53 -20.98 -5.50
C LEU F 331 -83.97 -20.82 -4.05
N GLN F 332 -83.71 -19.66 -3.47
CA GLN F 332 -84.03 -19.41 -2.07
C GLN F 332 -85.52 -19.15 -1.92
N CYS F 333 -86.16 -19.86 -0.99
CA CYS F 333 -87.60 -19.75 -0.79
C CYS F 333 -88.01 -18.32 -0.50
N VAL F 334 -89.12 -17.89 -1.10
CA VAL F 334 -89.71 -16.63 -0.69
C VAL F 334 -90.63 -16.83 0.52
N GLY F 335 -91.32 -17.96 0.60
CA GLY F 335 -92.15 -18.23 1.74
C GLY F 335 -91.74 -19.50 2.47
N ALA F 336 -92.68 -20.41 2.65
CA ALA F 336 -92.37 -21.62 3.38
C ALA F 336 -91.49 -22.54 2.54
N LYS F 337 -90.81 -23.45 3.23
CA LYS F 337 -89.97 -24.43 2.56
C LYS F 337 -90.80 -25.31 1.66
N THR F 338 -90.27 -25.58 0.49
CA THR F 338 -90.90 -26.42 -0.51
C THR F 338 -89.81 -27.31 -1.10
N ALA F 339 -90.21 -28.42 -1.72
CA ALA F 339 -89.27 -29.30 -2.40
C ALA F 339 -88.45 -28.58 -3.46
N ASP F 340 -88.95 -27.46 -3.97
CA ASP F 340 -88.32 -26.76 -5.07
C ASP F 340 -87.50 -25.57 -4.62
N CYS F 341 -87.33 -25.36 -3.33
CA CYS F 341 -86.57 -24.20 -2.91
C CYS F 341 -85.79 -24.53 -1.65
N LEU F 342 -84.84 -23.67 -1.36
CA LEU F 342 -84.02 -23.78 -0.16
C LEU F 342 -84.32 -22.60 0.74
N SER F 343 -84.37 -22.87 2.04
CA SER F 343 -84.76 -21.84 2.97
C SER F 343 -83.63 -20.82 3.08
N PRO F 344 -83.97 -19.58 3.45
CA PRO F 344 -82.91 -18.58 3.68
C PRO F 344 -81.86 -19.04 4.67
N VAL F 345 -82.26 -19.79 5.70
CA VAL F 345 -81.30 -20.25 6.69
C VAL F 345 -80.37 -21.30 6.09
N GLN F 346 -80.90 -22.21 5.27
CA GLN F 346 -80.07 -23.17 4.56
C GLN F 346 -79.04 -22.46 3.69
N VAL F 347 -79.48 -21.48 2.90
CA VAL F 347 -78.63 -20.78 1.96
C VAL F 347 -77.52 -20.03 2.71
N THR F 348 -77.89 -19.32 3.77
CA THR F 348 -76.90 -18.66 4.61
C THR F 348 -75.90 -19.66 5.17
N ALA F 349 -76.39 -20.82 5.58
CA ALA F 349 -75.52 -21.82 6.21
C ALA F 349 -74.51 -22.39 5.22
N ILE F 350 -74.94 -22.76 4.02
CA ILE F 350 -74.00 -23.34 3.05
C ILE F 350 -73.03 -22.29 2.53
N LYS F 351 -73.47 -21.03 2.40
CA LYS F 351 -72.54 -19.99 1.97
C LYS F 351 -71.46 -19.76 3.00
N ARG F 352 -71.82 -19.76 4.28
CA ARG F 352 -70.82 -19.56 5.32
C ARG F 352 -69.84 -20.73 5.38
N ALA F 353 -70.36 -21.95 5.29
CA ALA F 353 -69.49 -23.14 5.30
C ALA F 353 -68.52 -23.11 4.15
N MET F 354 -69.01 -22.81 2.95
CA MET F 354 -68.20 -22.76 1.74
C MET F 354 -67.19 -21.63 1.76
N ALA F 355 -67.40 -20.63 2.61
CA ALA F 355 -66.51 -19.47 2.61
C ALA F 355 -65.20 -19.75 3.34
N GLY F 356 -65.19 -20.69 4.27
CA GLY F 356 -64.00 -21.03 5.01
C GLY F 356 -63.88 -20.31 6.33
N PRO F 357 -63.14 -20.90 7.28
CA PRO F 357 -63.05 -20.33 8.63
C PRO F 357 -62.18 -19.08 8.73
N VAL F 358 -62.59 -18.19 9.63
CA VAL F 358 -61.82 -17.02 10.01
C VAL F 358 -61.79 -16.94 11.52
N ASN F 359 -60.79 -16.23 12.03
CA ASN F 359 -60.73 -15.92 13.44
C ASN F 359 -61.38 -14.56 13.67
N SER F 360 -61.30 -14.04 14.89
CA SER F 360 -61.96 -12.79 15.22
C SER F 360 -61.35 -11.61 14.49
N ALA F 361 -60.06 -11.67 14.19
CA ALA F 361 -59.49 -10.62 13.37
C ALA F 361 -59.95 -10.70 11.91
N GLY F 362 -60.69 -11.74 11.53
CA GLY F 362 -61.05 -11.94 10.16
C GLY F 362 -60.01 -12.65 9.32
N THR F 363 -58.94 -13.10 9.93
CA THR F 363 -57.87 -13.78 9.20
C THR F 363 -58.33 -15.16 8.71
N PRO F 364 -58.26 -15.45 7.42
CA PRO F 364 -58.58 -16.79 6.94
C PRO F 364 -57.70 -17.82 7.61
N LEU F 365 -58.30 -18.94 7.99
CA LEU F 365 -57.58 -20.02 8.66
C LEU F 365 -57.39 -21.25 7.79
N TYR F 366 -58.13 -21.38 6.70
CA TYR F 366 -57.87 -22.47 5.76
C TYR F 366 -57.99 -21.93 4.34
N ASN F 367 -59.15 -22.07 3.73
CA ASN F 367 -59.40 -21.51 2.40
C ASN F 367 -60.91 -21.59 2.16
N ARG F 368 -61.34 -21.02 1.06
CA ARG F 368 -62.72 -21.22 0.65
C ARG F 368 -62.83 -22.44 -0.25
N TRP F 369 -64.06 -22.81 -0.57
CA TRP F 369 -64.37 -23.99 -1.37
C TRP F 369 -65.13 -23.56 -2.62
N ALA F 370 -65.00 -24.36 -3.67
CA ALA F 370 -65.63 -24.08 -4.95
C ALA F 370 -67.05 -24.63 -5.02
N TRP F 371 -68.00 -23.81 -5.46
CA TRP F 371 -69.30 -24.33 -5.86
C TRP F 371 -69.11 -25.21 -7.08
N ASP F 372 -69.69 -26.41 -7.05
CA ASP F 372 -69.52 -27.30 -8.19
C ASP F 372 -70.70 -28.26 -8.18
N ALA F 373 -71.02 -28.77 -9.37
CA ALA F 373 -72.16 -29.66 -9.52
C ALA F 373 -71.99 -30.99 -8.79
N GLY F 374 -70.76 -31.40 -8.49
CA GLY F 374 -70.52 -32.63 -7.79
C GLY F 374 -70.85 -32.62 -6.31
N MET F 375 -71.34 -31.50 -5.78
CA MET F 375 -71.94 -31.50 -4.46
C MET F 375 -73.12 -32.45 -4.39
N SER F 376 -73.72 -32.75 -5.54
CA SER F 376 -74.77 -33.74 -5.63
C SER F 376 -74.62 -34.56 -6.92
N GLY F 377 -75.73 -34.91 -7.53
CA GLY F 377 -75.72 -35.82 -8.64
C GLY F 377 -76.75 -36.91 -8.49
N LEU F 378 -77.36 -37.27 -9.61
CA LEU F 378 -78.37 -38.32 -9.66
C LEU F 378 -78.00 -39.24 -10.80
N SER F 379 -77.78 -40.51 -10.49
CA SER F 379 -77.57 -41.54 -11.48
C SER F 379 -78.66 -42.57 -11.25
N GLY F 380 -79.54 -42.72 -12.22
CA GLY F 380 -80.71 -43.55 -11.98
C GLY F 380 -81.57 -42.89 -10.92
N THR F 381 -81.80 -43.60 -9.83
CA THR F 381 -82.55 -43.09 -8.69
C THR F 381 -81.66 -42.93 -7.46
N THR F 382 -80.34 -42.94 -7.64
CA THR F 382 -79.40 -42.85 -6.53
C THR F 382 -78.75 -41.48 -6.51
N TYR F 383 -78.87 -40.80 -5.38
CA TYR F 383 -78.20 -39.52 -5.20
C TYR F 383 -76.74 -39.74 -4.80
N ASN F 384 -75.87 -38.87 -5.31
CA ASN F 384 -74.48 -38.85 -4.91
C ASN F 384 -74.32 -38.53 -3.44
N GLN F 385 -73.67 -39.43 -2.71
CA GLN F 385 -73.34 -39.22 -1.30
C GLN F 385 -71.92 -38.75 -1.12
N GLY F 386 -71.14 -38.65 -2.21
CA GLY F 386 -69.71 -38.46 -2.13
C GLY F 386 -69.27 -37.08 -1.69
N TRP F 387 -70.18 -36.10 -1.72
CA TRP F 387 -69.85 -34.80 -1.15
C TRP F 387 -70.38 -34.64 0.27
N ARG F 388 -71.65 -34.97 0.52
CA ARG F 388 -72.27 -34.61 1.78
C ARG F 388 -71.76 -35.43 2.98
N SER F 389 -71.06 -36.53 2.75
CA SER F 389 -70.64 -37.35 3.87
C SER F 389 -69.60 -36.67 4.73
N TRP F 390 -68.90 -35.67 4.20
CA TRP F 390 -67.81 -35.02 4.92
C TRP F 390 -68.32 -34.02 5.96
N TRP F 391 -69.12 -33.02 5.54
CA TRP F 391 -69.60 -32.00 6.46
C TRP F 391 -70.98 -32.29 7.03
N LEU F 392 -71.84 -32.98 6.29
CA LEU F 392 -73.23 -33.22 6.70
C LEU F 392 -73.45 -34.59 7.32
N GLY F 393 -72.99 -35.65 6.67
CA GLY F 393 -73.39 -36.98 7.06
C GLY F 393 -74.61 -37.43 6.31
N SER F 394 -75.03 -38.66 6.60
CA SER F 394 -76.18 -39.25 5.94
C SER F 394 -77.47 -38.64 6.45
N PHE F 395 -78.38 -38.34 5.53
CA PHE F 395 -79.65 -37.73 5.92
C PHE F 395 -80.48 -38.70 6.77
N ASN F 396 -80.57 -39.95 6.33
CA ASN F 396 -81.42 -40.93 6.98
C ASN F 396 -80.78 -41.53 8.21
N SER F 397 -80.20 -40.71 9.07
CA SER F 397 -79.65 -41.20 10.32
C SER F 397 -80.21 -40.38 11.47
N SER F 398 -80.30 -41.02 12.62
CA SER F 398 -80.78 -40.35 13.82
C SER F 398 -79.66 -39.70 14.60
N ALA F 399 -78.40 -39.93 14.21
CA ALA F 399 -77.25 -39.37 14.88
C ALA F 399 -76.39 -38.62 13.87
N ASN F 400 -75.50 -37.78 14.38
CA ASN F 400 -74.49 -37.19 13.52
C ASN F 400 -73.47 -38.25 13.11
N ASN F 401 -73.19 -38.32 11.81
CA ASN F 401 -72.12 -39.21 11.37
C ASN F 401 -71.22 -38.56 10.31
N ALA F 402 -71.25 -37.24 10.18
CA ALA F 402 -70.33 -36.57 9.28
C ALA F 402 -68.89 -36.81 9.71
N GLN F 403 -68.00 -36.98 8.72
CA GLN F 403 -66.58 -37.15 9.02
C GLN F 403 -66.05 -36.00 9.86
N ARG F 404 -66.51 -34.78 9.58
CA ARG F 404 -66.04 -33.57 10.23
C ARG F 404 -66.84 -33.19 11.48
N VAL F 405 -67.92 -33.87 11.79
CA VAL F 405 -68.71 -33.55 12.97
C VAL F 405 -68.30 -34.48 14.11
N SER F 406 -68.54 -35.77 13.92
CA SER F 406 -68.23 -36.78 14.91
C SER F 406 -67.32 -37.88 14.37
N GLY F 407 -66.96 -37.85 13.10
CA GLY F 407 -66.24 -38.93 12.47
C GLY F 407 -64.74 -38.82 12.65
N PHE F 408 -64.02 -39.54 11.80
CA PHE F 408 -62.59 -39.75 12.04
C PHE F 408 -61.80 -38.45 11.90
N SER F 409 -62.19 -37.60 10.95
CA SER F 409 -61.50 -36.32 10.81
C SER F 409 -61.54 -35.51 12.10
N ALA F 410 -62.71 -35.43 12.75
CA ALA F 410 -62.77 -34.63 13.97
C ALA F 410 -61.96 -35.28 15.08
N ARG F 411 -62.02 -36.60 15.19
CA ARG F 411 -61.25 -37.29 16.21
C ARG F 411 -59.76 -37.14 15.96
N SER F 412 -59.36 -37.20 14.69
CA SER F 412 -57.95 -37.10 14.36
C SER F 412 -57.41 -35.72 14.71
N TRP F 413 -58.18 -34.67 14.45
CA TRP F 413 -57.72 -33.35 14.86
C TRP F 413 -57.46 -33.28 16.36
N LEU F 414 -58.35 -33.87 17.17
CA LEU F 414 -58.24 -33.72 18.63
C LEU F 414 -57.05 -34.49 19.21
N VAL F 415 -56.80 -35.71 18.73
CA VAL F 415 -55.76 -36.58 19.32
C VAL F 415 -54.47 -36.56 18.51
N ASP F 416 -54.56 -36.33 17.20
CA ASP F 416 -53.37 -36.36 16.36
C ASP F 416 -52.79 -34.98 16.10
N PHE F 417 -53.61 -33.97 15.85
CA PHE F 417 -53.06 -32.70 15.39
C PHE F 417 -53.06 -31.61 16.43
N ALA F 418 -53.95 -31.66 17.42
CA ALA F 418 -53.89 -30.73 18.54
C ALA F 418 -52.74 -31.13 19.45
N THR F 419 -51.93 -30.16 19.82
CA THR F 419 -50.84 -30.46 20.74
C THR F 419 -51.14 -29.76 22.04
N PRO F 420 -50.81 -30.46 23.13
CA PRO F 420 -51.48 -31.42 23.97
C PRO F 420 -52.58 -32.05 23.15
N PRO F 421 -52.47 -33.34 22.88
CA PRO F 421 -53.62 -34.09 22.39
C PRO F 421 -54.76 -33.98 23.39
N GLU F 422 -55.97 -34.15 22.91
CA GLU F 422 -57.18 -33.99 23.73
C GLU F 422 -58.04 -35.22 23.58
N PRO F 423 -57.61 -36.34 24.15
CA PRO F 423 -58.48 -37.51 24.19
C PRO F 423 -59.71 -37.23 25.04
N MET F 424 -60.77 -37.97 24.75
CA MET F 424 -62.08 -37.74 25.32
C MET F 424 -63.01 -38.83 24.82
N PRO F 425 -64.17 -39.02 25.44
CA PRO F 425 -65.09 -40.05 24.96
C PRO F 425 -65.59 -39.72 23.56
N MET F 426 -65.91 -40.76 22.81
CA MET F 426 -66.36 -40.55 21.44
C MET F 426 -67.65 -39.75 21.39
N THR F 427 -68.46 -39.82 22.46
CA THR F 427 -69.71 -39.09 22.49
C THR F 427 -69.54 -37.59 22.72
N GLN F 428 -68.33 -37.12 23.03
CA GLN F 428 -68.11 -35.69 23.23
C GLN F 428 -67.54 -34.98 22.01
N VAL F 429 -67.26 -35.69 20.93
CA VAL F 429 -66.50 -35.10 19.83
C VAL F 429 -67.33 -34.07 19.08
N ALA F 430 -68.59 -34.38 18.78
CA ALA F 430 -69.43 -33.41 18.06
C ALA F 430 -69.62 -32.13 18.86
N ALA F 431 -69.84 -32.26 20.17
CA ALA F 431 -69.99 -31.06 20.99
C ALA F 431 -68.71 -30.26 21.04
N ARG F 432 -67.56 -30.94 21.14
CA ARG F 432 -66.28 -30.24 21.07
C ARG F 432 -66.15 -29.41 19.80
N MET F 433 -66.59 -29.96 18.68
CA MET F 433 -66.56 -29.23 17.42
C MET F 433 -67.55 -28.06 17.44
N MET F 434 -68.70 -28.25 18.08
CA MET F 434 -69.65 -27.14 18.20
C MET F 434 -69.06 -26.02 19.04
N LYS F 435 -68.22 -26.34 20.00
CA LYS F 435 -67.70 -25.35 20.92
C LYS F 435 -66.31 -24.87 20.55
N PHE F 436 -65.73 -25.41 19.47
CA PHE F 436 -64.43 -25.00 18.98
C PHE F 436 -64.32 -23.49 18.89
N ASP F 437 -63.26 -22.94 19.46
CA ASP F 437 -63.01 -21.51 19.47
C ASP F 437 -61.95 -21.17 18.42
N PHE F 438 -62.30 -20.31 17.47
CA PHE F 438 -61.44 -20.04 16.33
C PHE F 438 -60.33 -19.04 16.61
N ASP F 439 -60.27 -18.47 17.81
CA ASP F 439 -59.11 -17.69 18.22
C ASP F 439 -58.12 -18.49 19.05
N ILE F 440 -58.55 -19.56 19.70
CA ILE F 440 -57.70 -20.32 20.60
C ILE F 440 -57.36 -21.68 20.01
N ASP F 441 -58.34 -22.38 19.49
CA ASP F 441 -58.10 -23.76 19.12
C ASP F 441 -57.19 -23.89 17.89
N PRO F 442 -57.23 -23.01 16.89
CA PRO F 442 -56.29 -23.17 15.77
C PRO F 442 -54.84 -23.05 16.16
N LEU F 443 -54.53 -22.42 17.28
CA LEU F 443 -53.14 -22.30 17.69
C LEU F 443 -52.51 -23.64 18.04
N LYS F 444 -53.31 -24.68 18.26
CA LYS F 444 -52.81 -25.94 18.77
C LYS F 444 -52.12 -26.79 17.71
N ILE F 445 -52.29 -26.46 16.42
CA ILE F 445 -51.56 -27.14 15.36
C ILE F 445 -50.19 -26.51 15.12
N TRP F 446 -49.88 -25.40 15.78
CA TRP F 446 -48.56 -24.79 15.73
C TRP F 446 -47.79 -24.96 17.02
N ALA F 447 -48.42 -25.51 18.05
CA ALA F 447 -47.87 -25.54 19.39
C ALA F 447 -47.09 -26.82 19.66
N THR F 448 -46.10 -26.70 20.53
CA THR F 448 -45.40 -27.83 21.10
C THR F 448 -45.71 -27.88 22.58
N SER F 449 -45.64 -29.06 23.16
CA SER F 449 -45.89 -29.19 24.59
C SER F 449 -45.27 -30.48 25.10
N GLY F 450 -44.49 -30.36 26.18
CA GLY F 450 -43.94 -31.53 26.84
C GLY F 450 -43.08 -32.32 25.89
N GLN F 451 -43.34 -33.62 25.83
CA GLN F 451 -42.63 -34.51 24.93
C GLN F 451 -43.09 -34.39 23.47
N PHE F 452 -44.17 -33.67 23.19
CA PHE F 452 -44.59 -33.39 21.83
C PHE F 452 -43.80 -32.17 21.36
N THR F 453 -42.61 -32.42 20.85
CA THR F 453 -41.62 -31.38 20.60
C THR F 453 -41.63 -30.85 19.17
N GLN F 454 -42.46 -31.41 18.32
CA GLN F 454 -42.81 -30.81 17.03
C GLN F 454 -44.31 -30.57 16.98
N SER F 455 -44.71 -29.48 16.32
CA SER F 455 -46.12 -29.26 16.08
C SER F 455 -46.61 -30.17 14.96
N SER F 456 -47.93 -30.34 14.88
CA SER F 456 -48.47 -31.14 13.80
C SER F 456 -48.24 -30.47 12.44
N MET F 457 -48.11 -29.15 12.37
CA MET F 457 -47.70 -28.54 11.10
C MET F 457 -46.23 -28.82 10.79
N ASP F 458 -45.40 -28.97 11.82
CA ASP F 458 -44.02 -29.37 11.61
C ASP F 458 -43.96 -30.73 10.96
N TRP F 459 -44.60 -31.74 11.57
CA TRP F 459 -44.38 -33.10 11.13
C TRP F 459 -45.38 -33.58 10.07
N HIS F 460 -46.57 -32.99 9.97
CA HIS F 460 -47.56 -33.44 8.99
C HIS F 460 -47.73 -32.48 7.83
N GLY F 461 -47.52 -31.19 8.06
CA GLY F 461 -47.68 -30.22 6.99
C GLY F 461 -46.65 -30.39 5.89
N ALA F 462 -47.07 -30.05 4.67
CA ALA F 462 -46.21 -30.10 3.49
C ALA F 462 -46.53 -28.88 2.62
N THR F 463 -46.14 -27.70 3.12
CA THR F 463 -46.51 -26.42 2.53
C THR F 463 -45.36 -25.74 1.81
N SER F 464 -44.18 -26.35 1.78
CA SER F 464 -43.01 -25.71 1.18
C SER F 464 -43.14 -25.62 -0.33
N THR F 465 -42.76 -24.47 -0.88
CA THR F 465 -42.62 -24.30 -2.32
C THR F 465 -41.18 -24.44 -2.79
N ASP F 466 -40.29 -24.86 -1.90
CA ASP F 466 -38.89 -25.05 -2.26
C ASP F 466 -38.73 -26.45 -2.83
N LEU F 467 -38.97 -26.57 -4.13
CA LEU F 467 -38.78 -27.83 -4.82
C LEU F 467 -37.58 -27.81 -5.74
N ALA F 468 -36.68 -26.83 -5.58
CA ALA F 468 -35.57 -26.68 -6.51
C ALA F 468 -34.73 -27.96 -6.61
N ALA F 469 -34.43 -28.58 -5.47
CA ALA F 469 -33.59 -29.78 -5.49
C ALA F 469 -34.30 -30.93 -6.19
N PHE F 470 -35.61 -31.05 -5.97
CA PHE F 470 -36.42 -32.04 -6.67
C PHE F 470 -36.38 -31.81 -8.17
N ARG F 471 -36.57 -30.56 -8.59
CA ARG F 471 -36.59 -30.23 -10.00
C ARG F 471 -35.22 -30.43 -10.64
N ASP F 472 -34.18 -29.98 -9.96
CA ASP F 472 -32.88 -29.95 -10.58
C ASP F 472 -32.20 -31.31 -10.63
N ARG F 473 -32.80 -32.35 -10.05
CA ARG F 473 -32.37 -33.73 -10.28
C ARG F 473 -33.31 -34.48 -11.22
N GLY F 474 -34.18 -33.77 -11.94
CA GLY F 474 -35.10 -34.37 -12.88
C GLY F 474 -36.42 -34.84 -12.33
N GLY F 475 -36.78 -34.48 -11.11
CA GLY F 475 -38.06 -34.90 -10.56
C GLY F 475 -39.23 -34.20 -11.24
N LYS F 476 -40.32 -34.95 -11.39
CA LYS F 476 -41.56 -34.47 -11.98
C LYS F 476 -42.72 -34.78 -11.04
N MET F 477 -43.71 -33.89 -11.00
CA MET F 477 -44.85 -34.07 -10.11
C MET F 477 -46.13 -33.75 -10.87
N ILE F 478 -47.07 -34.69 -10.82
CA ILE F 478 -48.42 -34.48 -11.33
C ILE F 478 -49.32 -34.38 -10.12
N LEU F 479 -50.00 -33.25 -10.00
CA LEU F 479 -51.03 -33.04 -8.99
C LEU F 479 -52.40 -33.13 -9.65
N TYR F 480 -53.36 -33.68 -8.94
CA TYR F 480 -54.74 -33.63 -9.38
C TYR F 480 -55.64 -33.40 -8.17
N HIS F 481 -56.89 -33.00 -8.45
CA HIS F 481 -57.85 -32.68 -7.38
C HIS F 481 -59.26 -32.55 -7.96
N GLY F 482 -60.22 -33.28 -7.40
CA GLY F 482 -61.61 -33.16 -7.84
C GLY F 482 -62.26 -31.89 -7.29
N MET F 483 -62.95 -31.16 -8.15
CA MET F 483 -63.53 -29.88 -7.74
C MET F 483 -64.54 -30.02 -6.63
N SER F 484 -65.23 -31.15 -6.53
CA SER F 484 -66.25 -31.36 -5.50
C SER F 484 -65.75 -32.22 -4.35
N ASP F 485 -64.48 -32.13 -4.05
CA ASP F 485 -63.86 -32.76 -2.90
C ASP F 485 -64.24 -31.97 -1.63
N ALA F 486 -64.91 -32.60 -0.69
CA ALA F 486 -65.23 -31.94 0.57
C ALA F 486 -64.22 -32.24 1.66
N ALA F 487 -63.26 -33.12 1.41
CA ALA F 487 -62.21 -33.36 2.39
C ALA F 487 -61.20 -32.22 2.40
N PHE F 488 -60.62 -31.93 1.26
CA PHE F 488 -59.70 -30.82 1.08
C PHE F 488 -60.12 -30.02 -0.14
N SER F 489 -59.86 -28.73 -0.11
CA SER F 489 -60.38 -27.81 -1.12
C SER F 489 -59.47 -27.80 -2.34
N ALA F 490 -60.04 -28.11 -3.49
CA ALA F 490 -59.33 -27.98 -4.75
C ALA F 490 -58.74 -26.58 -4.92
N LEU F 491 -59.45 -25.54 -4.46
CA LEU F 491 -58.96 -24.19 -4.60
C LEU F 491 -57.70 -23.97 -3.78
N ASP F 492 -57.54 -24.70 -2.68
CA ASP F 492 -56.34 -24.57 -1.87
C ASP F 492 -55.15 -25.29 -2.51
N THR F 493 -55.37 -26.37 -3.24
CA THR F 493 -54.29 -26.93 -4.08
C THR F 493 -53.88 -25.93 -5.16
N ALA F 494 -54.86 -25.32 -5.82
CA ALA F 494 -54.55 -24.33 -6.85
C ALA F 494 -53.75 -23.18 -6.29
N ASP F 495 -54.06 -22.75 -5.07
CA ASP F 495 -53.30 -21.67 -4.45
C ASP F 495 -51.86 -22.10 -4.14
N TYR F 496 -51.68 -23.32 -3.62
CA TYR F 496 -50.31 -23.81 -3.48
C TYR F 496 -49.59 -23.80 -4.82
N TYR F 497 -50.27 -24.23 -5.88
CA TYR F 497 -49.64 -24.30 -7.19
C TYR F 497 -49.31 -22.91 -7.70
N GLU F 498 -50.19 -21.93 -7.47
CA GLU F 498 -49.87 -20.54 -7.78
C GLU F 498 -48.63 -20.07 -7.02
N ARG F 499 -48.53 -20.39 -5.73
CA ARG F 499 -47.36 -20.00 -4.97
C ARG F 499 -46.10 -20.64 -5.53
N LEU F 500 -46.18 -21.92 -5.91
CA LEU F 500 -45.01 -22.61 -6.47
C LEU F 500 -44.55 -21.94 -7.75
N GLY F 501 -45.48 -21.60 -8.64
CA GLY F 501 -45.12 -20.92 -9.86
C GLY F 501 -44.46 -19.57 -9.61
N ALA F 502 -44.90 -18.87 -8.58
CA ALA F 502 -44.30 -17.58 -8.24
C ALA F 502 -42.91 -17.77 -7.64
N ALA F 503 -42.75 -18.78 -6.80
CA ALA F 503 -41.45 -19.06 -6.20
C ALA F 503 -40.49 -19.67 -7.22
N MET F 504 -40.99 -20.37 -8.21
CA MET F 504 -40.14 -21.13 -9.14
C MET F 504 -40.64 -20.90 -10.56
N PRO F 505 -40.27 -19.79 -11.19
CA PRO F 505 -40.73 -19.53 -12.55
C PRO F 505 -40.35 -20.66 -13.49
N GLY F 506 -41.22 -20.92 -14.45
CA GLY F 506 -41.11 -22.10 -15.29
C GLY F 506 -41.54 -23.39 -14.65
N ALA F 507 -42.25 -23.34 -13.52
CA ALA F 507 -42.54 -24.55 -12.74
C ALA F 507 -43.29 -25.61 -13.53
N ALA F 508 -44.04 -25.21 -14.56
CA ALA F 508 -44.80 -26.14 -15.36
C ALA F 508 -43.91 -27.09 -16.15
N GLY F 509 -42.60 -26.84 -16.20
CA GLY F 509 -41.64 -27.78 -16.74
C GLY F 509 -41.32 -28.96 -15.83
N PHE F 510 -41.74 -28.94 -14.57
CA PHE F 510 -41.60 -30.12 -13.73
C PHE F 510 -42.82 -30.44 -12.87
N ALA F 511 -43.81 -29.55 -12.74
CA ALA F 511 -44.97 -29.80 -11.90
C ALA F 511 -46.21 -29.23 -12.56
N ARG F 512 -47.23 -30.05 -12.75
CA ARG F 512 -48.49 -29.58 -13.34
C ARG F 512 -49.67 -30.07 -12.51
N LEU F 513 -50.77 -29.30 -12.58
CA LEU F 513 -51.96 -29.55 -11.78
C LEU F 513 -53.16 -29.84 -12.67
N PHE F 514 -53.84 -30.91 -12.38
CA PHE F 514 -55.01 -31.30 -13.17
C PHE F 514 -56.25 -31.29 -12.25
N LEU F 515 -57.05 -30.24 -12.37
CA LEU F 515 -58.33 -30.17 -11.67
C LEU F 515 -59.39 -30.96 -12.43
N VAL F 516 -60.28 -31.61 -11.71
CA VAL F 516 -61.28 -32.50 -12.30
C VAL F 516 -62.66 -32.00 -11.91
N PRO F 517 -63.34 -31.27 -12.78
CA PRO F 517 -64.69 -30.80 -12.45
C PRO F 517 -65.64 -31.94 -12.16
N GLY F 518 -66.47 -31.76 -11.14
CA GLY F 518 -67.49 -32.72 -10.80
C GLY F 518 -67.05 -33.89 -9.93
N MET F 519 -65.74 -34.13 -9.82
CA MET F 519 -65.23 -35.27 -9.08
C MET F 519 -65.23 -35.02 -7.58
N ASN F 520 -65.55 -36.07 -6.82
CA ASN F 520 -65.53 -35.95 -5.36
C ASN F 520 -64.13 -36.21 -4.79
N HIS F 521 -64.04 -36.87 -3.65
CA HIS F 521 -62.77 -37.06 -2.96
C HIS F 521 -62.05 -38.30 -3.50
N CYS F 522 -61.00 -38.09 -4.29
CA CYS F 522 -60.18 -39.12 -4.94
C CYS F 522 -60.91 -39.91 -6.03
N SER F 523 -62.23 -40.01 -5.93
CA SER F 523 -63.03 -40.67 -6.95
C SER F 523 -64.49 -40.27 -6.79
N GLY F 524 -65.30 -40.70 -7.75
CA GLY F 524 -66.73 -40.54 -7.70
C GLY F 524 -67.19 -39.19 -8.23
N GLY F 525 -68.50 -39.12 -8.45
CA GLY F 525 -69.15 -37.87 -8.78
C GLY F 525 -69.43 -37.68 -10.24
N PRO F 526 -70.27 -36.68 -10.55
CA PRO F 526 -70.54 -36.33 -11.96
C PRO F 526 -69.35 -35.68 -12.65
N GLY F 527 -68.31 -36.48 -12.94
CA GLY F 527 -67.12 -36.00 -13.63
C GLY F 527 -66.32 -37.15 -14.20
N THR F 528 -65.27 -36.83 -14.97
CA THR F 528 -64.39 -37.86 -15.51
C THR F 528 -63.35 -38.19 -14.45
N ASP F 529 -63.74 -39.07 -13.54
CA ASP F 529 -62.94 -39.35 -12.35
C ASP F 529 -61.96 -40.50 -12.53
N ARG F 530 -61.87 -41.11 -13.71
CA ARG F 530 -60.98 -42.23 -13.93
C ARG F 530 -59.94 -41.89 -14.99
N PHE F 531 -58.68 -42.22 -14.67
CA PHE F 531 -57.50 -41.84 -15.43
C PHE F 531 -56.30 -42.70 -14.99
N ASP F 532 -55.39 -42.92 -15.93
CA ASP F 532 -54.09 -43.58 -15.69
C ASP F 532 -53.04 -42.49 -15.55
N MET F 533 -52.62 -42.20 -14.33
CA MET F 533 -51.60 -41.20 -14.07
C MET F 533 -50.18 -41.74 -14.15
N LEU F 534 -49.99 -43.05 -14.04
CA LEU F 534 -48.64 -43.60 -14.04
C LEU F 534 -47.99 -43.49 -15.41
N THR F 535 -48.72 -43.80 -16.46
CA THR F 535 -48.15 -43.74 -17.81
C THR F 535 -47.63 -42.35 -18.18
N PRO F 536 -48.39 -41.24 -18.01
CA PRO F 536 -47.81 -39.93 -18.31
C PRO F 536 -46.70 -39.53 -17.35
N LEU F 537 -46.77 -39.99 -16.10
CA LEU F 537 -45.70 -39.71 -15.16
C LEU F 537 -44.37 -40.30 -15.64
N VAL F 538 -44.38 -41.58 -16.03
CA VAL F 538 -43.16 -42.23 -16.52
C VAL F 538 -42.61 -41.50 -17.75
N ALA F 539 -43.49 -41.19 -18.70
CA ALA F 539 -43.12 -40.44 -19.89
C ALA F 539 -42.45 -39.11 -19.55
N TRP F 540 -42.94 -38.40 -18.53
CA TRP F 540 -42.34 -37.13 -18.16
C TRP F 540 -40.95 -37.32 -17.56
N VAL F 541 -40.81 -38.26 -16.63
CA VAL F 541 -39.54 -38.46 -15.94
C VAL F 541 -38.48 -39.01 -16.90
N GLU F 542 -38.85 -39.99 -17.73
CA GLU F 542 -37.88 -40.72 -18.54
C GLU F 542 -37.70 -40.18 -19.96
N ARG F 543 -38.70 -39.50 -20.54
CA ARG F 543 -38.55 -38.92 -21.86
C ARG F 543 -38.63 -37.39 -21.86
N GLY F 544 -38.84 -36.75 -20.73
CA GLY F 544 -39.04 -35.31 -20.72
C GLY F 544 -40.31 -34.83 -21.39
N GLU F 545 -41.30 -35.69 -21.54
CA GLU F 545 -42.54 -35.36 -22.24
C GLU F 545 -43.55 -34.91 -21.19
N ALA F 546 -43.76 -33.60 -21.10
CA ALA F 546 -44.72 -33.07 -20.15
C ALA F 546 -46.14 -33.40 -20.58
N PRO F 547 -47.04 -33.68 -19.65
CA PRO F 547 -48.43 -33.96 -20.03
C PRO F 547 -49.16 -32.67 -20.40
N ASP F 548 -49.48 -32.54 -21.69
CA ASP F 548 -50.24 -31.37 -22.11
C ASP F 548 -51.74 -31.56 -21.91
N GLN F 549 -52.14 -32.80 -21.68
CA GLN F 549 -53.48 -33.22 -21.34
C GLN F 549 -53.34 -34.61 -20.73
N ILE F 550 -54.34 -35.01 -19.96
CA ILE F 550 -54.42 -36.37 -19.44
C ILE F 550 -55.82 -36.90 -19.72
N SER F 551 -55.90 -38.00 -20.46
CA SER F 551 -57.17 -38.61 -20.79
C SER F 551 -57.88 -39.13 -19.56
N ALA F 552 -59.18 -38.82 -19.45
CA ALA F 552 -59.98 -39.27 -18.33
C ALA F 552 -61.32 -39.79 -18.85
N TRP F 553 -61.96 -40.59 -18.04
CA TRP F 553 -63.31 -41.03 -18.31
C TRP F 553 -64.07 -41.11 -17.00
N SER F 554 -65.39 -41.15 -17.13
CA SER F 554 -66.29 -41.16 -15.99
C SER F 554 -66.60 -42.58 -15.55
N GLY F 555 -66.39 -42.85 -14.27
CA GLY F 555 -66.79 -44.11 -13.68
C GLY F 555 -68.29 -44.29 -13.60
N THR F 556 -69.05 -43.20 -13.57
CA THR F 556 -70.50 -43.24 -13.41
C THR F 556 -71.15 -42.33 -14.45
N PRO F 557 -71.05 -42.69 -15.72
CA PRO F 557 -71.58 -41.82 -16.78
C PRO F 557 -73.10 -41.64 -16.72
N GLY F 558 -73.80 -42.50 -15.97
CA GLY F 558 -75.22 -42.32 -15.75
C GLY F 558 -75.57 -40.99 -15.14
N TYR F 559 -74.61 -40.31 -14.55
CA TYR F 559 -74.85 -38.97 -14.02
C TYR F 559 -75.28 -38.01 -15.11
N PHE F 560 -74.87 -38.25 -16.35
CA PHE F 560 -75.23 -37.44 -17.50
C PHE F 560 -76.24 -38.14 -18.39
N GLY F 561 -76.73 -39.30 -17.97
CA GLY F 561 -77.64 -40.05 -18.81
C GLY F 561 -76.99 -40.57 -20.07
N VAL F 562 -75.71 -40.95 -20.01
CA VAL F 562 -75.00 -41.47 -21.18
C VAL F 562 -74.26 -42.74 -20.80
N ALA F 563 -73.95 -43.54 -21.83
CA ALA F 563 -73.27 -44.81 -21.62
C ALA F 563 -71.80 -44.64 -21.26
N ALA F 564 -71.19 -43.53 -21.64
CA ALA F 564 -69.76 -43.33 -21.46
C ALA F 564 -69.41 -41.89 -21.76
N ARG F 565 -68.41 -41.36 -21.07
CA ARG F 565 -67.94 -40.02 -21.38
C ARG F 565 -66.45 -39.94 -21.13
N THR F 566 -65.70 -39.52 -22.15
CA THR F 566 -64.29 -39.27 -22.02
C THR F 566 -64.01 -37.81 -22.28
N ARG F 567 -63.05 -37.26 -21.55
CA ARG F 567 -62.69 -35.86 -21.63
C ARG F 567 -61.21 -35.77 -21.36
N PRO F 568 -60.55 -34.73 -21.84
CA PRO F 568 -59.19 -34.46 -21.38
C PRO F 568 -59.18 -33.67 -20.07
N LEU F 569 -58.32 -34.08 -19.16
CA LEU F 569 -57.88 -33.22 -18.07
C LEU F 569 -56.82 -32.26 -18.60
N CYS F 570 -56.93 -31.01 -18.22
CA CYS F 570 -56.06 -29.99 -18.77
C CYS F 570 -55.14 -29.43 -17.69
N PRO F 571 -53.90 -29.09 -18.03
CA PRO F 571 -53.00 -28.53 -17.01
C PRO F 571 -53.42 -27.13 -16.62
N TYR F 572 -53.41 -26.87 -15.32
CA TYR F 572 -53.74 -25.58 -14.75
C TYR F 572 -52.93 -24.45 -15.36
N PRO F 573 -53.58 -23.36 -15.77
CA PRO F 573 -54.98 -23.02 -15.54
C PRO F 573 -55.93 -23.24 -16.71
N GLN F 574 -55.58 -24.13 -17.65
CA GLN F 574 -56.44 -24.42 -18.78
C GLN F 574 -57.62 -25.29 -18.39
N ILE F 575 -58.62 -25.31 -19.25
CA ILE F 575 -59.82 -26.11 -19.07
C ILE F 575 -60.17 -26.76 -20.40
N ALA F 576 -61.01 -27.78 -20.33
CA ALA F 576 -61.43 -28.45 -21.55
C ALA F 576 -62.42 -27.57 -22.33
N ARG F 577 -62.24 -27.52 -23.64
CA ARG F 577 -62.99 -26.65 -24.53
C ARG F 577 -63.52 -27.48 -25.68
N TYR F 578 -64.84 -27.51 -25.84
CA TYR F 578 -65.44 -28.25 -26.94
C TYR F 578 -65.11 -27.58 -28.27
N LYS F 579 -64.89 -28.39 -29.29
CA LYS F 579 -64.44 -27.92 -30.59
C LYS F 579 -65.57 -27.54 -31.52
N GLY F 580 -66.82 -27.61 -31.07
CA GLY F 580 -67.93 -27.14 -31.85
C GLY F 580 -68.64 -28.19 -32.69
N SER F 581 -67.98 -29.29 -33.00
CA SER F 581 -68.62 -30.41 -33.67
C SER F 581 -68.19 -31.70 -33.02
N GLY F 582 -69.01 -32.73 -33.19
CA GLY F 582 -68.64 -34.06 -32.77
C GLY F 582 -69.36 -34.48 -31.51
N ASP F 583 -69.31 -35.78 -31.23
CA ASP F 583 -69.91 -36.32 -30.02
C ASP F 583 -69.35 -35.59 -28.80
N ILE F 584 -70.26 -35.15 -27.94
CA ILE F 584 -69.90 -34.44 -26.72
C ILE F 584 -69.32 -35.38 -25.67
N ASN F 585 -69.49 -36.68 -25.81
CA ASN F 585 -68.97 -37.63 -24.85
C ASN F 585 -67.64 -38.25 -25.27
N THR F 586 -66.99 -37.67 -26.28
CA THR F 586 -65.74 -38.20 -26.81
C THR F 586 -64.65 -37.15 -26.69
N GLU F 587 -63.53 -37.54 -26.09
CA GLU F 587 -62.51 -36.57 -25.77
C GLU F 587 -61.81 -36.00 -27.00
N ALA F 588 -61.82 -36.72 -28.13
CA ALA F 588 -61.22 -36.18 -29.34
C ALA F 588 -61.84 -34.85 -29.75
N ASN F 589 -63.07 -34.59 -29.33
CA ASN F 589 -63.75 -33.36 -29.70
C ASN F 589 -63.49 -32.23 -28.72
N PHE F 590 -62.53 -32.38 -27.83
CA PHE F 590 -62.20 -31.35 -26.87
C PHE F 590 -60.72 -31.03 -26.95
N ALA F 591 -60.39 -29.78 -26.65
CA ALA F 591 -59.01 -29.34 -26.55
C ALA F 591 -58.81 -28.66 -25.21
N CYS F 592 -57.56 -28.42 -24.85
CA CYS F 592 -57.22 -27.74 -23.62
C CYS F 592 -56.89 -26.30 -23.93
N ALA F 593 -57.46 -25.37 -23.18
CA ALA F 593 -57.29 -23.96 -23.51
C ALA F 593 -57.54 -23.08 -22.29
N ALA F 594 -56.96 -21.89 -22.33
CA ALA F 594 -57.27 -20.90 -21.31
C ALA F 594 -58.74 -20.50 -21.42
N PRO F 595 -59.40 -20.22 -20.29
CA PRO F 595 -60.80 -19.87 -20.35
C PRO F 595 -60.99 -18.51 -21.03
N PRO F 596 -62.12 -18.31 -21.72
CA PRO F 596 -62.53 -17.01 -22.27
C PRO F 596 -62.13 -15.83 -21.37
CA J1K G . -14.60 -17.31 1.56
CB J1K G . -12.50 -21.93 4.33
C1 J1K G . -14.04 -18.46 2.33
C2 J1K G . -14.33 -19.74 1.90
C3 J1K G . -13.84 -20.84 2.56
C4 J1K G . -13.03 -20.68 3.68
C5 J1K G . -12.72 -19.40 4.13
C6 J1K G . -13.23 -18.29 3.46
C7 J1K G . -10.65 -23.08 5.29
C8 J1K G . -9.52 -22.78 6.25
N1B J1K G . -11.36 -21.86 4.98
O1A J1K G . -15.04 -17.53 0.42
O2A J1K G . -14.59 -16.19 2.06
O2B J1K G . -13.06 -23.00 4.26
O9 J1K G . -9.52 -23.76 7.29
S SO4 H . -12.14 -52.20 17.60
O1 SO4 H . -12.76 -53.53 17.53
O2 SO4 H . -13.02 -51.26 18.24
O3 SO4 H . -11.84 -51.73 16.25
O4 SO4 H . -10.89 -52.27 18.33
S SO4 I . -26.15 -24.28 29.30
O1 SO4 I . -26.27 -25.00 30.56
O2 SO4 I . -25.75 -25.20 28.25
O3 SO4 I . -27.42 -23.68 28.91
O4 SO4 I . -25.14 -23.23 29.42
S SO4 J . -32.83 -43.64 12.13
O1 SO4 J . -33.71 -44.28 13.10
O2 SO4 J . -33.11 -44.11 10.77
O3 SO4 J . -33.04 -42.21 12.19
O4 SO4 J . -31.44 -43.96 12.45
C1 MPD K . -30.61 -49.12 -3.61
C2 MPD K . -30.04 -47.75 -3.28
O2 MPD K . -28.62 -47.94 -3.06
CM MPD K . -30.28 -46.82 -4.46
C3 MPD K . -30.63 -47.18 -2.01
C4 MPD K . -30.33 -48.11 -0.83
O4 MPD K . -29.07 -48.72 -1.03
C5 MPD K . -30.40 -47.37 0.49
CA CA L . -8.93 -12.20 30.96
CA J1K M . -0.81 34.35 -24.56
CB J1K M . 2.50 37.18 -20.87
C1 J1K M . 0.03 35.03 -23.55
C2 J1K M . -0.45 35.36 -22.30
C3 J1K M . 0.36 36.06 -21.41
C4 J1K M . 1.65 36.40 -21.80
C5 J1K M . 2.13 36.07 -23.06
C6 J1K M . 1.33 35.38 -23.92
C7 J1K M . 2.34 39.14 -19.62
C8 J1K M . 2.48 39.35 -18.13
N1B J1K M . 1.82 37.85 -19.98
O1A J1K M . -1.89 33.84 -24.25
O2A J1K M . -0.44 34.41 -25.72
O2B J1K M . 3.71 37.29 -20.94
O9 J1K M . 3.80 39.84 -17.93
S SO4 N . 24.82 33.05 -35.32
O1 SO4 N . 24.62 32.10 -34.23
O2 SO4 N . 24.02 32.69 -36.48
O3 SO4 N . 24.43 34.39 -34.90
O4 SO4 N . 26.24 33.08 -35.68
S SO4 O . 30.80 26.55 -15.74
O1 SO4 O . 31.15 25.83 -14.52
O2 SO4 O . 29.60 26.00 -16.34
O3 SO4 O . 30.59 27.97 -15.43
O4 SO4 O . 31.89 26.44 -16.70
S SO4 P . 29.41 46.15 -3.86
O1 SO4 P . 28.74 46.04 -2.57
O2 SO4 P . 28.51 45.67 -4.88
O3 SO4 P . 29.73 47.54 -4.13
O4 SO4 P . 30.63 45.36 -3.87
C1 MPD Q . -17.71 21.88 -27.75
C2 MPD Q . -17.42 22.95 -26.72
O2 MPD Q . -17.30 22.30 -25.46
CM MPD Q . -16.08 23.57 -27.07
C3 MPD Q . -18.45 24.07 -26.63
C4 MPD Q . -19.88 23.77 -27.07
O4 MPD Q . -20.34 22.50 -26.71
C5 MPD Q . -20.87 24.76 -26.44
CA CA R . -8.27 28.88 4.36
CL CL S . -7.31 32.40 -27.79
CA J1K T . 32.07 35.51 -21.29
CB J1K T . 36.09 37.65 -24.73
C1 J1K T . 33.15 36.07 -22.13
C2 J1K T . 34.43 36.25 -21.63
C3 J1K T . 35.42 36.77 -22.46
C4 J1K T . 35.10 37.09 -23.78
C5 J1K T . 33.81 36.90 -24.26
C6 J1K T . 32.85 36.38 -23.43
C7 J1K T . 37.87 38.67 -23.41
C8 J1K T . 39.34 38.96 -23.66
N1B J1K T . 37.39 37.69 -24.37
O1A J1K T . 31.10 35.06 -21.91
O2A J1K T . 32.21 35.50 -20.05
O2B J1K T . 35.71 38.05 -25.82
O9 J1K T . 39.51 38.83 -25.07
CA J1K U . 35.25 1.80 -27.42
CB J1K U . 37.85 5.62 -30.82
C1 J1K U . 35.90 2.80 -28.32
C2 J1K U . 36.13 4.08 -27.86
C3 J1K U . 36.76 5.01 -28.67
C4 J1K U . 37.13 4.64 -29.95
C5 J1K U . 36.90 3.35 -30.42
C6 J1K U . 36.27 2.43 -29.61
C7 J1K U . 39.93 5.64 -31.89
C8 J1K U . 40.30 5.83 -33.34
N1B J1K U . 38.62 5.06 -31.72
O1A J1K U . 34.91 0.74 -27.92
O2A J1K U . 35.14 2.02 -26.21
O2B J1K U . 37.80 6.82 -30.72
O9 J1K U . 40.47 7.23 -33.56
CA CA V . 31.80 -4.49 -56.98
CL CL W . 33.85 -4.99 -24.68
CL CL X . 37.89 30.02 -20.36
CA J1K Y . 20.60 -49.48 37.90
CB J1K Y . 15.93 -48.11 34.80
C1 J1K Y . 19.42 -49.11 37.05
C2 J1K Y . 19.51 -48.18 36.03
C3 J1K Y . 18.38 -47.85 35.27
C4 J1K Y . 17.17 -48.47 35.56
C5 J1K Y . 17.08 -49.42 36.56
C6 J1K Y . 18.20 -49.72 37.30
C7 J1K Y . 15.07 -45.89 34.34
C8 J1K Y . 14.49 -45.53 33.00
N1B J1K Y . 16.03 -46.95 34.17
O1A J1K Y . 20.34 -50.10 38.94
O2A J1K Y . 21.73 -49.09 37.58
O2B J1K Y . 14.92 -48.78 34.75
O9 J1K Y . 13.35 -46.37 32.80
CA CA Z . 27.30 -39.06 9.97
CA J1K AA . 16.98 52.38 -2.36
CB J1K AA . 12.79 48.51 -1.33
C1 J1K AA . 15.82 51.43 -2.07
C2 J1K AA . 16.11 50.06 -1.99
C3 J1K AA . 15.11 49.14 -1.76
C4 J1K AA . 13.81 49.58 -1.60
C5 J1K AA . 13.50 50.94 -1.67
C6 J1K AA . 14.50 51.89 -1.92
C7 J1K AA . 10.64 47.83 -0.49
C8 J1K AA . 9.64 48.31 0.55
N1B J1K AA . 11.57 48.87 -0.92
O1A J1K AA . 18.17 52.01 -2.21
O2A J1K AA . 16.68 53.51 -2.78
O2B J1K AA . 13.07 47.34 -1.46
O9 J1K AA . 8.74 49.25 -0.02
CA J1K BA . 40.98 54.24 11.09
CB J1K BA . 44.54 50.22 13.21
C1 J1K BA . 41.93 53.19 11.60
C2 J1K BA . 42.85 52.58 10.77
C3 J1K BA . 43.71 51.61 11.29
C4 J1K BA . 43.64 51.25 12.63
C5 J1K BA . 42.71 51.88 13.46
C6 J1K BA . 41.86 52.84 12.94
C7 J1K BA . 46.55 48.84 12.92
C8 J1K BA . 46.14 47.39 12.64
N1B J1K BA . 45.54 49.76 12.44
O1A J1K BA . 40.78 54.37 9.85
O2A J1K BA . 40.41 54.93 11.96
O2B J1K BA . 44.36 49.81 14.35
O9 J1K BA . 46.07 47.11 11.24
CA J1K CA . 14.11 70.31 22.26
CB J1K CA . 14.63 66.28 18.15
C1 J1K CA . 14.24 69.32 21.14
C2 J1K CA . 13.31 69.23 20.12
C3 J1K CA . 13.43 68.25 19.11
C4 J1K CA . 14.49 67.36 19.16
C5 J1K CA . 15.41 67.45 20.20
C6 J1K CA . 15.29 68.41 21.17
C7 J1K CA . 13.57 64.56 16.99
C8 J1K CA . 12.55 64.48 15.87
N1B J1K CA . 13.52 65.84 17.64
O1A J1K CA . 13.34 71.28 22.18
O2A J1K CA . 14.77 70.07 23.30
O2B J1K CA . 15.68 65.75 17.81
O9 J1K CA . 13.14 63.73 14.82
S SO4 DA . 39.40 59.44 26.13
O1 SO4 DA . 38.66 59.19 27.36
O2 SO4 DA . 38.97 58.54 25.07
O3 SO4 DA . 39.18 60.82 25.69
O4 SO4 DA . 40.81 59.23 26.40
CA CA EA . 2.44 78.77 -4.32
CL CL FA . 10.32 75.24 26.76
CA J1K GA . -58.99 -35.79 7.56
CB J1K GA . -57.80 -39.41 3.26
C1 J1K GA . -58.66 -36.71 6.44
C2 J1K GA . -57.49 -37.47 6.47
C3 J1K GA . -57.21 -38.35 5.45
C4 J1K GA . -58.09 -38.46 4.37
C5 J1K GA . -59.24 -37.69 4.34
C6 J1K GA . -59.51 -36.81 5.37
C7 J1K GA . -59.34 -40.92 2.21
C8 J1K GA . -58.46 -41.69 1.23
N1B J1K GA . -58.79 -39.62 2.43
O1A J1K GA . -59.87 -34.93 7.39
O2A J1K GA . -58.43 -35.97 8.65
O2B J1K GA . -56.75 -39.99 3.14
O9 J1K GA . -59.18 -41.81 0.01
CA J1K HA . -26.70 -48.11 4.30
CB J1K HA . -27.63 -52.05 0.25
C1 J1K HA . -26.95 -49.19 3.31
C2 J1K HA . -26.78 -48.85 1.99
C3 J1K HA . -27.01 -49.81 1.01
C4 J1K HA . -27.40 -51.09 1.37
C5 J1K HA . -27.57 -51.42 2.71
C6 J1K HA . -27.35 -50.46 3.70
C7 J1K HA . -28.05 -54.34 1.04
C8 J1K HA . -27.74 -55.29 -0.10
N1B J1K HA . -28.45 -53.07 0.48
O1A J1K HA . -26.81 -48.34 5.52
O2A J1K HA . -26.38 -47.01 3.83
O2B J1K HA . -27.10 -51.87 -0.84
O9 J1K HA . -27.12 -56.43 0.47
S SO4 IA . -49.28 -24.72 -19.59
O1 SO4 IA . -48.89 -25.94 -18.90
O2 SO4 IA . -50.72 -24.57 -19.45
O3 SO4 IA . -48.92 -24.83 -21.00
O4 SO4 IA . -48.62 -23.58 -18.99
S SO4 JA . -29.32 -38.52 -8.55
O1 SO4 JA . -29.63 -39.25 -7.32
O2 SO4 JA . -30.09 -39.07 -9.64
O3 SO4 JA . -29.63 -37.11 -8.37
O4 SO4 JA . -27.90 -38.65 -8.85
S SO4 KA . -67.67 -47.51 -17.66
O1 SO4 KA . -68.49 -47.29 -16.47
O2 SO4 KA . -67.57 -48.94 -17.91
O3 SO4 KA . -68.26 -46.85 -18.82
O4 SO4 KA . -66.33 -46.96 -17.43
CA CA LA . -70.34 -27.38 -19.31
#